data_2YRQ
#
_entry.id   2YRQ
#
_entity_poly.entity_id   1
_entity_poly.type   'polypeptide(L)'
_entity_poly.pdbx_seq_one_letter_code
;GSSGSSGMGKGDPKKPRGKMSSYAFFVQTCREEHKKKHPDASVNFSEFSKKCSERWKTMSAKEKGKFEDMAKADKARYER
EMKTYIPPKGETKKKFKDPNAPKRPPSAFFLFCSEYRPKIKGEHPGLSIGDVAKKLGEMWNNTAADDKQPYEKKAAKLKE
KYEKDIAAYRAKG
;
_entity_poly.pdbx_strand_id   A
#
# COMPACT_ATOMS: atom_id res chain seq x y z
N GLY A 1 -1.78 -2.96 -8.97
CA GLY A 1 -2.91 -3.87 -9.08
C GLY A 1 -2.48 -5.30 -9.34
N SER A 2 -2.30 -6.07 -8.27
CA SER A 2 -1.89 -7.46 -8.39
C SER A 2 -0.82 -7.61 -9.47
N SER A 3 0.13 -6.67 -9.50
CA SER A 3 1.21 -6.70 -10.49
C SER A 3 1.82 -8.09 -10.58
N GLY A 4 1.45 -8.82 -11.62
CA GLY A 4 1.97 -10.16 -11.80
C GLY A 4 3.47 -10.23 -11.61
N SER A 5 4.22 -9.88 -12.65
CA SER A 5 5.68 -9.91 -12.59
C SER A 5 6.21 -8.74 -11.76
N SER A 6 7.51 -8.76 -11.51
CA SER A 6 8.15 -7.69 -10.73
C SER A 6 9.66 -7.84 -10.75
N GLY A 7 10.36 -6.72 -10.89
CA GLY A 7 11.81 -6.74 -10.92
C GLY A 7 12.37 -6.13 -12.19
N MET A 8 13.68 -6.29 -12.39
CA MET A 8 14.33 -5.74 -13.57
C MET A 8 13.72 -6.29 -14.85
N GLY A 9 13.14 -5.41 -15.65
CA GLY A 9 12.52 -5.84 -16.90
C GLY A 9 12.28 -4.68 -17.85
N LYS A 10 11.08 -4.11 -17.82
CA LYS A 10 10.74 -2.99 -18.69
C LYS A 10 9.46 -2.31 -18.20
N GLY A 11 9.47 -0.98 -18.21
CA GLY A 11 8.32 -0.22 -17.77
C GLY A 11 8.56 1.28 -17.78
N ASP A 12 8.04 1.97 -16.77
CA ASP A 12 8.21 3.41 -16.66
C ASP A 12 8.75 3.79 -15.29
N PRO A 13 9.34 5.00 -15.20
CA PRO A 13 9.91 5.51 -13.95
C PRO A 13 8.85 5.86 -12.92
N LYS A 14 7.68 6.28 -13.40
CA LYS A 14 6.58 6.64 -12.52
C LYS A 14 6.41 5.61 -11.41
N LYS A 15 6.12 4.37 -11.80
CA LYS A 15 5.93 3.29 -10.85
C LYS A 15 7.27 2.85 -10.27
N PRO A 16 7.41 2.96 -8.93
CA PRO A 16 8.63 2.57 -8.23
C PRO A 16 8.84 1.06 -8.20
N ARG A 17 9.58 0.57 -9.19
CA ARG A 17 9.85 -0.86 -9.29
C ARG A 17 11.17 -1.21 -8.62
N GLY A 18 11.26 -2.44 -8.09
CA GLY A 18 12.46 -2.87 -7.42
C GLY A 18 12.20 -3.92 -6.37
N LYS A 19 11.31 -4.86 -6.68
CA LYS A 19 10.97 -5.92 -5.74
C LYS A 19 11.62 -7.24 -6.16
N MET A 20 12.52 -7.74 -5.32
CA MET A 20 13.21 -8.99 -5.58
C MET A 20 12.78 -10.07 -4.60
N SER A 21 12.79 -11.32 -5.07
CA SER A 21 12.39 -12.45 -4.24
C SER A 21 13.61 -13.11 -3.60
N SER A 22 13.38 -14.22 -2.90
CA SER A 22 14.46 -14.94 -2.24
C SER A 22 15.61 -15.21 -3.21
N TYR A 23 15.28 -15.87 -4.33
CA TYR A 23 16.29 -16.20 -5.33
C TYR A 23 16.96 -14.93 -5.86
N ALA A 24 16.18 -14.07 -6.51
CA ALA A 24 16.69 -12.83 -7.05
C ALA A 24 17.74 -12.21 -6.13
N PHE A 25 17.55 -12.39 -4.83
CA PHE A 25 18.48 -11.85 -3.84
C PHE A 25 19.63 -12.82 -3.58
N PHE A 26 19.30 -14.11 -3.53
CA PHE A 26 20.29 -15.15 -3.28
C PHE A 26 21.34 -15.16 -4.39
N VAL A 27 20.89 -15.12 -5.63
CA VAL A 27 21.79 -15.12 -6.78
C VAL A 27 22.84 -14.01 -6.67
N GLN A 28 22.44 -12.89 -6.06
CA GLN A 28 23.33 -11.76 -5.88
C GLN A 28 24.05 -11.83 -4.55
N THR A 29 23.56 -12.70 -3.66
CA THR A 29 24.15 -12.87 -2.34
C THR A 29 25.40 -13.74 -2.40
N CYS A 30 25.45 -14.60 -3.42
CA CYS A 30 26.60 -15.50 -3.59
C CYS A 30 27.69 -14.84 -4.42
N ARG A 31 27.28 -14.09 -5.44
CA ARG A 31 28.22 -13.40 -6.31
C ARG A 31 29.00 -12.33 -5.55
N GLU A 32 28.29 -11.60 -4.69
CA GLU A 32 28.90 -10.54 -3.90
C GLU A 32 29.91 -11.12 -2.90
N GLU A 33 29.52 -12.23 -2.27
CA GLU A 33 30.38 -12.88 -1.28
C GLU A 33 31.63 -13.44 -1.95
N HIS A 34 31.50 -13.84 -3.21
CA HIS A 34 32.62 -14.40 -3.96
C HIS A 34 33.72 -13.36 -4.14
N LYS A 35 33.35 -12.21 -4.72
CA LYS A 35 34.30 -11.13 -4.95
C LYS A 35 35.26 -10.99 -3.78
N LYS A 36 34.83 -11.42 -2.60
CA LYS A 36 35.64 -11.34 -1.40
C LYS A 36 36.62 -12.52 -1.33
N LYS A 37 36.13 -13.70 -1.69
CA LYS A 37 36.95 -14.90 -1.66
C LYS A 37 37.98 -14.89 -2.80
N HIS A 38 37.53 -14.51 -3.99
CA HIS A 38 38.40 -14.45 -5.15
C HIS A 38 38.18 -13.14 -5.93
N PRO A 39 39.00 -12.13 -5.63
CA PRO A 39 38.92 -10.82 -6.29
C PRO A 39 39.35 -10.88 -7.75
N ASP A 40 40.52 -11.45 -7.99
CA ASP A 40 41.05 -11.57 -9.35
C ASP A 40 40.60 -12.88 -9.99
N ALA A 41 39.42 -13.35 -9.61
CA ALA A 41 38.88 -14.59 -10.16
C ALA A 41 38.20 -14.37 -11.49
N SER A 42 38.43 -15.28 -12.44
CA SER A 42 37.84 -15.16 -13.77
C SER A 42 36.48 -15.84 -13.82
N VAL A 43 35.61 -15.47 -12.88
CA VAL A 43 34.27 -16.04 -12.81
C VAL A 43 33.38 -15.50 -13.92
N ASN A 44 32.59 -16.38 -14.53
CA ASN A 44 31.69 -15.98 -15.62
C ASN A 44 30.28 -15.75 -15.09
N PHE A 45 29.57 -14.83 -15.74
CA PHE A 45 28.20 -14.51 -15.34
C PHE A 45 27.25 -15.68 -15.62
N SER A 46 27.42 -16.28 -16.80
CA SER A 46 26.57 -17.40 -17.21
C SER A 46 26.81 -18.61 -16.29
N GLU A 47 28.07 -18.99 -16.16
CA GLU A 47 28.44 -20.13 -15.33
C GLU A 47 27.94 -19.95 -13.89
N PHE A 48 27.93 -18.70 -13.44
CA PHE A 48 27.48 -18.38 -12.09
C PHE A 48 25.95 -18.40 -12.01
N SER A 49 25.31 -18.28 -13.17
CA SER A 49 23.86 -18.27 -13.24
C SER A 49 23.30 -19.67 -13.07
N LYS A 50 23.55 -20.53 -14.07
CA LYS A 50 23.07 -21.90 -14.03
C LYS A 50 23.37 -22.56 -12.69
N LYS A 51 24.45 -22.12 -12.04
CA LYS A 51 24.84 -22.65 -10.75
C LYS A 51 23.85 -22.24 -9.67
N CYS A 52 23.59 -20.94 -9.58
CA CYS A 52 22.66 -20.42 -8.58
C CYS A 52 21.34 -21.20 -8.61
N SER A 53 20.95 -21.64 -9.80
CA SER A 53 19.71 -22.38 -9.97
C SER A 53 19.74 -23.67 -9.15
N GLU A 54 20.54 -24.63 -9.60
CA GLU A 54 20.66 -25.91 -8.91
C GLU A 54 21.24 -25.73 -7.51
N ARG A 55 21.93 -24.61 -7.31
CA ARG A 55 22.55 -24.32 -6.02
C ARG A 55 21.51 -23.79 -5.03
N TRP A 56 20.46 -23.16 -5.56
CA TRP A 56 19.39 -22.62 -4.73
C TRP A 56 18.44 -23.71 -4.27
N LYS A 57 18.16 -24.65 -5.16
CA LYS A 57 17.26 -25.76 -4.85
C LYS A 57 17.89 -26.71 -3.83
N THR A 58 19.14 -27.09 -4.08
CA THR A 58 19.86 -27.98 -3.19
C THR A 58 19.89 -27.44 -1.76
N MET A 59 20.10 -26.13 -1.64
CA MET A 59 20.14 -25.49 -0.33
C MET A 59 19.01 -25.97 0.55
N SER A 60 19.35 -26.47 1.74
CA SER A 60 18.35 -26.97 2.67
C SER A 60 17.39 -25.87 3.09
N ALA A 61 16.19 -26.26 3.52
CA ALA A 61 15.18 -25.31 3.95
C ALA A 61 15.80 -24.23 4.85
N LYS A 62 16.58 -24.67 5.83
CA LYS A 62 17.22 -23.75 6.76
C LYS A 62 17.99 -22.66 6.01
N GLU A 63 18.74 -23.06 4.98
CA GLU A 63 19.52 -22.13 4.19
C GLU A 63 18.61 -21.10 3.51
N LYS A 64 17.48 -21.58 2.99
CA LYS A 64 16.53 -20.71 2.31
C LYS A 64 15.86 -19.76 3.30
N GLY A 65 15.60 -20.27 4.51
CA GLY A 65 14.97 -19.45 5.53
C GLY A 65 15.46 -18.02 5.52
N LYS A 66 16.70 -17.81 5.93
CA LYS A 66 17.28 -16.48 5.97
C LYS A 66 17.01 -15.73 4.67
N PHE A 67 17.25 -16.39 3.55
CA PHE A 67 17.03 -15.78 2.24
C PHE A 67 15.57 -15.36 2.08
N GLU A 68 14.67 -16.06 2.78
CA GLU A 68 13.25 -15.76 2.72
C GLU A 68 12.90 -14.58 3.62
N ASP A 69 13.43 -14.60 4.84
CA ASP A 69 13.18 -13.53 5.80
C ASP A 69 13.76 -12.22 5.31
N MET A 70 14.91 -12.30 4.63
CA MET A 70 15.57 -11.11 4.12
C MET A 70 14.85 -10.57 2.88
N ALA A 71 14.25 -11.47 2.12
CA ALA A 71 13.52 -11.11 0.91
C ALA A 71 12.22 -10.38 1.25
N LYS A 72 11.48 -10.93 2.19
CA LYS A 72 10.21 -10.34 2.62
C LYS A 72 10.44 -8.93 3.16
N ALA A 73 11.55 -8.73 3.86
CA ALA A 73 11.87 -7.43 4.42
C ALA A 73 11.90 -6.35 3.35
N ASP A 74 12.27 -6.74 2.14
CA ASP A 74 12.33 -5.80 1.02
C ASP A 74 10.94 -5.46 0.51
N LYS A 75 10.08 -6.46 0.42
CA LYS A 75 8.71 -6.28 -0.05
C LYS A 75 8.02 -5.17 0.75
N ALA A 76 8.59 -4.83 1.90
CA ALA A 76 8.03 -3.79 2.75
C ALA A 76 8.71 -2.45 2.51
N ARG A 77 10.05 -2.46 2.57
CA ARG A 77 10.83 -1.24 2.36
C ARG A 77 10.63 -0.71 0.95
N TYR A 78 10.20 -1.58 0.05
CA TYR A 78 9.97 -1.19 -1.34
C TYR A 78 8.68 -0.38 -1.48
N GLU A 79 7.69 -0.73 -0.67
CA GLU A 79 6.40 -0.03 -0.71
C GLU A 79 6.57 1.45 -0.35
N ARG A 80 7.57 1.74 0.47
CA ARG A 80 7.84 3.11 0.88
C ARG A 80 7.82 4.06 -0.31
N GLU A 81 8.28 3.56 -1.46
CA GLU A 81 8.32 4.36 -2.67
C GLU A 81 6.90 4.66 -3.17
N MET A 82 6.11 3.61 -3.34
CA MET A 82 4.73 3.75 -3.81
C MET A 82 4.04 4.90 -3.09
N LYS A 83 4.34 5.06 -1.81
CA LYS A 83 3.74 6.13 -1.02
C LYS A 83 3.95 7.49 -1.67
N THR A 84 5.20 7.76 -2.06
CA THR A 84 5.53 9.02 -2.71
C THR A 84 4.94 9.11 -4.11
N TYR A 85 4.61 7.96 -4.67
CA TYR A 85 4.03 7.89 -6.01
C TYR A 85 2.51 7.84 -5.93
N ILE A 86 1.85 8.55 -6.85
CA ILE A 86 0.39 8.58 -6.90
C ILE A 86 -0.12 8.15 -8.26
N PRO A 87 -0.52 6.88 -8.38
CA PRO A 87 -1.04 6.33 -9.63
C PRO A 87 -2.41 6.89 -9.99
N PRO A 88 -2.88 6.59 -11.21
CA PRO A 88 -4.18 7.06 -11.71
C PRO A 88 -5.35 6.39 -10.99
N LYS A 89 -6.56 6.67 -11.45
CA LYS A 89 -7.75 6.09 -10.86
C LYS A 89 -8.17 4.83 -11.62
N GLY A 90 -8.37 3.75 -10.88
CA GLY A 90 -8.79 2.50 -11.49
C GLY A 90 -9.39 1.54 -10.50
N GLU A 91 -10.35 2.02 -9.71
CA GLU A 91 -11.01 1.19 -8.72
C GLU A 91 -12.21 0.47 -9.32
N THR A 92 -12.33 -0.82 -9.02
CA THR A 92 -13.44 -1.63 -9.54
C THR A 92 -14.47 -1.89 -8.45
N LYS A 93 -15.64 -1.30 -8.60
CA LYS A 93 -16.72 -1.47 -7.63
C LYS A 93 -16.17 -1.50 -6.20
N LYS A 94 -15.26 -0.58 -5.91
CA LYS A 94 -14.66 -0.50 -4.58
C LYS A 94 -15.27 0.63 -3.77
N LYS A 95 -14.79 0.81 -2.54
CA LYS A 95 -15.30 1.87 -1.67
C LYS A 95 -16.79 2.08 -1.87
N PHE A 96 -17.50 1.02 -2.22
CA PHE A 96 -18.93 1.08 -2.45
C PHE A 96 -19.71 0.69 -1.20
N LYS A 97 -21.01 0.96 -1.19
CA LYS A 97 -21.85 0.64 -0.06
C LYS A 97 -22.27 -0.84 -0.10
N ASP A 98 -22.38 -1.44 1.07
CA ASP A 98 -22.77 -2.85 1.17
C ASP A 98 -23.56 -3.10 2.45
N PRO A 99 -24.69 -3.81 2.31
CA PRO A 99 -25.56 -4.14 3.45
C PRO A 99 -24.92 -5.15 4.38
N ASN A 100 -24.07 -6.02 3.84
CA ASN A 100 -23.40 -7.04 4.63
C ASN A 100 -22.35 -6.41 5.54
N ALA A 101 -21.49 -5.57 4.96
CA ALA A 101 -20.44 -4.90 5.71
C ALA A 101 -20.96 -3.65 6.39
N PRO A 102 -20.30 -3.24 7.48
CA PRO A 102 -20.69 -2.05 8.25
C PRO A 102 -20.41 -0.76 7.48
N LYS A 103 -21.37 0.16 7.51
CA LYS A 103 -21.22 1.44 6.82
C LYS A 103 -20.07 2.24 7.40
N ARG A 104 -19.29 2.87 6.52
CA ARG A 104 -18.15 3.67 6.95
C ARG A 104 -18.58 5.10 7.26
N PRO A 105 -18.03 5.66 8.35
CA PRO A 105 -18.34 7.03 8.77
C PRO A 105 -17.76 8.08 7.83
N PRO A 106 -18.24 9.32 7.96
CA PRO A 106 -17.79 10.44 7.13
C PRO A 106 -16.35 10.86 7.45
N SER A 107 -15.75 11.62 6.54
CA SER A 107 -14.38 12.07 6.73
C SER A 107 -14.32 13.60 6.74
N ALA A 108 -13.14 14.13 7.04
CA ALA A 108 -12.94 15.58 7.10
C ALA A 108 -13.61 16.27 5.90
N PHE A 109 -13.33 15.75 4.71
CA PHE A 109 -13.89 16.31 3.49
C PHE A 109 -15.42 16.31 3.54
N PHE A 110 -15.98 15.20 4.00
CA PHE A 110 -17.44 15.06 4.11
C PHE A 110 -17.99 16.02 5.16
N LEU A 111 -17.26 16.19 6.25
CA LEU A 111 -17.69 17.06 7.34
C LEU A 111 -17.67 18.52 6.89
N PHE A 112 -16.68 18.86 6.05
CA PHE A 112 -16.55 20.22 5.55
C PHE A 112 -17.59 20.52 4.48
N CYS A 113 -17.62 19.69 3.44
CA CYS A 113 -18.57 19.85 2.35
C CYS A 113 -20.00 19.76 2.85
N SER A 114 -20.20 18.97 3.92
CA SER A 114 -21.52 18.80 4.49
C SER A 114 -21.94 20.03 5.28
N GLU A 115 -20.99 20.61 6.00
CA GLU A 115 -21.26 21.79 6.80
C GLU A 115 -21.31 23.05 5.94
N TYR A 116 -20.78 22.94 4.72
CA TYR A 116 -20.76 24.06 3.79
C TYR A 116 -21.91 23.96 2.80
N ARG A 117 -22.39 22.74 2.57
CA ARG A 117 -23.48 22.52 1.65
C ARG A 117 -24.67 23.41 1.97
N PRO A 118 -25.10 23.39 3.25
CA PRO A 118 -26.23 24.20 3.71
C PRO A 118 -25.90 25.69 3.76
N LYS A 119 -24.63 26.02 3.52
CA LYS A 119 -24.19 27.40 3.52
C LYS A 119 -24.20 27.99 2.11
N ILE A 120 -23.58 27.29 1.17
CA ILE A 120 -23.52 27.73 -0.21
C ILE A 120 -24.84 27.47 -0.93
N LYS A 121 -25.49 26.36 -0.58
CA LYS A 121 -26.77 26.01 -1.18
C LYS A 121 -27.78 27.14 -1.03
N GLY A 122 -27.83 27.73 0.16
CA GLY A 122 -28.76 28.81 0.40
C GLY A 122 -28.37 30.09 -0.34
N GLU A 123 -27.07 30.36 -0.39
CA GLU A 123 -26.58 31.56 -1.08
C GLU A 123 -26.75 31.43 -2.58
N HIS A 124 -26.61 30.21 -3.10
CA HIS A 124 -26.74 29.96 -4.53
C HIS A 124 -27.87 28.96 -4.79
N PRO A 125 -29.08 29.49 -5.04
CA PRO A 125 -30.26 28.67 -5.31
C PRO A 125 -30.19 27.97 -6.66
N GLY A 126 -29.66 28.68 -7.66
CA GLY A 126 -29.55 28.11 -8.99
C GLY A 126 -28.94 26.73 -8.98
N LEU A 127 -27.86 26.56 -8.22
CA LEU A 127 -27.19 25.27 -8.11
C LEU A 127 -28.16 24.18 -7.65
N SER A 128 -27.66 22.95 -7.56
CA SER A 128 -28.47 21.83 -7.12
C SER A 128 -27.65 20.84 -6.31
N ILE A 129 -28.33 20.07 -5.46
CA ILE A 129 -27.66 19.09 -4.62
C ILE A 129 -26.45 18.48 -5.34
N GLY A 130 -26.65 18.13 -6.60
CA GLY A 130 -25.57 17.54 -7.38
C GLY A 130 -24.41 18.49 -7.58
N ASP A 131 -24.66 19.59 -8.29
CA ASP A 131 -23.63 20.59 -8.55
C ASP A 131 -23.00 21.07 -7.25
N VAL A 132 -23.83 21.63 -6.37
CA VAL A 132 -23.36 22.13 -5.09
C VAL A 132 -22.22 21.28 -4.55
N ALA A 133 -22.45 19.98 -4.48
CA ALA A 133 -21.44 19.05 -3.98
C ALA A 133 -20.22 19.03 -4.89
N LYS A 134 -20.45 18.88 -6.19
CA LYS A 134 -19.38 18.85 -7.16
C LYS A 134 -18.50 20.09 -7.06
N LYS A 135 -19.07 21.16 -6.50
CA LYS A 135 -18.34 22.41 -6.34
C LYS A 135 -17.40 22.35 -5.13
N LEU A 136 -17.79 21.58 -4.12
CA LEU A 136 -16.99 21.42 -2.92
C LEU A 136 -15.80 20.49 -3.16
N GLY A 137 -15.90 19.69 -4.22
CA GLY A 137 -14.83 18.76 -4.54
C GLY A 137 -13.49 19.45 -4.69
N GLU A 138 -13.51 20.67 -5.23
CA GLU A 138 -12.29 21.43 -5.43
C GLU A 138 -11.98 22.29 -4.21
N MET A 139 -13.03 22.82 -3.58
CA MET A 139 -12.86 23.66 -2.40
C MET A 139 -12.00 22.97 -1.35
N TRP A 140 -12.26 21.69 -1.13
CA TRP A 140 -11.49 20.91 -0.16
C TRP A 140 -10.04 20.78 -0.58
N ASN A 141 -9.82 20.41 -1.83
CA ASN A 141 -8.47 20.25 -2.36
C ASN A 141 -7.62 21.48 -2.06
N ASN A 142 -8.22 22.66 -2.24
CA ASN A 142 -7.52 23.91 -1.98
C ASN A 142 -7.33 24.14 -0.49
N THR A 143 -8.35 23.81 0.30
CA THR A 143 -8.30 23.98 1.74
C THR A 143 -6.96 23.53 2.29
N ALA A 144 -6.42 24.31 3.24
CA ALA A 144 -5.14 23.98 3.84
C ALA A 144 -5.28 22.86 4.87
N ALA A 145 -4.25 22.03 4.98
CA ALA A 145 -4.25 20.93 5.92
C ALA A 145 -4.67 21.38 7.32
N ASP A 146 -4.08 22.48 7.77
CA ASP A 146 -4.39 23.03 9.09
C ASP A 146 -5.90 23.18 9.27
N ASP A 147 -6.55 23.72 8.25
CA ASP A 147 -8.00 23.93 8.30
C ASP A 147 -8.73 22.60 8.48
N LYS A 148 -8.06 21.51 8.14
CA LYS A 148 -8.65 20.18 8.26
C LYS A 148 -8.31 19.56 9.62
N GLN A 149 -7.71 20.37 10.49
CA GLN A 149 -7.34 19.90 11.83
C GLN A 149 -8.54 19.30 12.55
N PRO A 150 -9.59 20.13 12.72
CA PRO A 150 -10.82 19.70 13.40
C PRO A 150 -11.61 18.68 12.57
N TYR A 151 -11.75 18.96 11.28
CA TYR A 151 -12.48 18.07 10.39
C TYR A 151 -11.89 16.67 10.39
N GLU A 152 -10.59 16.58 10.70
CA GLU A 152 -9.91 15.30 10.75
C GLU A 152 -9.96 14.70 12.14
N LYS A 153 -9.37 15.40 13.11
CA LYS A 153 -9.35 14.94 14.49
C LYS A 153 -10.69 14.35 14.88
N LYS A 154 -11.77 15.10 14.67
CA LYS A 154 -13.11 14.65 14.99
C LYS A 154 -13.41 13.31 14.31
N ALA A 155 -13.28 13.28 13.00
CA ALA A 155 -13.54 12.06 12.23
C ALA A 155 -12.89 10.86 12.89
N ALA A 156 -11.62 10.99 13.23
CA ALA A 156 -10.88 9.90 13.87
C ALA A 156 -11.73 9.21 14.93
N LYS A 157 -12.29 9.99 15.85
CA LYS A 157 -13.13 9.45 16.91
C LYS A 157 -14.21 8.53 16.33
N LEU A 158 -14.94 9.04 15.35
CA LEU A 158 -16.00 8.27 14.71
C LEU A 158 -15.48 6.92 14.23
N LYS A 159 -14.38 6.95 13.50
CA LYS A 159 -13.77 5.72 12.97
C LYS A 159 -13.86 4.59 14.00
N GLU A 160 -13.48 4.89 15.24
CA GLU A 160 -13.52 3.91 16.31
C GLU A 160 -14.80 3.06 16.22
N LYS A 161 -15.94 3.73 16.23
CA LYS A 161 -17.23 3.04 16.14
C LYS A 161 -17.22 2.00 15.03
N TYR A 162 -16.68 2.37 13.88
CA TYR A 162 -16.60 1.46 12.74
C TYR A 162 -15.63 0.32 13.01
N GLU A 163 -14.41 0.66 13.40
CA GLU A 163 -13.38 -0.33 13.70
C GLU A 163 -13.90 -1.35 14.71
N LYS A 164 -14.83 -0.92 15.56
CA LYS A 164 -15.40 -1.80 16.57
C LYS A 164 -16.45 -2.72 15.97
N ASP A 165 -17.28 -2.17 15.09
CA ASP A 165 -18.34 -2.94 14.44
C ASP A 165 -17.74 -3.96 13.48
N ILE A 166 -16.92 -3.48 12.54
CA ILE A 166 -16.29 -4.35 11.56
C ILE A 166 -15.55 -5.51 12.24
N ALA A 167 -14.92 -5.20 13.37
CA ALA A 167 -14.19 -6.22 14.13
C ALA A 167 -14.94 -7.53 14.17
N ALA A 168 -16.26 -7.45 14.03
CA ALA A 168 -17.11 -8.64 14.05
C ALA A 168 -17.30 -9.21 12.65
N TYR A 169 -17.62 -8.33 11.69
CA TYR A 169 -17.82 -8.75 10.32
C TYR A 169 -16.77 -9.76 9.88
N ARG A 170 -15.50 -9.40 10.10
CA ARG A 170 -14.39 -10.28 9.72
C ARG A 170 -14.23 -11.41 10.74
N ALA A 171 -14.24 -11.05 12.02
CA ALA A 171 -14.08 -12.03 13.09
C ALA A 171 -12.78 -12.80 12.95
N LYS A 172 -11.70 -12.07 12.66
CA LYS A 172 -10.39 -12.69 12.51
C LYS A 172 -9.67 -12.77 13.85
N GLY A 173 -9.80 -13.91 14.51
CA GLY A 173 -9.15 -14.11 15.80
C GLY A 173 -8.78 -15.55 16.06
N GLY A 1 7.56 -8.90 10.62
CA GLY A 1 8.62 -9.26 11.54
C GLY A 1 9.99 -8.89 11.02
N SER A 2 10.94 -9.81 11.15
CA SER A 2 12.31 -9.58 10.70
C SER A 2 12.46 -9.98 9.23
N SER A 3 13.61 -9.66 8.65
CA SER A 3 13.89 -9.97 7.26
C SER A 3 14.49 -11.37 7.12
N GLY A 4 13.69 -12.32 6.63
CA GLY A 4 14.15 -13.68 6.47
C GLY A 4 13.16 -14.70 6.97
N SER A 5 12.62 -15.50 6.05
CA SER A 5 11.64 -16.52 6.42
C SER A 5 12.00 -17.18 7.73
N SER A 6 10.99 -17.63 8.47
CA SER A 6 11.21 -18.28 9.76
C SER A 6 11.61 -19.73 9.57
N GLY A 7 11.33 -20.26 8.39
CA GLY A 7 11.67 -21.65 8.10
C GLY A 7 10.48 -22.45 7.64
N MET A 8 10.52 -23.77 7.87
CA MET A 8 9.44 -24.65 7.47
C MET A 8 8.10 -23.95 7.62
N GLY A 9 7.18 -24.25 6.69
CA GLY A 9 5.86 -23.65 6.74
C GLY A 9 4.81 -24.47 6.01
N LYS A 10 4.08 -23.84 5.11
CA LYS A 10 3.04 -24.52 4.35
C LYS A 10 3.58 -25.02 3.02
N GLY A 11 3.27 -26.26 2.68
CA GLY A 11 3.73 -26.84 1.43
C GLY A 11 2.67 -26.80 0.34
N ASP A 12 1.43 -27.10 0.72
CA ASP A 12 0.32 -27.10 -0.23
C ASP A 12 0.40 -25.89 -1.16
N PRO A 13 0.16 -26.12 -2.46
CA PRO A 13 0.21 -25.07 -3.47
C PRO A 13 -0.96 -24.09 -3.34
N LYS A 14 -2.01 -24.53 -2.67
CA LYS A 14 -3.19 -23.69 -2.46
C LYS A 14 -2.79 -22.31 -1.94
N LYS A 15 -1.94 -22.30 -0.92
CA LYS A 15 -1.48 -21.05 -0.33
C LYS A 15 -1.35 -19.96 -1.38
N PRO A 16 -2.08 -18.86 -1.18
CA PRO A 16 -2.05 -17.71 -2.11
C PRO A 16 -0.73 -16.96 -2.08
N ARG A 17 -0.11 -16.83 -3.24
CA ARG A 17 1.17 -16.13 -3.35
C ARG A 17 0.95 -14.65 -3.63
N GLY A 18 1.70 -13.80 -2.93
CA GLY A 18 1.58 -12.37 -3.12
C GLY A 18 2.63 -11.60 -2.35
N LYS A 19 2.47 -11.53 -1.03
CA LYS A 19 3.41 -10.82 -0.18
C LYS A 19 4.83 -11.32 -0.40
N MET A 20 5.81 -10.54 0.08
CA MET A 20 7.21 -10.91 -0.06
C MET A 20 8.08 -10.17 0.96
N SER A 21 9.30 -10.64 1.14
CA SER A 21 10.23 -10.03 2.08
C SER A 21 10.91 -8.81 1.46
N SER A 22 11.66 -8.08 2.27
CA SER A 22 12.37 -6.89 1.81
C SER A 22 13.14 -7.19 0.53
N TYR A 23 14.05 -8.15 0.61
CA TYR A 23 14.85 -8.54 -0.55
C TYR A 23 13.98 -9.03 -1.69
N ALA A 24 13.17 -10.05 -1.42
CA ALA A 24 12.28 -10.61 -2.41
C ALA A 24 11.59 -9.51 -3.23
N PHE A 25 11.18 -8.45 -2.54
CA PHE A 25 10.50 -7.34 -3.18
C PHE A 25 11.51 -6.45 -3.91
N PHE A 26 12.49 -5.94 -3.17
CA PHE A 26 13.52 -5.09 -3.75
C PHE A 26 14.05 -5.66 -5.05
N VAL A 27 14.06 -6.99 -5.13
CA VAL A 27 14.54 -7.67 -6.33
C VAL A 27 13.64 -7.39 -7.53
N GLN A 28 12.34 -7.29 -7.27
CA GLN A 28 11.37 -7.03 -8.33
C GLN A 28 11.12 -5.52 -8.48
N THR A 29 11.36 -4.79 -7.40
CA THR A 29 11.15 -3.35 -7.40
C THR A 29 12.13 -2.65 -8.35
N CYS A 30 13.40 -3.01 -8.22
CA CYS A 30 14.44 -2.42 -9.06
C CYS A 30 14.27 -2.86 -10.52
N ARG A 31 14.18 -4.16 -10.74
CA ARG A 31 14.02 -4.71 -12.07
C ARG A 31 12.85 -4.04 -12.80
N GLU A 32 11.76 -3.81 -12.07
CA GLU A 32 10.58 -3.17 -12.65
C GLU A 32 10.86 -1.71 -12.99
N GLU A 33 11.30 -0.95 -11.99
CA GLU A 33 11.61 0.47 -12.18
C GLU A 33 12.54 0.66 -13.37
N HIS A 34 13.39 -0.33 -13.63
CA HIS A 34 14.33 -0.27 -14.74
C HIS A 34 13.59 -0.22 -16.08
N LYS A 35 12.91 -1.30 -16.42
CA LYS A 35 12.17 -1.38 -17.67
C LYS A 35 11.57 -0.03 -18.03
N LYS A 36 11.16 0.73 -17.00
CA LYS A 36 10.58 2.04 -17.21
C LYS A 36 11.65 3.07 -17.56
N LYS A 37 12.73 3.09 -16.79
CA LYS A 37 13.83 4.01 -17.03
C LYS A 37 14.49 3.75 -18.38
N HIS A 38 14.69 2.49 -18.70
CA HIS A 38 15.31 2.10 -19.95
C HIS A 38 14.55 0.95 -20.61
N PRO A 39 13.62 1.30 -21.52
CA PRO A 39 12.80 0.31 -22.23
C PRO A 39 13.61 -0.50 -23.23
N ASP A 40 14.40 0.20 -24.05
CA ASP A 40 15.24 -0.45 -25.05
C ASP A 40 16.18 -1.46 -24.40
N ALA A 41 16.73 -1.09 -23.25
CA ALA A 41 17.67 -1.95 -22.53
C ALA A 41 16.96 -3.23 -22.07
N SER A 42 17.43 -4.37 -22.57
CA SER A 42 16.85 -5.66 -22.21
C SER A 42 17.73 -6.38 -21.20
N VAL A 43 17.57 -6.05 -19.93
CA VAL A 43 18.35 -6.67 -18.87
C VAL A 43 17.88 -8.10 -18.60
N ASN A 44 18.83 -9.02 -18.46
CA ASN A 44 18.52 -10.41 -18.19
C ASN A 44 18.05 -10.61 -16.76
N PHE A 45 17.31 -11.70 -16.52
CA PHE A 45 16.80 -12.00 -15.19
C PHE A 45 17.92 -12.51 -14.28
N SER A 46 18.72 -13.42 -14.81
CA SER A 46 19.83 -14.00 -14.04
C SER A 46 20.83 -12.92 -13.64
N GLU A 47 21.20 -12.07 -14.60
CA GLU A 47 22.14 -11.00 -14.35
C GLU A 47 21.62 -10.05 -13.27
N PHE A 48 20.32 -9.77 -13.32
CA PHE A 48 19.70 -8.88 -12.35
C PHE A 48 19.70 -9.51 -10.96
N SER A 49 19.52 -10.83 -10.91
CA SER A 49 19.49 -11.54 -9.64
C SER A 49 20.85 -11.47 -8.94
N LYS A 50 21.86 -12.06 -9.58
CA LYS A 50 23.21 -12.07 -9.03
C LYS A 50 23.61 -10.68 -8.54
N LYS A 51 23.08 -9.65 -9.21
CA LYS A 51 23.37 -8.26 -8.85
C LYS A 51 22.61 -7.85 -7.61
N CYS A 52 21.29 -8.04 -7.63
CA CYS A 52 20.44 -7.68 -6.50
C CYS A 52 21.07 -8.14 -5.19
N SER A 53 21.82 -9.24 -5.25
CA SER A 53 22.47 -9.78 -4.06
C SER A 53 23.43 -8.77 -3.45
N GLU A 54 24.55 -8.54 -4.14
CA GLU A 54 25.55 -7.59 -3.67
C GLU A 54 25.04 -6.16 -3.78
N ARG A 55 23.95 -5.98 -4.52
CA ARG A 55 23.37 -4.66 -4.70
C ARG A 55 22.40 -4.33 -3.57
N TRP A 56 21.89 -5.36 -2.91
CA TRP A 56 20.94 -5.18 -1.82
C TRP A 56 21.69 -4.89 -0.51
N LYS A 57 22.72 -5.66 -0.23
CA LYS A 57 23.52 -5.49 0.98
C LYS A 57 24.23 -4.14 0.96
N THR A 58 24.79 -3.77 -0.19
CA THR A 58 25.50 -2.52 -0.34
C THR A 58 24.60 -1.33 0.02
N MET A 59 23.39 -1.35 -0.52
CA MET A 59 22.42 -0.28 -0.26
C MET A 59 22.51 0.19 1.19
N SER A 60 22.51 1.50 1.39
CA SER A 60 22.60 2.08 2.73
C SER A 60 21.33 1.77 3.53
N ALA A 61 21.42 1.92 4.84
CA ALA A 61 20.29 1.66 5.73
C ALA A 61 19.04 2.39 5.24
N LYS A 62 19.21 3.66 4.87
CA LYS A 62 18.09 4.46 4.39
C LYS A 62 17.39 3.77 3.23
N GLU A 63 18.15 3.38 2.22
CA GLU A 63 17.60 2.71 1.05
C GLU A 63 16.77 1.49 1.46
N LYS A 64 17.35 0.67 2.33
CA LYS A 64 16.67 -0.53 2.80
C LYS A 64 15.43 -0.18 3.62
N GLY A 65 15.53 0.89 4.41
CA GLY A 65 14.41 1.32 5.22
C GLY A 65 13.08 1.15 4.51
N LYS A 66 12.80 2.02 3.54
CA LYS A 66 11.55 1.96 2.79
C LYS A 66 11.22 0.51 2.42
N PHE A 67 12.22 -0.22 1.94
CA PHE A 67 12.02 -1.61 1.55
C PHE A 67 11.57 -2.45 2.74
N GLU A 68 12.11 -2.14 3.91
CA GLU A 68 11.75 -2.87 5.13
C GLU A 68 10.29 -2.61 5.52
N ASP A 69 9.91 -1.34 5.55
CA ASP A 69 8.55 -0.96 5.91
C ASP A 69 7.56 -1.49 4.89
N MET A 70 7.69 -1.03 3.64
CA MET A 70 6.80 -1.46 2.57
C MET A 70 6.66 -2.98 2.55
N ALA A 71 7.78 -3.67 2.74
CA ALA A 71 7.78 -5.13 2.73
C ALA A 71 6.84 -5.67 3.80
N LYS A 72 6.90 -5.09 5.00
CA LYS A 72 6.05 -5.52 6.10
C LYS A 72 4.59 -5.19 5.83
N ALA A 73 4.31 -3.90 5.66
CA ALA A 73 2.95 -3.45 5.39
C ALA A 73 2.23 -4.38 4.42
N ASP A 74 2.99 -4.88 3.45
CA ASP A 74 2.43 -5.79 2.44
C ASP A 74 1.93 -7.08 3.10
N LYS A 75 2.71 -7.58 4.06
CA LYS A 75 2.34 -8.81 4.76
C LYS A 75 0.93 -8.73 5.30
N ALA A 76 0.53 -7.53 5.74
CA ALA A 76 -0.81 -7.33 6.27
C ALA A 76 -1.84 -7.23 5.15
N ARG A 77 -1.66 -6.25 4.27
CA ARG A 77 -2.58 -6.04 3.16
C ARG A 77 -2.73 -7.33 2.34
N TYR A 78 -1.71 -8.18 2.41
CA TYR A 78 -1.74 -9.45 1.67
C TYR A 78 -2.76 -10.41 2.26
N GLU A 79 -2.89 -10.38 3.59
CA GLU A 79 -3.84 -11.25 4.27
C GLU A 79 -5.21 -11.23 3.58
N ARG A 80 -5.66 -10.04 3.21
CA ARG A 80 -6.94 -9.89 2.54
C ARG A 80 -7.18 -11.02 1.55
N GLU A 81 -6.17 -11.31 0.73
CA GLU A 81 -6.27 -12.37 -0.26
C GLU A 81 -6.71 -13.68 0.39
N MET A 82 -6.11 -14.00 1.53
CA MET A 82 -6.45 -15.22 2.25
C MET A 82 -7.95 -15.38 2.41
N LYS A 83 -8.67 -14.27 2.27
CA LYS A 83 -10.12 -14.28 2.39
C LYS A 83 -10.74 -15.36 1.52
N THR A 84 -10.11 -15.62 0.38
CA THR A 84 -10.59 -16.63 -0.55
C THR A 84 -9.94 -17.98 -0.28
N TYR A 85 -8.75 -17.94 0.31
CA TYR A 85 -8.02 -19.17 0.62
C TYR A 85 -8.48 -19.76 1.95
N ILE A 86 -8.58 -21.08 2.00
CA ILE A 86 -9.02 -21.77 3.21
C ILE A 86 -8.02 -22.85 3.61
N PRO A 87 -7.13 -22.52 4.57
CA PRO A 87 -6.12 -23.46 5.06
C PRO A 87 -6.73 -24.59 5.87
N PRO A 88 -5.91 -25.63 6.15
CA PRO A 88 -6.35 -26.80 6.91
C PRO A 88 -6.58 -26.47 8.39
N LYS A 89 -7.05 -27.45 9.15
CA LYS A 89 -7.31 -27.27 10.56
C LYS A 89 -6.09 -27.63 11.40
N GLY A 90 -5.24 -26.63 11.66
CA GLY A 90 -4.05 -26.86 12.45
C GLY A 90 -3.92 -25.89 13.60
N GLU A 91 -2.68 -25.62 14.01
CA GLU A 91 -2.42 -24.70 15.11
C GLU A 91 -2.50 -23.25 14.65
N THR A 92 -3.53 -22.93 13.87
CA THR A 92 -3.74 -21.59 13.36
C THR A 92 -4.88 -20.88 14.09
N LYS A 93 -4.89 -19.56 14.01
CA LYS A 93 -5.92 -18.76 14.66
C LYS A 93 -7.05 -18.45 13.68
N LYS A 94 -8.26 -18.86 14.03
CA LYS A 94 -9.43 -18.61 13.19
C LYS A 94 -10.15 -17.36 13.62
N LYS A 95 -10.72 -16.65 12.65
CA LYS A 95 -11.45 -15.41 12.93
C LYS A 95 -12.57 -15.20 11.91
N PHE A 96 -13.81 -15.13 12.41
CA PHE A 96 -14.96 -14.94 11.55
C PHE A 96 -15.13 -13.46 11.19
N LYS A 97 -15.33 -13.19 9.91
CA LYS A 97 -15.51 -11.82 9.43
C LYS A 97 -16.92 -11.60 8.91
N ASP A 98 -17.25 -10.36 8.59
CA ASP A 98 -18.57 -10.02 8.07
C ASP A 98 -18.47 -9.35 6.71
N PRO A 99 -18.30 -10.18 5.66
CA PRO A 99 -18.18 -9.69 4.28
C PRO A 99 -19.49 -9.12 3.75
N ASN A 100 -20.61 -9.69 4.21
CA ASN A 100 -21.93 -9.24 3.78
C ASN A 100 -22.16 -7.79 4.21
N ALA A 101 -21.86 -7.49 5.46
CA ALA A 101 -22.04 -6.14 5.99
C ALA A 101 -21.20 -5.13 5.22
N PRO A 102 -21.75 -3.93 5.03
CA PRO A 102 -21.07 -2.85 4.30
C PRO A 102 -19.89 -2.28 5.07
N LYS A 103 -19.15 -1.38 4.45
CA LYS A 103 -18.00 -0.76 5.07
C LYS A 103 -18.23 0.72 5.30
N ARG A 104 -17.52 1.28 6.28
CA ARG A 104 -17.66 2.71 6.60
C ARG A 104 -16.81 3.55 5.66
N PRO A 105 -17.39 4.66 5.17
CA PRO A 105 -16.70 5.58 4.26
C PRO A 105 -15.58 6.35 4.95
N PRO A 106 -14.76 7.03 4.14
CA PRO A 106 -13.63 7.83 4.66
C PRO A 106 -14.09 9.07 5.41
N SER A 107 -13.18 9.67 6.17
CA SER A 107 -13.50 10.87 6.94
C SER A 107 -12.68 12.06 6.44
N ALA A 108 -13.02 13.25 6.93
CA ALA A 108 -12.33 14.47 6.55
C ALA A 108 -10.83 14.21 6.38
N PHE A 109 -10.20 13.69 7.43
CA PHE A 109 -8.78 13.40 7.40
C PHE A 109 -8.41 12.58 6.16
N PHE A 110 -8.90 11.36 6.11
CA PHE A 110 -8.62 10.47 4.98
C PHE A 110 -8.81 11.21 3.66
N LEU A 111 -9.89 11.97 3.56
CA LEU A 111 -10.18 12.74 2.35
C LEU A 111 -9.01 13.65 1.98
N PHE A 112 -8.59 14.46 2.93
CA PHE A 112 -7.47 15.38 2.71
C PHE A 112 -6.20 14.62 2.39
N CYS A 113 -5.76 13.77 3.32
CA CYS A 113 -4.55 12.98 3.14
C CYS A 113 -4.59 12.24 1.80
N SER A 114 -5.77 11.78 1.41
CA SER A 114 -5.93 11.06 0.16
C SER A 114 -5.80 11.99 -1.03
N GLU A 115 -6.08 13.27 -0.81
CA GLU A 115 -5.99 14.26 -1.88
C GLU A 115 -4.57 14.82 -1.97
N TYR A 116 -3.80 14.67 -0.91
CA TYR A 116 -2.43 15.16 -0.87
C TYR A 116 -1.45 14.02 -1.13
N ARG A 117 -1.88 12.79 -0.87
CA ARG A 117 -1.04 11.61 -1.07
C ARG A 117 -0.40 11.64 -2.46
N PRO A 118 -1.24 11.81 -3.49
CA PRO A 118 -0.79 11.85 -4.88
C PRO A 118 0.00 13.11 -5.19
N LYS A 119 -0.05 14.08 -4.29
CA LYS A 119 0.67 15.33 -4.47
C LYS A 119 2.06 15.25 -3.85
N ILE A 120 2.16 14.61 -2.70
CA ILE A 120 3.45 14.46 -2.01
C ILE A 120 4.18 13.22 -2.49
N LYS A 121 3.46 12.11 -2.57
CA LYS A 121 4.05 10.84 -3.01
C LYS A 121 4.84 11.05 -4.30
N GLY A 122 4.25 11.76 -5.25
CA GLY A 122 4.91 12.00 -6.52
C GLY A 122 6.18 12.83 -6.36
N GLU A 123 6.13 13.82 -5.46
CA GLU A 123 7.27 14.68 -5.21
C GLU A 123 8.40 13.91 -4.55
N HIS A 124 8.04 13.04 -3.62
CA HIS A 124 9.03 12.24 -2.90
C HIS A 124 8.94 10.77 -3.30
N PRO A 125 9.74 10.38 -4.31
CA PRO A 125 9.77 9.00 -4.81
C PRO A 125 10.38 8.03 -3.81
N GLY A 126 10.84 8.55 -2.68
CA GLY A 126 11.43 7.72 -1.65
C GLY A 126 10.45 7.33 -0.57
N LEU A 127 9.56 8.25 -0.22
CA LEU A 127 8.57 8.00 0.81
C LEU A 127 7.67 6.83 0.42
N SER A 128 7.55 5.85 1.30
CA SER A 128 6.72 4.68 1.05
C SER A 128 5.41 4.77 1.83
N ILE A 129 4.47 3.89 1.48
CA ILE A 129 3.18 3.86 2.16
C ILE A 129 3.32 4.21 3.64
N GLY A 130 4.30 3.61 4.29
CA GLY A 130 4.53 3.87 5.69
C GLY A 130 4.91 5.31 5.97
N ASP A 131 6.08 5.72 5.47
CA ASP A 131 6.56 7.07 5.67
C ASP A 131 5.52 8.09 5.19
N VAL A 132 5.15 7.98 3.92
CA VAL A 132 4.16 8.89 3.34
C VAL A 132 3.05 9.20 4.33
N ALA A 133 2.60 8.18 5.05
CA ALA A 133 1.53 8.34 6.03
C ALA A 133 1.93 9.36 7.09
N LYS A 134 3.09 9.15 7.70
CA LYS A 134 3.57 10.05 8.74
C LYS A 134 3.53 11.50 8.28
N LYS A 135 3.69 11.70 6.97
CA LYS A 135 3.67 13.04 6.40
C LYS A 135 2.27 13.65 6.50
N LEU A 136 1.25 12.79 6.47
CA LEU A 136 -0.13 13.24 6.55
C LEU A 136 -0.55 13.44 8.00
N GLY A 137 -0.14 12.51 8.86
CA GLY A 137 -0.48 12.59 10.27
C GLY A 137 -0.20 13.97 10.85
N GLU A 138 0.99 14.50 10.57
CA GLU A 138 1.37 15.81 11.07
C GLU A 138 0.61 16.92 10.35
N MET A 139 0.56 16.83 9.03
CA MET A 139 -0.14 17.82 8.21
C MET A 139 -1.54 18.08 8.78
N TRP A 140 -2.25 17.02 9.12
CA TRP A 140 -3.60 17.14 9.67
C TRP A 140 -3.57 17.83 11.03
N ASN A 141 -2.57 17.49 11.84
CA ASN A 141 -2.43 18.08 13.16
C ASN A 141 -2.12 19.57 13.08
N ASN A 142 -1.51 19.96 11.96
CA ASN A 142 -1.15 21.36 11.75
C ASN A 142 -2.06 22.01 10.70
N THR A 143 -3.33 21.62 10.71
CA THR A 143 -4.30 22.16 9.77
C THR A 143 -5.44 22.87 10.50
N ALA A 144 -5.72 24.10 10.07
CA ALA A 144 -6.79 24.89 10.68
C ALA A 144 -8.15 24.23 10.48
N ALA A 145 -9.00 24.32 11.51
CA ALA A 145 -10.33 23.72 11.45
C ALA A 145 -11.08 24.19 10.21
N ASP A 146 -10.74 25.38 9.73
CA ASP A 146 -11.38 25.94 8.55
C ASP A 146 -11.13 25.07 7.33
N ASP A 147 -9.87 24.69 7.12
CA ASP A 147 -9.49 23.86 5.99
C ASP A 147 -10.18 22.50 6.06
N LYS A 148 -10.80 22.21 7.21
CA LYS A 148 -11.49 20.95 7.41
C LYS A 148 -13.00 21.12 7.23
N GLN A 149 -13.48 22.34 7.41
CA GLN A 149 -14.90 22.64 7.26
C GLN A 149 -15.53 21.74 6.20
N PRO A 150 -15.00 21.82 4.97
CA PRO A 150 -15.50 21.02 3.84
C PRO A 150 -15.18 19.54 4.00
N TYR A 151 -13.94 19.25 4.38
CA TYR A 151 -13.50 17.87 4.56
C TYR A 151 -14.44 17.11 5.49
N GLU A 152 -14.97 17.81 6.49
CA GLU A 152 -15.89 17.21 7.45
C GLU A 152 -17.33 17.29 6.94
N LYS A 153 -17.83 18.50 6.80
CA LYS A 153 -19.20 18.71 6.33
C LYS A 153 -19.51 17.81 5.14
N LYS A 154 -18.53 17.65 4.25
CA LYS A 154 -18.71 16.80 3.08
C LYS A 154 -18.74 15.33 3.46
N ALA A 155 -17.76 14.91 4.26
CA ALA A 155 -17.68 13.52 4.71
C ALA A 155 -19.02 13.06 5.28
N ALA A 156 -19.67 13.94 6.04
CA ALA A 156 -20.95 13.61 6.64
C ALA A 156 -21.92 13.06 5.61
N LYS A 157 -21.98 13.70 4.45
CA LYS A 157 -22.86 13.28 3.37
C LYS A 157 -22.58 11.84 2.97
N LEU A 158 -21.30 11.55 2.69
CA LEU A 158 -20.88 10.21 2.29
C LEU A 158 -21.47 9.16 3.22
N LYS A 159 -21.41 9.42 4.52
CA LYS A 159 -21.94 8.50 5.52
C LYS A 159 -23.37 8.07 5.16
N GLU A 160 -24.15 9.02 4.66
CA GLU A 160 -25.53 8.74 4.28
C GLU A 160 -25.62 7.51 3.38
N LYS A 161 -24.68 7.40 2.45
CA LYS A 161 -24.64 6.27 1.53
C LYS A 161 -24.39 4.96 2.29
N TYR A 162 -23.82 5.08 3.48
CA TYR A 162 -23.52 3.91 4.30
C TYR A 162 -24.73 3.50 5.13
N GLU A 163 -25.29 4.47 5.85
CA GLU A 163 -26.46 4.22 6.70
C GLU A 163 -27.58 3.55 5.89
N LYS A 164 -27.73 3.98 4.64
CA LYS A 164 -28.76 3.42 3.77
C LYS A 164 -28.40 2.00 3.33
N ASP A 165 -27.12 1.79 3.02
CA ASP A 165 -26.64 0.48 2.60
C ASP A 165 -26.78 -0.54 3.73
N ILE A 166 -26.31 -0.16 4.91
CA ILE A 166 -26.38 -1.05 6.07
C ILE A 166 -27.82 -1.25 6.52
N ALA A 167 -28.68 -0.30 6.18
CA ALA A 167 -30.09 -0.38 6.55
C ALA A 167 -30.73 -1.65 5.99
N ALA A 168 -30.34 -2.02 4.78
CA ALA A 168 -30.87 -3.21 4.13
C ALA A 168 -30.13 -4.46 4.59
N TYR A 169 -28.83 -4.31 4.84
CA TYR A 169 -28.00 -5.43 5.28
C TYR A 169 -28.70 -6.22 6.38
N ARG A 170 -29.02 -5.54 7.47
CA ARG A 170 -29.69 -6.18 8.60
C ARG A 170 -31.10 -6.62 8.23
N ALA A 171 -31.79 -5.78 7.47
CA ALA A 171 -33.15 -6.08 7.04
C ALA A 171 -33.56 -5.22 5.85
N LYS A 172 -33.62 -5.83 4.67
CA LYS A 172 -33.99 -5.11 3.46
C LYS A 172 -35.16 -4.17 3.72
N GLY A 173 -35.03 -2.93 3.27
CA GLY A 173 -36.09 -1.95 3.47
C GLY A 173 -36.29 -1.60 4.93
N GLY A 1 8.29 -22.75 3.76
CA GLY A 1 8.12 -21.47 3.12
C GLY A 1 6.77 -20.84 3.42
N SER A 2 6.74 -19.51 3.47
CA SER A 2 5.51 -18.79 3.77
C SER A 2 4.36 -19.31 2.91
N SER A 3 3.14 -18.99 3.31
CA SER A 3 1.95 -19.41 2.58
C SER A 3 1.63 -18.44 1.45
N GLY A 4 2.08 -18.78 0.25
CA GLY A 4 1.83 -17.93 -0.91
C GLY A 4 1.03 -18.64 -1.99
N SER A 5 1.70 -19.49 -2.75
CA SER A 5 1.06 -20.23 -3.83
C SER A 5 1.98 -21.30 -4.40
N SER A 6 1.38 -22.37 -4.92
CA SER A 6 2.15 -23.47 -5.48
C SER A 6 1.61 -23.87 -6.85
N GLY A 7 2.36 -23.52 -7.90
CA GLY A 7 1.94 -23.85 -9.25
C GLY A 7 3.08 -24.35 -10.11
N MET A 8 2.75 -24.88 -11.28
CA MET A 8 3.77 -25.40 -12.19
C MET A 8 4.69 -24.28 -12.67
N GLY A 9 4.10 -23.18 -13.11
CA GLY A 9 4.88 -22.06 -13.60
C GLY A 9 4.66 -21.78 -15.07
N LYS A 10 3.57 -21.08 -15.38
CA LYS A 10 3.25 -20.76 -16.76
C LYS A 10 3.62 -19.31 -17.08
N GLY A 11 3.01 -18.37 -16.35
CA GLY A 11 3.28 -16.97 -16.57
C GLY A 11 2.55 -16.41 -17.77
N ASP A 12 1.33 -15.95 -17.55
CA ASP A 12 0.51 -15.39 -18.62
C ASP A 12 -0.01 -14.01 -18.24
N PRO A 13 -0.19 -13.14 -19.25
CA PRO A 13 -0.69 -11.77 -19.04
C PRO A 13 -2.15 -11.75 -18.63
N LYS A 14 -2.77 -12.93 -18.55
CA LYS A 14 -4.16 -13.04 -18.17
C LYS A 14 -4.31 -13.11 -16.65
N LYS A 15 -3.51 -13.97 -16.02
CA LYS A 15 -3.55 -14.12 -14.57
C LYS A 15 -2.80 -12.99 -13.88
N PRO A 16 -3.53 -12.23 -13.05
CA PRO A 16 -2.96 -11.10 -12.31
C PRO A 16 -2.00 -11.54 -11.22
N ARG A 17 -0.72 -11.28 -11.42
CA ARG A 17 0.31 -11.65 -10.45
C ARG A 17 0.69 -10.46 -9.58
N GLY A 18 -0.31 -9.70 -9.15
CA GLY A 18 -0.06 -8.54 -8.32
C GLY A 18 0.61 -8.90 -7.01
N LYS A 19 -0.05 -9.78 -6.24
CA LYS A 19 0.48 -10.21 -4.95
C LYS A 19 1.97 -10.51 -5.05
N MET A 20 2.78 -9.70 -4.38
CA MET A 20 4.23 -9.87 -4.38
C MET A 20 4.75 -10.15 -2.98
N SER A 21 5.91 -10.82 -2.90
CA SER A 21 6.51 -11.15 -1.62
C SER A 21 7.35 -9.99 -1.09
N SER A 22 7.69 -10.05 0.19
CA SER A 22 8.48 -9.01 0.82
C SER A 22 9.69 -8.65 -0.04
N TYR A 23 10.31 -9.66 -0.63
CA TYR A 23 11.48 -9.46 -1.48
C TYR A 23 11.10 -8.76 -2.78
N ALA A 24 10.14 -9.33 -3.50
CA ALA A 24 9.66 -8.77 -4.76
C ALA A 24 9.38 -7.27 -4.61
N PHE A 25 8.87 -6.89 -3.43
CA PHE A 25 8.54 -5.49 -3.17
C PHE A 25 9.77 -4.73 -2.67
N PHE A 26 10.52 -5.36 -1.77
CA PHE A 26 11.71 -4.74 -1.22
C PHE A 26 12.68 -4.35 -2.33
N VAL A 27 12.59 -5.04 -3.45
CA VAL A 27 13.47 -4.77 -4.59
C VAL A 27 12.95 -3.60 -5.42
N GLN A 28 11.62 -3.47 -5.49
CA GLN A 28 11.00 -2.39 -6.25
C GLN A 28 11.20 -1.05 -5.55
N THR A 29 11.24 -1.07 -4.22
CA THR A 29 11.43 0.14 -3.44
C THR A 29 12.89 0.57 -3.44
N CYS A 30 13.79 -0.42 -3.48
CA CYS A 30 15.22 -0.14 -3.48
C CYS A 30 15.68 0.31 -4.86
N ARG A 31 15.07 -0.25 -5.90
CA ARG A 31 15.42 0.10 -7.26
C ARG A 31 15.01 1.54 -7.59
N GLU A 32 13.88 1.96 -7.04
CA GLU A 32 13.38 3.31 -7.27
C GLU A 32 14.18 4.33 -6.47
N GLU A 33 14.34 4.06 -5.17
CA GLU A 33 15.08 4.96 -4.30
C GLU A 33 16.37 5.42 -4.95
N HIS A 34 17.00 4.53 -5.71
CA HIS A 34 18.25 4.86 -6.40
C HIS A 34 18.01 5.88 -7.51
N LYS A 35 17.16 5.52 -8.47
CA LYS A 35 16.85 6.41 -9.58
C LYS A 35 16.63 7.85 -9.09
N LYS A 36 16.25 7.98 -7.82
CA LYS A 36 16.02 9.29 -7.22
C LYS A 36 17.33 9.96 -6.85
N LYS A 37 18.22 9.21 -6.20
CA LYS A 37 19.51 9.74 -5.80
C LYS A 37 20.37 10.08 -7.02
N HIS A 38 20.39 9.16 -7.99
CA HIS A 38 21.17 9.36 -9.20
C HIS A 38 20.32 9.12 -10.44
N PRO A 39 19.74 10.20 -10.99
CA PRO A 39 18.89 10.13 -12.18
C PRO A 39 19.69 9.79 -13.44
N ASP A 40 20.83 10.43 -13.60
CA ASP A 40 21.69 10.20 -14.76
C ASP A 40 22.27 8.78 -14.73
N ALA A 41 22.59 8.30 -13.54
CA ALA A 41 23.15 6.96 -13.38
C ALA A 41 22.10 5.90 -13.70
N SER A 42 22.44 4.99 -14.61
CA SER A 42 21.53 3.92 -15.00
C SER A 42 22.05 2.56 -14.52
N VAL A 43 21.43 2.05 -13.45
CA VAL A 43 21.83 0.77 -12.90
C VAL A 43 21.18 -0.39 -13.65
N ASN A 44 21.92 -1.47 -13.83
CA ASN A 44 21.41 -2.64 -14.53
C ASN A 44 20.49 -3.46 -13.63
N PHE A 45 19.78 -4.42 -14.22
CA PHE A 45 18.87 -5.27 -13.47
C PHE A 45 19.62 -6.40 -12.76
N SER A 46 20.39 -7.16 -13.54
CA SER A 46 21.16 -8.27 -12.99
C SER A 46 22.11 -7.78 -11.90
N GLU A 47 22.78 -6.67 -12.14
CA GLU A 47 23.72 -6.10 -11.19
C GLU A 47 22.99 -5.66 -9.92
N PHE A 48 21.77 -5.14 -10.09
CA PHE A 48 20.98 -4.68 -8.98
C PHE A 48 20.29 -5.84 -8.27
N SER A 49 20.04 -6.91 -9.02
CA SER A 49 19.38 -8.09 -8.47
C SER A 49 20.30 -8.84 -7.53
N LYS A 50 21.56 -9.03 -7.95
CA LYS A 50 22.54 -9.73 -7.14
C LYS A 50 22.77 -9.01 -5.81
N LYS A 51 22.54 -7.70 -5.81
CA LYS A 51 22.72 -6.90 -4.61
C LYS A 51 21.55 -7.09 -3.65
N CYS A 52 20.34 -6.78 -4.13
CA CYS A 52 19.14 -6.91 -3.31
C CYS A 52 19.07 -8.29 -2.67
N SER A 53 19.69 -9.27 -3.32
CA SER A 53 19.69 -10.64 -2.81
C SER A 53 20.46 -10.73 -1.50
N GLU A 54 21.78 -10.61 -1.58
CA GLU A 54 22.63 -10.69 -0.40
C GLU A 54 22.33 -9.53 0.56
N ARG A 55 21.64 -8.51 0.05
CA ARG A 55 21.29 -7.34 0.85
C ARG A 55 19.97 -7.56 1.58
N TRP A 56 19.15 -8.47 1.06
CA TRP A 56 17.86 -8.77 1.66
C TRP A 56 18.01 -9.77 2.80
N LYS A 57 18.88 -10.76 2.61
CA LYS A 57 19.12 -11.78 3.61
C LYS A 57 19.91 -11.20 4.79
N THR A 58 20.79 -10.25 4.50
CA THR A 58 21.60 -9.62 5.54
C THR A 58 20.78 -8.62 6.34
N MET A 59 19.55 -8.38 5.90
CA MET A 59 18.67 -7.44 6.58
C MET A 59 18.03 -8.09 7.81
N SER A 60 18.17 -7.43 8.95
CA SER A 60 17.61 -7.95 10.20
C SER A 60 16.08 -8.02 10.11
N ALA A 61 15.50 -8.88 10.94
CA ALA A 61 14.05 -9.05 10.96
C ALA A 61 13.34 -7.71 11.03
N LYS A 62 14.02 -6.72 11.60
CA LYS A 62 13.46 -5.38 11.74
C LYS A 62 13.27 -4.73 10.37
N GLU A 63 14.34 -4.70 9.57
CA GLU A 63 14.30 -4.11 8.25
C GLU A 63 13.23 -4.79 7.38
N LYS A 64 13.00 -6.06 7.64
CA LYS A 64 12.01 -6.83 6.89
C LYS A 64 10.62 -6.65 7.49
N GLY A 65 10.57 -6.45 8.80
CA GLY A 65 9.29 -6.26 9.48
C GLY A 65 8.36 -5.35 8.71
N LYS A 66 8.80 -4.13 8.44
CA LYS A 66 7.99 -3.17 7.70
C LYS A 66 7.50 -3.76 6.39
N PHE A 67 8.43 -4.31 5.60
CA PHE A 67 8.08 -4.91 4.32
C PHE A 67 7.01 -5.98 4.49
N GLU A 68 7.15 -6.78 5.55
CA GLU A 68 6.19 -7.85 5.82
C GLU A 68 4.78 -7.29 5.94
N ASP A 69 4.65 -6.16 6.64
CA ASP A 69 3.35 -5.52 6.82
C ASP A 69 2.79 -5.03 5.50
N MET A 70 3.61 -4.30 4.75
CA MET A 70 3.19 -3.77 3.45
C MET A 70 2.79 -4.89 2.50
N ALA A 71 3.74 -5.78 2.22
CA ALA A 71 3.49 -6.90 1.33
C ALA A 71 2.12 -7.52 1.61
N LYS A 72 1.84 -7.76 2.88
CA LYS A 72 0.57 -8.35 3.30
C LYS A 72 -0.61 -7.50 2.81
N ALA A 73 -0.54 -6.20 3.06
CA ALA A 73 -1.60 -5.29 2.65
C ALA A 73 -1.97 -5.51 1.19
N ASP A 74 -0.97 -5.78 0.35
CA ASP A 74 -1.19 -6.02 -1.06
C ASP A 74 -2.10 -7.23 -1.28
N LYS A 75 -2.01 -8.20 -0.38
CA LYS A 75 -2.82 -9.41 -0.48
C LYS A 75 -4.31 -9.07 -0.42
N ALA A 76 -4.63 -7.86 0.02
CA ALA A 76 -6.01 -7.41 0.11
C ALA A 76 -6.39 -6.55 -1.09
N ARG A 77 -5.60 -5.52 -1.35
CA ARG A 77 -5.86 -4.62 -2.47
C ARG A 77 -5.81 -5.38 -3.79
N TYR A 78 -5.16 -6.54 -3.79
CA TYR A 78 -5.04 -7.36 -4.98
C TYR A 78 -6.38 -7.98 -5.35
N GLU A 79 -7.11 -8.46 -4.34
CA GLU A 79 -8.40 -9.09 -4.56
C GLU A 79 -9.22 -8.29 -5.57
N ARG A 80 -9.10 -6.97 -5.54
CA ARG A 80 -9.83 -6.10 -6.44
C ARG A 80 -9.40 -6.36 -7.89
N GLU A 81 -8.10 -6.29 -8.14
CA GLU A 81 -7.56 -6.52 -9.47
C GLU A 81 -8.10 -7.82 -10.07
N MET A 82 -8.45 -8.75 -9.20
CA MET A 82 -8.98 -10.03 -9.63
C MET A 82 -10.45 -9.92 -10.02
N LYS A 83 -11.16 -8.99 -9.39
CA LYS A 83 -12.57 -8.77 -9.67
C LYS A 83 -12.80 -8.53 -11.16
N THR A 84 -11.76 -8.07 -11.84
CA THR A 84 -11.84 -7.80 -13.28
C THR A 84 -11.40 -9.01 -14.09
N TYR A 85 -10.65 -9.90 -13.46
CA TYR A 85 -10.16 -11.10 -14.13
C TYR A 85 -11.30 -12.05 -14.45
N ILE A 86 -11.35 -12.49 -15.70
CA ILE A 86 -12.39 -13.40 -16.16
C ILE A 86 -11.79 -14.68 -16.73
N PRO A 87 -11.81 -15.76 -15.95
CA PRO A 87 -11.27 -17.06 -16.37
C PRO A 87 -12.13 -17.72 -17.44
N PRO A 88 -11.50 -18.59 -18.23
CA PRO A 88 -12.19 -19.31 -19.32
C PRO A 88 -13.17 -20.34 -18.78
N LYS A 89 -14.00 -20.88 -19.68
CA LYS A 89 -14.99 -21.88 -19.31
C LYS A 89 -14.32 -23.21 -18.97
N GLY A 90 -14.09 -23.44 -17.68
CA GLY A 90 -13.45 -24.67 -17.25
C GLY A 90 -14.07 -25.22 -15.98
N GLU A 91 -13.71 -24.64 -14.84
CA GLU A 91 -14.24 -25.08 -13.55
C GLU A 91 -15.64 -24.55 -13.33
N THR A 92 -16.38 -25.19 -12.42
CA THR A 92 -17.74 -24.79 -12.11
C THR A 92 -17.90 -24.50 -10.63
N LYS A 93 -18.45 -23.34 -10.32
CA LYS A 93 -18.67 -22.93 -8.93
C LYS A 93 -19.72 -21.83 -8.83
N LYS A 94 -20.26 -21.63 -7.64
CA LYS A 94 -21.27 -20.61 -7.42
C LYS A 94 -20.65 -19.36 -6.81
N LYS A 95 -21.19 -18.19 -7.18
CA LYS A 95 -20.69 -16.93 -6.67
C LYS A 95 -21.45 -16.51 -5.41
N PHE A 96 -21.02 -15.40 -4.81
CA PHE A 96 -21.67 -14.89 -3.61
C PHE A 96 -21.29 -13.43 -3.36
N LYS A 97 -22.29 -12.62 -3.00
CA LYS A 97 -22.06 -11.21 -2.75
C LYS A 97 -23.03 -10.69 -1.69
N ASP A 98 -22.51 -9.94 -0.72
CA ASP A 98 -23.34 -9.39 0.33
C ASP A 98 -23.19 -7.87 0.40
N PRO A 99 -24.00 -7.16 -0.40
CA PRO A 99 -23.98 -5.69 -0.46
C PRO A 99 -24.51 -5.05 0.82
N ASN A 100 -25.63 -5.60 1.32
CA ASN A 100 -26.25 -5.08 2.54
C ASN A 100 -25.20 -4.84 3.62
N ALA A 101 -24.30 -5.80 3.79
CA ALA A 101 -23.24 -5.70 4.79
C ALA A 101 -22.67 -4.29 4.84
N PRO A 102 -22.09 -3.92 5.98
CA PRO A 102 -21.49 -2.60 6.19
C PRO A 102 -20.21 -2.41 5.37
N LYS A 103 -19.78 -1.16 5.22
CA LYS A 103 -18.58 -0.85 4.47
C LYS A 103 -17.36 -0.77 5.39
N ARG A 104 -16.17 -0.77 4.80
CA ARG A 104 -14.94 -0.69 5.57
C ARG A 104 -14.51 0.75 5.77
N PRO A 105 -13.95 1.04 6.96
CA PRO A 105 -13.49 2.39 7.31
C PRO A 105 -12.25 2.80 6.52
N PRO A 106 -11.96 4.10 6.53
CA PRO A 106 -10.79 4.66 5.83
C PRO A 106 -9.47 4.24 6.46
N SER A 107 -8.37 4.72 5.89
CA SER A 107 -7.04 4.39 6.40
C SER A 107 -6.24 5.66 6.69
N ALA A 108 -5.12 5.50 7.38
CA ALA A 108 -4.26 6.63 7.71
C ALA A 108 -4.15 7.60 6.53
N PHE A 109 -3.95 7.06 5.34
CA PHE A 109 -3.82 7.88 4.14
C PHE A 109 -5.09 8.71 3.91
N PHE A 110 -6.21 8.02 3.70
CA PHE A 110 -7.48 8.70 3.47
C PHE A 110 -7.68 9.84 4.46
N LEU A 111 -7.30 9.59 5.71
CA LEU A 111 -7.44 10.60 6.76
C LEU A 111 -6.61 11.84 6.43
N PHE A 112 -5.28 11.68 6.43
CA PHE A 112 -4.38 12.78 6.14
C PHE A 112 -4.79 13.50 4.87
N CYS A 113 -5.01 12.73 3.81
CA CYS A 113 -5.41 13.30 2.53
C CYS A 113 -6.68 14.14 2.67
N SER A 114 -7.71 13.54 3.26
CA SER A 114 -8.98 14.24 3.45
C SER A 114 -8.83 15.38 4.45
N GLU A 115 -7.66 15.46 5.08
CA GLU A 115 -7.38 16.50 6.06
C GLU A 115 -6.51 17.60 5.46
N TYR A 116 -5.72 17.23 4.44
CA TYR A 116 -4.84 18.18 3.78
C TYR A 116 -5.46 18.70 2.49
N ARG A 117 -6.45 17.96 1.98
CA ARG A 117 -7.13 18.34 0.75
C ARG A 117 -7.67 19.77 0.84
N PRO A 118 -8.42 20.05 1.91
CA PRO A 118 -9.00 21.38 2.14
C PRO A 118 -7.95 22.42 2.49
N LYS A 119 -6.75 21.96 2.82
CA LYS A 119 -5.65 22.86 3.16
C LYS A 119 -4.87 23.28 1.92
N ILE A 120 -4.70 22.33 0.99
CA ILE A 120 -3.98 22.61 -0.25
C ILE A 120 -4.91 23.19 -1.30
N LYS A 121 -6.14 22.70 -1.34
CA LYS A 121 -7.13 23.18 -2.30
C LYS A 121 -7.12 24.70 -2.39
N GLY A 122 -6.81 25.34 -1.28
CA GLY A 122 -6.76 26.79 -1.26
C GLY A 122 -5.43 27.34 -1.72
N GLU A 123 -4.37 26.56 -1.52
CA GLU A 123 -3.03 26.97 -1.92
C GLU A 123 -2.87 26.90 -3.44
N HIS A 124 -3.23 25.76 -4.02
CA HIS A 124 -3.13 25.56 -5.46
C HIS A 124 -4.51 25.46 -6.10
N PRO A 125 -5.06 26.62 -6.49
CA PRO A 125 -6.39 26.68 -7.12
C PRO A 125 -6.39 26.09 -8.52
N GLY A 126 -5.32 26.34 -9.28
CA GLY A 126 -5.23 25.82 -10.62
C GLY A 126 -5.54 24.34 -10.70
N LEU A 127 -5.04 23.58 -9.72
CA LEU A 127 -5.27 22.14 -9.67
C LEU A 127 -6.76 21.82 -9.66
N SER A 128 -7.08 20.55 -9.52
CA SER A 128 -8.47 20.10 -9.50
C SER A 128 -8.59 18.72 -8.86
N ILE A 129 -9.80 18.38 -8.41
CA ILE A 129 -10.05 17.10 -7.78
C ILE A 129 -9.21 16.00 -8.44
N GLY A 130 -9.05 16.09 -9.75
CA GLY A 130 -8.27 15.10 -10.47
C GLY A 130 -6.79 15.16 -10.14
N ASP A 131 -6.21 16.35 -10.26
CA ASP A 131 -4.79 16.54 -9.98
C ASP A 131 -4.53 16.46 -8.47
N VAL A 132 -5.22 17.31 -7.71
CA VAL A 132 -5.07 17.33 -6.26
C VAL A 132 -4.88 15.92 -5.71
N ALA A 133 -5.82 15.03 -6.02
CA ALA A 133 -5.76 13.66 -5.56
C ALA A 133 -4.36 13.07 -5.75
N LYS A 134 -3.81 13.25 -6.94
CA LYS A 134 -2.47 12.74 -7.25
C LYS A 134 -1.43 13.38 -6.34
N LYS A 135 -1.70 14.58 -5.85
CA LYS A 135 -0.79 15.29 -4.97
C LYS A 135 -0.80 14.65 -3.57
N LEU A 136 -1.94 14.09 -3.19
CA LEU A 136 -2.08 13.45 -1.88
C LEU A 136 -1.43 12.08 -1.88
N GLY A 137 -1.24 11.51 -3.07
CA GLY A 137 -0.63 10.20 -3.18
C GLY A 137 0.81 10.19 -2.72
N GLU A 138 1.66 10.96 -3.39
CA GLU A 138 3.07 11.02 -3.04
C GLU A 138 3.26 11.64 -1.66
N MET A 139 2.46 12.65 -1.36
CA MET A 139 2.53 13.34 -0.07
C MET A 139 2.54 12.34 1.08
N TRP A 140 1.88 11.20 0.86
CA TRP A 140 1.80 10.15 1.88
C TRP A 140 3.08 9.32 1.89
N ASN A 141 3.60 9.01 0.71
CA ASN A 141 4.81 8.22 0.60
C ASN A 141 6.00 8.95 1.21
N ASN A 142 5.99 10.27 1.11
CA ASN A 142 7.07 11.09 1.66
C ASN A 142 6.88 11.29 3.16
N THR A 143 5.64 11.49 3.58
CA THR A 143 5.32 11.69 4.99
C THR A 143 6.06 10.69 5.87
N ALA A 144 6.55 11.15 7.02
CA ALA A 144 7.27 10.29 7.95
C ALA A 144 6.30 9.43 8.76
N ALA A 145 6.77 8.26 9.17
CA ALA A 145 5.95 7.35 9.96
C ALA A 145 5.47 8.01 11.25
N ASP A 146 6.34 8.81 11.85
CA ASP A 146 6.01 9.51 13.09
C ASP A 146 4.79 10.42 12.90
N ASP A 147 4.67 10.98 11.70
CA ASP A 147 3.56 11.87 11.38
C ASP A 147 2.27 11.07 11.19
N LYS A 148 2.41 9.77 10.98
CA LYS A 148 1.26 8.90 10.77
C LYS A 148 0.85 8.22 12.08
N GLN A 149 1.42 8.70 13.19
CA GLN A 149 1.11 8.14 14.50
C GLN A 149 -0.39 8.18 14.77
N PRO A 150 -0.96 9.40 14.75
CA PRO A 150 -2.39 9.60 14.99
C PRO A 150 -3.25 9.07 13.86
N TYR A 151 -2.77 9.21 12.63
CA TYR A 151 -3.49 8.75 11.46
C TYR A 151 -3.64 7.23 11.48
N GLU A 152 -2.58 6.53 11.84
CA GLU A 152 -2.59 5.08 11.91
C GLU A 152 -3.27 4.60 13.18
N LYS A 153 -2.92 5.22 14.30
CA LYS A 153 -3.49 4.85 15.59
C LYS A 153 -5.00 5.07 15.59
N LYS A 154 -5.43 6.26 15.20
CA LYS A 154 -6.84 6.60 15.15
C LYS A 154 -7.60 5.63 14.26
N ALA A 155 -7.14 5.47 13.02
CA ALA A 155 -7.76 4.57 12.07
C ALA A 155 -8.05 3.21 12.70
N ALA A 156 -7.15 2.77 13.59
CA ALA A 156 -7.30 1.50 14.26
C ALA A 156 -8.62 1.43 15.03
N LYS A 157 -9.04 2.58 15.56
CA LYS A 157 -10.28 2.65 16.32
C LYS A 157 -11.49 2.40 15.42
N LEU A 158 -11.56 3.16 14.33
CA LEU A 158 -12.66 3.02 13.38
C LEU A 158 -12.94 1.55 13.09
N LYS A 159 -11.89 0.81 12.74
CA LYS A 159 -12.03 -0.61 12.43
C LYS A 159 -12.98 -1.29 13.41
N GLU A 160 -12.93 -0.88 14.67
CA GLU A 160 -13.79 -1.45 15.70
C GLU A 160 -15.26 -1.14 15.41
N LYS A 161 -15.56 0.13 15.15
CA LYS A 161 -16.92 0.54 14.85
C LYS A 161 -17.50 -0.27 13.70
N TYR A 162 -16.63 -0.86 12.90
CA TYR A 162 -17.06 -1.67 11.76
C TYR A 162 -17.29 -3.11 12.17
N GLU A 163 -16.28 -3.72 12.78
CA GLU A 163 -16.38 -5.11 13.23
C GLU A 163 -17.61 -5.30 14.10
N LYS A 164 -17.99 -4.26 14.83
CA LYS A 164 -19.15 -4.32 15.70
C LYS A 164 -20.45 -4.20 14.90
N ASP A 165 -20.47 -3.27 13.96
CA ASP A 165 -21.64 -3.05 13.12
C ASP A 165 -21.91 -4.27 12.24
N ILE A 166 -20.85 -4.88 11.73
CA ILE A 166 -20.98 -6.06 10.88
C ILE A 166 -21.26 -7.30 11.70
N ALA A 167 -20.53 -7.44 12.81
CA ALA A 167 -20.71 -8.60 13.69
C ALA A 167 -22.18 -8.80 14.04
N ALA A 168 -22.94 -7.71 14.04
CA ALA A 168 -24.37 -7.78 14.36
C ALA A 168 -25.20 -7.83 13.09
N TYR A 169 -24.64 -7.34 12.00
CA TYR A 169 -25.35 -7.32 10.71
C TYR A 169 -25.81 -8.73 10.33
N ARG A 170 -24.90 -9.69 10.42
CA ARG A 170 -25.21 -11.08 10.08
C ARG A 170 -25.88 -11.79 11.26
N ALA A 171 -25.51 -11.38 12.46
CA ALA A 171 -26.06 -11.97 13.67
C ALA A 171 -26.72 -10.91 14.55
N LYS A 172 -28.04 -10.78 14.41
CA LYS A 172 -28.79 -9.80 15.19
C LYS A 172 -29.24 -10.40 16.52
N GLY A 173 -28.30 -11.04 17.22
CA GLY A 173 -28.63 -11.64 18.50
C GLY A 173 -27.44 -11.66 19.44
N GLY A 1 -30.85 -11.19 -4.54
CA GLY A 1 -29.67 -11.73 -5.18
C GLY A 1 -28.45 -10.88 -4.95
N SER A 2 -27.34 -11.27 -5.58
CA SER A 2 -26.09 -10.53 -5.44
C SER A 2 -25.38 -10.39 -6.78
N SER A 3 -24.54 -9.37 -6.90
CA SER A 3 -23.80 -9.11 -8.13
C SER A 3 -22.39 -9.69 -8.05
N GLY A 4 -22.00 -10.46 -9.05
CA GLY A 4 -20.68 -11.05 -9.07
C GLY A 4 -19.59 -10.02 -8.91
N SER A 5 -18.55 -10.37 -8.14
CA SER A 5 -17.44 -9.46 -7.91
C SER A 5 -16.50 -9.43 -9.11
N SER A 6 -16.87 -8.64 -10.12
CA SER A 6 -16.07 -8.52 -11.33
C SER A 6 -14.82 -7.68 -11.07
N GLY A 7 -13.90 -7.68 -12.04
CA GLY A 7 -12.68 -6.91 -11.90
C GLY A 7 -11.48 -7.63 -12.47
N MET A 8 -11.14 -7.34 -13.71
CA MET A 8 -10.00 -7.97 -14.38
C MET A 8 -9.47 -7.07 -15.49
N GLY A 9 -8.14 -7.09 -15.65
CA GLY A 9 -7.51 -6.27 -16.68
C GLY A 9 -7.71 -4.79 -16.44
N LYS A 10 -6.69 -4.00 -16.76
CA LYS A 10 -6.75 -2.56 -16.58
C LYS A 10 -7.10 -1.85 -17.89
N GLY A 11 -7.99 -0.87 -17.82
CA GLY A 11 -8.39 -0.13 -19.00
C GLY A 11 -9.22 1.10 -18.67
N ASP A 12 -10.30 0.90 -17.93
CA ASP A 12 -11.17 2.00 -17.55
C ASP A 12 -11.03 2.32 -16.06
N PRO A 13 -11.24 3.59 -15.71
CA PRO A 13 -11.14 4.06 -14.32
C PRO A 13 -12.26 3.53 -13.45
N LYS A 14 -13.25 2.90 -14.09
CA LYS A 14 -14.40 2.36 -13.36
C LYS A 14 -13.95 1.30 -12.35
N LYS A 15 -13.16 0.34 -12.82
CA LYS A 15 -12.66 -0.73 -11.96
C LYS A 15 -11.60 -0.20 -10.99
N PRO A 16 -11.89 -0.31 -9.69
CA PRO A 16 -10.98 0.17 -8.64
C PRO A 16 -9.72 -0.70 -8.53
N ARG A 17 -8.56 -0.06 -8.53
CA ARG A 17 -7.29 -0.77 -8.44
C ARG A 17 -6.78 -0.77 -7.01
N GLY A 18 -5.66 -1.46 -6.78
CA GLY A 18 -5.09 -1.55 -5.45
C GLY A 18 -4.21 -2.76 -5.27
N LYS A 19 -4.75 -3.93 -5.58
CA LYS A 19 -4.01 -5.18 -5.46
C LYS A 19 -2.54 -4.99 -5.84
N MET A 20 -1.65 -5.64 -5.10
CA MET A 20 -0.22 -5.54 -5.36
C MET A 20 0.42 -6.92 -5.39
N SER A 21 1.44 -7.08 -6.23
CA SER A 21 2.14 -8.35 -6.35
C SER A 21 3.28 -8.45 -5.34
N SER A 22 3.92 -9.61 -5.28
CA SER A 22 5.03 -9.83 -4.36
C SER A 22 5.98 -8.62 -4.36
N TYR A 23 6.53 -8.31 -5.53
CA TYR A 23 7.46 -7.20 -5.68
C TYR A 23 6.80 -5.90 -5.23
N ALA A 24 5.75 -5.49 -5.92
CA ALA A 24 5.03 -4.27 -5.60
C ALA A 24 5.03 -4.01 -4.10
N PHE A 25 4.90 -5.08 -3.32
CA PHE A 25 4.87 -4.98 -1.86
C PHE A 25 6.29 -4.93 -1.31
N PHE A 26 7.09 -5.92 -1.67
CA PHE A 26 8.48 -6.00 -1.20
C PHE A 26 9.18 -4.65 -1.36
N VAL A 27 8.96 -4.00 -2.51
CA VAL A 27 9.58 -2.71 -2.77
C VAL A 27 9.17 -1.68 -1.72
N GLN A 28 7.99 -1.87 -1.14
CA GLN A 28 7.49 -0.96 -0.12
C GLN A 28 7.88 -1.44 1.28
N THR A 29 8.03 -2.75 1.42
CA THR A 29 8.41 -3.34 2.71
C THR A 29 9.84 -2.96 3.09
N CYS A 30 10.72 -2.95 2.10
CA CYS A 30 12.12 -2.61 2.32
C CYS A 30 12.30 -1.10 2.51
N ARG A 31 11.77 -0.35 1.56
CA ARG A 31 11.86 1.11 1.61
C ARG A 31 11.49 1.64 2.99
N GLU A 32 10.44 1.05 3.57
CA GLU A 32 9.98 1.47 4.90
C GLU A 32 11.05 1.20 5.95
N GLU A 33 11.75 0.08 5.81
CA GLU A 33 12.80 -0.29 6.75
C GLU A 33 13.85 0.81 6.86
N HIS A 34 14.18 1.42 5.73
CA HIS A 34 15.17 2.50 5.70
C HIS A 34 14.65 3.74 6.40
N LYS A 35 13.50 4.25 5.94
CA LYS A 35 12.90 5.43 6.52
C LYS A 35 12.91 5.35 8.05
N LYS A 36 12.87 4.14 8.56
CA LYS A 36 12.88 3.92 10.01
C LYS A 36 14.29 4.07 10.58
N LYS A 37 15.25 3.44 9.90
CA LYS A 37 16.65 3.50 10.33
C LYS A 37 17.19 4.93 10.24
N HIS A 38 16.87 5.61 9.13
CA HIS A 38 17.32 6.98 8.92
C HIS A 38 16.18 7.85 8.42
N PRO A 39 15.50 8.54 9.34
CA PRO A 39 14.38 9.42 9.00
C PRO A 39 14.83 10.67 8.26
N ASP A 40 16.00 11.19 8.64
CA ASP A 40 16.54 12.38 8.02
C ASP A 40 17.00 12.09 6.59
N ALA A 41 17.56 10.90 6.38
CA ALA A 41 18.04 10.50 5.07
C ALA A 41 16.95 10.65 4.01
N SER A 42 17.20 11.50 3.02
CA SER A 42 16.24 11.74 1.95
C SER A 42 16.46 10.77 0.80
N VAL A 43 15.66 9.72 0.75
CA VAL A 43 15.76 8.71 -0.30
C VAL A 43 14.67 8.92 -1.36
N ASN A 44 15.06 8.82 -2.63
CA ASN A 44 14.13 8.99 -3.72
C ASN A 44 13.38 7.69 -4.02
N PHE A 45 12.36 7.77 -4.86
CA PHE A 45 11.56 6.60 -5.21
C PHE A 45 12.14 5.93 -6.46
N SER A 46 12.46 6.73 -7.47
CA SER A 46 12.99 6.21 -8.72
C SER A 46 14.39 5.63 -8.50
N GLU A 47 15.06 6.08 -7.45
CA GLU A 47 16.40 5.61 -7.13
C GLU A 47 16.34 4.30 -6.35
N PHE A 48 15.46 4.25 -5.35
CA PHE A 48 15.31 3.05 -4.53
C PHE A 48 14.83 1.87 -5.36
N SER A 49 14.23 2.17 -6.51
CA SER A 49 13.72 1.14 -7.41
C SER A 49 14.85 0.29 -7.97
N LYS A 50 15.89 0.95 -8.46
CA LYS A 50 17.04 0.26 -9.02
C LYS A 50 17.65 -0.68 -8.00
N LYS A 51 17.38 -0.45 -6.73
CA LYS A 51 17.90 -1.28 -5.65
C LYS A 51 16.99 -2.47 -5.40
N CYS A 52 15.70 -2.21 -5.25
CA CYS A 52 14.73 -3.26 -5.00
C CYS A 52 14.78 -4.33 -6.10
N SER A 53 15.06 -3.90 -7.32
CA SER A 53 15.14 -4.81 -8.45
C SER A 53 16.19 -5.88 -8.21
N GLU A 54 17.46 -5.48 -8.26
CA GLU A 54 18.56 -6.40 -8.05
C GLU A 54 18.47 -7.06 -6.68
N ARG A 55 17.71 -6.43 -5.78
CA ARG A 55 17.54 -6.95 -4.43
C ARG A 55 16.48 -8.04 -4.40
N TRP A 56 15.58 -8.02 -5.38
CA TRP A 56 14.51 -9.01 -5.46
C TRP A 56 14.99 -10.25 -6.22
N LYS A 57 15.90 -10.05 -7.16
CA LYS A 57 16.42 -11.15 -7.95
C LYS A 57 17.45 -11.96 -7.15
N THR A 58 18.13 -11.29 -6.22
CA THR A 58 19.12 -11.95 -5.39
C THR A 58 18.46 -12.79 -4.30
N MET A 59 17.34 -12.30 -3.79
CA MET A 59 16.61 -13.01 -2.73
C MET A 59 16.13 -14.37 -3.22
N SER A 60 16.10 -15.34 -2.32
CA SER A 60 15.67 -16.69 -2.66
C SER A 60 14.25 -16.95 -2.15
N ALA A 61 13.75 -18.15 -2.42
CA ALA A 61 12.41 -18.53 -1.99
C ALA A 61 12.23 -18.30 -0.49
N LYS A 62 13.33 -18.32 0.24
CA LYS A 62 13.30 -18.12 1.68
C LYS A 62 12.75 -16.73 2.03
N GLU A 63 13.17 -15.73 1.26
CA GLU A 63 12.72 -14.36 1.48
C GLU A 63 11.44 -14.08 0.70
N LYS A 64 11.47 -14.35 -0.60
CA LYS A 64 10.31 -14.13 -1.45
C LYS A 64 9.07 -14.80 -0.88
N GLY A 65 9.27 -15.97 -0.26
CA GLY A 65 8.15 -16.70 0.32
C GLY A 65 7.19 -15.78 1.04
N LYS A 66 7.59 -15.29 2.20
CA LYS A 66 6.76 -14.41 3.01
C LYS A 66 6.16 -13.30 2.14
N PHE A 67 6.94 -12.82 1.18
CA PHE A 67 6.48 -11.76 0.29
C PHE A 67 5.39 -12.27 -0.64
N GLU A 68 5.45 -13.56 -0.97
CA GLU A 68 4.46 -14.17 -1.84
C GLU A 68 3.11 -14.32 -1.14
N ASP A 69 3.15 -14.90 0.07
CA ASP A 69 1.94 -15.11 0.84
C ASP A 69 1.29 -13.77 1.20
N MET A 70 2.08 -12.86 1.76
CA MET A 70 1.59 -11.55 2.15
C MET A 70 0.92 -10.85 0.97
N ALA A 71 1.50 -11.04 -0.22
CA ALA A 71 0.97 -10.42 -1.42
C ALA A 71 -0.42 -10.96 -1.76
N LYS A 72 -0.64 -12.24 -1.46
CA LYS A 72 -1.92 -12.88 -1.72
C LYS A 72 -2.98 -12.41 -0.72
N ALA A 73 -2.54 -12.08 0.49
CA ALA A 73 -3.44 -11.63 1.53
C ALA A 73 -4.18 -10.37 1.10
N ASP A 74 -3.45 -9.44 0.49
CA ASP A 74 -4.04 -8.19 0.02
C ASP A 74 -5.21 -8.45 -0.93
N LYS A 75 -5.17 -9.61 -1.58
CA LYS A 75 -6.21 -9.99 -2.53
C LYS A 75 -7.59 -9.89 -1.88
N ALA A 76 -7.64 -10.08 -0.56
CA ALA A 76 -8.89 -10.01 0.18
C ALA A 76 -9.18 -8.59 0.64
N ARG A 77 -8.28 -8.03 1.44
CA ARG A 77 -8.43 -6.67 1.95
C ARG A 77 -8.76 -5.71 0.83
N TYR A 78 -8.36 -6.06 -0.40
CA TYR A 78 -8.60 -5.21 -1.56
C TYR A 78 -10.04 -5.35 -2.03
N GLU A 79 -10.53 -6.59 -2.09
CA GLU A 79 -11.90 -6.86 -2.53
C GLU A 79 -12.88 -5.96 -1.79
N ARG A 80 -12.58 -5.66 -0.53
CA ARG A 80 -13.44 -4.81 0.28
C ARG A 80 -13.95 -3.62 -0.53
N GLU A 81 -13.02 -2.87 -1.11
CA GLU A 81 -13.36 -1.70 -1.90
C GLU A 81 -14.29 -2.08 -3.06
N MET A 82 -13.86 -3.05 -3.86
CA MET A 82 -14.65 -3.50 -5.00
C MET A 82 -16.08 -3.81 -4.58
N LYS A 83 -16.24 -4.28 -3.35
CA LYS A 83 -17.56 -4.61 -2.82
C LYS A 83 -18.59 -3.56 -3.23
N THR A 84 -18.20 -2.30 -3.11
CA THR A 84 -19.09 -1.20 -3.47
C THR A 84 -19.30 -1.13 -4.98
N TYR A 85 -18.30 -1.54 -5.73
CA TYR A 85 -18.38 -1.52 -7.19
C TYR A 85 -19.42 -2.51 -7.69
N ILE A 86 -20.13 -2.13 -8.75
CA ILE A 86 -21.15 -2.99 -9.33
C ILE A 86 -21.00 -3.10 -10.85
N PRO A 87 -20.67 -4.30 -11.33
CA PRO A 87 -20.49 -4.56 -12.75
C PRO A 87 -21.80 -4.49 -13.52
N PRO A 88 -21.70 -4.48 -14.87
CA PRO A 88 -22.87 -4.42 -15.74
C PRO A 88 -23.68 -5.72 -15.72
N LYS A 89 -24.70 -5.79 -16.58
CA LYS A 89 -25.54 -6.98 -16.65
C LYS A 89 -24.71 -8.25 -16.56
N GLY A 90 -23.46 -8.16 -17.00
CA GLY A 90 -22.57 -9.33 -16.96
C GLY A 90 -22.48 -9.92 -15.57
N GLU A 91 -22.77 -11.21 -15.46
CA GLU A 91 -22.72 -11.90 -14.17
C GLU A 91 -21.58 -12.92 -14.15
N THR A 92 -21.03 -13.16 -12.97
CA THR A 92 -19.94 -14.11 -12.82
C THR A 92 -19.93 -14.71 -11.42
N LYS A 93 -19.60 -16.00 -11.33
CA LYS A 93 -19.55 -16.69 -10.05
C LYS A 93 -18.17 -16.58 -9.42
N LYS A 94 -18.12 -16.02 -8.21
CA LYS A 94 -16.86 -15.85 -7.49
C LYS A 94 -17.06 -16.07 -6.00
N LYS A 95 -16.06 -16.66 -5.35
CA LYS A 95 -16.11 -16.93 -3.92
C LYS A 95 -16.59 -15.69 -3.16
N PHE A 96 -16.80 -15.85 -1.86
CA PHE A 96 -17.25 -14.75 -1.01
C PHE A 96 -16.44 -14.68 0.28
N LYS A 97 -16.32 -13.47 0.84
CA LYS A 97 -15.58 -13.27 2.06
C LYS A 97 -16.43 -12.53 3.09
N ASP A 98 -16.12 -12.75 4.37
CA ASP A 98 -16.85 -12.11 5.45
C ASP A 98 -16.36 -10.68 5.68
N PRO A 99 -17.24 -9.70 5.43
CA PRO A 99 -16.92 -8.28 5.59
C PRO A 99 -16.74 -7.89 7.06
N ASN A 100 -17.52 -8.51 7.94
CA ASN A 100 -17.45 -8.23 9.36
C ASN A 100 -15.99 -8.15 9.83
N ALA A 101 -15.28 -9.25 9.69
CA ALA A 101 -13.87 -9.31 10.10
C ALA A 101 -13.17 -7.99 9.81
N PRO A 102 -12.28 -7.59 10.73
CA PRO A 102 -11.52 -6.33 10.61
C PRO A 102 -10.49 -6.40 9.48
N LYS A 103 -9.99 -5.23 9.09
CA LYS A 103 -9.00 -5.14 8.02
C LYS A 103 -7.84 -4.24 8.43
N ARG A 104 -6.82 -4.17 7.58
CA ARG A 104 -5.66 -3.34 7.85
C ARG A 104 -5.98 -1.86 7.65
N PRO A 105 -5.41 -1.01 8.52
CA PRO A 105 -5.62 0.44 8.46
C PRO A 105 -4.97 1.08 7.25
N PRO A 106 -5.29 2.35 7.00
CA PRO A 106 -4.73 3.10 5.86
C PRO A 106 -3.25 3.41 6.04
N SER A 107 -2.55 3.58 4.93
CA SER A 107 -1.12 3.87 4.95
C SER A 107 -0.87 5.38 4.87
N ALA A 108 0.31 5.79 5.32
CA ALA A 108 0.68 7.21 5.30
C ALA A 108 0.22 7.88 4.01
N PHE A 109 0.24 7.11 2.92
CA PHE A 109 -0.17 7.63 1.62
C PHE A 109 -1.66 7.95 1.60
N PHE A 110 -2.47 7.00 2.05
CA PHE A 110 -3.91 7.18 2.09
C PHE A 110 -4.30 8.38 2.96
N LEU A 111 -3.40 8.76 3.85
CA LEU A 111 -3.63 9.89 4.74
C LEU A 111 -3.31 11.20 4.05
N PHE A 112 -2.14 11.27 3.42
CA PHE A 112 -1.72 12.48 2.71
C PHE A 112 -2.58 12.71 1.47
N CYS A 113 -2.74 11.66 0.67
CA CYS A 113 -3.54 11.75 -0.54
C CYS A 113 -4.99 12.11 -0.22
N SER A 114 -5.44 11.71 0.96
CA SER A 114 -6.81 11.98 1.38
C SER A 114 -6.93 13.38 1.96
N GLU A 115 -5.78 14.00 2.23
CA GLU A 115 -5.75 15.35 2.79
C GLU A 115 -5.55 16.38 1.70
N TYR A 116 -4.75 16.04 0.70
CA TYR A 116 -4.47 16.94 -0.41
C TYR A 116 -5.56 16.87 -1.47
N ARG A 117 -6.25 15.73 -1.52
CA ARG A 117 -7.32 15.52 -2.48
C ARG A 117 -8.15 16.79 -2.64
N PRO A 118 -8.63 17.32 -1.50
CA PRO A 118 -9.45 18.54 -1.49
C PRO A 118 -8.65 19.78 -1.87
N LYS A 119 -7.40 19.82 -1.44
CA LYS A 119 -6.53 20.95 -1.74
C LYS A 119 -6.12 20.97 -3.20
N ILE A 120 -6.18 19.80 -3.84
CA ILE A 120 -5.82 19.68 -5.25
C ILE A 120 -7.07 19.75 -6.13
N LYS A 121 -8.15 19.16 -5.66
CA LYS A 121 -9.41 19.15 -6.40
C LYS A 121 -9.81 20.56 -6.80
N GLY A 122 -9.69 21.50 -5.87
CA GLY A 122 -10.04 22.88 -6.14
C GLY A 122 -9.05 23.56 -7.06
N GLU A 123 -7.77 23.41 -6.76
CA GLU A 123 -6.71 24.01 -7.57
C GLU A 123 -6.85 23.59 -9.03
N HIS A 124 -7.13 22.32 -9.26
CA HIS A 124 -7.28 21.80 -10.61
C HIS A 124 -8.69 21.29 -10.84
N PRO A 125 -9.56 22.17 -11.38
CA PRO A 125 -10.96 21.82 -11.66
C PRO A 125 -11.10 20.83 -12.81
N GLY A 126 -10.07 20.77 -13.65
CA GLY A 126 -10.10 19.86 -14.78
C GLY A 126 -9.85 18.42 -14.38
N LEU A 127 -8.87 18.22 -13.49
CA LEU A 127 -8.53 16.88 -13.02
C LEU A 127 -9.77 16.14 -12.53
N SER A 128 -10.00 14.95 -13.07
CA SER A 128 -11.15 14.15 -12.70
C SER A 128 -10.75 13.09 -11.66
N ILE A 129 -11.75 12.53 -10.99
CA ILE A 129 -11.51 11.51 -9.98
C ILE A 129 -10.34 10.61 -10.36
N GLY A 130 -10.21 10.34 -11.66
CA GLY A 130 -9.13 9.50 -12.14
C GLY A 130 -7.80 10.22 -12.14
N ASP A 131 -7.73 11.34 -12.85
CA ASP A 131 -6.50 12.11 -12.92
C ASP A 131 -6.11 12.65 -11.54
N VAL A 132 -7.03 13.34 -10.90
CA VAL A 132 -6.79 13.90 -9.57
C VAL A 132 -5.87 13.00 -8.76
N ALA A 133 -6.23 11.72 -8.66
CA ALA A 133 -5.43 10.76 -7.91
C ALA A 133 -3.99 10.75 -8.39
N LYS A 134 -3.81 10.69 -9.71
CA LYS A 134 -2.47 10.68 -10.30
C LYS A 134 -1.64 11.85 -9.81
N LYS A 135 -2.32 12.91 -9.36
CA LYS A 135 -1.64 14.09 -8.86
C LYS A 135 -1.04 13.82 -7.48
N LEU A 136 -1.77 13.10 -6.65
CA LEU A 136 -1.32 12.77 -5.30
C LEU A 136 -0.31 11.63 -5.33
N GLY A 137 -0.39 10.82 -6.38
CA GLY A 137 0.53 9.69 -6.51
C GLY A 137 1.98 10.14 -6.64
N GLU A 138 2.24 11.02 -7.59
CA GLU A 138 3.60 11.52 -7.81
C GLU A 138 4.09 12.30 -6.59
N MET A 139 3.26 13.20 -6.09
CA MET A 139 3.61 14.01 -4.93
C MET A 139 4.14 13.13 -3.80
N TRP A 140 3.40 12.09 -3.46
CA TRP A 140 3.79 11.17 -2.40
C TRP A 140 5.15 10.53 -2.71
N ASN A 141 5.45 10.38 -3.99
CA ASN A 141 6.71 9.79 -4.42
C ASN A 141 7.83 10.83 -4.43
N ASN A 142 7.44 12.09 -4.58
CA ASN A 142 8.41 13.18 -4.61
C ASN A 142 8.36 13.99 -3.32
N THR A 143 7.98 13.32 -2.22
CA THR A 143 7.88 13.98 -0.92
C THR A 143 8.89 13.41 0.06
N ALA A 144 9.60 14.30 0.76
CA ALA A 144 10.60 13.88 1.73
C ALA A 144 9.96 13.10 2.87
N ALA A 145 10.75 12.26 3.53
CA ALA A 145 10.26 11.45 4.65
C ALA A 145 9.82 12.33 5.80
N ASP A 146 10.40 13.53 5.89
CA ASP A 146 10.06 14.46 6.96
C ASP A 146 8.58 14.84 6.89
N ASP A 147 8.08 15.04 5.68
CA ASP A 147 6.68 15.41 5.48
C ASP A 147 5.76 14.24 5.82
N LYS A 148 6.33 13.03 5.86
CA LYS A 148 5.55 11.84 6.17
C LYS A 148 5.62 11.52 7.67
N GLN A 149 6.24 12.41 8.43
CA GLN A 149 6.37 12.24 9.86
C GLN A 149 5.01 11.93 10.50
N PRO A 150 4.07 12.87 10.35
CA PRO A 150 2.72 12.73 10.90
C PRO A 150 1.91 11.64 10.19
N TYR A 151 2.11 11.53 8.88
CA TYR A 151 1.39 10.54 8.08
C TYR A 151 1.82 9.13 8.47
N GLU A 152 3.07 8.98 8.86
CA GLU A 152 3.60 7.68 9.26
C GLU A 152 3.33 7.41 10.73
N LYS A 153 3.73 8.34 11.59
CA LYS A 153 3.52 8.20 13.03
C LYS A 153 2.09 7.78 13.34
N LYS A 154 1.13 8.54 12.80
CA LYS A 154 -0.28 8.25 13.01
C LYS A 154 -0.60 6.82 12.60
N ALA A 155 -0.26 6.47 11.36
CA ALA A 155 -0.51 5.13 10.85
C ALA A 155 -0.11 4.07 11.86
N ALA A 156 1.14 4.11 12.30
CA ALA A 156 1.64 3.15 13.29
C ALA A 156 0.60 2.87 14.36
N LYS A 157 0.16 3.93 15.03
CA LYS A 157 -0.83 3.80 16.10
C LYS A 157 -2.01 2.94 15.64
N LEU A 158 -2.67 3.36 14.56
CA LEU A 158 -3.80 2.62 14.03
C LEU A 158 -3.49 1.13 13.94
N LYS A 159 -2.35 0.80 13.33
CA LYS A 159 -1.93 -0.59 13.19
C LYS A 159 -2.21 -1.38 14.47
N GLU A 160 -1.69 -0.88 15.58
CA GLU A 160 -1.89 -1.55 16.87
C GLU A 160 -3.36 -1.89 17.09
N LYS A 161 -4.20 -0.86 17.08
CA LYS A 161 -5.64 -1.05 17.28
C LYS A 161 -6.16 -2.21 16.43
N TYR A 162 -5.73 -2.24 15.17
CA TYR A 162 -6.16 -3.30 14.27
C TYR A 162 -5.77 -4.67 14.80
N GLU A 163 -4.47 -4.87 15.01
CA GLU A 163 -3.97 -6.14 15.52
C GLU A 163 -4.72 -6.55 16.78
N LYS A 164 -5.11 -5.57 17.58
CA LYS A 164 -5.84 -5.83 18.81
C LYS A 164 -7.28 -6.26 18.52
N ASP A 165 -7.93 -5.54 17.61
CA ASP A 165 -9.30 -5.85 17.24
C ASP A 165 -9.40 -7.25 16.64
N ILE A 166 -8.49 -7.56 15.73
CA ILE A 166 -8.48 -8.86 15.07
C ILE A 166 -8.02 -9.95 16.04
N ALA A 167 -7.28 -9.56 17.07
CA ALA A 167 -6.79 -10.50 18.06
C ALA A 167 -7.94 -11.19 18.78
N ALA A 168 -9.05 -10.48 18.92
CA ALA A 168 -10.22 -11.03 19.59
C ALA A 168 -11.13 -11.76 18.61
N TYR A 169 -10.96 -11.46 17.33
CA TYR A 169 -11.77 -12.09 16.29
C TYR A 169 -11.41 -13.57 16.15
N ARG A 170 -10.12 -13.86 16.14
CA ARG A 170 -9.65 -15.23 16.00
C ARG A 170 -9.33 -15.84 17.37
N ALA A 171 -8.64 -15.06 18.21
CA ALA A 171 -8.28 -15.51 19.55
C ALA A 171 -9.20 -14.91 20.60
N LYS A 172 -10.35 -15.53 20.82
CA LYS A 172 -11.31 -15.06 21.80
C LYS A 172 -10.63 -14.75 23.12
N GLY A 173 -10.76 -13.50 23.57
CA GLY A 173 -10.15 -13.09 24.82
C GLY A 173 -9.89 -11.59 24.87
N GLY A 1 39.92 -12.99 4.33
CA GLY A 1 38.52 -13.25 4.02
C GLY A 1 38.22 -13.08 2.54
N SER A 2 37.28 -12.19 2.24
CA SER A 2 36.89 -11.95 0.85
C SER A 2 36.56 -13.26 0.14
N SER A 3 35.84 -14.14 0.84
CA SER A 3 35.46 -15.42 0.28
C SER A 3 33.95 -15.61 0.36
N GLY A 4 33.42 -16.49 -0.51
CA GLY A 4 32.00 -16.75 -0.52
C GLY A 4 31.60 -17.88 0.41
N SER A 5 31.95 -17.73 1.69
CA SER A 5 31.62 -18.75 2.68
C SER A 5 31.52 -18.12 4.08
N SER A 6 30.76 -18.77 4.95
CA SER A 6 30.56 -18.28 6.31
C SER A 6 29.99 -19.37 7.21
N GLY A 7 29.99 -19.12 8.52
CA GLY A 7 29.48 -20.10 9.46
C GLY A 7 27.98 -19.94 9.68
N MET A 8 27.56 -20.01 10.94
CA MET A 8 26.16 -19.88 11.29
C MET A 8 25.82 -18.43 11.63
N GLY A 9 25.32 -17.70 10.64
CA GLY A 9 24.96 -16.32 10.86
C GLY A 9 26.05 -15.53 11.55
N LYS A 10 25.75 -14.29 11.91
CA LYS A 10 26.72 -13.43 12.59
C LYS A 10 26.16 -12.91 13.91
N GLY A 11 27.04 -12.76 14.90
CA GLY A 11 26.61 -12.27 16.20
C GLY A 11 25.52 -13.13 16.81
N ASP A 12 24.27 -12.72 16.60
CA ASP A 12 23.13 -13.46 17.13
C ASP A 12 21.92 -13.32 16.22
N PRO A 13 21.54 -14.41 15.55
CA PRO A 13 20.39 -14.43 14.63
C PRO A 13 19.07 -14.31 15.37
N LYS A 14 19.12 -14.41 16.69
CA LYS A 14 17.93 -14.31 17.51
C LYS A 14 16.95 -13.29 16.94
N LYS A 15 17.37 -12.03 16.94
CA LYS A 15 16.54 -10.95 16.42
C LYS A 15 15.72 -11.41 15.23
N PRO A 16 14.40 -11.12 15.27
CA PRO A 16 13.47 -11.51 14.20
C PRO A 16 13.71 -10.73 12.92
N ARG A 17 13.96 -11.45 11.83
CA ARG A 17 14.20 -10.81 10.53
C ARG A 17 12.89 -10.42 9.86
N GLY A 18 12.94 -9.34 9.09
CA GLY A 18 11.73 -8.87 8.40
C GLY A 18 11.99 -7.61 7.61
N LYS A 19 12.32 -6.53 8.30
CA LYS A 19 12.59 -5.24 7.65
C LYS A 19 13.26 -5.46 6.30
N MET A 20 12.79 -4.73 5.29
CA MET A 20 13.35 -4.84 3.95
C MET A 20 13.83 -3.47 3.46
N SER A 21 14.57 -3.48 2.35
CA SER A 21 15.09 -2.25 1.77
C SER A 21 14.24 -1.78 0.60
N SER A 22 14.69 -0.73 -0.07
CA SER A 22 13.96 -0.19 -1.22
C SER A 22 13.81 -1.24 -2.31
N TYR A 23 14.88 -1.96 -2.58
CA TYR A 23 14.87 -3.01 -3.60
C TYR A 23 14.00 -4.18 -3.17
N ALA A 24 14.38 -4.83 -2.08
CA ALA A 24 13.62 -5.96 -1.56
C ALA A 24 12.13 -5.73 -1.68
N PHE A 25 11.70 -4.50 -1.41
CA PHE A 25 10.28 -4.14 -1.49
C PHE A 25 9.87 -3.85 -2.93
N PHE A 26 10.61 -2.96 -3.58
CA PHE A 26 10.32 -2.61 -4.97
C PHE A 26 10.10 -3.85 -5.82
N VAL A 27 10.73 -4.94 -5.43
CA VAL A 27 10.59 -6.21 -6.16
C VAL A 27 9.24 -6.87 -5.87
N GLN A 28 8.74 -6.68 -4.65
CA GLN A 28 7.47 -7.25 -4.26
C GLN A 28 6.33 -6.28 -4.51
N THR A 29 6.68 -5.02 -4.76
CA THR A 29 5.69 -3.98 -5.01
C THR A 29 5.23 -4.00 -6.47
N CYS A 30 6.17 -4.26 -7.36
CA CYS A 30 5.86 -4.30 -8.79
C CYS A 30 5.16 -5.61 -9.16
N ARG A 31 5.45 -6.66 -8.40
CA ARG A 31 4.85 -7.96 -8.64
C ARG A 31 3.39 -7.98 -8.21
N GLU A 32 3.11 -7.35 -7.07
CA GLU A 32 1.75 -7.30 -6.56
C GLU A 32 0.85 -6.46 -7.46
N GLU A 33 1.32 -5.27 -7.81
CA GLU A 33 0.55 -4.37 -8.67
C GLU A 33 0.12 -5.08 -9.95
N HIS A 34 0.97 -5.98 -10.45
CA HIS A 34 0.67 -6.73 -11.66
C HIS A 34 -0.47 -7.70 -11.43
N LYS A 35 -0.26 -8.64 -10.49
CA LYS A 35 -1.27 -9.64 -10.17
C LYS A 35 -2.65 -8.99 -10.08
N LYS A 36 -2.68 -7.70 -9.80
CA LYS A 36 -3.94 -6.97 -9.68
C LYS A 36 -4.48 -6.60 -11.05
N LYS A 37 -3.61 -6.09 -11.91
CA LYS A 37 -4.00 -5.70 -13.27
C LYS A 37 -4.43 -6.91 -14.08
N HIS A 38 -3.64 -7.97 -14.01
CA HIS A 38 -3.93 -9.20 -14.74
C HIS A 38 -3.76 -10.42 -13.84
N PRO A 39 -4.87 -10.89 -13.24
CA PRO A 39 -4.86 -12.05 -12.36
C PRO A 39 -4.62 -13.36 -13.11
N ASP A 40 -5.28 -13.50 -14.25
CA ASP A 40 -5.14 -14.70 -15.06
C ASP A 40 -3.70 -14.87 -15.54
N ALA A 41 -3.03 -13.75 -15.75
CA ALA A 41 -1.64 -13.76 -16.21
C ALA A 41 -0.73 -14.40 -15.17
N SER A 42 -0.03 -15.47 -15.57
CA SER A 42 0.88 -16.17 -14.68
C SER A 42 2.33 -15.82 -14.99
N VAL A 43 2.85 -14.84 -14.26
CA VAL A 43 4.23 -14.41 -14.45
C VAL A 43 5.20 -15.30 -13.68
N ASN A 44 6.45 -15.34 -14.15
CA ASN A 44 7.46 -16.16 -13.49
C ASN A 44 8.31 -15.32 -12.54
N PHE A 45 8.89 -15.98 -11.54
CA PHE A 45 9.72 -15.30 -10.55
C PHE A 45 11.13 -15.06 -11.10
N SER A 46 11.79 -16.14 -11.49
CA SER A 46 13.15 -16.05 -12.03
C SER A 46 13.26 -14.91 -13.03
N GLU A 47 12.24 -14.77 -13.87
CA GLU A 47 12.23 -13.72 -14.88
C GLU A 47 11.92 -12.35 -14.24
N PHE A 48 10.89 -12.32 -13.42
CA PHE A 48 10.49 -11.09 -12.74
C PHE A 48 11.56 -10.63 -11.78
N SER A 49 12.50 -11.51 -11.47
CA SER A 49 13.60 -11.20 -10.55
C SER A 49 14.76 -10.55 -11.29
N LYS A 50 15.41 -11.32 -12.15
CA LYS A 50 16.54 -10.81 -12.93
C LYS A 50 16.24 -9.42 -13.48
N LYS A 51 15.00 -9.19 -13.88
CA LYS A 51 14.58 -7.91 -14.42
C LYS A 51 14.63 -6.82 -13.35
N CYS A 52 13.94 -7.07 -12.24
CA CYS A 52 13.90 -6.11 -11.14
C CYS A 52 15.29 -5.51 -10.89
N SER A 53 16.32 -6.28 -11.19
CA SER A 53 17.69 -5.83 -11.00
C SER A 53 18.03 -4.69 -11.96
N GLU A 54 18.17 -5.03 -13.24
CA GLU A 54 18.49 -4.03 -14.26
C GLU A 54 17.37 -3.01 -14.40
N ARG A 55 16.21 -3.34 -13.83
CA ARG A 55 15.05 -2.44 -13.89
C ARG A 55 15.05 -1.49 -12.70
N TRP A 56 15.70 -1.89 -11.62
CA TRP A 56 15.77 -1.08 -10.41
C TRP A 56 16.88 -0.04 -10.52
N LYS A 57 18.01 -0.45 -11.08
CA LYS A 57 19.15 0.44 -11.24
C LYS A 57 18.84 1.54 -12.26
N THR A 58 18.14 1.16 -13.32
CA THR A 58 17.77 2.12 -14.37
C THR A 58 16.77 3.14 -13.86
N MET A 59 16.02 2.77 -12.82
CA MET A 59 15.03 3.66 -12.24
C MET A 59 15.68 4.92 -11.69
N SER A 60 15.28 6.08 -12.21
CA SER A 60 15.83 7.35 -11.76
C SER A 60 15.67 7.52 -10.26
N ALA A 61 16.51 8.37 -9.67
CA ALA A 61 16.46 8.62 -8.25
C ALA A 61 15.04 8.91 -7.78
N LYS A 62 14.30 9.68 -8.57
CA LYS A 62 12.92 10.02 -8.24
C LYS A 62 12.09 8.77 -8.00
N GLU A 63 12.31 7.75 -8.84
CA GLU A 63 11.58 6.49 -8.71
C GLU A 63 11.97 5.77 -7.43
N LYS A 64 13.25 5.83 -7.09
CA LYS A 64 13.75 5.18 -5.87
C LYS A 64 13.41 5.99 -4.63
N GLY A 65 13.23 7.30 -4.82
CA GLY A 65 12.89 8.17 -3.71
C GLY A 65 11.72 7.65 -2.89
N LYS A 66 10.58 7.49 -3.55
CA LYS A 66 9.38 7.01 -2.87
C LYS A 66 9.67 5.71 -2.13
N PHE A 67 10.28 4.75 -2.82
CA PHE A 67 10.61 3.46 -2.22
C PHE A 67 11.43 3.65 -0.95
N GLU A 68 12.33 4.63 -0.97
CA GLU A 68 13.17 4.91 0.19
C GLU A 68 12.33 5.32 1.40
N ASP A 69 11.21 5.98 1.13
CA ASP A 69 10.32 6.42 2.19
C ASP A 69 9.41 5.28 2.66
N MET A 70 8.68 4.69 1.73
CA MET A 70 7.78 3.58 2.05
C MET A 70 8.53 2.47 2.78
N ALA A 71 9.67 2.06 2.21
CA ALA A 71 10.47 1.00 2.81
C ALA A 71 10.80 1.32 4.27
N LYS A 72 11.31 2.52 4.52
CA LYS A 72 11.66 2.94 5.86
C LYS A 72 10.48 2.78 6.81
N ALA A 73 9.27 2.94 6.28
CA ALA A 73 8.05 2.80 7.08
C ALA A 73 7.97 1.42 7.71
N ASP A 74 8.47 0.40 7.01
CA ASP A 74 8.45 -0.97 7.50
C ASP A 74 9.09 -1.05 8.88
N LYS A 75 9.85 -0.02 9.24
CA LYS A 75 10.53 0.02 10.52
C LYS A 75 9.52 -0.08 11.66
N ALA A 76 8.27 0.28 11.38
CA ALA A 76 7.21 0.22 12.38
C ALA A 76 6.42 -1.08 12.28
N ARG A 77 5.91 -1.36 11.08
CA ARG A 77 5.13 -2.57 10.85
C ARG A 77 5.96 -3.82 11.15
N TYR A 78 7.27 -3.64 11.26
CA TYR A 78 8.18 -4.74 11.54
C TYR A 78 8.14 -5.12 13.01
N GLU A 79 8.15 -4.10 13.87
CA GLU A 79 8.12 -4.32 15.32
C GLU A 79 7.04 -5.34 15.69
N ARG A 80 5.97 -5.36 14.92
CA ARG A 80 4.87 -6.28 15.16
C ARG A 80 5.39 -7.67 15.52
N GLU A 81 6.37 -8.15 14.74
CA GLU A 81 6.95 -9.46 14.96
C GLU A 81 7.71 -9.50 16.29
N MET A 82 8.50 -8.46 16.55
CA MET A 82 9.27 -8.37 17.78
C MET A 82 8.40 -8.68 18.99
N LYS A 83 7.14 -8.25 18.94
CA LYS A 83 6.21 -8.48 20.03
C LYS A 83 6.43 -9.86 20.65
N THR A 84 6.40 -10.89 19.82
CA THR A 84 6.60 -12.25 20.29
C THR A 84 8.05 -12.49 20.71
N TYR A 85 8.97 -11.88 19.99
CA TYR A 85 10.40 -12.02 20.28
C TYR A 85 10.77 -11.21 21.51
N ILE A 86 11.76 -11.71 22.26
CA ILE A 86 12.21 -11.03 23.47
C ILE A 86 13.73 -10.96 23.52
N PRO A 87 14.29 -9.81 23.11
CA PRO A 87 15.74 -9.59 23.10
C PRO A 87 16.32 -9.49 24.50
N PRO A 88 17.66 -9.55 24.60
CA PRO A 88 18.37 -9.46 25.87
C PRO A 88 18.29 -8.07 26.49
N LYS A 89 19.05 -7.85 27.56
CA LYS A 89 19.08 -6.57 28.24
C LYS A 89 19.19 -5.42 27.23
N GLY A 90 18.06 -4.77 26.97
CA GLY A 90 18.05 -3.66 26.03
C GLY A 90 18.28 -2.32 26.71
N GLU A 91 18.89 -1.39 25.99
CA GLU A 91 19.17 -0.07 26.52
C GLU A 91 18.01 0.88 26.26
N THR A 92 16.99 0.80 27.11
CA THR A 92 15.82 1.65 26.98
C THR A 92 15.12 1.85 28.32
N LYS A 93 14.44 2.99 28.46
CA LYS A 93 13.72 3.29 29.70
C LYS A 93 12.31 3.80 29.40
N LYS A 94 11.67 3.19 28.41
CA LYS A 94 10.32 3.56 28.03
C LYS A 94 9.57 2.38 27.42
N LYS A 95 8.38 2.10 27.96
CA LYS A 95 7.56 0.99 27.47
C LYS A 95 6.09 1.37 27.47
N PHE A 96 5.47 1.30 26.30
CA PHE A 96 4.05 1.64 26.17
C PHE A 96 3.55 1.32 24.76
N LYS A 97 2.52 0.48 24.68
CA LYS A 97 1.94 0.10 23.41
C LYS A 97 0.46 -0.24 23.55
N ASP A 98 -0.31 0.02 22.51
CA ASP A 98 -1.75 -0.25 22.53
C ASP A 98 -2.13 -1.17 21.37
N PRO A 99 -1.65 -2.42 21.41
CA PRO A 99 -1.93 -3.42 20.38
C PRO A 99 -3.38 -3.88 20.40
N ASN A 100 -3.92 -4.10 21.59
CA ASN A 100 -5.30 -4.54 21.75
C ASN A 100 -6.26 -3.57 21.08
N ALA A 101 -5.94 -2.28 21.17
CA ALA A 101 -6.77 -1.24 20.56
C ALA A 101 -6.97 -1.48 19.07
N PRO A 102 -8.24 -1.52 18.64
CA PRO A 102 -8.58 -1.74 17.23
C PRO A 102 -8.21 -0.56 16.35
N LYS A 103 -7.57 -0.86 15.21
CA LYS A 103 -7.17 0.19 14.28
C LYS A 103 -8.37 0.79 13.57
N ARG A 104 -8.15 1.89 12.86
CA ARG A 104 -9.21 2.57 12.14
C ARG A 104 -9.03 2.42 10.63
N PRO A 105 -10.04 1.83 9.96
CA PRO A 105 -10.01 1.62 8.52
C PRO A 105 -10.12 2.92 7.73
N PRO A 106 -9.84 2.86 6.42
CA PRO A 106 -9.90 4.02 5.54
C PRO A 106 -11.33 4.49 5.31
N SER A 107 -11.48 5.53 4.50
CA SER A 107 -12.80 6.09 4.19
C SER A 107 -12.93 6.38 2.70
N ALA A 108 -14.16 6.36 2.21
CA ALA A 108 -14.43 6.63 0.80
C ALA A 108 -13.48 7.69 0.26
N PHE A 109 -13.26 8.75 1.04
CA PHE A 109 -12.38 9.83 0.63
C PHE A 109 -10.93 9.35 0.56
N PHE A 110 -10.49 8.66 1.59
CA PHE A 110 -9.13 8.13 1.65
C PHE A 110 -8.88 7.16 0.50
N LEU A 111 -9.83 6.28 0.25
CA LEU A 111 -9.72 5.29 -0.82
C LEU A 111 -9.63 5.98 -2.17
N PHE A 112 -10.56 6.89 -2.44
CA PHE A 112 -10.59 7.61 -3.70
C PHE A 112 -9.32 8.44 -3.89
N CYS A 113 -8.95 9.19 -2.85
CA CYS A 113 -7.77 10.02 -2.89
C CYS A 113 -6.50 9.17 -2.93
N SER A 114 -6.55 8.02 -2.27
CA SER A 114 -5.41 7.12 -2.23
C SER A 114 -5.24 6.38 -3.56
N GLU A 115 -6.28 6.42 -4.38
CA GLU A 115 -6.25 5.76 -5.68
C GLU A 115 -5.99 6.77 -6.80
N TYR A 116 -6.36 8.01 -6.56
CA TYR A 116 -6.16 9.07 -7.55
C TYR A 116 -4.83 9.77 -7.34
N ARG A 117 -4.17 9.48 -6.22
CA ARG A 117 -2.89 10.08 -5.90
C ARG A 117 -1.83 9.68 -6.94
N PRO A 118 -1.71 8.37 -7.19
CA PRO A 118 -0.75 7.83 -8.15
C PRO A 118 -1.12 8.17 -9.59
N LYS A 119 -2.31 8.73 -9.77
CA LYS A 119 -2.78 9.10 -11.10
C LYS A 119 -2.44 10.55 -11.41
N ILE A 120 -2.51 11.41 -10.40
CA ILE A 120 -2.20 12.83 -10.57
C ILE A 120 -0.73 13.11 -10.27
N LYS A 121 -0.22 12.46 -9.22
CA LYS A 121 1.18 12.65 -8.83
C LYS A 121 2.11 12.44 -10.01
N GLY A 122 1.72 11.54 -10.91
CA GLY A 122 2.53 11.27 -12.09
C GLY A 122 2.37 12.32 -13.17
N GLU A 123 1.14 12.80 -13.35
CA GLU A 123 0.85 13.81 -14.36
C GLU A 123 1.54 15.13 -14.02
N HIS A 124 1.39 15.56 -12.76
CA HIS A 124 1.99 16.81 -12.31
C HIS A 124 3.19 16.53 -11.39
N PRO A 125 4.38 16.43 -12.00
CA PRO A 125 5.62 16.16 -11.25
C PRO A 125 6.05 17.35 -10.38
N GLY A 126 5.49 18.52 -10.69
CA GLY A 126 5.82 19.71 -9.94
C GLY A 126 5.24 19.70 -8.54
N LEU A 127 3.96 19.36 -8.43
CA LEU A 127 3.29 19.31 -7.15
C LEU A 127 4.09 18.48 -6.14
N SER A 128 3.55 18.34 -4.93
CA SER A 128 4.23 17.57 -3.89
C SER A 128 3.20 17.01 -2.90
N ILE A 129 3.68 16.17 -1.99
CA ILE A 129 2.82 15.55 -0.99
C ILE A 129 1.95 16.60 -0.29
N GLY A 130 2.53 17.78 -0.07
CA GLY A 130 1.80 18.85 0.59
C GLY A 130 0.69 19.41 -0.27
N ASP A 131 1.02 19.76 -1.51
CA ASP A 131 0.04 20.31 -2.44
C ASP A 131 -0.94 19.23 -2.90
N VAL A 132 -0.40 18.20 -3.55
CA VAL A 132 -1.22 17.10 -4.04
C VAL A 132 -2.40 16.83 -3.11
N ALA A 133 -2.11 16.70 -1.82
CA ALA A 133 -3.14 16.45 -0.83
C ALA A 133 -4.30 17.44 -0.96
N LYS A 134 -3.95 18.72 -1.06
CA LYS A 134 -4.95 19.77 -1.19
C LYS A 134 -5.79 19.57 -2.47
N LYS A 135 -5.15 19.03 -3.49
CA LYS A 135 -5.84 18.78 -4.76
C LYS A 135 -6.85 17.67 -4.62
N LEU A 136 -6.64 16.79 -3.66
CA LEU A 136 -7.55 15.67 -3.42
C LEU A 136 -8.77 16.12 -2.63
N GLY A 137 -8.64 17.24 -1.93
CA GLY A 137 -9.74 17.77 -1.15
C GLY A 137 -10.94 18.12 -2.01
N GLU A 138 -10.76 19.08 -2.92
CA GLU A 138 -11.84 19.51 -3.80
C GLU A 138 -12.23 18.39 -4.77
N MET A 139 -11.25 17.61 -5.19
CA MET A 139 -11.49 16.50 -6.10
C MET A 139 -12.56 15.56 -5.55
N TRP A 140 -12.40 15.17 -4.30
CA TRP A 140 -13.35 14.26 -3.65
C TRP A 140 -14.71 14.94 -3.48
N ASN A 141 -14.69 16.25 -3.26
CA ASN A 141 -15.92 17.01 -3.08
C ASN A 141 -16.63 17.23 -4.42
N ASN A 142 -15.84 17.26 -5.49
CA ASN A 142 -16.38 17.46 -6.83
C ASN A 142 -16.82 16.14 -7.44
N THR A 143 -16.07 15.08 -7.17
CA THR A 143 -16.37 13.76 -7.70
C THR A 143 -17.87 13.51 -7.71
N ALA A 144 -18.32 12.70 -8.67
CA ALA A 144 -19.74 12.38 -8.80
C ALA A 144 -20.16 11.35 -7.75
N ALA A 145 -21.30 11.61 -7.11
CA ALA A 145 -21.81 10.70 -6.09
C ALA A 145 -21.73 9.25 -6.55
N ASP A 146 -21.98 9.03 -7.83
CA ASP A 146 -21.93 7.68 -8.40
C ASP A 146 -20.54 7.08 -8.26
N ASP A 147 -19.52 7.91 -8.41
CA ASP A 147 -18.14 7.46 -8.29
C ASP A 147 -17.81 7.11 -6.84
N LYS A 148 -18.64 7.55 -5.92
CA LYS A 148 -18.44 7.28 -4.50
C LYS A 148 -19.21 6.05 -4.07
N GLN A 149 -20.25 5.70 -4.82
CA GLN A 149 -21.07 4.53 -4.51
C GLN A 149 -20.21 3.42 -3.89
N PRO A 150 -19.19 2.98 -4.63
CA PRO A 150 -18.29 1.91 -4.18
C PRO A 150 -17.38 2.37 -3.04
N TYR A 151 -16.82 3.57 -3.18
CA TYR A 151 -15.93 4.11 -2.16
C TYR A 151 -16.62 4.16 -0.80
N GLU A 152 -17.96 4.17 -0.82
CA GLU A 152 -18.74 4.21 0.41
C GLU A 152 -19.13 2.80 0.85
N LYS A 153 -19.83 2.09 -0.02
CA LYS A 153 -20.27 0.74 0.27
C LYS A 153 -19.11 -0.10 0.82
N LYS A 154 -17.95 0.03 0.19
CA LYS A 154 -16.76 -0.72 0.61
C LYS A 154 -16.30 -0.26 2.00
N ALA A 155 -15.83 0.99 2.07
CA ALA A 155 -15.37 1.54 3.34
C ALA A 155 -16.27 1.11 4.49
N ALA A 156 -17.57 1.19 4.28
CA ALA A 156 -18.54 0.82 5.30
C ALA A 156 -18.20 -0.54 5.90
N LYS A 157 -18.17 -1.57 5.06
CA LYS A 157 -17.86 -2.93 5.50
C LYS A 157 -16.72 -2.92 6.50
N LEU A 158 -15.60 -2.30 6.12
CA LEU A 158 -14.43 -2.22 6.98
C LEU A 158 -14.74 -1.43 8.25
N LYS A 159 -15.53 -0.37 8.11
CA LYS A 159 -15.91 0.46 9.24
C LYS A 159 -16.66 -0.36 10.28
N GLU A 160 -17.57 -1.22 9.81
CA GLU A 160 -18.35 -2.05 10.70
C GLU A 160 -17.46 -2.87 11.63
N LYS A 161 -16.48 -3.54 11.03
CA LYS A 161 -15.55 -4.36 11.80
C LYS A 161 -14.90 -3.56 12.92
N TYR A 162 -14.57 -2.31 12.62
CA TYR A 162 -13.94 -1.42 13.59
C TYR A 162 -14.87 -1.17 14.77
N GLU A 163 -16.04 -0.60 14.48
CA GLU A 163 -17.02 -0.30 15.51
C GLU A 163 -17.37 -1.54 16.32
N LYS A 164 -17.32 -2.69 15.66
CA LYS A 164 -17.64 -3.96 16.31
C LYS A 164 -16.54 -4.35 17.31
N ASP A 165 -15.29 -4.31 16.85
CA ASP A 165 -14.15 -4.65 17.71
C ASP A 165 -14.03 -3.65 18.86
N ILE A 166 -14.10 -2.37 18.53
CA ILE A 166 -13.99 -1.32 19.54
C ILE A 166 -15.16 -1.38 20.52
N ALA A 167 -16.33 -1.75 20.02
CA ALA A 167 -17.52 -1.85 20.85
C ALA A 167 -17.23 -2.60 22.14
N ALA A 168 -16.33 -3.59 22.06
CA ALA A 168 -15.96 -4.38 23.23
C ALA A 168 -14.81 -3.73 23.98
N TYR A 169 -14.09 -2.85 23.31
CA TYR A 169 -12.95 -2.16 23.92
C TYR A 169 -13.42 -1.00 24.78
N ARG A 170 -14.29 -0.17 24.21
CA ARG A 170 -14.82 0.99 24.93
C ARG A 170 -16.16 0.66 25.59
N ALA A 171 -16.85 -0.35 25.05
CA ALA A 171 -18.13 -0.76 25.58
C ALA A 171 -18.14 -2.24 25.93
N LYS A 172 -17.39 -2.60 26.96
CA LYS A 172 -17.31 -4.00 27.40
C LYS A 172 -18.64 -4.71 27.19
N GLY A 173 -19.74 -4.00 27.43
CA GLY A 173 -21.06 -4.58 27.25
C GLY A 173 -21.84 -4.62 28.55
N GLY A 1 21.36 3.78 15.52
CA GLY A 1 21.42 2.45 14.95
C GLY A 1 22.09 1.46 15.88
N SER A 2 22.01 0.17 15.53
CA SER A 2 22.61 -0.87 16.34
C SER A 2 23.38 -1.87 15.47
N SER A 3 24.11 -1.35 14.49
CA SER A 3 24.89 -2.18 13.59
C SER A 3 26.20 -1.50 13.21
N GLY A 4 27.12 -2.28 12.66
CA GLY A 4 28.40 -1.74 12.25
C GLY A 4 28.64 -1.86 10.77
N SER A 5 28.60 -3.09 10.25
CA SER A 5 28.81 -3.33 8.83
C SER A 5 27.51 -3.73 8.14
N SER A 6 27.31 -3.24 6.93
CA SER A 6 26.10 -3.55 6.16
C SER A 6 25.65 -4.98 6.43
N GLY A 7 26.53 -5.93 6.11
CA GLY A 7 26.20 -7.34 6.31
C GLY A 7 27.35 -8.25 5.96
N MET A 8 28.19 -8.56 6.95
CA MET A 8 29.33 -9.43 6.74
C MET A 8 28.88 -10.83 6.30
N GLY A 9 27.72 -11.25 6.79
CA GLY A 9 27.19 -12.55 6.44
C GLY A 9 27.09 -13.47 7.64
N LYS A 10 27.14 -12.90 8.83
CA LYS A 10 27.05 -13.68 10.06
C LYS A 10 26.14 -12.98 11.07
N GLY A 11 25.66 -13.76 12.05
CA GLY A 11 24.79 -13.20 13.07
C GLY A 11 23.69 -14.16 13.47
N ASP A 12 23.13 -13.95 14.66
CA ASP A 12 22.06 -14.81 15.16
C ASP A 12 20.71 -14.40 14.58
N PRO A 13 19.82 -15.38 14.42
CA PRO A 13 18.47 -15.15 13.88
C PRO A 13 17.58 -14.35 14.83
N LYS A 14 18.07 -14.15 16.05
CA LYS A 14 17.33 -13.39 17.05
C LYS A 14 16.88 -12.05 16.50
N LYS A 15 17.85 -11.20 16.19
CA LYS A 15 17.56 -9.87 15.65
C LYS A 15 16.70 -9.97 14.40
N PRO A 16 15.48 -9.43 14.47
CA PRO A 16 14.53 -9.44 13.36
C PRO A 16 14.96 -8.52 12.21
N ARG A 17 14.83 -9.01 10.99
CA ARG A 17 15.21 -8.24 9.81
C ARG A 17 14.01 -8.00 8.90
N GLY A 18 12.86 -7.70 9.51
CA GLY A 18 11.65 -7.46 8.75
C GLY A 18 11.84 -6.37 7.71
N LYS A 19 12.21 -5.18 8.16
CA LYS A 19 12.42 -4.04 7.27
C LYS A 19 13.03 -4.50 5.95
N MET A 20 12.38 -4.12 4.85
CA MET A 20 12.86 -4.49 3.51
C MET A 20 13.46 -3.29 2.80
N SER A 21 14.11 -3.54 1.67
CA SER A 21 14.74 -2.48 0.89
C SER A 21 13.92 -2.18 -0.36
N SER A 22 14.17 -1.01 -0.94
CA SER A 22 13.46 -0.60 -2.15
C SER A 22 13.29 -1.76 -3.11
N TYR A 23 14.41 -2.38 -3.48
CA TYR A 23 14.39 -3.52 -4.40
C TYR A 23 13.49 -4.63 -3.87
N ALA A 24 13.82 -5.15 -2.70
CA ALA A 24 13.04 -6.22 -2.09
C ALA A 24 11.56 -6.04 -2.37
N PHE A 25 11.09 -4.80 -2.32
CA PHE A 25 9.68 -4.51 -2.57
C PHE A 25 9.41 -4.41 -4.07
N PHE A 26 10.12 -3.50 -4.73
CA PHE A 26 9.96 -3.30 -6.16
C PHE A 26 9.85 -4.63 -6.89
N VAL A 27 10.51 -5.65 -6.35
CA VAL A 27 10.49 -6.98 -6.95
C VAL A 27 9.24 -7.74 -6.55
N GLN A 28 8.75 -7.46 -5.35
CA GLN A 28 7.55 -8.13 -4.84
C GLN A 28 6.29 -7.50 -5.43
N THR A 29 6.38 -6.22 -5.76
CA THR A 29 5.25 -5.50 -6.34
C THR A 29 5.05 -5.87 -7.80
N CYS A 30 6.07 -5.66 -8.61
CA CYS A 30 6.00 -5.97 -10.03
C CYS A 30 5.61 -7.43 -10.25
N ARG A 31 6.23 -8.32 -9.50
CA ARG A 31 5.95 -9.75 -9.61
C ARG A 31 4.47 -10.02 -9.38
N GLU A 32 3.90 -9.37 -8.36
CA GLU A 32 2.49 -9.55 -8.04
C GLU A 32 1.60 -9.03 -9.16
N GLU A 33 1.93 -7.85 -9.69
CA GLU A 33 1.16 -7.26 -10.77
C GLU A 33 1.08 -8.19 -11.96
N HIS A 34 2.17 -8.91 -12.22
CA HIS A 34 2.23 -9.85 -13.33
C HIS A 34 1.18 -10.95 -13.18
N LYS A 35 1.36 -11.80 -12.16
CA LYS A 35 0.43 -12.89 -11.91
C LYS A 35 -1.01 -12.44 -12.14
N LYS A 36 -1.26 -11.14 -11.99
CA LYS A 36 -2.59 -10.58 -12.18
C LYS A 36 -2.88 -10.35 -13.66
N LYS A 37 -1.88 -9.83 -14.38
CA LYS A 37 -2.02 -9.56 -15.80
C LYS A 37 -2.13 -10.86 -16.59
N HIS A 38 -1.30 -11.83 -16.24
CA HIS A 38 -1.31 -13.13 -16.93
C HIS A 38 -1.37 -14.27 -15.92
N PRO A 39 -2.58 -14.76 -15.65
CA PRO A 39 -2.80 -15.85 -14.70
C PRO A 39 -2.28 -17.19 -15.23
N ASP A 40 -2.54 -17.45 -16.51
CA ASP A 40 -2.10 -18.69 -17.14
C ASP A 40 -0.58 -18.80 -17.12
N ALA A 41 0.09 -17.67 -17.37
CA ALA A 41 1.55 -17.63 -17.38
C ALA A 41 2.13 -18.16 -16.07
N SER A 42 2.84 -19.28 -16.14
CA SER A 42 3.44 -19.88 -14.95
C SER A 42 4.84 -19.33 -14.72
N VAL A 43 5.00 -18.03 -14.88
CA VAL A 43 6.30 -17.38 -14.69
C VAL A 43 6.91 -17.76 -13.35
N ASN A 44 8.20 -18.06 -13.35
CA ASN A 44 8.91 -18.44 -12.13
C ASN A 44 9.29 -17.20 -11.32
N PHE A 45 9.43 -17.39 -10.02
CA PHE A 45 9.80 -16.29 -9.12
C PHE A 45 11.30 -16.01 -9.18
N SER A 46 12.09 -17.07 -8.97
CA SER A 46 13.54 -16.94 -8.99
C SER A 46 14.01 -16.26 -10.27
N GLU A 47 13.58 -16.81 -11.41
CA GLU A 47 13.95 -16.25 -12.72
C GLU A 47 13.45 -14.82 -12.86
N PHE A 48 12.17 -14.62 -12.53
CA PHE A 48 11.57 -13.29 -12.64
C PHE A 48 12.54 -12.20 -12.18
N SER A 49 13.40 -12.55 -11.22
CA SER A 49 14.38 -11.61 -10.70
C SER A 49 15.33 -11.15 -11.80
N LYS A 50 15.81 -12.09 -12.60
CA LYS A 50 16.73 -11.78 -13.68
C LYS A 50 16.33 -10.48 -14.37
N LYS A 51 15.04 -10.19 -14.37
CA LYS A 51 14.53 -8.96 -14.99
C LYS A 51 14.57 -7.79 -14.01
N CYS A 52 13.95 -7.98 -12.85
CA CYS A 52 13.91 -6.94 -11.83
C CYS A 52 15.31 -6.34 -11.61
N SER A 53 16.33 -7.17 -11.77
CA SER A 53 17.71 -6.74 -11.59
C SER A 53 18.06 -5.63 -12.58
N GLU A 54 18.17 -5.98 -13.85
CA GLU A 54 18.49 -5.03 -14.89
C GLU A 54 17.37 -4.02 -15.09
N ARG A 55 16.18 -4.36 -14.58
CA ARG A 55 15.02 -3.49 -14.70
C ARG A 55 15.01 -2.46 -13.57
N TRP A 56 15.62 -2.80 -12.45
CA TRP A 56 15.68 -1.90 -11.31
C TRP A 56 16.74 -0.83 -11.51
N LYS A 57 17.86 -1.21 -12.10
CA LYS A 57 18.96 -0.28 -12.36
C LYS A 57 18.57 0.74 -13.43
N THR A 58 17.86 0.26 -14.46
CA THR A 58 17.43 1.13 -15.54
C THR A 58 16.42 2.17 -15.05
N MET A 59 15.51 1.74 -14.18
CA MET A 59 14.50 2.62 -13.64
C MET A 59 15.13 3.91 -13.12
N SER A 60 14.64 5.05 -13.62
CA SER A 60 15.15 6.35 -13.20
C SER A 60 14.91 6.58 -11.71
N ALA A 61 15.61 7.57 -11.15
CA ALA A 61 15.46 7.90 -9.75
C ALA A 61 14.00 8.00 -9.35
N LYS A 62 13.21 8.70 -10.18
CA LYS A 62 11.79 8.88 -9.92
C LYS A 62 11.10 7.54 -9.71
N GLU A 63 11.14 6.69 -10.73
CA GLU A 63 10.51 5.38 -10.66
C GLU A 63 10.90 4.67 -9.36
N LYS A 64 12.15 4.84 -8.94
CA LYS A 64 12.64 4.22 -7.72
C LYS A 64 12.05 4.91 -6.48
N GLY A 65 11.88 6.22 -6.57
CA GLY A 65 11.33 6.97 -5.46
C GLY A 65 10.14 6.27 -4.82
N LYS A 66 9.12 5.99 -5.63
CA LYS A 66 7.92 5.32 -5.14
C LYS A 66 8.27 4.01 -4.45
N PHE A 67 9.28 3.32 -4.98
CA PHE A 67 9.70 2.05 -4.42
C PHE A 67 10.60 2.27 -3.20
N GLU A 68 11.19 3.46 -3.11
CA GLU A 68 12.06 3.80 -1.99
C GLU A 68 11.26 4.32 -0.81
N ASP A 69 10.16 5.00 -1.10
CA ASP A 69 9.30 5.56 -0.06
C ASP A 69 8.39 4.48 0.51
N MET A 70 7.97 3.55 -0.33
CA MET A 70 7.09 2.47 0.09
C MET A 70 7.86 1.41 0.87
N ALA A 71 9.12 1.23 0.51
CA ALA A 71 9.97 0.24 1.19
C ALA A 71 10.32 0.70 2.60
N LYS A 72 10.62 1.98 2.75
CA LYS A 72 10.98 2.54 4.04
C LYS A 72 9.81 2.44 5.02
N ALA A 73 8.59 2.55 4.49
CA ALA A 73 7.40 2.47 5.31
C ALA A 73 7.40 1.19 6.16
N ASP A 74 8.18 0.22 5.75
CA ASP A 74 8.28 -1.05 6.46
C ASP A 74 8.90 -0.84 7.84
N LYS A 75 9.42 0.36 8.07
CA LYS A 75 10.04 0.68 9.35
C LYS A 75 9.03 0.62 10.49
N ALA A 76 7.77 0.92 10.17
CA ALA A 76 6.70 0.88 11.16
C ALA A 76 6.19 -0.53 11.38
N ARG A 77 5.79 -1.17 10.28
CA ARG A 77 5.27 -2.54 10.34
C ARG A 77 6.33 -3.49 10.91
N TYR A 78 7.59 -3.17 10.69
CA TYR A 78 8.69 -4.00 11.17
C TYR A 78 8.64 -4.14 12.69
N GLU A 79 8.37 -3.03 13.37
CA GLU A 79 8.29 -3.03 14.82
C GLU A 79 7.63 -4.31 15.34
N ARG A 80 6.63 -4.78 14.60
CA ARG A 80 5.91 -6.00 14.98
C ARG A 80 6.86 -7.01 15.63
N GLU A 81 7.85 -7.46 14.85
CA GLU A 81 8.82 -8.43 15.34
C GLU A 81 9.75 -7.79 16.37
N MET A 82 10.37 -6.68 15.99
CA MET A 82 11.28 -5.97 16.89
C MET A 82 10.77 -5.99 18.32
N LYS A 83 9.46 -6.10 18.47
CA LYS A 83 8.84 -6.14 19.79
C LYS A 83 9.16 -7.44 20.51
N THR A 84 8.96 -8.56 19.81
CA THR A 84 9.23 -9.87 20.38
C THR A 84 10.71 -10.05 20.68
N TYR A 85 11.56 -9.34 19.94
CA TYR A 85 13.00 -9.42 20.14
C TYR A 85 13.43 -8.55 21.31
N ILE A 86 14.33 -9.09 22.14
CA ILE A 86 14.82 -8.36 23.30
C ILE A 86 16.35 -8.33 23.32
N PRO A 87 16.92 -7.18 22.89
CA PRO A 87 18.37 -6.99 22.85
C PRO A 87 18.99 -6.89 24.24
N PRO A 88 20.32 -6.95 24.30
CA PRO A 88 21.06 -6.86 25.56
C PRO A 88 20.99 -5.48 26.18
N LYS A 89 21.63 -5.31 27.34
CA LYS A 89 21.64 -4.03 28.03
C LYS A 89 21.70 -2.87 27.05
N GLY A 90 20.55 -2.27 26.78
CA GLY A 90 20.48 -1.16 25.85
C GLY A 90 19.48 -0.11 26.27
N GLU A 91 18.95 0.63 25.29
CA GLU A 91 17.96 1.67 25.58
C GLU A 91 16.65 1.40 24.86
N THR A 92 15.62 2.17 25.19
CA THR A 92 14.32 2.02 24.57
C THR A 92 13.44 3.25 24.80
N LYS A 93 13.11 3.94 23.72
CA LYS A 93 12.28 5.14 23.80
C LYS A 93 10.86 4.79 24.21
N LYS A 94 10.00 5.81 24.27
CA LYS A 94 8.61 5.60 24.66
C LYS A 94 7.83 4.94 23.53
N LYS A 95 6.84 4.13 23.89
CA LYS A 95 6.01 3.44 22.92
C LYS A 95 4.55 3.45 23.33
N PHE A 96 3.66 3.54 22.36
CA PHE A 96 2.22 3.55 22.62
C PHE A 96 1.44 2.91 21.48
N LYS A 97 0.68 1.87 21.80
CA LYS A 97 -0.11 1.16 20.80
C LYS A 97 -0.99 0.11 21.47
N ASP A 98 -2.04 -0.31 20.75
CA ASP A 98 -2.97 -1.31 21.27
C ASP A 98 -2.81 -2.63 20.53
N PRO A 99 -1.88 -3.48 21.00
CA PRO A 99 -1.61 -4.78 20.39
C PRO A 99 -2.77 -5.77 20.59
N ASN A 100 -3.73 -5.38 21.42
CA ASN A 100 -4.88 -6.22 21.70
C ASN A 100 -6.17 -5.57 21.22
N ALA A 101 -6.16 -5.09 19.98
CA ALA A 101 -7.33 -4.44 19.40
C ALA A 101 -7.20 -4.35 17.88
N PRO A 102 -8.36 -4.35 17.19
CA PRO A 102 -8.40 -4.26 15.73
C PRO A 102 -7.99 -2.89 15.22
N LYS A 103 -7.73 -2.80 13.92
CA LYS A 103 -7.32 -1.54 13.30
C LYS A 103 -8.52 -0.59 13.16
N ARG A 104 -8.24 0.70 13.24
CA ARG A 104 -9.29 1.71 13.11
C ARG A 104 -9.63 1.97 11.65
N PRO A 105 -10.87 2.42 11.40
CA PRO A 105 -11.35 2.70 10.05
C PRO A 105 -10.68 3.94 9.46
N PRO A 106 -10.82 4.11 8.13
CA PRO A 106 -10.24 5.25 7.41
C PRO A 106 -10.94 6.57 7.75
N SER A 107 -10.45 7.65 7.16
CA SER A 107 -11.03 8.97 7.40
C SER A 107 -11.53 9.60 6.10
N ALA A 108 -12.29 10.68 6.23
CA ALA A 108 -12.83 11.36 5.06
C ALA A 108 -11.74 11.65 4.03
N PHE A 109 -10.52 11.84 4.51
CA PHE A 109 -9.39 12.13 3.63
C PHE A 109 -9.11 10.94 2.72
N PHE A 110 -8.93 9.76 3.32
CA PHE A 110 -8.65 8.55 2.55
C PHE A 110 -9.72 8.32 1.48
N LEU A 111 -10.99 8.42 1.88
CA LEU A 111 -12.10 8.22 0.96
C LEU A 111 -11.97 9.16 -0.24
N PHE A 112 -12.08 10.46 0.00
CA PHE A 112 -11.98 11.45 -1.06
C PHE A 112 -10.81 11.14 -1.98
N CYS A 113 -9.61 11.02 -1.39
CA CYS A 113 -8.41 10.72 -2.17
C CYS A 113 -8.54 9.38 -2.88
N SER A 114 -9.31 8.47 -2.30
CA SER A 114 -9.51 7.15 -2.88
C SER A 114 -10.59 7.20 -3.97
N GLU A 115 -11.33 8.30 -4.01
CA GLU A 115 -12.38 8.47 -5.01
C GLU A 115 -11.93 9.36 -6.15
N TYR A 116 -10.92 10.18 -5.88
CA TYR A 116 -10.38 11.09 -6.89
C TYR A 116 -9.17 10.48 -7.59
N ARG A 117 -8.56 9.49 -6.94
CA ARG A 117 -7.39 8.83 -7.50
C ARG A 117 -7.66 8.34 -8.92
N PRO A 118 -8.77 7.60 -9.10
CA PRO A 118 -9.16 7.07 -10.40
C PRO A 118 -9.63 8.16 -11.36
N LYS A 119 -9.67 9.39 -10.87
CA LYS A 119 -10.10 10.53 -11.68
C LYS A 119 -8.90 11.35 -12.14
N ILE A 120 -7.89 11.43 -11.29
CA ILE A 120 -6.68 12.19 -11.60
C ILE A 120 -5.62 11.28 -12.23
N LYS A 121 -5.57 10.03 -11.77
CA LYS A 121 -4.60 9.07 -12.28
C LYS A 121 -4.83 8.80 -13.76
N GLY A 122 -6.08 8.51 -14.11
CA GLY A 122 -6.42 8.24 -15.51
C GLY A 122 -6.22 9.45 -16.39
N GLU A 123 -6.55 10.63 -15.87
CA GLU A 123 -6.41 11.87 -16.63
C GLU A 123 -4.94 12.23 -16.80
N HIS A 124 -4.18 12.14 -15.71
CA HIS A 124 -2.76 12.46 -15.74
C HIS A 124 -1.92 11.20 -15.71
N PRO A 125 -1.50 10.73 -16.89
CA PRO A 125 -0.68 9.52 -17.02
C PRO A 125 0.74 9.72 -16.49
N GLY A 126 1.23 10.96 -16.57
CA GLY A 126 2.56 11.26 -16.09
C GLY A 126 2.70 11.08 -14.58
N LEU A 127 1.63 11.39 -13.86
CA LEU A 127 1.64 11.26 -12.40
C LEU A 127 1.45 9.80 -11.98
N SER A 128 1.86 9.49 -10.76
CA SER A 128 1.74 8.13 -10.24
C SER A 128 1.54 8.14 -8.73
N ILE A 129 1.25 6.97 -8.17
CA ILE A 129 1.04 6.85 -6.73
C ILE A 129 1.96 7.78 -5.96
N GLY A 130 3.20 7.92 -6.45
CA GLY A 130 4.16 8.80 -5.79
C GLY A 130 3.76 10.25 -5.84
N ASP A 131 3.56 10.78 -7.04
CA ASP A 131 3.17 12.17 -7.23
C ASP A 131 1.72 12.38 -6.78
N VAL A 132 0.80 11.67 -7.43
CA VAL A 132 -0.61 11.79 -7.11
C VAL A 132 -0.82 12.06 -5.62
N ALA A 133 -0.18 11.24 -4.78
CA ALA A 133 -0.29 11.40 -3.34
C ALA A 133 -0.22 12.87 -2.94
N LYS A 134 0.94 13.49 -3.20
CA LYS A 134 1.13 14.89 -2.86
C LYS A 134 0.01 15.75 -3.42
N LYS A 135 -0.55 15.32 -4.55
CA LYS A 135 -1.63 16.05 -5.19
C LYS A 135 -2.90 16.01 -4.34
N LEU A 136 -3.12 14.88 -3.67
CA LEU A 136 -4.29 14.71 -2.83
C LEU A 136 -4.08 15.36 -1.46
N GLY A 137 -2.82 15.52 -1.08
CA GLY A 137 -2.50 16.13 0.20
C GLY A 137 -2.93 17.58 0.27
N GLU A 138 -2.68 18.33 -0.79
CA GLU A 138 -3.05 19.74 -0.84
C GLU A 138 -4.56 19.90 -1.04
N MET A 139 -5.11 19.07 -1.93
CA MET A 139 -6.54 19.12 -2.22
C MET A 139 -7.36 19.08 -0.94
N TRP A 140 -7.21 18.00 -0.18
CA TRP A 140 -7.95 17.83 1.06
C TRP A 140 -7.80 19.07 1.95
N ASN A 141 -6.63 19.70 1.89
CA ASN A 141 -6.36 20.89 2.68
C ASN A 141 -7.02 22.12 2.06
N ASN A 142 -7.28 22.05 0.76
CA ASN A 142 -7.92 23.15 0.05
C ASN A 142 -9.33 22.78 -0.39
N THR A 143 -9.95 21.86 0.35
CA THR A 143 -11.29 21.42 0.05
C THR A 143 -12.31 21.98 1.04
N ALA A 144 -13.43 22.46 0.53
CA ALA A 144 -14.47 23.03 1.38
C ALA A 144 -15.14 21.95 2.22
N ALA A 145 -15.35 22.25 3.49
CA ALA A 145 -15.98 21.30 4.41
C ALA A 145 -17.22 20.68 3.78
N ASP A 146 -18.00 21.50 3.09
CA ASP A 146 -19.23 21.03 2.44
C ASP A 146 -18.93 19.87 1.51
N ASP A 147 -17.78 19.91 0.85
CA ASP A 147 -17.38 18.86 -0.06
C ASP A 147 -17.00 17.59 0.69
N LYS A 148 -16.84 17.71 2.00
CA LYS A 148 -16.48 16.57 2.85
C LYS A 148 -17.71 16.01 3.54
N GLN A 149 -18.87 16.60 3.26
CA GLN A 149 -20.12 16.15 3.86
C GLN A 149 -20.30 14.64 3.69
N PRO A 150 -20.30 14.18 2.43
CA PRO A 150 -20.45 12.76 2.11
C PRO A 150 -19.24 11.94 2.51
N TYR A 151 -18.12 12.62 2.72
CA TYR A 151 -16.89 11.94 3.11
C TYR A 151 -16.78 11.82 4.63
N GLU A 152 -17.51 12.68 5.34
CA GLU A 152 -17.50 12.68 6.79
C GLU A 152 -18.63 11.82 7.34
N LYS A 153 -19.85 12.10 6.88
CA LYS A 153 -21.02 11.35 7.32
C LYS A 153 -20.83 9.86 7.10
N LYS A 154 -20.37 9.49 5.91
CA LYS A 154 -20.15 8.10 5.56
C LYS A 154 -19.22 7.43 6.59
N ALA A 155 -18.03 7.99 6.76
CA ALA A 155 -17.06 7.46 7.69
C ALA A 155 -17.73 7.04 9.00
N ALA A 156 -18.56 7.92 9.54
CA ALA A 156 -19.27 7.64 10.78
C ALA A 156 -19.85 6.24 10.78
N LYS A 157 -20.39 5.82 9.64
CA LYS A 157 -20.98 4.49 9.50
C LYS A 157 -19.92 3.41 9.65
N LEU A 158 -18.82 3.56 8.90
CA LEU A 158 -17.73 2.59 8.95
C LEU A 158 -17.35 2.27 10.39
N LYS A 159 -17.25 3.30 11.22
CA LYS A 159 -16.90 3.13 12.62
C LYS A 159 -17.64 1.94 13.22
N GLU A 160 -18.90 1.78 12.85
CA GLU A 160 -19.72 0.68 13.35
C GLU A 160 -19.00 -0.65 13.18
N LYS A 161 -18.35 -0.82 12.03
CA LYS A 161 -17.62 -2.06 11.74
C LYS A 161 -16.50 -2.28 12.76
N TYR A 162 -15.75 -1.22 13.05
CA TYR A 162 -14.65 -1.31 14.00
C TYR A 162 -15.17 -1.56 15.41
N GLU A 163 -16.10 -0.74 15.85
CA GLU A 163 -16.69 -0.87 17.18
C GLU A 163 -17.39 -2.22 17.34
N LYS A 164 -17.92 -2.73 16.23
CA LYS A 164 -18.61 -4.01 16.23
C LYS A 164 -17.63 -5.16 16.05
N ASP A 165 -16.54 -4.89 15.36
CA ASP A 165 -15.51 -5.90 15.11
C ASP A 165 -14.65 -6.13 16.36
N ILE A 166 -14.33 -5.03 17.04
CA ILE A 166 -13.52 -5.11 18.25
C ILE A 166 -14.27 -5.80 19.38
N ALA A 167 -15.57 -5.55 19.46
CA ALA A 167 -16.40 -6.16 20.49
C ALA A 167 -16.19 -7.67 20.56
N ALA A 168 -16.19 -8.31 19.39
CA ALA A 168 -15.99 -9.76 19.33
C ALA A 168 -14.52 -10.10 19.19
N TYR A 169 -13.72 -9.11 18.81
CA TYR A 169 -12.28 -9.30 18.65
C TYR A 169 -11.64 -9.81 19.94
N ARG A 170 -11.71 -8.99 20.98
CA ARG A 170 -11.13 -9.36 22.28
C ARG A 170 -11.98 -10.43 22.96
N ALA A 171 -13.30 -10.27 22.89
CA ALA A 171 -14.22 -11.22 23.49
C ALA A 171 -15.08 -11.91 22.44
N LYS A 172 -14.51 -12.93 21.80
CA LYS A 172 -15.21 -13.68 20.77
C LYS A 172 -16.01 -14.83 21.38
N GLY A 173 -15.37 -15.57 22.27
CA GLY A 173 -16.04 -16.70 22.91
C GLY A 173 -16.36 -16.42 24.36
N GLY A 1 6.33 -14.39 -14.04
CA GLY A 1 6.60 -13.94 -15.39
C GLY A 1 7.37 -12.63 -15.43
N SER A 2 6.79 -11.62 -16.06
CA SER A 2 7.43 -10.31 -16.16
C SER A 2 6.73 -9.29 -15.27
N SER A 3 7.52 -8.46 -14.61
CA SER A 3 6.99 -7.44 -13.71
C SER A 3 7.67 -6.09 -13.95
N GLY A 4 6.88 -5.09 -14.33
CA GLY A 4 7.43 -3.77 -14.59
C GLY A 4 6.77 -2.70 -13.74
N SER A 5 7.57 -1.78 -13.22
CA SER A 5 7.06 -0.70 -12.39
C SER A 5 6.82 0.56 -13.22
N SER A 6 7.85 1.00 -13.93
CA SER A 6 7.77 2.19 -14.76
C SER A 6 6.46 2.19 -15.57
N GLY A 7 5.58 3.15 -15.26
CA GLY A 7 4.32 3.24 -15.96
C GLY A 7 4.01 4.66 -16.40
N MET A 8 3.43 4.79 -17.59
CA MET A 8 3.08 6.10 -18.13
C MET A 8 1.57 6.23 -18.30
N GLY A 9 0.82 5.75 -17.30
CA GLY A 9 -0.63 5.81 -17.37
C GLY A 9 -1.19 5.14 -18.60
N LYS A 10 -1.15 3.81 -18.61
CA LYS A 10 -1.66 3.03 -19.73
C LYS A 10 -3.18 2.94 -19.68
N GLY A 11 -3.80 2.72 -20.85
CA GLY A 11 -5.24 2.63 -20.91
C GLY A 11 -5.94 3.63 -20.02
N ASP A 12 -7.07 3.23 -19.46
CA ASP A 12 -7.84 4.11 -18.58
C ASP A 12 -7.45 3.89 -17.12
N PRO A 13 -7.42 4.98 -16.35
CA PRO A 13 -7.06 4.94 -14.92
C PRO A 13 -8.13 4.25 -14.08
N LYS A 14 -9.27 3.96 -14.70
CA LYS A 14 -10.37 3.31 -14.01
C LYS A 14 -9.86 2.17 -13.13
N LYS A 15 -9.03 1.31 -13.70
CA LYS A 15 -8.47 0.18 -12.96
C LYS A 15 -7.76 0.66 -11.71
N PRO A 16 -8.27 0.23 -10.53
CA PRO A 16 -7.70 0.60 -9.23
C PRO A 16 -6.34 -0.05 -8.99
N ARG A 17 -5.80 -0.69 -10.02
CA ARG A 17 -4.51 -1.36 -9.92
C ARG A 17 -3.59 -0.62 -8.95
N GLY A 18 -2.95 -1.38 -8.07
CA GLY A 18 -2.06 -0.79 -7.09
C GLY A 18 -1.32 -1.83 -6.27
N LYS A 19 -2.02 -2.91 -5.93
CA LYS A 19 -1.43 -3.98 -5.13
C LYS A 19 -0.09 -4.42 -5.72
N MET A 20 0.77 -4.97 -4.86
CA MET A 20 2.08 -5.43 -5.30
C MET A 20 2.24 -6.93 -5.05
N SER A 21 3.25 -7.53 -5.70
CA SER A 21 3.50 -8.96 -5.54
C SER A 21 4.67 -9.20 -4.59
N SER A 22 4.98 -10.47 -4.36
CA SER A 22 6.07 -10.83 -3.46
C SER A 22 7.34 -10.05 -3.80
N TYR A 23 7.76 -10.11 -5.06
CA TYR A 23 8.95 -9.41 -5.51
C TYR A 23 8.78 -7.90 -5.35
N ALA A 24 7.81 -7.35 -6.06
CA ALA A 24 7.54 -5.91 -6.00
C ALA A 24 7.69 -5.38 -4.58
N PHE A 25 7.25 -6.17 -3.61
CA PHE A 25 7.33 -5.78 -2.20
C PHE A 25 8.73 -6.01 -1.66
N PHE A 26 9.21 -7.24 -1.77
CA PHE A 26 10.54 -7.60 -1.29
C PHE A 26 11.57 -6.55 -1.72
N VAL A 27 11.32 -5.91 -2.86
CA VAL A 27 12.22 -4.89 -3.38
C VAL A 27 12.15 -3.62 -2.54
N GLN A 28 10.96 -3.31 -2.05
CA GLN A 28 10.77 -2.12 -1.22
C GLN A 28 11.01 -2.42 0.25
N THR A 29 10.86 -3.70 0.62
CA THR A 29 11.07 -4.13 1.99
C THR A 29 12.55 -4.15 2.35
N CYS A 30 13.37 -4.61 1.42
CA CYS A 30 14.81 -4.70 1.65
C CYS A 30 15.44 -3.30 1.63
N ARG A 31 15.18 -2.56 0.55
CA ARG A 31 15.72 -1.21 0.41
C ARG A 31 15.57 -0.43 1.72
N GLU A 32 14.44 -0.58 2.38
CA GLU A 32 14.17 0.11 3.64
C GLU A 32 15.12 -0.38 4.72
N GLU A 33 15.21 -1.70 4.87
CA GLU A 33 16.08 -2.29 5.89
C GLU A 33 17.49 -1.71 5.81
N HIS A 34 17.94 -1.44 4.58
CA HIS A 34 19.27 -0.90 4.36
C HIS A 34 19.41 0.46 5.05
N LYS A 35 18.67 1.45 4.54
CA LYS A 35 18.72 2.80 5.11
C LYS A 35 18.85 2.76 6.62
N LYS A 36 18.31 1.70 7.22
CA LYS A 36 18.38 1.53 8.67
C LYS A 36 19.75 1.02 9.10
N LYS A 37 20.25 0.02 8.38
CA LYS A 37 21.56 -0.56 8.69
C LYS A 37 22.68 0.43 8.40
N HIS A 38 22.60 1.09 7.24
CA HIS A 38 23.61 2.07 6.84
C HIS A 38 22.95 3.34 6.33
N PRO A 39 22.77 4.32 7.23
CA PRO A 39 22.15 5.61 6.88
C PRO A 39 23.04 6.46 6.00
N ASP A 40 24.29 6.61 6.39
CA ASP A 40 25.26 7.40 5.63
C ASP A 40 25.91 6.56 4.54
N ALA A 41 25.23 5.47 4.16
CA ALA A 41 25.75 4.59 3.12
C ALA A 41 25.31 5.05 1.74
N SER A 42 26.28 5.34 0.87
CA SER A 42 25.99 5.80 -0.48
C SER A 42 25.45 4.66 -1.34
N VAL A 43 24.14 4.44 -1.26
CA VAL A 43 23.50 3.39 -2.03
C VAL A 43 22.74 3.96 -3.22
N ASN A 44 22.77 3.24 -4.34
CA ASN A 44 22.08 3.68 -5.55
C ASN A 44 20.71 3.03 -5.66
N PHE A 45 20.01 3.30 -6.76
CA PHE A 45 18.69 2.74 -6.97
C PHE A 45 18.74 1.60 -7.99
N SER A 46 19.41 1.85 -9.11
CA SER A 46 19.53 0.84 -10.16
C SER A 46 20.32 -0.37 -9.67
N GLU A 47 21.33 -0.10 -8.84
CA GLU A 47 22.17 -1.17 -8.29
C GLU A 47 21.36 -2.08 -7.37
N PHE A 48 20.57 -1.47 -6.49
CA PHE A 48 19.75 -2.22 -5.55
C PHE A 48 18.74 -3.08 -6.29
N SER A 49 18.25 -2.58 -7.42
CA SER A 49 17.27 -3.32 -8.22
C SER A 49 17.94 -4.41 -9.03
N LYS A 50 18.85 -4.02 -9.93
CA LYS A 50 19.57 -4.97 -10.77
C LYS A 50 20.01 -6.18 -9.96
N LYS A 51 20.13 -6.00 -8.65
CA LYS A 51 20.54 -7.09 -7.75
C LYS A 51 19.33 -7.83 -7.20
N CYS A 52 18.30 -7.07 -6.82
CA CYS A 52 17.08 -7.64 -6.27
C CYS A 52 16.59 -8.81 -7.14
N SER A 53 16.95 -8.77 -8.41
CA SER A 53 16.56 -9.82 -9.36
C SER A 53 17.24 -11.14 -9.03
N GLU A 54 18.55 -11.18 -9.21
CA GLU A 54 19.33 -12.39 -8.94
C GLU A 54 19.38 -12.67 -7.43
N ARG A 55 19.04 -11.66 -6.64
CA ARG A 55 19.06 -11.79 -5.19
C ARG A 55 17.72 -12.35 -4.68
N TRP A 56 16.67 -12.16 -5.46
CA TRP A 56 15.35 -12.64 -5.09
C TRP A 56 15.18 -14.11 -5.47
N LYS A 57 15.66 -14.47 -6.65
CA LYS A 57 15.56 -15.85 -7.12
C LYS A 57 16.44 -16.78 -6.29
N THR A 58 17.57 -16.25 -5.83
CA THR A 58 18.49 -17.03 -5.02
C THR A 58 17.90 -17.35 -3.65
N MET A 59 17.04 -16.46 -3.17
CA MET A 59 16.40 -16.64 -1.87
C MET A 59 15.60 -17.94 -1.84
N SER A 60 15.93 -18.81 -0.88
CA SER A 60 15.24 -20.09 -0.74
C SER A 60 13.75 -19.88 -0.52
N ALA A 61 12.95 -20.87 -0.92
CA ALA A 61 11.50 -20.80 -0.76
C ALA A 61 11.13 -20.31 0.63
N LYS A 62 11.88 -20.75 1.63
CA LYS A 62 11.63 -20.36 3.01
C LYS A 62 11.69 -18.84 3.15
N GLU A 63 12.67 -18.22 2.51
CA GLU A 63 12.84 -16.77 2.57
C GLU A 63 11.67 -16.06 1.88
N LYS A 64 11.33 -16.53 0.69
CA LYS A 64 10.23 -15.94 -0.06
C LYS A 64 8.90 -16.10 0.67
N GLY A 65 8.82 -17.14 1.50
CA GLY A 65 7.60 -17.39 2.24
C GLY A 65 6.99 -16.12 2.81
N LYS A 66 7.63 -15.56 3.83
CA LYS A 66 7.15 -14.35 4.46
C LYS A 66 6.72 -13.32 3.40
N PHE A 67 7.52 -13.17 2.36
CA PHE A 67 7.22 -12.24 1.28
C PHE A 67 5.98 -12.67 0.52
N GLU A 68 5.75 -13.98 0.47
CA GLU A 68 4.58 -14.51 -0.23
C GLU A 68 3.31 -14.28 0.57
N ASP A 69 3.40 -14.45 1.88
CA ASP A 69 2.25 -14.25 2.76
C ASP A 69 1.96 -12.77 2.94
N MET A 70 2.94 -12.03 3.42
CA MET A 70 2.79 -10.59 3.64
C MET A 70 2.19 -9.92 2.41
N ALA A 71 2.67 -10.29 1.23
CA ALA A 71 2.19 -9.72 -0.02
C ALA A 71 0.71 -10.02 -0.21
N LYS A 72 0.32 -11.27 0.05
CA LYS A 72 -1.07 -11.69 -0.09
C LYS A 72 -2.00 -10.75 0.66
N ALA A 73 -1.55 -10.27 1.81
CA ALA A 73 -2.35 -9.36 2.62
C ALA A 73 -2.73 -8.11 1.83
N ASP A 74 -1.76 -7.56 1.10
CA ASP A 74 -2.01 -6.37 0.30
C ASP A 74 -2.95 -6.67 -0.86
N LYS A 75 -2.79 -7.84 -1.46
CA LYS A 75 -3.63 -8.25 -2.58
C LYS A 75 -5.10 -8.25 -2.17
N ALA A 76 -5.37 -8.52 -0.90
CA ALA A 76 -6.73 -8.55 -0.39
C ALA A 76 -7.24 -7.14 -0.12
N ARG A 77 -6.49 -6.39 0.66
CA ARG A 77 -6.86 -5.01 1.00
C ARG A 77 -7.05 -4.18 -0.24
N TYR A 78 -6.46 -4.62 -1.35
CA TYR A 78 -6.56 -3.90 -2.61
C TYR A 78 -7.87 -4.22 -3.32
N GLU A 79 -8.28 -5.49 -3.25
CA GLU A 79 -9.51 -5.93 -3.89
C GLU A 79 -10.68 -5.03 -3.48
N ARG A 80 -10.70 -4.64 -2.20
CA ARG A 80 -11.76 -3.79 -1.68
C ARG A 80 -12.06 -2.64 -2.65
N GLU A 81 -11.01 -2.06 -3.22
CA GLU A 81 -11.16 -0.95 -4.15
C GLU A 81 -11.84 -1.42 -5.43
N MET A 82 -11.47 -2.61 -5.90
CA MET A 82 -12.04 -3.17 -7.12
C MET A 82 -13.57 -3.16 -7.05
N LYS A 83 -14.11 -3.47 -5.87
CA LYS A 83 -15.55 -3.49 -5.68
C LYS A 83 -16.23 -2.37 -6.44
N THR A 84 -15.68 -1.16 -6.32
CA THR A 84 -16.23 0.00 -7.01
C THR A 84 -16.03 -0.10 -8.52
N TYR A 85 -14.89 -0.65 -8.92
CA TYR A 85 -14.57 -0.80 -10.34
C TYR A 85 -15.71 -1.50 -11.08
N ILE A 86 -15.91 -1.13 -12.33
CA ILE A 86 -16.97 -1.71 -13.15
C ILE A 86 -16.47 -2.00 -14.56
N PRO A 87 -16.22 -3.28 -14.86
CA PRO A 87 -15.75 -3.70 -16.18
C PRO A 87 -16.81 -3.56 -17.25
N PRO A 88 -16.39 -3.60 -18.53
CA PRO A 88 -17.29 -3.48 -19.67
C PRO A 88 -18.19 -4.71 -19.83
N LYS A 89 -19.09 -4.65 -20.81
CA LYS A 89 -20.01 -5.75 -21.07
C LYS A 89 -19.25 -6.98 -21.55
N GLY A 90 -19.01 -7.92 -20.63
CA GLY A 90 -18.30 -9.14 -20.99
C GLY A 90 -18.44 -10.22 -19.93
N GLU A 91 -17.39 -11.01 -19.75
CA GLU A 91 -17.41 -12.09 -18.77
C GLU A 91 -16.39 -11.82 -17.66
N THR A 92 -16.88 -11.60 -16.45
CA THR A 92 -16.02 -11.34 -15.31
C THR A 92 -16.55 -12.01 -14.05
N LYS A 93 -15.65 -12.34 -13.14
CA LYS A 93 -16.02 -13.00 -11.89
C LYS A 93 -16.07 -11.99 -10.74
N LYS A 94 -17.22 -11.93 -10.06
CA LYS A 94 -17.39 -11.01 -8.94
C LYS A 94 -17.19 -11.72 -7.61
N LYS A 95 -16.49 -11.06 -6.69
CA LYS A 95 -16.23 -11.64 -5.38
C LYS A 95 -17.01 -10.91 -4.30
N PHE A 96 -17.07 -11.50 -3.11
CA PHE A 96 -17.79 -10.89 -1.99
C PHE A 96 -16.92 -10.84 -0.75
N LYS A 97 -17.15 -9.83 0.09
CA LYS A 97 -16.38 -9.67 1.32
C LYS A 97 -17.28 -9.73 2.55
N ASP A 98 -16.70 -10.08 3.69
CA ASP A 98 -17.46 -10.17 4.93
C ASP A 98 -17.50 -8.82 5.65
N PRO A 99 -18.71 -8.32 5.91
CA PRO A 99 -18.90 -7.04 6.60
C PRO A 99 -18.51 -7.11 8.07
N ASN A 100 -18.46 -8.32 8.62
CA ASN A 100 -18.09 -8.51 10.01
C ASN A 100 -16.64 -8.11 10.25
N ALA A 101 -15.74 -8.64 9.42
CA ALA A 101 -14.32 -8.35 9.55
C ALA A 101 -14.08 -6.84 9.55
N PRO A 102 -13.10 -6.40 10.37
CA PRO A 102 -12.75 -4.98 10.49
C PRO A 102 -12.07 -4.44 9.24
N LYS A 103 -12.63 -3.37 8.69
CA LYS A 103 -12.06 -2.75 7.49
C LYS A 103 -10.78 -2.00 7.81
N ARG A 104 -9.79 -2.11 6.93
CA ARG A 104 -8.52 -1.44 7.12
C ARG A 104 -8.70 0.07 7.15
N PRO A 105 -8.09 0.72 8.16
CA PRO A 105 -8.16 2.17 8.33
C PRO A 105 -7.39 2.93 7.26
N PRO A 106 -7.66 4.24 7.14
CA PRO A 106 -7.01 5.10 6.16
C PRO A 106 -5.54 5.32 6.47
N SER A 107 -4.76 5.67 5.44
CA SER A 107 -3.33 5.91 5.60
C SER A 107 -3.01 7.38 5.41
N ALA A 108 -1.80 7.78 5.83
CA ALA A 108 -1.38 9.16 5.69
C ALA A 108 -1.93 9.80 4.43
N PHE A 109 -1.43 9.35 3.28
CA PHE A 109 -1.87 9.88 1.99
C PHE A 109 -3.38 10.08 1.98
N PHE A 110 -4.10 9.11 2.53
CA PHE A 110 -5.56 9.17 2.59
C PHE A 110 -6.02 10.29 3.51
N LEU A 111 -5.66 10.17 4.79
CA LEU A 111 -6.04 11.16 5.79
C LEU A 111 -5.87 12.57 5.24
N PHE A 112 -4.74 12.83 4.58
CA PHE A 112 -4.46 14.13 4.00
C PHE A 112 -5.43 14.45 2.87
N CYS A 113 -5.54 13.52 1.92
CA CYS A 113 -6.43 13.70 0.78
C CYS A 113 -7.86 13.92 1.24
N SER A 114 -8.21 13.34 2.39
CA SER A 114 -9.56 13.46 2.93
C SER A 114 -9.77 14.85 3.53
N GLU A 115 -8.67 15.60 3.66
CA GLU A 115 -8.74 16.95 4.23
C GLU A 115 -8.76 18.00 3.12
N TYR A 116 -7.95 17.78 2.09
CA TYR A 116 -7.88 18.72 0.97
C TYR A 116 -9.00 18.45 -0.03
N ARG A 117 -9.22 17.18 -0.34
CA ARG A 117 -10.27 16.79 -1.28
C ARG A 117 -11.40 17.81 -1.29
N PRO A 118 -12.01 18.02 -0.11
CA PRO A 118 -13.11 18.97 0.04
C PRO A 118 -12.66 20.42 -0.10
N LYS A 119 -11.48 20.73 0.42
CA LYS A 119 -10.93 22.07 0.35
C LYS A 119 -10.72 22.50 -1.10
N ILE A 120 -10.52 21.52 -1.97
CA ILE A 120 -10.31 21.79 -3.39
C ILE A 120 -11.62 21.67 -4.18
N LYS A 121 -12.49 20.78 -3.72
CA LYS A 121 -13.78 20.57 -4.37
C LYS A 121 -14.55 21.88 -4.51
N GLY A 122 -14.67 22.62 -3.40
CA GLY A 122 -15.38 23.88 -3.41
C GLY A 122 -14.72 24.90 -4.34
N GLU A 123 -13.39 24.88 -4.38
CA GLU A 123 -12.65 25.81 -5.23
C GLU A 123 -12.86 25.48 -6.71
N HIS A 124 -12.87 24.19 -7.03
CA HIS A 124 -13.06 23.75 -8.41
C HIS A 124 -14.28 22.85 -8.52
N PRO A 125 -15.43 23.44 -8.87
CA PRO A 125 -16.69 22.71 -9.02
C PRO A 125 -16.68 21.81 -10.25
N GLY A 126 -16.01 22.24 -11.30
CA GLY A 126 -15.94 21.45 -12.52
C GLY A 126 -15.42 20.05 -12.28
N LEU A 127 -14.27 19.96 -11.60
CA LEU A 127 -13.66 18.67 -11.29
C LEU A 127 -14.67 17.73 -10.66
N SER A 128 -14.45 16.43 -10.85
CA SER A 128 -15.34 15.42 -10.31
C SER A 128 -14.58 14.41 -9.44
N ILE A 129 -15.30 13.61 -8.68
CA ILE A 129 -14.70 12.61 -7.81
C ILE A 129 -13.49 11.96 -8.49
N GLY A 130 -13.59 11.77 -9.81
CA GLY A 130 -12.51 11.17 -10.55
C GLY A 130 -11.29 12.05 -10.63
N ASP A 131 -11.49 13.30 -11.05
CA ASP A 131 -10.39 14.25 -11.18
C ASP A 131 -9.89 14.68 -9.80
N VAL A 132 -10.76 15.30 -9.02
CA VAL A 132 -10.41 15.76 -7.68
C VAL A 132 -9.44 14.79 -7.00
N ALA A 133 -9.66 13.50 -7.23
CA ALA A 133 -8.80 12.47 -6.65
C ALA A 133 -7.39 12.54 -7.23
N LYS A 134 -7.30 12.59 -8.55
CA LYS A 134 -6.01 12.66 -9.22
C LYS A 134 -5.24 13.92 -8.82
N LYS A 135 -5.99 14.96 -8.48
CA LYS A 135 -5.38 16.23 -8.07
C LYS A 135 -4.66 16.08 -6.74
N LEU A 136 -5.09 15.10 -5.94
CA LEU A 136 -4.50 14.86 -4.63
C LEU A 136 -3.30 13.92 -4.75
N GLY A 137 -3.18 13.27 -5.91
CA GLY A 137 -2.07 12.36 -6.14
C GLY A 137 -0.73 13.06 -6.14
N GLU A 138 -0.64 14.16 -6.87
CA GLU A 138 0.60 14.93 -6.96
C GLU A 138 0.90 15.62 -5.64
N MET A 139 -0.15 16.14 -4.99
CA MET A 139 0.01 16.83 -3.72
C MET A 139 0.89 16.03 -2.76
N TRP A 140 0.40 14.86 -2.38
CA TRP A 140 1.14 13.99 -1.46
C TRP A 140 2.58 13.82 -1.92
N ASN A 141 2.79 13.79 -3.23
CA ASN A 141 4.12 13.64 -3.80
C ASN A 141 4.91 14.93 -3.70
N ASN A 142 4.19 16.05 -3.64
CA ASN A 142 4.82 17.37 -3.56
C ASN A 142 4.60 17.98 -2.17
N THR A 143 4.57 17.12 -1.15
CA THR A 143 4.39 17.58 0.22
C THR A 143 5.60 17.25 1.08
N ALA A 144 6.12 18.26 1.76
CA ALA A 144 7.28 18.08 2.62
C ALA A 144 7.04 16.98 3.65
N ALA A 145 8.06 16.16 3.88
CA ALA A 145 7.96 15.06 4.83
C ALA A 145 7.43 15.55 6.17
N ASP A 146 7.80 16.77 6.55
CA ASP A 146 7.36 17.35 7.80
C ASP A 146 5.84 17.55 7.82
N ASP A 147 5.26 17.67 6.64
CA ASP A 147 3.82 17.86 6.51
C ASP A 147 3.10 16.52 6.45
N LYS A 148 3.83 15.45 6.76
CA LYS A 148 3.26 14.10 6.74
C LYS A 148 3.36 13.45 8.12
N GLN A 149 4.31 13.94 8.92
CA GLN A 149 4.51 13.40 10.26
C GLN A 149 3.18 13.19 10.97
N PRO A 150 2.34 14.24 10.99
CA PRO A 150 1.02 14.21 11.62
C PRO A 150 0.05 13.31 10.88
N TYR A 151 0.37 12.99 9.64
CA TYR A 151 -0.48 12.14 8.81
C TYR A 151 -0.11 10.67 8.98
N GLU A 152 1.16 10.42 9.29
CA GLU A 152 1.64 9.05 9.47
C GLU A 152 1.46 8.60 10.91
N LYS A 153 2.06 9.35 11.84
CA LYS A 153 1.96 9.02 13.26
C LYS A 153 0.53 8.68 13.64
N LYS A 154 -0.40 9.54 13.26
CA LYS A 154 -1.81 9.33 13.56
C LYS A 154 -2.31 8.02 12.96
N ALA A 155 -2.08 7.85 11.66
CA ALA A 155 -2.50 6.63 10.96
C ALA A 155 -2.18 5.39 11.78
N ALA A 156 -1.08 5.44 12.52
CA ALA A 156 -0.67 4.32 13.35
C ALA A 156 -1.71 4.02 14.42
N LYS A 157 -2.05 5.03 15.21
CA LYS A 157 -3.04 4.87 16.27
C LYS A 157 -4.31 4.21 15.75
N LEU A 158 -4.54 4.35 14.44
CA LEU A 158 -5.72 3.76 13.81
C LEU A 158 -5.44 2.32 13.37
N LYS A 159 -4.21 2.05 12.98
CA LYS A 159 -3.81 0.72 12.54
C LYS A 159 -3.76 -0.24 13.72
N GLU A 160 -3.19 0.21 14.83
CA GLU A 160 -3.07 -0.61 16.03
C GLU A 160 -4.44 -1.13 16.46
N LYS A 161 -5.41 -0.24 16.54
CA LYS A 161 -6.77 -0.61 16.93
C LYS A 161 -7.31 -1.71 16.03
N TYR A 162 -7.04 -1.59 14.73
CA TYR A 162 -7.51 -2.58 13.76
C TYR A 162 -6.92 -3.96 14.06
N GLU A 163 -5.61 -4.01 14.21
CA GLU A 163 -4.92 -5.27 14.49
C GLU A 163 -5.51 -5.95 15.72
N LYS A 164 -5.82 -5.15 16.74
CA LYS A 164 -6.39 -5.67 17.97
C LYS A 164 -7.81 -6.16 17.74
N ASP A 165 -8.62 -5.35 17.07
CA ASP A 165 -10.01 -5.71 16.78
C ASP A 165 -10.08 -7.00 15.96
N ILE A 166 -9.37 -7.01 14.83
CA ILE A 166 -9.36 -8.19 13.96
C ILE A 166 -8.87 -9.42 14.72
N ALA A 167 -7.83 -9.23 15.54
CA ALA A 167 -7.27 -10.32 16.32
C ALA A 167 -8.37 -11.18 16.94
N ALA A 168 -9.41 -10.53 17.43
CA ALA A 168 -10.53 -11.24 18.05
C ALA A 168 -11.49 -11.78 17.00
N TYR A 169 -11.80 -10.94 16.01
CA TYR A 169 -12.71 -11.33 14.94
C TYR A 169 -12.48 -12.79 14.54
N ARG A 170 -11.24 -13.11 14.19
CA ARG A 170 -10.89 -14.47 13.78
C ARG A 170 -11.05 -15.45 14.95
N ALA A 171 -10.62 -15.02 16.13
CA ALA A 171 -10.70 -15.85 17.32
C ALA A 171 -10.39 -15.05 18.58
N LYS A 172 -11.41 -14.81 19.40
CA LYS A 172 -11.25 -14.04 20.63
C LYS A 172 -10.06 -14.59 21.44
N GLY A 173 -9.24 -13.67 21.95
CA GLY A 173 -8.09 -14.06 22.73
C GLY A 173 -6.78 -13.63 22.10
N GLY A 1 15.43 12.40 2.21
CA GLY A 1 16.52 12.62 1.29
C GLY A 1 16.58 11.58 0.20
N SER A 2 16.83 10.33 0.60
CA SER A 2 16.92 9.23 -0.37
C SER A 2 15.54 8.90 -0.92
N SER A 3 15.48 8.65 -2.23
CA SER A 3 14.23 8.32 -2.89
C SER A 3 13.49 7.22 -2.14
N GLY A 4 12.16 7.30 -2.13
CA GLY A 4 11.36 6.31 -1.44
C GLY A 4 10.98 5.14 -2.33
N SER A 5 11.70 4.03 -2.19
CA SER A 5 11.44 2.85 -3.00
C SER A 5 10.08 2.25 -2.66
N SER A 6 9.04 2.79 -3.29
CA SER A 6 7.68 2.31 -3.06
C SER A 6 6.78 2.64 -4.25
N GLY A 7 5.56 2.10 -4.22
CA GLY A 7 4.62 2.36 -5.29
C GLY A 7 3.86 1.10 -5.70
N MET A 8 4.12 0.60 -6.89
CA MET A 8 3.47 -0.59 -7.39
C MET A 8 1.94 -0.42 -7.35
N GLY A 9 1.46 0.67 -7.94
CA GLY A 9 0.03 0.92 -7.97
C GLY A 9 -0.37 2.05 -7.04
N LYS A 10 -1.15 2.99 -7.55
CA LYS A 10 -1.61 4.12 -6.76
C LYS A 10 -3.12 4.24 -6.80
N GLY A 11 -3.65 5.20 -6.04
CA GLY A 11 -5.10 5.40 -6.01
C GLY A 11 -5.62 5.66 -4.61
N ASP A 12 -6.03 4.59 -3.92
CA ASP A 12 -6.55 4.71 -2.56
C ASP A 12 -5.63 4.01 -1.58
N PRO A 13 -5.48 4.60 -0.39
CA PRO A 13 -4.63 4.05 0.68
C PRO A 13 -5.22 2.78 1.28
N LYS A 14 -6.46 2.49 0.92
CA LYS A 14 -7.15 1.31 1.44
C LYS A 14 -6.73 0.05 0.67
N LYS A 15 -6.63 0.18 -0.65
CA LYS A 15 -6.23 -0.93 -1.50
C LYS A 15 -4.91 -1.53 -1.03
N PRO A 16 -4.95 -2.79 -0.58
CA PRO A 16 -3.77 -3.51 -0.09
C PRO A 16 -2.80 -3.84 -1.21
N ARG A 17 -1.51 -3.84 -0.89
CA ARG A 17 -0.47 -4.15 -1.88
C ARG A 17 0.50 -5.19 -1.34
N GLY A 18 -0.03 -6.17 -0.63
CA GLY A 18 0.80 -7.22 -0.07
C GLY A 18 1.59 -7.96 -1.13
N LYS A 19 0.88 -8.67 -2.01
CA LYS A 19 1.52 -9.43 -3.07
C LYS A 19 2.55 -8.57 -3.81
N MET A 20 3.77 -9.06 -3.88
CA MET A 20 4.85 -8.33 -4.56
C MET A 20 5.35 -9.12 -5.77
N SER A 21 6.16 -8.47 -6.60
CA SER A 21 6.70 -9.11 -7.79
C SER A 21 8.03 -9.77 -7.49
N SER A 22 8.49 -10.62 -8.42
CA SER A 22 9.75 -11.33 -8.24
C SER A 22 10.81 -10.42 -7.64
N TYR A 23 11.17 -9.38 -8.37
CA TYR A 23 12.18 -8.43 -7.91
C TYR A 23 11.79 -7.84 -6.56
N ALA A 24 10.63 -7.19 -6.51
CA ALA A 24 10.14 -6.59 -5.28
C ALA A 24 10.39 -7.49 -4.09
N PHE A 25 10.20 -8.79 -4.29
CA PHE A 25 10.41 -9.77 -3.23
C PHE A 25 11.89 -10.05 -3.01
N PHE A 26 12.57 -10.43 -4.09
CA PHE A 26 14.00 -10.73 -4.03
C PHE A 26 14.75 -9.63 -3.28
N VAL A 27 14.13 -8.46 -3.18
CA VAL A 27 14.74 -7.33 -2.49
C VAL A 27 14.59 -7.46 -0.98
N GLN A 28 13.47 -8.02 -0.55
CA GLN A 28 13.20 -8.20 0.87
C GLN A 28 13.66 -9.59 1.34
N THR A 29 13.86 -10.50 0.39
CA THR A 29 14.30 -11.84 0.69
C THR A 29 15.79 -11.88 1.02
N CYS A 30 16.56 -11.06 0.30
CA CYS A 30 18.00 -11.01 0.50
C CYS A 30 18.33 -10.29 1.81
N ARG A 31 17.72 -9.13 2.01
CA ARG A 31 17.95 -8.34 3.22
C ARG A 31 17.81 -9.21 4.47
N GLU A 32 16.77 -10.03 4.49
CA GLU A 32 16.52 -10.91 5.62
C GLU A 32 17.62 -11.97 5.74
N GLU A 33 17.80 -12.76 4.69
CA GLU A 33 18.81 -13.81 4.69
C GLU A 33 20.17 -13.26 5.10
N HIS A 34 20.41 -12.00 4.76
CA HIS A 34 21.67 -11.35 5.10
C HIS A 34 21.86 -11.29 6.61
N LYS A 35 20.98 -10.57 7.29
CA LYS A 35 21.06 -10.43 8.74
C LYS A 35 21.46 -11.75 9.39
N LYS A 36 21.14 -12.85 8.73
CA LYS A 36 21.48 -14.17 9.25
C LYS A 36 22.92 -14.52 8.94
N LYS A 37 23.36 -14.22 7.73
CA LYS A 37 24.73 -14.50 7.30
C LYS A 37 25.72 -13.62 8.07
N HIS A 38 25.40 -12.33 8.17
CA HIS A 38 26.27 -11.39 8.87
C HIS A 38 25.45 -10.51 9.82
N PRO A 39 25.37 -10.92 11.08
CA PRO A 39 24.62 -10.18 12.11
C PRO A 39 25.29 -8.86 12.47
N ASP A 40 26.58 -8.91 12.74
CA ASP A 40 27.34 -7.72 13.11
C ASP A 40 27.82 -6.98 11.86
N ALA A 41 27.03 -7.04 10.80
CA ALA A 41 27.36 -6.38 9.54
C ALA A 41 26.99 -4.91 9.58
N SER A 42 27.34 -4.19 8.53
CA SER A 42 27.05 -2.76 8.44
C SER A 42 26.44 -2.41 7.08
N VAL A 43 25.17 -2.73 6.91
CA VAL A 43 24.47 -2.44 5.66
C VAL A 43 23.42 -1.35 5.84
N ASN A 44 23.29 -0.50 4.83
CA ASN A 44 22.33 0.60 4.87
C ASN A 44 21.15 0.32 3.95
N PHE A 45 19.95 0.35 4.52
CA PHE A 45 18.73 0.10 3.75
C PHE A 45 18.85 0.70 2.36
N SER A 46 19.15 1.99 2.29
CA SER A 46 19.28 2.69 1.02
C SER A 46 20.30 2.00 0.12
N GLU A 47 21.50 1.78 0.66
CA GLU A 47 22.55 1.12 -0.09
C GLU A 47 22.10 -0.23 -0.62
N PHE A 48 21.61 -1.08 0.28
CA PHE A 48 21.13 -2.41 -0.10
C PHE A 48 20.45 -2.38 -1.46
N SER A 49 19.81 -1.25 -1.78
CA SER A 49 19.12 -1.10 -3.05
C SER A 49 20.09 -1.29 -4.22
N LYS A 50 21.18 -0.53 -4.20
CA LYS A 50 22.18 -0.61 -5.26
C LYS A 50 22.59 -2.06 -5.51
N LYS A 51 22.55 -2.87 -4.46
CA LYS A 51 22.91 -4.28 -4.56
C LYS A 51 21.81 -5.08 -5.27
N CYS A 52 20.61 -5.00 -4.73
CA CYS A 52 19.47 -5.71 -5.30
C CYS A 52 19.23 -5.29 -6.75
N SER A 53 19.51 -4.02 -7.04
CA SER A 53 19.33 -3.49 -8.39
C SER A 53 20.33 -4.11 -9.36
N GLU A 54 21.59 -4.18 -8.93
CA GLU A 54 22.64 -4.75 -9.77
C GLU A 54 22.65 -6.27 -9.67
N ARG A 55 22.03 -6.80 -8.61
CA ARG A 55 21.97 -8.23 -8.39
C ARG A 55 20.80 -8.84 -9.16
N TRP A 56 19.71 -8.09 -9.28
CA TRP A 56 18.52 -8.56 -9.98
C TRP A 56 18.78 -8.62 -11.48
N LYS A 57 19.61 -7.72 -11.98
CA LYS A 57 19.94 -7.67 -13.40
C LYS A 57 20.91 -8.79 -13.77
N THR A 58 21.93 -9.00 -12.94
CA THR A 58 22.91 -10.05 -13.18
C THR A 58 22.30 -11.43 -13.02
N MET A 59 21.50 -11.59 -11.98
CA MET A 59 20.84 -12.87 -11.70
C MET A 59 20.20 -13.43 -12.96
N SER A 60 20.74 -14.53 -13.46
CA SER A 60 20.22 -15.17 -14.66
C SER A 60 18.80 -15.69 -14.44
N ALA A 61 18.18 -16.19 -15.50
CA ALA A 61 16.82 -16.72 -15.41
C ALA A 61 16.74 -17.84 -14.39
N LYS A 62 17.78 -18.66 -14.32
CA LYS A 62 17.83 -19.78 -13.39
C LYS A 62 17.67 -19.29 -11.95
N GLU A 63 18.11 -18.06 -11.69
CA GLU A 63 18.01 -17.47 -10.36
C GLU A 63 16.65 -16.83 -10.14
N LYS A 64 16.17 -16.13 -11.17
CA LYS A 64 14.87 -15.46 -11.09
C LYS A 64 13.74 -16.48 -11.12
N GLY A 65 14.04 -17.69 -11.58
CA GLY A 65 13.03 -18.73 -11.66
C GLY A 65 12.26 -18.88 -10.35
N LYS A 66 12.90 -19.44 -9.35
CA LYS A 66 12.28 -19.64 -8.04
C LYS A 66 11.56 -18.38 -7.59
N PHE A 67 12.21 -17.23 -7.76
CA PHE A 67 11.63 -15.96 -7.37
C PHE A 67 10.35 -15.68 -8.14
N GLU A 68 10.32 -16.10 -9.41
CA GLU A 68 9.16 -15.90 -10.26
C GLU A 68 7.98 -16.75 -9.78
N ASP A 69 8.26 -18.02 -9.49
CA ASP A 69 7.21 -18.93 -9.03
C ASP A 69 6.72 -18.53 -7.64
N MET A 70 7.62 -18.57 -6.67
CA MET A 70 7.27 -18.20 -5.29
C MET A 70 6.48 -16.89 -5.25
N ALA A 71 6.88 -15.95 -6.11
CA ALA A 71 6.20 -14.66 -6.17
C ALA A 71 4.79 -14.80 -6.73
N LYS A 72 4.63 -15.70 -7.70
CA LYS A 72 3.34 -15.93 -8.32
C LYS A 72 2.34 -16.49 -7.31
N ALA A 73 2.74 -17.57 -6.64
CA ALA A 73 1.89 -18.20 -5.64
C ALA A 73 1.52 -17.23 -4.53
N ASP A 74 2.32 -16.17 -4.39
CA ASP A 74 2.09 -15.16 -3.37
C ASP A 74 0.72 -14.50 -3.56
N LYS A 75 0.41 -14.17 -4.80
CA LYS A 75 -0.86 -13.53 -5.13
C LYS A 75 -2.00 -14.10 -4.27
N ALA A 76 -1.89 -15.39 -3.94
CA ALA A 76 -2.90 -16.05 -3.12
C ALA A 76 -2.71 -15.72 -1.64
N ARG A 77 -1.63 -16.21 -1.07
CA ARG A 77 -1.33 -15.97 0.34
C ARG A 77 -1.48 -14.49 0.69
N TYR A 78 -1.34 -13.63 -0.33
CA TYR A 78 -1.45 -12.20 -0.13
C TYR A 78 -2.89 -11.82 0.23
N GLU A 79 -3.85 -12.43 -0.44
CA GLU A 79 -5.26 -12.16 -0.20
C GLU A 79 -5.56 -12.18 1.29
N ARG A 80 -4.70 -12.85 2.06
CA ARG A 80 -4.87 -12.96 3.50
C ARG A 80 -5.21 -11.59 4.11
N GLU A 81 -4.52 -10.56 3.66
CA GLU A 81 -4.75 -9.21 4.15
C GLU A 81 -5.98 -8.59 3.50
N MET A 82 -6.14 -8.85 2.20
CA MET A 82 -7.27 -8.31 1.45
C MET A 82 -8.57 -8.47 2.25
N LYS A 83 -8.58 -9.40 3.19
CA LYS A 83 -9.75 -9.66 4.01
C LYS A 83 -10.31 -8.35 4.57
N THR A 84 -9.44 -7.54 5.16
CA THR A 84 -9.84 -6.27 5.74
C THR A 84 -10.32 -5.30 4.65
N TYR A 85 -9.68 -5.37 3.49
CA TYR A 85 -10.03 -4.50 2.37
C TYR A 85 -11.41 -4.86 1.82
N ILE A 86 -12.04 -3.89 1.15
CA ILE A 86 -13.36 -4.11 0.58
C ILE A 86 -13.49 -3.40 -0.77
N PRO A 87 -13.45 -4.19 -1.86
CA PRO A 87 -13.57 -3.67 -3.22
C PRO A 87 -14.97 -3.16 -3.53
N PRO A 88 -15.11 -2.47 -4.68
CA PRO A 88 -16.39 -1.91 -5.11
C PRO A 88 -17.39 -3.00 -5.52
N LYS A 89 -18.64 -2.60 -5.72
CA LYS A 89 -19.68 -3.53 -6.11
C LYS A 89 -19.43 -4.07 -7.52
N GLY A 90 -18.79 -3.26 -8.36
CA GLY A 90 -18.49 -3.68 -9.71
C GLY A 90 -19.61 -4.49 -10.33
N GLU A 91 -19.33 -5.75 -10.64
CA GLU A 91 -20.33 -6.63 -11.25
C GLU A 91 -20.43 -7.94 -10.48
N THR A 92 -20.48 -7.84 -9.15
CA THR A 92 -20.58 -9.02 -8.29
C THR A 92 -21.21 -8.66 -6.95
N LYS A 93 -22.18 -9.47 -6.52
CA LYS A 93 -22.86 -9.25 -5.26
C LYS A 93 -22.14 -9.96 -4.12
N LYS A 94 -22.19 -9.38 -2.93
CA LYS A 94 -21.55 -9.96 -1.76
C LYS A 94 -22.23 -9.51 -0.47
N LYS A 95 -22.41 -10.44 0.46
CA LYS A 95 -23.06 -10.13 1.73
C LYS A 95 -22.14 -9.29 2.61
N PHE A 96 -22.71 -8.69 3.66
CA PHE A 96 -21.94 -7.86 4.58
C PHE A 96 -20.70 -8.59 5.07
N LYS A 97 -19.97 -7.97 5.98
CA LYS A 97 -18.75 -8.55 6.53
C LYS A 97 -18.70 -8.38 8.05
N ASP A 98 -17.83 -9.14 8.70
CA ASP A 98 -17.68 -9.06 10.15
C ASP A 98 -17.72 -7.61 10.62
N PRO A 99 -18.87 -7.19 11.17
CA PRO A 99 -19.06 -5.83 11.67
C PRO A 99 -18.25 -5.56 12.94
N ASN A 100 -17.71 -6.61 13.53
CA ASN A 100 -16.91 -6.48 14.73
C ASN A 100 -15.55 -5.85 14.44
N ALA A 101 -14.86 -6.40 13.44
CA ALA A 101 -13.56 -5.89 13.06
C ALA A 101 -13.59 -4.39 12.83
N PRO A 102 -12.52 -3.70 13.23
CA PRO A 102 -12.41 -2.24 13.08
C PRO A 102 -12.27 -1.81 11.62
N LYS A 103 -12.44 -0.52 11.37
CA LYS A 103 -12.34 0.02 10.03
C LYS A 103 -11.14 0.96 9.90
N ARG A 104 -10.76 1.25 8.67
CA ARG A 104 -9.62 2.14 8.42
C ARG A 104 -10.05 3.60 8.44
N PRO A 105 -9.32 4.43 9.19
CA PRO A 105 -9.61 5.86 9.31
C PRO A 105 -9.32 6.62 8.02
N PRO A 106 -9.85 7.85 7.94
CA PRO A 106 -9.66 8.71 6.76
C PRO A 106 -8.22 9.21 6.63
N SER A 107 -7.83 9.55 5.41
CA SER A 107 -6.48 10.04 5.15
C SER A 107 -6.50 11.54 4.87
N ALA A 108 -5.32 12.16 4.99
CA ALA A 108 -5.20 13.59 4.75
C ALA A 108 -6.01 14.03 3.53
N PHE A 109 -5.97 13.21 2.48
CA PHE A 109 -6.69 13.51 1.26
C PHE A 109 -8.19 13.59 1.52
N PHE A 110 -8.70 12.65 2.32
CA PHE A 110 -10.11 12.61 2.65
C PHE A 110 -10.51 13.81 3.49
N LEU A 111 -9.72 14.09 4.52
CA LEU A 111 -9.98 15.23 5.41
C LEU A 111 -10.02 16.53 4.63
N PHE A 112 -9.13 16.66 3.65
CA PHE A 112 -9.05 17.87 2.83
C PHE A 112 -10.24 17.95 1.89
N CYS A 113 -10.39 16.95 1.02
CA CYS A 113 -11.49 16.92 0.07
C CYS A 113 -12.83 16.94 0.79
N SER A 114 -12.87 16.38 1.99
CA SER A 114 -14.09 16.33 2.78
C SER A 114 -14.50 17.72 3.22
N GLU A 115 -13.54 18.64 3.25
CA GLU A 115 -13.79 20.01 3.67
C GLU A 115 -13.99 20.91 2.45
N TYR A 116 -13.51 20.47 1.31
CA TYR A 116 -13.63 21.23 0.07
C TYR A 116 -14.89 20.84 -0.70
N ARG A 117 -15.28 19.58 -0.58
CA ARG A 117 -16.46 19.08 -1.26
C ARG A 117 -17.65 20.00 -1.04
N PRO A 118 -17.98 20.25 0.24
CA PRO A 118 -19.09 21.12 0.61
C PRO A 118 -18.82 22.58 0.30
N LYS A 119 -17.56 22.90 0.02
CA LYS A 119 -17.17 24.27 -0.30
C LYS A 119 -17.27 24.53 -1.80
N ILE A 120 -17.01 23.49 -2.59
CA ILE A 120 -17.09 23.61 -4.04
C ILE A 120 -18.47 23.20 -4.56
N LYS A 121 -18.98 22.10 -4.05
CA LYS A 121 -20.29 21.59 -4.45
C LYS A 121 -21.32 22.72 -4.45
N GLY A 122 -21.21 23.61 -3.47
CA GLY A 122 -22.14 24.72 -3.38
C GLY A 122 -21.87 25.80 -4.40
N GLU A 123 -20.59 26.05 -4.67
CA GLU A 123 -20.19 27.06 -5.63
C GLU A 123 -20.56 26.64 -7.06
N HIS A 124 -20.36 25.36 -7.35
CA HIS A 124 -20.68 24.83 -8.67
C HIS A 124 -21.81 23.81 -8.60
N PRO A 125 -23.05 24.29 -8.79
CA PRO A 125 -24.24 23.45 -8.74
C PRO A 125 -24.32 22.50 -9.93
N GLY A 126 -23.49 22.74 -10.94
CA GLY A 126 -23.49 21.91 -12.12
C GLY A 126 -22.69 20.63 -11.92
N LEU A 127 -21.52 20.76 -11.29
CA LEU A 127 -20.66 19.61 -11.04
C LEU A 127 -21.42 18.51 -10.30
N SER A 128 -21.44 17.32 -10.88
CA SER A 128 -22.13 16.18 -10.28
C SER A 128 -21.19 15.40 -9.37
N ILE A 129 -21.76 14.47 -8.60
CA ILE A 129 -20.98 13.65 -7.69
C ILE A 129 -19.72 13.12 -8.37
N GLY A 130 -19.85 12.76 -9.65
CA GLY A 130 -18.72 12.25 -10.39
C GLY A 130 -17.65 13.30 -10.63
N ASP A 131 -18.04 14.39 -11.29
CA ASP A 131 -17.11 15.47 -11.59
C ASP A 131 -16.49 16.03 -10.31
N VAL A 132 -17.36 16.50 -9.41
CA VAL A 132 -16.90 17.06 -8.14
C VAL A 132 -15.66 16.33 -7.62
N ALA A 133 -15.74 15.00 -7.63
CA ALA A 133 -14.62 14.18 -7.16
C ALA A 133 -13.36 14.47 -7.94
N LYS A 134 -13.47 14.48 -9.27
CA LYS A 134 -12.33 14.76 -10.14
C LYS A 134 -11.63 16.05 -9.72
N LYS A 135 -12.41 17.03 -9.29
CA LYS A 135 -11.86 18.31 -8.86
C LYS A 135 -11.00 18.14 -7.62
N LEU A 136 -11.32 17.15 -6.80
CA LEU A 136 -10.58 16.88 -5.58
C LEU A 136 -9.39 15.97 -5.86
N GLY A 137 -9.51 15.14 -6.87
CA GLY A 137 -8.44 14.23 -7.23
C GLY A 137 -7.19 14.96 -7.68
N GLU A 138 -7.36 15.98 -8.51
CA GLU A 138 -6.23 16.76 -9.00
C GLU A 138 -5.70 17.70 -7.92
N MET A 139 -6.61 18.37 -7.24
CA MET A 139 -6.23 19.31 -6.18
C MET A 139 -5.14 18.71 -5.29
N TRP A 140 -5.50 17.66 -4.55
CA TRP A 140 -4.56 17.00 -3.66
C TRP A 140 -3.22 16.77 -4.36
N ASN A 141 -3.27 16.48 -5.66
CA ASN A 141 -2.06 16.24 -6.43
C ASN A 141 -1.34 17.56 -6.72
N ASN A 142 -2.11 18.64 -6.82
CA ASN A 142 -1.55 19.95 -7.09
C ASN A 142 -1.52 20.82 -5.83
N THR A 143 -1.38 20.17 -4.69
CA THR A 143 -1.34 20.87 -3.41
C THR A 143 0.03 20.73 -2.75
N ALA A 144 0.53 21.84 -2.21
CA ALA A 144 1.83 21.84 -1.54
C ALA A 144 1.78 21.06 -0.23
N ALA A 145 2.75 20.17 -0.03
CA ALA A 145 2.81 19.38 1.19
C ALA A 145 2.48 20.22 2.41
N ASP A 146 2.96 21.46 2.42
CA ASP A 146 2.72 22.36 3.54
C ASP A 146 1.22 22.44 3.86
N ASP A 147 0.40 22.56 2.83
CA ASP A 147 -1.04 22.64 3.00
C ASP A 147 -1.59 21.36 3.64
N LYS A 148 -0.82 20.28 3.53
CA LYS A 148 -1.22 18.99 4.10
C LYS A 148 -0.62 18.81 5.49
N GLN A 149 -0.09 19.88 6.05
CA GLN A 149 0.51 19.83 7.38
C GLN A 149 -0.51 19.37 8.42
N PRO A 150 -1.61 20.13 8.54
CA PRO A 150 -2.68 19.82 9.49
C PRO A 150 -3.46 18.57 9.11
N TYR A 151 -3.58 18.34 7.81
CA TYR A 151 -4.30 17.17 7.31
C TYR A 151 -3.54 15.88 7.61
N GLU A 152 -2.24 15.89 7.35
CA GLU A 152 -1.40 14.73 7.60
C GLU A 152 -1.24 14.48 9.09
N LYS A 153 -0.71 15.49 9.80
CA LYS A 153 -0.50 15.38 11.23
C LYS A 153 -1.74 14.82 11.93
N LYS A 154 -2.88 15.46 11.69
CA LYS A 154 -4.14 15.03 12.29
C LYS A 154 -4.41 13.57 11.96
N ALA A 155 -4.71 13.29 10.70
CA ALA A 155 -4.99 11.92 10.26
C ALA A 155 -4.07 10.92 10.95
N ALA A 156 -2.78 11.25 11.01
CA ALA A 156 -1.80 10.38 11.64
C ALA A 156 -2.28 9.91 13.01
N LYS A 157 -2.71 10.85 13.84
CA LYS A 157 -3.20 10.53 15.17
C LYS A 157 -4.26 9.45 15.11
N LEU A 158 -5.25 9.63 14.24
CA LEU A 158 -6.33 8.66 14.09
C LEU A 158 -5.78 7.26 13.83
N LYS A 159 -4.91 7.15 12.83
CA LYS A 159 -4.31 5.87 12.48
C LYS A 159 -3.99 5.07 13.73
N GLU A 160 -3.31 5.70 14.68
CA GLU A 160 -2.94 5.04 15.93
C GLU A 160 -4.13 4.29 16.52
N LYS A 161 -5.23 5.01 16.74
CA LYS A 161 -6.43 4.41 17.29
C LYS A 161 -6.78 3.11 16.58
N TYR A 162 -6.71 3.13 15.25
CA TYR A 162 -7.02 1.96 14.46
C TYR A 162 -6.05 0.81 14.77
N GLU A 163 -4.76 1.05 14.53
CA GLU A 163 -3.75 0.04 14.79
C GLU A 163 -3.94 -0.59 16.17
N LYS A 164 -4.30 0.24 17.15
CA LYS A 164 -4.51 -0.23 18.51
C LYS A 164 -5.78 -1.06 18.60
N ASP A 165 -6.89 -0.51 18.10
CA ASP A 165 -8.17 -1.20 18.12
C ASP A 165 -8.05 -2.57 17.48
N ILE A 166 -7.49 -2.62 16.28
CA ILE A 166 -7.32 -3.88 15.57
C ILE A 166 -6.34 -4.80 16.28
N ALA A 167 -5.30 -4.21 16.87
CA ALA A 167 -4.30 -4.96 17.60
C ALA A 167 -4.94 -6.02 18.50
N ALA A 168 -6.05 -5.63 19.14
CA ALA A 168 -6.76 -6.53 20.04
C ALA A 168 -7.52 -7.59 19.25
N TYR A 169 -8.16 -7.17 18.16
CA TYR A 169 -8.94 -8.09 17.33
C TYR A 169 -8.10 -9.29 16.92
N ARG A 170 -6.97 -9.03 16.27
CA ARG A 170 -6.08 -10.10 15.82
C ARG A 170 -5.68 -10.99 17.00
N ALA A 171 -5.41 -10.38 18.14
CA ALA A 171 -5.02 -11.12 19.34
C ALA A 171 -4.98 -10.21 20.56
N LYS A 172 -5.94 -10.40 21.46
CA LYS A 172 -6.02 -9.59 22.67
C LYS A 172 -4.69 -9.62 23.43
N GLY A 173 -3.96 -8.51 23.38
CA GLY A 173 -2.68 -8.43 24.07
C GLY A 173 -2.35 -7.02 24.50
N GLY A 1 44.80 -21.43 12.92
CA GLY A 1 46.10 -20.79 13.00
C GLY A 1 46.10 -19.61 13.97
N SER A 2 45.18 -18.68 13.75
CA SER A 2 45.07 -17.50 14.60
C SER A 2 44.44 -17.85 15.95
N SER A 3 44.44 -16.89 16.86
CA SER A 3 43.87 -17.10 18.19
C SER A 3 42.53 -16.39 18.32
N GLY A 4 41.51 -17.14 18.73
CA GLY A 4 40.18 -16.57 18.90
C GLY A 4 39.61 -16.82 20.27
N SER A 5 38.80 -17.88 20.40
CA SER A 5 38.18 -18.23 21.67
C SER A 5 37.67 -16.98 22.39
N SER A 6 37.02 -16.09 21.63
CA SER A 6 36.49 -14.86 22.19
C SER A 6 35.01 -14.70 21.87
N GLY A 7 34.20 -14.58 22.91
CA GLY A 7 32.77 -14.43 22.72
C GLY A 7 32.33 -12.98 22.72
N MET A 8 31.34 -12.66 21.88
CA MET A 8 30.83 -11.30 21.78
C MET A 8 29.30 -11.29 21.69
N GLY A 9 28.68 -10.35 22.37
CA GLY A 9 27.23 -10.25 22.36
C GLY A 9 26.73 -8.90 22.84
N LYS A 10 25.82 -8.31 22.07
CA LYS A 10 25.26 -7.01 22.43
C LYS A 10 23.73 -7.07 22.45
N GLY A 11 23.14 -7.68 21.43
CA GLY A 11 21.70 -7.78 21.36
C GLY A 11 21.17 -7.53 19.95
N ASP A 12 21.75 -6.56 19.27
CA ASP A 12 21.33 -6.21 17.92
C ASP A 12 21.07 -7.47 17.11
N PRO A 13 20.14 -7.38 16.14
CA PRO A 13 19.78 -8.50 15.27
C PRO A 13 20.89 -8.86 14.29
N LYS A 14 21.95 -8.06 14.30
CA LYS A 14 23.09 -8.30 13.42
C LYS A 14 23.49 -9.77 13.41
N LYS A 15 24.00 -10.25 14.55
CA LYS A 15 24.42 -11.64 14.68
C LYS A 15 23.50 -12.55 13.87
N PRO A 16 24.11 -13.39 13.03
CA PRO A 16 23.37 -14.35 12.19
C PRO A 16 22.72 -15.46 13.00
N ARG A 17 21.45 -15.28 13.33
CA ARG A 17 20.73 -16.28 14.12
C ARG A 17 20.09 -17.33 13.20
N GLY A 18 20.70 -17.52 12.03
CA GLY A 18 20.18 -18.49 11.09
C GLY A 18 20.93 -18.48 9.77
N LYS A 19 20.46 -19.28 8.81
CA LYS A 19 21.11 -19.36 7.51
C LYS A 19 20.27 -18.64 6.45
N MET A 20 20.70 -18.75 5.19
CA MET A 20 19.98 -18.11 4.09
C MET A 20 19.04 -19.09 3.42
N SER A 21 18.24 -18.59 2.48
CA SER A 21 17.27 -19.43 1.76
C SER A 21 17.63 -19.51 0.28
N SER A 22 17.18 -20.58 -0.37
CA SER A 22 17.45 -20.79 -1.79
C SER A 22 17.45 -19.46 -2.53
N TYR A 23 16.45 -18.63 -2.24
CA TYR A 23 16.33 -17.33 -2.90
C TYR A 23 17.54 -16.46 -2.61
N ALA A 24 17.78 -16.18 -1.33
CA ALA A 24 18.92 -15.36 -0.93
C ALA A 24 20.19 -15.77 -1.67
N PHE A 25 20.30 -17.06 -1.96
CA PHE A 25 21.47 -17.59 -2.68
C PHE A 25 21.32 -17.40 -4.17
N PHE A 26 20.10 -17.61 -4.68
CA PHE A 26 19.83 -17.47 -6.11
C PHE A 26 19.97 -16.02 -6.54
N VAL A 27 19.77 -15.10 -5.60
CA VAL A 27 19.88 -13.68 -5.89
C VAL A 27 21.34 -13.21 -5.86
N GLN A 28 22.13 -13.86 -5.02
CA GLN A 28 23.55 -13.52 -4.90
C GLN A 28 24.40 -14.36 -5.85
N THR A 29 23.79 -15.39 -6.43
CA THR A 29 24.48 -16.27 -7.36
C THR A 29 24.34 -15.78 -8.79
N CYS A 30 23.10 -15.54 -9.22
CA CYS A 30 22.83 -15.07 -10.57
C CYS A 30 23.46 -13.70 -10.80
N ARG A 31 23.72 -12.99 -9.71
CA ARG A 31 24.32 -11.65 -9.80
C ARG A 31 25.83 -11.75 -10.00
N GLU A 32 26.46 -12.64 -9.26
CA GLU A 32 27.91 -12.84 -9.36
C GLU A 32 28.28 -13.48 -10.69
N GLU A 33 27.59 -14.57 -11.03
CA GLU A 33 27.85 -15.28 -12.28
C GLU A 33 27.85 -14.32 -13.46
N HIS A 34 26.97 -13.31 -13.39
CA HIS A 34 26.86 -12.33 -14.46
C HIS A 34 28.16 -11.54 -14.61
N LYS A 35 28.56 -10.85 -13.55
CA LYS A 35 29.77 -10.05 -13.56
C LYS A 35 30.88 -10.76 -14.36
N LYS A 36 30.83 -12.08 -14.37
CA LYS A 36 31.81 -12.87 -15.10
C LYS A 36 31.51 -12.88 -16.59
N LYS A 37 30.24 -13.07 -16.93
CA LYS A 37 29.82 -13.09 -18.33
C LYS A 37 29.93 -11.71 -18.97
N HIS A 38 29.51 -10.69 -18.23
CA HIS A 38 29.57 -9.32 -18.73
C HIS A 38 30.18 -8.40 -17.66
N PRO A 39 31.50 -8.16 -17.78
CA PRO A 39 32.23 -7.30 -16.84
C PRO A 39 31.86 -5.83 -17.01
N ASP A 40 31.89 -5.34 -18.25
CA ASP A 40 31.56 -3.97 -18.54
C ASP A 40 30.08 -3.82 -18.88
N ALA A 41 29.23 -4.56 -18.17
CA ALA A 41 27.80 -4.53 -18.40
C ALA A 41 27.17 -3.32 -17.71
N SER A 42 25.88 -3.09 -17.97
CA SER A 42 25.17 -1.96 -17.38
C SER A 42 23.92 -2.44 -16.65
N VAL A 43 24.09 -3.44 -15.78
CA VAL A 43 22.97 -3.99 -15.02
C VAL A 43 22.72 -3.17 -13.75
N ASN A 44 21.45 -3.05 -13.38
CA ASN A 44 21.06 -2.30 -12.19
C ASN A 44 20.69 -3.23 -11.05
N PHE A 45 21.01 -2.82 -9.83
CA PHE A 45 20.71 -3.63 -8.65
C PHE A 45 19.20 -3.72 -8.43
N SER A 46 18.58 -2.58 -8.14
CA SER A 46 17.14 -2.54 -7.90
C SER A 46 16.39 -3.37 -8.94
N GLU A 47 16.88 -3.34 -10.18
CA GLU A 47 16.26 -4.10 -11.26
C GLU A 47 16.54 -5.59 -11.11
N PHE A 48 17.75 -5.93 -10.69
CA PHE A 48 18.14 -7.32 -10.51
C PHE A 48 17.39 -7.95 -9.35
N SER A 49 16.92 -7.11 -8.42
CA SER A 49 16.19 -7.59 -7.26
C SER A 49 14.71 -7.79 -7.60
N LYS A 50 14.11 -6.78 -8.21
CA LYS A 50 12.70 -6.84 -8.58
C LYS A 50 12.46 -7.91 -9.64
N LYS A 51 13.53 -8.26 -10.36
CA LYS A 51 13.45 -9.28 -11.41
C LYS A 51 13.65 -10.67 -10.82
N CYS A 52 14.59 -10.78 -9.89
CA CYS A 52 14.88 -12.07 -9.25
C CYS A 52 13.62 -12.69 -8.65
N SER A 53 12.68 -11.82 -8.26
CA SER A 53 11.44 -12.28 -7.67
C SER A 53 10.62 -13.09 -8.67
N GLU A 54 10.32 -12.48 -9.81
CA GLU A 54 9.55 -13.15 -10.86
C GLU A 54 10.36 -14.24 -11.53
N ARG A 55 11.68 -14.09 -11.49
CA ARG A 55 12.58 -15.07 -12.10
C ARG A 55 12.75 -16.29 -11.19
N TRP A 56 12.49 -16.10 -9.90
CA TRP A 56 12.62 -17.18 -8.93
C TRP A 56 11.38 -18.05 -8.93
N LYS A 57 10.22 -17.44 -9.13
CA LYS A 57 8.96 -18.16 -9.15
C LYS A 57 8.78 -18.91 -10.47
N THR A 58 9.29 -18.32 -11.54
CA THR A 58 9.19 -18.93 -12.87
C THR A 58 10.11 -20.13 -12.99
N MET A 59 11.31 -20.02 -12.44
CA MET A 59 12.29 -21.10 -12.49
C MET A 59 11.68 -22.40 -11.98
N SER A 60 11.54 -23.36 -12.88
CA SER A 60 10.96 -24.66 -12.53
C SER A 60 11.82 -25.37 -11.50
N ALA A 61 11.33 -26.51 -11.01
CA ALA A 61 12.04 -27.29 -10.01
C ALA A 61 13.46 -27.61 -10.48
N LYS A 62 13.58 -28.07 -11.73
CA LYS A 62 14.86 -28.41 -12.30
C LYS A 62 15.89 -27.32 -12.05
N GLU A 63 15.45 -26.06 -12.18
CA GLU A 63 16.33 -24.91 -11.96
C GLU A 63 16.67 -24.77 -10.48
N LYS A 64 15.65 -24.73 -9.64
CA LYS A 64 15.84 -24.59 -8.20
C LYS A 64 16.59 -25.80 -7.63
N GLY A 65 16.67 -26.87 -8.42
CA GLY A 65 17.35 -28.07 -7.98
C GLY A 65 18.71 -27.77 -7.38
N LYS A 66 19.60 -27.20 -8.19
CA LYS A 66 20.95 -26.87 -7.72
C LYS A 66 20.89 -25.97 -6.49
N PHE A 67 20.23 -24.82 -6.63
CA PHE A 67 20.10 -23.88 -5.53
C PHE A 67 19.65 -24.59 -4.25
N GLU A 68 18.79 -25.58 -4.41
CA GLU A 68 18.28 -26.35 -3.27
C GLU A 68 19.39 -27.17 -2.62
N ASP A 69 20.26 -27.73 -3.45
CA ASP A 69 21.38 -28.54 -2.97
C ASP A 69 22.41 -27.67 -2.25
N MET A 70 22.52 -26.42 -2.69
CA MET A 70 23.47 -25.50 -2.10
C MET A 70 22.91 -24.87 -0.82
N ALA A 71 21.65 -24.46 -0.88
CA ALA A 71 21.00 -23.84 0.27
C ALA A 71 20.85 -24.85 1.41
N LYS A 72 20.59 -26.10 1.06
CA LYS A 72 20.43 -27.15 2.06
C LYS A 72 21.73 -27.40 2.81
N ALA A 73 22.84 -27.30 2.09
CA ALA A 73 24.16 -27.50 2.70
C ALA A 73 24.56 -26.31 3.56
N ASP A 74 24.07 -25.13 3.19
CA ASP A 74 24.38 -23.91 3.92
C ASP A 74 23.72 -23.92 5.29
N LYS A 75 22.96 -24.97 5.57
CA LYS A 75 22.28 -25.11 6.85
C LYS A 75 23.25 -25.50 7.96
N ALA A 76 24.41 -26.01 7.56
CA ALA A 76 25.43 -26.43 8.52
C ALA A 76 26.62 -25.48 8.48
N ARG A 77 26.76 -24.75 7.38
CA ARG A 77 27.87 -23.82 7.22
C ARG A 77 27.51 -22.45 7.80
N TYR A 78 26.23 -22.25 8.07
CA TYR A 78 25.77 -20.98 8.64
C TYR A 78 26.15 -20.86 10.10
N GLU A 79 26.26 -21.99 10.79
CA GLU A 79 26.63 -22.01 12.19
C GLU A 79 28.10 -21.68 12.38
N ARG A 80 28.96 -22.51 11.81
CA ARG A 80 30.41 -22.30 11.90
C ARG A 80 30.78 -20.88 11.49
N GLU A 81 30.20 -20.42 10.38
CA GLU A 81 30.48 -19.08 9.88
C GLU A 81 30.40 -18.05 11.01
N MET A 82 29.36 -18.16 11.82
CA MET A 82 29.17 -17.23 12.93
C MET A 82 30.49 -16.90 13.60
N LYS A 83 31.34 -17.92 13.76
CA LYS A 83 32.65 -17.74 14.39
C LYS A 83 33.40 -16.59 13.76
N THR A 84 33.45 -16.57 12.43
CA THR A 84 34.13 -15.51 11.70
C THR A 84 33.14 -14.57 11.01
N TYR A 85 32.01 -14.34 11.68
CA TYR A 85 30.98 -13.46 11.13
C TYR A 85 31.47 -12.01 11.08
N ILE A 86 31.76 -11.55 9.87
CA ILE A 86 32.24 -10.18 9.67
C ILE A 86 31.25 -9.37 8.84
N PRO A 87 30.42 -8.58 9.52
CA PRO A 87 29.41 -7.74 8.87
C PRO A 87 30.04 -6.58 8.11
N PRO A 88 29.35 -6.14 7.04
CA PRO A 88 29.83 -5.02 6.20
C PRO A 88 29.76 -3.69 6.93
N LYS A 89 30.00 -2.61 6.19
CA LYS A 89 29.96 -1.26 6.76
C LYS A 89 28.53 -0.86 7.10
N GLY A 90 27.57 -1.40 6.34
CA GLY A 90 26.18 -1.08 6.58
C GLY A 90 25.85 0.36 6.24
N GLU A 91 24.56 0.67 6.17
CA GLU A 91 24.12 2.02 5.85
C GLU A 91 23.21 2.56 6.95
N THR A 92 22.65 3.76 6.70
CA THR A 92 21.76 4.39 7.67
C THR A 92 20.44 4.77 7.03
N LYS A 93 20.01 3.98 6.06
CA LYS A 93 18.75 4.25 5.37
C LYS A 93 17.58 4.26 6.34
N LYS A 94 16.69 5.23 6.17
CA LYS A 94 15.52 5.36 7.03
C LYS A 94 14.47 6.27 6.41
N LYS A 95 13.20 5.96 6.66
CA LYS A 95 12.10 6.75 6.12
C LYS A 95 11.19 7.26 7.23
N PHE A 96 10.16 8.00 6.86
CA PHE A 96 9.22 8.53 7.83
C PHE A 96 7.83 8.69 7.21
N LYS A 97 6.84 8.05 7.83
CA LYS A 97 5.46 8.12 7.34
C LYS A 97 4.48 8.05 8.50
N ASP A 98 3.36 8.77 8.36
CA ASP A 98 2.33 8.80 9.39
C ASP A 98 1.01 8.23 8.86
N PRO A 99 0.96 6.90 8.69
CA PRO A 99 -0.23 6.22 8.18
C PRO A 99 -1.37 6.22 9.20
N ASN A 100 -1.01 6.22 10.48
CA ASN A 100 -2.02 6.22 11.55
C ASN A 100 -2.88 7.48 11.48
N ALA A 101 -2.24 8.62 11.18
CA ALA A 101 -2.95 9.89 11.08
C ALA A 101 -4.35 9.69 10.53
N PRO A 102 -5.35 10.21 11.25
CA PRO A 102 -6.76 10.11 10.86
C PRO A 102 -7.08 10.95 9.63
N LYS A 103 -8.36 11.03 9.28
CA LYS A 103 -8.80 11.79 8.12
C LYS A 103 -9.74 12.91 8.54
N ARG A 104 -9.92 13.90 7.67
CA ARG A 104 -10.80 15.03 7.95
C ARG A 104 -12.20 14.78 7.40
N PRO A 105 -13.17 14.60 8.31
CA PRO A 105 -14.57 14.34 7.94
C PRO A 105 -15.24 15.56 7.33
N PRO A 106 -16.43 15.36 6.75
CA PRO A 106 -17.20 16.44 6.13
C PRO A 106 -17.75 17.43 7.14
N SER A 107 -18.45 18.45 6.64
CA SER A 107 -19.02 19.47 7.52
C SER A 107 -20.47 19.75 7.13
N ALA A 108 -21.16 20.52 7.98
CA ALA A 108 -22.56 20.86 7.73
C ALA A 108 -22.76 21.34 6.29
N PHE A 109 -21.86 22.21 5.84
CA PHE A 109 -21.94 22.75 4.49
C PHE A 109 -22.09 21.63 3.46
N PHE A 110 -21.20 20.64 3.53
CA PHE A 110 -21.24 19.51 2.61
C PHE A 110 -22.59 18.82 2.65
N LEU A 111 -23.09 18.57 3.86
CA LEU A 111 -24.39 17.91 4.03
C LEU A 111 -25.48 18.67 3.30
N PHE A 112 -25.75 19.90 3.74
CA PHE A 112 -26.78 20.73 3.12
C PHE A 112 -26.66 20.69 1.60
N CYS A 113 -25.45 20.89 1.09
CA CYS A 113 -25.21 20.88 -0.35
C CYS A 113 -25.72 19.59 -0.97
N SER A 114 -25.16 18.46 -0.55
CA SER A 114 -25.56 17.16 -1.07
C SER A 114 -27.06 16.93 -0.86
N GLU A 115 -27.67 17.76 -0.03
CA GLU A 115 -29.09 17.64 0.27
C GLU A 115 -29.91 18.51 -0.69
N TYR A 116 -29.31 19.59 -1.15
CA TYR A 116 -29.98 20.51 -2.07
C TYR A 116 -29.57 20.24 -3.51
N ARG A 117 -28.49 19.49 -3.67
CA ARG A 117 -27.98 19.16 -5.01
C ARG A 117 -29.07 18.49 -5.85
N PRO A 118 -29.68 17.43 -5.29
CA PRO A 118 -30.74 16.69 -5.98
C PRO A 118 -32.03 17.50 -6.10
N LYS A 119 -32.05 18.67 -5.49
CA LYS A 119 -33.21 19.55 -5.53
C LYS A 119 -33.10 20.55 -6.68
N ILE A 120 -32.02 21.31 -6.68
CA ILE A 120 -31.79 22.31 -7.72
C ILE A 120 -31.31 21.65 -9.01
N LYS A 121 -30.53 20.60 -8.89
CA LYS A 121 -30.01 19.89 -10.05
C LYS A 121 -31.14 19.30 -10.88
N GLY A 122 -31.99 18.51 -10.24
CA GLY A 122 -33.11 17.90 -10.94
C GLY A 122 -34.08 18.94 -11.48
N GLU A 123 -34.36 19.96 -10.68
CA GLU A 123 -35.28 21.02 -11.08
C GLU A 123 -34.71 21.82 -12.24
N HIS A 124 -33.41 22.08 -12.20
CA HIS A 124 -32.75 22.84 -13.25
C HIS A 124 -31.70 21.98 -13.97
N PRO A 125 -32.12 21.33 -15.06
CA PRO A 125 -31.24 20.47 -15.85
C PRO A 125 -30.17 21.26 -16.61
N GLY A 126 -30.36 22.58 -16.69
CA GLY A 126 -29.41 23.42 -17.37
C GLY A 126 -28.19 23.74 -16.53
N LEU A 127 -28.41 23.94 -15.23
CA LEU A 127 -27.32 24.25 -14.31
C LEU A 127 -26.32 23.10 -14.25
N SER A 128 -25.06 23.40 -14.57
CA SER A 128 -24.00 22.40 -14.55
C SER A 128 -23.21 22.47 -13.25
N ILE A 129 -22.44 21.43 -12.97
CA ILE A 129 -21.62 21.37 -11.76
C ILE A 129 -21.03 22.74 -11.44
N GLY A 130 -20.55 23.42 -12.48
CA GLY A 130 -19.95 24.73 -12.28
C GLY A 130 -20.91 25.71 -11.64
N ASP A 131 -22.12 25.81 -12.18
CA ASP A 131 -23.13 26.72 -11.64
C ASP A 131 -23.67 26.20 -10.30
N VAL A 132 -24.33 25.05 -10.35
CA VAL A 132 -24.90 24.45 -9.14
C VAL A 132 -24.01 24.71 -7.93
N ALA A 133 -22.72 24.40 -8.06
CA ALA A 133 -21.77 24.61 -6.98
C ALA A 133 -21.85 26.04 -6.45
N LYS A 134 -21.91 27.00 -7.36
CA LYS A 134 -21.98 28.41 -6.97
C LYS A 134 -23.29 28.70 -6.22
N LYS A 135 -24.33 27.95 -6.55
CA LYS A 135 -25.63 28.13 -5.91
C LYS A 135 -25.60 27.59 -4.49
N LEU A 136 -24.66 26.70 -4.20
CA LEU A 136 -24.52 26.12 -2.87
C LEU A 136 -23.61 26.97 -1.99
N GLY A 137 -22.63 27.62 -2.61
CA GLY A 137 -21.71 28.46 -1.87
C GLY A 137 -22.39 29.66 -1.26
N GLU A 138 -23.22 30.34 -2.05
CA GLU A 138 -23.94 31.52 -1.59
C GLU A 138 -25.06 31.13 -0.62
N MET A 139 -25.74 30.04 -0.95
CA MET A 139 -26.85 29.56 -0.11
C MET A 139 -26.39 29.37 1.32
N TRP A 140 -25.24 28.75 1.50
CA TRP A 140 -24.68 28.50 2.83
C TRP A 140 -24.35 29.81 3.54
N ASN A 141 -23.71 30.72 2.81
CA ASN A 141 -23.33 32.01 3.37
C ASN A 141 -24.57 32.77 3.88
N ASN A 142 -25.70 32.54 3.23
CA ASN A 142 -26.95 33.19 3.60
C ASN A 142 -27.86 32.23 4.35
N THR A 143 -27.27 31.45 5.26
CA THR A 143 -28.03 30.48 6.04
C THR A 143 -27.88 30.76 7.54
N ALA A 144 -28.99 30.67 8.26
CA ALA A 144 -28.98 30.91 9.70
C ALA A 144 -28.54 29.65 10.45
N ALA A 145 -27.81 29.85 11.54
CA ALA A 145 -27.32 28.74 12.35
C ALA A 145 -28.43 27.73 12.61
N ASP A 146 -29.64 28.22 12.82
CA ASP A 146 -30.78 27.35 13.08
C ASP A 146 -30.93 26.31 11.98
N ASP A 147 -30.90 26.76 10.73
CA ASP A 147 -31.03 25.87 9.59
C ASP A 147 -29.87 24.87 9.54
N LYS A 148 -28.84 25.14 10.33
CA LYS A 148 -27.66 24.28 10.38
C LYS A 148 -27.69 23.40 11.62
N GLN A 149 -28.82 23.41 12.32
CA GLN A 149 -28.98 22.61 13.53
C GLN A 149 -28.71 21.14 13.24
N PRO A 150 -29.49 20.56 12.32
CA PRO A 150 -29.36 19.15 11.93
C PRO A 150 -28.07 18.89 11.16
N TYR A 151 -27.70 19.82 10.29
CA TYR A 151 -26.48 19.68 9.50
C TYR A 151 -25.24 19.67 10.38
N GLU A 152 -25.26 20.52 11.41
CA GLU A 152 -24.13 20.61 12.33
C GLU A 152 -24.14 19.43 13.31
N LYS A 153 -25.20 19.33 14.09
CA LYS A 153 -25.34 18.26 15.07
C LYS A 153 -24.87 16.93 14.49
N LYS A 154 -25.35 16.62 13.28
CA LYS A 154 -24.99 15.38 12.61
C LYS A 154 -23.48 15.32 12.35
N ALA A 155 -22.97 16.34 11.68
CA ALA A 155 -21.54 16.41 11.37
C ALA A 155 -20.70 16.31 12.64
N ALA A 156 -21.25 16.79 13.75
CA ALA A 156 -20.55 16.76 15.03
C ALA A 156 -20.22 15.32 15.43
N LYS A 157 -21.19 14.43 15.27
CA LYS A 157 -21.00 13.03 15.62
C LYS A 157 -19.82 12.42 14.86
N LEU A 158 -19.78 12.67 13.55
CA LEU A 158 -18.71 12.15 12.71
C LEU A 158 -17.38 12.81 13.06
N LYS A 159 -17.41 14.11 13.31
CA LYS A 159 -16.21 14.86 13.67
C LYS A 159 -15.60 14.32 14.95
N GLU A 160 -16.42 14.18 15.99
CA GLU A 160 -15.94 13.67 17.27
C GLU A 160 -14.96 12.52 17.07
N LYS A 161 -15.31 11.60 16.17
CA LYS A 161 -14.45 10.46 15.88
C LYS A 161 -13.09 10.90 15.37
N TYR A 162 -13.09 11.91 14.49
CA TYR A 162 -11.85 12.42 13.92
C TYR A 162 -11.02 13.14 14.99
N GLU A 163 -11.62 14.14 15.62
CA GLU A 163 -10.94 14.90 16.67
C GLU A 163 -10.41 13.97 17.76
N LYS A 164 -11.15 12.91 18.04
CA LYS A 164 -10.76 11.94 19.06
C LYS A 164 -9.61 11.07 18.56
N ASP A 165 -9.73 10.59 17.33
CA ASP A 165 -8.70 9.74 16.74
C ASP A 165 -7.39 10.49 16.59
N ILE A 166 -7.48 11.75 16.15
CA ILE A 166 -6.29 12.57 15.97
C ILE A 166 -5.67 12.95 17.31
N ALA A 167 -6.52 13.07 18.33
CA ALA A 167 -6.06 13.42 19.67
C ALA A 167 -5.01 12.44 20.17
N ALA A 168 -5.07 11.21 19.66
CA ALA A 168 -4.11 10.18 20.05
C ALA A 168 -2.94 10.11 19.07
N TYR A 169 -3.22 10.38 17.80
CA TYR A 169 -2.20 10.34 16.77
C TYR A 169 -0.96 11.13 17.20
N ARG A 170 -1.15 12.40 17.52
CA ARG A 170 -0.05 13.25 17.96
C ARG A 170 0.08 13.23 19.48
N ALA A 171 -1.04 13.35 20.17
CA ALA A 171 -1.05 13.34 21.64
C ALA A 171 -0.38 14.59 22.19
N LYS A 172 -0.72 15.75 21.62
CA LYS A 172 -0.16 17.01 22.06
C LYS A 172 -0.31 17.20 23.56
N GLY A 173 -1.56 17.08 24.04
CA GLY A 173 -1.82 17.22 25.45
C GLY A 173 -3.30 17.13 25.78
N GLY A 1 7.70 2.60 -11.33
CA GLY A 1 7.57 1.36 -12.06
C GLY A 1 6.79 0.32 -11.28
N SER A 2 5.47 0.39 -11.35
CA SER A 2 4.60 -0.55 -10.65
C SER A 2 3.14 -0.31 -10.99
N SER A 3 2.55 -1.26 -11.72
CA SER A 3 1.15 -1.15 -12.13
C SER A 3 0.26 -0.92 -10.92
N GLY A 4 -1.01 -0.57 -11.18
CA GLY A 4 -1.95 -0.32 -10.11
C GLY A 4 -2.45 1.11 -10.10
N SER A 5 -3.33 1.43 -9.15
CA SER A 5 -3.89 2.76 -9.04
C SER A 5 -4.58 2.96 -7.70
N SER A 6 -4.34 4.11 -7.08
CA SER A 6 -4.94 4.42 -5.77
C SER A 6 -5.44 5.86 -5.74
N GLY A 7 -6.69 6.03 -5.32
CA GLY A 7 -7.26 7.36 -5.24
C GLY A 7 -8.78 7.34 -5.29
N MET A 8 -9.34 7.36 -6.49
CA MET A 8 -10.78 7.35 -6.68
C MET A 8 -11.43 6.30 -5.77
N GLY A 9 -10.85 5.10 -5.75
CA GLY A 9 -11.38 4.03 -4.93
C GLY A 9 -10.86 4.08 -3.50
N LYS A 10 -11.41 4.99 -2.70
CA LYS A 10 -11.00 5.14 -1.31
C LYS A 10 -12.21 5.14 -0.39
N GLY A 11 -12.36 4.06 0.38
CA GLY A 11 -13.47 3.96 1.30
C GLY A 11 -13.64 2.56 1.85
N ASP A 12 -14.15 1.66 1.03
CA ASP A 12 -14.36 0.27 1.44
C ASP A 12 -13.08 -0.55 1.27
N PRO A 13 -12.85 -1.49 2.19
CA PRO A 13 -11.67 -2.36 2.17
C PRO A 13 -11.72 -3.36 1.01
N LYS A 14 -12.78 -3.29 0.21
CA LYS A 14 -12.93 -4.18 -0.93
C LYS A 14 -11.60 -4.38 -1.66
N LYS A 15 -10.97 -3.28 -2.02
CA LYS A 15 -9.69 -3.33 -2.72
C LYS A 15 -8.65 -4.09 -1.89
N PRO A 16 -8.24 -5.26 -2.39
CA PRO A 16 -7.25 -6.10 -1.72
C PRO A 16 -5.85 -5.50 -1.76
N ARG A 17 -4.89 -6.17 -1.13
CA ARG A 17 -3.51 -5.70 -1.10
C ARG A 17 -2.54 -6.86 -1.26
N GLY A 18 -1.40 -6.58 -1.89
CA GLY A 18 -0.39 -7.61 -2.10
C GLY A 18 0.70 -7.16 -3.05
N LYS A 19 0.30 -6.56 -4.17
CA LYS A 19 1.25 -6.09 -5.17
C LYS A 19 2.50 -5.52 -4.51
N MET A 20 3.66 -5.98 -4.96
CA MET A 20 4.93 -5.51 -4.41
C MET A 20 5.84 -4.98 -5.51
N SER A 21 6.62 -3.95 -5.19
CA SER A 21 7.53 -3.36 -6.16
C SER A 21 8.89 -4.06 -6.14
N SER A 22 9.77 -3.68 -7.06
CA SER A 22 11.09 -4.28 -7.15
C SER A 22 11.76 -4.33 -5.78
N TYR A 23 11.75 -3.18 -5.08
CA TYR A 23 12.36 -3.09 -3.76
C TYR A 23 11.63 -3.98 -2.76
N ALA A 24 10.32 -3.74 -2.62
CA ALA A 24 9.50 -4.51 -1.69
C ALA A 24 9.84 -6.00 -1.78
N PHE A 25 10.08 -6.48 -2.99
CA PHE A 25 10.41 -7.88 -3.21
C PHE A 25 11.88 -8.15 -2.91
N PHE A 26 12.76 -7.37 -3.54
CA PHE A 26 14.20 -7.53 -3.34
C PHE A 26 14.53 -7.62 -1.85
N VAL A 27 13.64 -7.07 -1.01
CA VAL A 27 13.85 -7.10 0.43
C VAL A 27 13.55 -8.47 1.00
N GLN A 28 12.58 -9.15 0.42
CA GLN A 28 12.20 -10.49 0.87
C GLN A 28 12.97 -11.56 0.12
N THR A 29 13.56 -11.19 -1.01
CA THR A 29 14.33 -12.12 -1.82
C THR A 29 15.69 -12.41 -1.19
N CYS A 30 16.17 -11.49 -0.37
CA CYS A 30 17.45 -11.65 0.31
C CYS A 30 17.27 -12.28 1.68
N ARG A 31 16.23 -11.85 2.39
CA ARG A 31 15.95 -12.37 3.72
C ARG A 31 15.70 -13.87 3.68
N GLU A 32 14.89 -14.31 2.73
CA GLU A 32 14.57 -15.73 2.58
C GLU A 32 15.83 -16.54 2.30
N GLU A 33 16.69 -16.01 1.43
CA GLU A 33 17.94 -16.68 1.07
C GLU A 33 18.82 -16.87 2.29
N HIS A 34 18.70 -15.96 3.26
CA HIS A 34 19.49 -16.03 4.48
C HIS A 34 19.03 -17.17 5.38
N LYS A 35 17.73 -17.18 5.71
CA LYS A 35 17.17 -18.23 6.55
C LYS A 35 17.60 -19.60 6.08
N LYS A 36 18.03 -19.68 4.83
CA LYS A 36 18.49 -20.94 4.25
C LYS A 36 19.95 -21.21 4.59
N LYS A 37 20.76 -20.15 4.59
CA LYS A 37 22.17 -20.26 4.91
C LYS A 37 22.39 -20.38 6.41
N HIS A 38 21.73 -19.50 7.17
CA HIS A 38 21.84 -19.51 8.63
C HIS A 38 20.48 -19.39 9.28
N PRO A 39 19.88 -20.55 9.63
CA PRO A 39 18.57 -20.61 10.27
C PRO A 39 18.59 -20.07 11.70
N ASP A 40 19.57 -20.52 12.48
CA ASP A 40 19.71 -20.08 13.86
C ASP A 40 20.64 -18.88 13.96
N ALA A 41 20.63 -18.03 12.95
CA ALA A 41 21.47 -16.85 12.92
C ALA A 41 20.91 -15.74 13.81
N SER A 42 21.70 -14.71 14.04
CA SER A 42 21.27 -13.59 14.87
C SER A 42 20.98 -12.36 14.03
N VAL A 43 20.08 -12.51 13.06
CA VAL A 43 19.69 -11.41 12.19
C VAL A 43 18.47 -10.68 12.71
N ASN A 44 18.53 -9.35 12.71
CA ASN A 44 17.43 -8.53 13.19
C ASN A 44 16.64 -7.94 12.02
N PHE A 45 15.32 -7.97 12.13
CA PHE A 45 14.45 -7.45 11.08
C PHE A 45 14.87 -6.03 10.69
N SER A 46 14.91 -5.13 11.68
CA SER A 46 15.29 -3.75 11.43
C SER A 46 16.66 -3.66 10.78
N GLU A 47 17.65 -4.27 11.43
CA GLU A 47 19.01 -4.26 10.91
C GLU A 47 19.05 -4.74 9.45
N PHE A 48 18.16 -5.67 9.12
CA PHE A 48 18.08 -6.21 7.78
C PHE A 48 17.36 -5.24 6.84
N SER A 49 16.50 -4.41 7.41
CA SER A 49 15.74 -3.44 6.63
C SER A 49 16.63 -2.30 6.16
N LYS A 50 17.29 -1.65 7.12
CA LYS A 50 18.18 -0.54 6.80
C LYS A 50 19.32 -0.99 5.89
N LYS A 51 19.59 -2.29 5.89
CA LYS A 51 20.64 -2.85 5.06
C LYS A 51 20.17 -3.01 3.61
N CYS A 52 18.89 -3.32 3.45
CA CYS A 52 18.32 -3.49 2.11
C CYS A 52 18.25 -2.17 1.37
N SER A 53 18.16 -1.07 2.12
CA SER A 53 18.08 0.26 1.53
C SER A 53 19.38 0.62 0.83
N GLU A 54 20.48 0.63 1.58
CA GLU A 54 21.78 0.95 1.03
C GLU A 54 22.26 -0.13 0.06
N ARG A 55 21.68 -1.32 0.20
CA ARG A 55 22.04 -2.44 -0.65
C ARG A 55 21.33 -2.36 -2.00
N TRP A 56 20.09 -1.88 -1.98
CA TRP A 56 19.30 -1.74 -3.20
C TRP A 56 19.81 -0.58 -4.05
N LYS A 57 20.24 0.49 -3.39
CA LYS A 57 20.75 1.66 -4.09
C LYS A 57 22.13 1.38 -4.69
N THR A 58 22.93 0.61 -3.97
CA THR A 58 24.27 0.26 -4.44
C THR A 58 24.22 -0.81 -5.52
N MET A 59 23.01 -1.28 -5.82
CA MET A 59 22.82 -2.30 -6.85
C MET A 59 22.72 -1.66 -8.23
N SER A 60 23.67 -1.98 -9.10
CA SER A 60 23.68 -1.45 -10.46
C SER A 60 22.39 -1.80 -11.20
N ALA A 61 22.09 -1.02 -12.23
CA ALA A 61 20.88 -1.24 -13.02
C ALA A 61 20.75 -2.71 -13.42
N LYS A 62 21.88 -3.32 -13.75
CA LYS A 62 21.89 -4.72 -14.16
C LYS A 62 21.31 -5.61 -13.06
N GLU A 63 21.63 -5.28 -11.81
CA GLU A 63 21.13 -6.05 -10.68
C GLU A 63 19.64 -5.81 -10.45
N LYS A 64 19.18 -4.61 -10.82
CA LYS A 64 17.79 -4.25 -10.66
C LYS A 64 16.95 -4.76 -11.83
N GLY A 65 17.60 -4.90 -12.99
CA GLY A 65 16.90 -5.39 -14.16
C GLY A 65 16.00 -6.57 -13.85
N LYS A 66 16.60 -7.68 -13.46
CA LYS A 66 15.84 -8.89 -13.12
C LYS A 66 14.71 -8.57 -12.15
N PHE A 67 15.04 -7.89 -11.06
CA PHE A 67 14.05 -7.52 -10.06
C PHE A 67 12.87 -6.79 -10.70
N GLU A 68 13.18 -5.92 -11.66
CA GLU A 68 12.15 -5.15 -12.34
C GLU A 68 11.19 -6.08 -13.09
N ASP A 69 11.73 -7.16 -13.64
CA ASP A 69 10.92 -8.11 -14.39
C ASP A 69 10.07 -8.96 -13.44
N MET A 70 10.73 -9.70 -12.56
CA MET A 70 10.04 -10.55 -11.60
C MET A 70 8.93 -9.78 -10.89
N ALA A 71 9.28 -8.61 -10.35
CA ALA A 71 8.31 -7.77 -9.65
C ALA A 71 7.12 -7.45 -10.54
N LYS A 72 7.39 -7.09 -11.80
CA LYS A 72 6.34 -6.76 -12.74
C LYS A 72 5.36 -7.92 -12.90
N ALA A 73 5.85 -9.14 -12.70
CA ALA A 73 5.02 -10.32 -12.81
C ALA A 73 3.90 -10.31 -11.78
N ASP A 74 4.18 -9.72 -10.62
CA ASP A 74 3.20 -9.64 -9.55
C ASP A 74 1.90 -8.99 -10.03
N LYS A 75 2.02 -8.19 -11.10
CA LYS A 75 0.86 -7.51 -11.67
C LYS A 75 -0.20 -8.52 -12.10
N ALA A 76 0.21 -9.75 -12.34
CA ALA A 76 -0.70 -10.80 -12.76
C ALA A 76 -1.15 -11.65 -11.57
N ARG A 77 -0.19 -12.29 -10.91
CA ARG A 77 -0.48 -13.13 -9.76
C ARG A 77 -1.38 -12.40 -8.76
N TYR A 78 -1.22 -11.08 -8.70
CA TYR A 78 -2.03 -10.27 -7.79
C TYR A 78 -3.49 -10.24 -8.22
N GLU A 79 -3.73 -10.08 -9.51
CA GLU A 79 -5.08 -10.05 -10.04
C GLU A 79 -5.94 -11.14 -9.41
N ARG A 80 -5.32 -12.27 -9.09
CA ARG A 80 -6.02 -13.39 -8.48
C ARG A 80 -6.77 -12.95 -7.23
N GLU A 81 -6.12 -12.11 -6.43
CA GLU A 81 -6.73 -11.61 -5.20
C GLU A 81 -7.98 -10.80 -5.49
N MET A 82 -8.11 -10.35 -6.75
CA MET A 82 -9.27 -9.57 -7.15
C MET A 82 -10.52 -10.45 -7.23
N LYS A 83 -10.33 -11.75 -7.10
CA LYS A 83 -11.44 -12.70 -7.16
C LYS A 83 -12.41 -12.47 -6.00
N THR A 84 -11.87 -12.07 -4.85
CA THR A 84 -12.68 -11.80 -3.67
C THR A 84 -13.22 -10.37 -3.68
N TYR A 85 -12.50 -9.48 -4.35
CA TYR A 85 -12.90 -8.09 -4.43
C TYR A 85 -14.41 -7.96 -4.61
N ILE A 86 -14.97 -6.85 -4.16
CA ILE A 86 -16.40 -6.60 -4.28
C ILE A 86 -16.69 -5.14 -4.60
N PRO A 87 -17.17 -4.88 -5.83
CA PRO A 87 -17.50 -3.53 -6.27
C PRO A 87 -18.72 -2.95 -5.56
N PRO A 88 -18.90 -1.63 -5.67
CA PRO A 88 -20.02 -0.93 -5.04
C PRO A 88 -21.36 -1.27 -5.70
N LYS A 89 -22.44 -0.73 -5.15
CA LYS A 89 -23.78 -0.97 -5.67
C LYS A 89 -23.94 -0.34 -7.05
N GLY A 90 -24.17 -1.18 -8.07
CA GLY A 90 -24.33 -0.67 -9.41
C GLY A 90 -24.94 -1.71 -10.34
N GLU A 91 -24.77 -1.51 -11.65
CA GLU A 91 -25.31 -2.43 -12.64
C GLU A 91 -24.32 -3.54 -12.95
N THR A 92 -24.42 -4.64 -12.21
CA THR A 92 -23.53 -5.78 -12.41
C THR A 92 -24.10 -7.04 -11.76
N LYS A 93 -23.61 -8.19 -12.20
CA LYS A 93 -24.07 -9.47 -11.66
C LYS A 93 -23.15 -9.94 -10.54
N LYS A 94 -23.50 -9.60 -9.30
CA LYS A 94 -22.70 -10.00 -8.15
C LYS A 94 -23.57 -10.09 -6.90
N LYS A 95 -23.05 -10.75 -5.87
CA LYS A 95 -23.78 -10.91 -4.62
C LYS A 95 -23.54 -9.72 -3.70
N PHE A 96 -24.29 -9.66 -2.60
CA PHE A 96 -24.16 -8.58 -1.64
C PHE A 96 -22.80 -8.61 -0.95
N LYS A 97 -22.57 -7.68 -0.04
CA LYS A 97 -21.31 -7.61 0.69
C LYS A 97 -21.49 -8.05 2.14
N ASP A 98 -20.39 -8.19 2.86
CA ASP A 98 -20.43 -8.60 4.25
C ASP A 98 -20.27 -7.41 5.18
N PRO A 99 -21.38 -7.02 5.84
CA PRO A 99 -21.38 -5.88 6.78
C PRO A 99 -20.60 -6.17 8.04
N ASN A 100 -20.45 -7.45 8.37
CA ASN A 100 -19.71 -7.86 9.56
C ASN A 100 -18.25 -7.42 9.47
N ALA A 101 -17.63 -7.67 8.32
CA ALA A 101 -16.24 -7.30 8.11
C ALA A 101 -15.93 -5.94 8.74
N PRO A 102 -14.75 -5.85 9.37
CA PRO A 102 -14.30 -4.62 10.02
C PRO A 102 -13.97 -3.52 9.02
N LYS A 103 -14.72 -2.42 9.07
CA LYS A 103 -14.50 -1.29 8.16
C LYS A 103 -13.06 -0.81 8.23
N ARG A 104 -12.57 -0.24 7.14
CA ARG A 104 -11.20 0.26 7.08
C ARG A 104 -11.16 1.77 7.40
N PRO A 105 -10.12 2.19 8.10
CA PRO A 105 -9.94 3.60 8.48
C PRO A 105 -9.61 4.49 7.28
N PRO A 106 -9.74 5.80 7.46
CA PRO A 106 -9.47 6.78 6.42
C PRO A 106 -7.98 6.87 6.08
N SER A 107 -7.68 7.23 4.83
CA SER A 107 -6.29 7.36 4.39
C SER A 107 -5.86 8.82 4.38
N ALA A 108 -4.56 9.05 4.19
CA ALA A 108 -4.01 10.39 4.15
C ALA A 108 -4.81 11.28 3.20
N PHE A 109 -5.09 10.77 2.01
CA PHE A 109 -5.85 11.51 1.01
C PHE A 109 -7.28 11.76 1.48
N PHE A 110 -7.82 10.81 2.23
CA PHE A 110 -9.18 10.92 2.75
C PHE A 110 -9.24 11.89 3.92
N LEU A 111 -8.16 11.95 4.69
CA LEU A 111 -8.08 12.85 5.84
C LEU A 111 -8.02 14.30 5.39
N PHE A 112 -7.13 14.59 4.45
CA PHE A 112 -6.97 15.94 3.94
C PHE A 112 -8.24 16.41 3.21
N CYS A 113 -8.62 15.66 2.19
CA CYS A 113 -9.81 15.99 1.40
C CYS A 113 -11.04 16.12 2.31
N SER A 114 -11.05 15.35 3.39
CA SER A 114 -12.16 15.37 4.33
C SER A 114 -12.13 16.63 5.19
N GLU A 115 -10.92 17.08 5.52
CA GLU A 115 -10.75 18.28 6.34
C GLU A 115 -10.92 19.54 5.49
N TYR A 116 -10.74 19.40 4.18
CA TYR A 116 -10.87 20.52 3.26
C TYR A 116 -12.27 20.55 2.64
N ARG A 117 -12.98 19.43 2.72
CA ARG A 117 -14.32 19.33 2.16
C ARG A 117 -15.23 20.40 2.75
N PRO A 118 -15.27 20.48 4.09
CA PRO A 118 -16.10 21.45 4.80
C PRO A 118 -15.59 22.89 4.63
N LYS A 119 -14.47 23.03 3.92
CA LYS A 119 -13.87 24.34 3.69
C LYS A 119 -14.16 24.82 2.27
N ILE A 120 -14.15 23.89 1.32
CA ILE A 120 -14.42 24.21 -0.07
C ILE A 120 -15.90 24.09 -0.40
N LYS A 121 -16.55 23.08 0.17
CA LYS A 121 -17.97 22.85 -0.05
C LYS A 121 -18.79 24.09 0.32
N GLY A 122 -18.37 24.77 1.38
CA GLY A 122 -19.08 25.96 1.81
C GLY A 122 -18.70 27.18 1.00
N GLU A 123 -17.46 27.21 0.50
CA GLU A 123 -16.98 28.33 -0.29
C GLU A 123 -17.60 28.32 -1.68
N HIS A 124 -17.61 27.14 -2.31
CA HIS A 124 -18.18 27.00 -3.65
C HIS A 124 -19.47 26.19 -3.60
N PRO A 125 -20.60 26.90 -3.42
CA PRO A 125 -21.92 26.27 -3.34
C PRO A 125 -22.37 25.73 -4.70
N GLY A 126 -21.59 26.00 -5.73
CA GLY A 126 -21.93 25.54 -7.07
C GLY A 126 -21.30 24.19 -7.38
N LEU A 127 -20.07 24.00 -6.95
CA LEU A 127 -19.36 22.74 -7.20
C LEU A 127 -20.13 21.57 -6.61
N SER A 128 -20.37 20.55 -7.43
CA SER A 128 -21.10 19.37 -7.00
C SER A 128 -20.14 18.22 -6.70
N ILE A 129 -20.63 17.22 -5.96
CA ILE A 129 -19.82 16.06 -5.61
C ILE A 129 -18.88 15.68 -6.75
N GLY A 130 -19.37 15.80 -7.98
CA GLY A 130 -18.56 15.47 -9.14
C GLY A 130 -17.35 16.36 -9.28
N ASP A 131 -17.56 17.66 -9.26
CA ASP A 131 -16.47 18.63 -9.38
C ASP A 131 -15.62 18.65 -8.12
N VAL A 132 -16.26 18.94 -6.99
CA VAL A 132 -15.56 18.99 -5.71
C VAL A 132 -14.44 17.96 -5.64
N ALA A 133 -14.75 16.75 -6.10
CA ALA A 133 -13.77 15.66 -6.10
C ALA A 133 -12.55 16.03 -6.93
N LYS A 134 -12.79 16.56 -8.13
CA LYS A 134 -11.71 16.96 -9.02
C LYS A 134 -10.86 18.06 -8.40
N LYS A 135 -11.45 18.79 -7.46
CA LYS A 135 -10.75 19.89 -6.79
C LYS A 135 -9.77 19.33 -5.75
N LEU A 136 -10.11 18.19 -5.17
CA LEU A 136 -9.26 17.56 -4.17
C LEU A 136 -8.24 16.64 -4.82
N GLY A 137 -8.66 15.92 -5.85
CA GLY A 137 -7.78 15.00 -6.55
C GLY A 137 -6.50 15.68 -6.98
N GLU A 138 -6.60 16.91 -7.46
CA GLU A 138 -5.44 17.66 -7.92
C GLU A 138 -4.70 18.29 -6.74
N MET A 139 -5.46 18.74 -5.75
CA MET A 139 -4.88 19.36 -4.56
C MET A 139 -3.96 18.39 -3.83
N TRP A 140 -4.39 17.15 -3.72
CA TRP A 140 -3.61 16.11 -3.04
C TRP A 140 -2.35 15.77 -3.85
N ASN A 141 -2.48 15.80 -5.16
CA ASN A 141 -1.36 15.49 -6.04
C ASN A 141 -0.32 16.62 -6.03
N ASN A 142 -0.79 17.83 -5.76
CA ASN A 142 0.09 18.99 -5.70
C ASN A 142 0.67 19.18 -4.31
N THR A 143 -0.15 18.90 -3.30
CA THR A 143 0.27 19.04 -1.91
C THR A 143 1.69 18.51 -1.71
N ALA A 144 2.41 19.10 -0.77
CA ALA A 144 3.78 18.69 -0.48
C ALA A 144 3.80 17.47 0.43
N ALA A 145 4.86 16.67 0.34
CA ALA A 145 4.99 15.47 1.15
C ALA A 145 4.97 15.82 2.63
N ASP A 146 5.63 16.91 3.00
CA ASP A 146 5.69 17.34 4.39
C ASP A 146 4.29 17.57 4.94
N ASP A 147 3.39 18.07 4.10
CA ASP A 147 2.01 18.32 4.50
C ASP A 147 1.25 17.01 4.72
N LYS A 148 1.78 15.94 4.14
CA LYS A 148 1.15 14.62 4.27
C LYS A 148 1.74 13.85 5.44
N GLN A 149 2.91 14.28 5.90
CA GLN A 149 3.57 13.63 7.03
C GLN A 149 2.55 13.12 8.05
N PRO A 150 1.74 14.04 8.58
CA PRO A 150 0.71 13.72 9.56
C PRO A 150 -0.44 12.91 8.96
N TYR A 151 -0.91 13.35 7.79
CA TYR A 151 -2.01 12.68 7.11
C TYR A 151 -1.71 11.20 6.93
N GLU A 152 -0.44 10.87 6.77
CA GLU A 152 -0.02 9.49 6.58
C GLU A 152 0.33 8.85 7.93
N LYS A 153 1.22 9.48 8.67
CA LYS A 153 1.63 8.98 9.98
C LYS A 153 0.42 8.63 10.84
N LYS A 154 -0.62 9.43 10.73
CA LYS A 154 -1.85 9.21 11.49
C LYS A 154 -2.66 8.06 10.90
N ALA A 155 -2.90 8.11 9.59
CA ALA A 155 -3.64 7.07 8.91
C ALA A 155 -3.02 5.69 9.14
N ALA A 156 -1.76 5.69 9.55
CA ALA A 156 -1.04 4.45 9.81
C ALA A 156 -1.49 3.82 11.12
N LYS A 157 -1.29 4.55 12.21
CA LYS A 157 -1.67 4.05 13.53
C LYS A 157 -3.10 3.55 13.54
N LEU A 158 -3.97 4.24 12.81
CA LEU A 158 -5.38 3.86 12.73
C LEU A 158 -5.52 2.44 12.16
N LYS A 159 -4.71 2.14 11.14
CA LYS A 159 -4.74 0.83 10.51
C LYS A 159 -4.72 -0.28 11.56
N GLU A 160 -3.93 -0.09 12.61
CA GLU A 160 -3.82 -1.07 13.67
C GLU A 160 -5.20 -1.46 14.20
N LYS A 161 -5.98 -0.45 14.58
CA LYS A 161 -7.32 -0.69 15.11
C LYS A 161 -8.11 -1.61 14.19
N TYR A 162 -7.74 -1.63 12.92
CA TYR A 162 -8.41 -2.46 11.92
C TYR A 162 -7.78 -3.85 11.86
N GLU A 163 -6.46 -3.88 11.76
CA GLU A 163 -5.72 -5.14 11.69
C GLU A 163 -6.09 -6.05 12.86
N LYS A 164 -6.23 -5.44 14.04
CA LYS A 164 -6.57 -6.19 15.24
C LYS A 164 -8.00 -6.72 15.17
N ASP A 165 -8.89 -5.91 14.63
CA ASP A 165 -10.30 -6.29 14.50
C ASP A 165 -10.46 -7.43 13.48
N ILE A 166 -9.80 -7.27 12.33
CA ILE A 166 -9.88 -8.28 11.28
C ILE A 166 -9.13 -9.55 11.69
N ALA A 167 -8.14 -9.39 12.57
CA ALA A 167 -7.35 -10.53 13.03
C ALA A 167 -8.25 -11.61 13.62
N ALA A 168 -9.38 -11.20 14.18
CA ALA A 168 -10.33 -12.14 14.77
C ALA A 168 -11.40 -12.57 13.77
N TYR A 169 -11.79 -11.63 12.92
CA TYR A 169 -12.81 -11.91 11.91
C TYR A 169 -12.56 -13.26 11.24
N ARG A 170 -11.31 -13.47 10.81
CA ARG A 170 -10.95 -14.72 10.15
C ARG A 170 -10.59 -15.80 11.18
N ALA A 171 -9.87 -15.39 12.23
CA ALA A 171 -9.47 -16.31 13.28
C ALA A 171 -9.14 -17.69 12.70
N LYS A 172 -8.40 -17.70 11.59
CA LYS A 172 -8.02 -18.95 10.95
C LYS A 172 -6.93 -19.66 11.75
N GLY A 173 -7.32 -20.70 12.47
CA GLY A 173 -6.37 -21.46 13.27
C GLY A 173 -5.52 -20.55 14.16
N GLY A 1 -9.81 14.00 -12.37
CA GLY A 1 -8.92 12.88 -12.59
C GLY A 1 -9.01 11.84 -11.49
N SER A 2 -8.50 12.19 -10.31
CA SER A 2 -8.53 11.27 -9.17
C SER A 2 -8.32 12.04 -7.86
N SER A 3 -9.20 11.78 -6.89
CA SER A 3 -9.11 12.44 -5.60
C SER A 3 -7.87 11.99 -4.84
N GLY A 4 -7.61 10.69 -4.86
CA GLY A 4 -6.45 10.15 -4.16
C GLY A 4 -6.84 9.24 -3.02
N SER A 5 -6.90 7.94 -3.28
CA SER A 5 -7.25 6.97 -2.26
C SER A 5 -6.02 6.50 -1.50
N SER A 6 -5.03 6.02 -2.22
CA SER A 6 -3.79 5.53 -1.62
C SER A 6 -2.91 6.70 -1.17
N GLY A 7 -2.19 6.50 -0.07
CA GLY A 7 -1.32 7.55 0.44
C GLY A 7 -1.03 7.37 1.92
N MET A 8 -0.64 6.15 2.30
CA MET A 8 -0.32 5.86 3.70
C MET A 8 0.27 4.46 3.84
N GLY A 9 1.04 4.26 4.90
CA GLY A 9 1.65 2.96 5.13
C GLY A 9 0.64 1.90 5.53
N LYS A 10 1.06 0.65 5.53
CA LYS A 10 0.19 -0.46 5.89
C LYS A 10 1.00 -1.71 6.19
N GLY A 11 0.59 -2.44 7.23
CA GLY A 11 1.29 -3.66 7.60
C GLY A 11 0.48 -4.91 7.29
N ASP A 12 0.36 -5.21 6.00
CA ASP A 12 -0.40 -6.39 5.56
C ASP A 12 0.40 -7.18 4.53
N PRO A 13 0.15 -8.50 4.49
CA PRO A 13 0.83 -9.40 3.55
C PRO A 13 0.41 -9.17 2.11
N LYS A 14 -0.48 -8.21 1.90
CA LYS A 14 -0.97 -7.88 0.57
C LYS A 14 0.19 -7.72 -0.41
N LYS A 15 1.20 -6.97 0.01
CA LYS A 15 2.37 -6.74 -0.83
C LYS A 15 3.16 -8.02 -1.03
N PRO A 16 3.33 -8.43 -2.31
CA PRO A 16 4.08 -9.63 -2.65
C PRO A 16 5.57 -9.50 -2.39
N ARG A 17 5.96 -8.40 -1.76
CA ARG A 17 7.36 -8.15 -1.45
C ARG A 17 8.27 -8.70 -2.55
N GLY A 18 7.86 -8.50 -3.79
CA GLY A 18 8.65 -8.98 -4.92
C GLY A 18 10.03 -8.37 -4.96
N LYS A 19 10.08 -7.03 -4.91
CA LYS A 19 11.36 -6.32 -4.94
C LYS A 19 12.37 -6.96 -4.00
N MET A 20 13.59 -7.13 -4.49
CA MET A 20 14.66 -7.73 -3.68
C MET A 20 15.94 -6.90 -3.77
N SER A 21 16.93 -7.27 -2.97
CA SER A 21 18.19 -6.55 -2.95
C SER A 21 19.31 -7.39 -3.57
N SER A 22 20.52 -6.87 -3.56
CA SER A 22 21.67 -7.57 -4.12
C SER A 22 21.83 -8.94 -3.48
N TYR A 23 21.81 -8.98 -2.15
CA TYR A 23 21.96 -10.23 -1.41
C TYR A 23 20.79 -11.17 -1.69
N ALA A 24 19.59 -10.72 -1.37
CA ALA A 24 18.39 -11.52 -1.59
C ALA A 24 18.44 -12.24 -2.94
N PHE A 25 18.94 -11.53 -3.95
CA PHE A 25 19.04 -12.10 -5.30
C PHE A 25 20.25 -13.02 -5.40
N PHE A 26 21.42 -12.50 -5.07
CA PHE A 26 22.65 -13.27 -5.12
C PHE A 26 22.47 -14.63 -4.46
N VAL A 27 21.62 -14.68 -3.44
CA VAL A 27 21.35 -15.93 -2.73
C VAL A 27 20.51 -16.87 -3.56
N GLN A 28 19.63 -16.31 -4.39
CA GLN A 28 18.76 -17.11 -5.25
C GLN A 28 19.40 -17.33 -6.62
N THR A 29 20.43 -16.54 -6.92
CA THR A 29 21.13 -16.65 -8.20
C THR A 29 22.24 -17.70 -8.13
N CYS A 30 23.03 -17.63 -7.07
CA CYS A 30 24.13 -18.58 -6.89
C CYS A 30 23.60 -19.98 -6.63
N ARG A 31 22.47 -20.07 -5.94
CA ARG A 31 21.85 -21.36 -5.63
C ARG A 31 21.53 -22.13 -6.90
N GLU A 32 20.93 -21.45 -7.87
CA GLU A 32 20.57 -22.07 -9.14
C GLU A 32 21.81 -22.35 -9.99
N GLU A 33 22.67 -21.34 -10.12
CA GLU A 33 23.89 -21.48 -10.90
C GLU A 33 24.66 -22.74 -10.50
N HIS A 34 24.54 -23.12 -9.22
CA HIS A 34 25.22 -24.30 -8.72
C HIS A 34 24.62 -25.57 -9.31
N LYS A 35 23.33 -25.77 -9.06
CA LYS A 35 22.63 -26.96 -9.57
C LYS A 35 22.96 -27.20 -11.03
N LYS A 36 23.34 -26.12 -11.73
CA LYS A 36 23.69 -26.23 -13.14
C LYS A 36 25.13 -26.70 -13.32
N LYS A 37 26.03 -26.18 -12.47
CA LYS A 37 27.43 -26.55 -12.53
C LYS A 37 27.63 -28.00 -12.09
N HIS A 38 26.96 -28.39 -11.00
CA HIS A 38 27.06 -29.75 -10.48
C HIS A 38 25.68 -30.30 -10.14
N PRO A 39 25.08 -31.03 -11.08
CA PRO A 39 23.76 -31.63 -10.89
C PRO A 39 23.78 -32.78 -9.88
N ASP A 40 24.70 -33.71 -10.07
CA ASP A 40 24.82 -34.85 -9.16
C ASP A 40 24.93 -34.39 -7.71
N ALA A 41 25.65 -33.29 -7.50
CA ALA A 41 25.83 -32.75 -6.17
C ALA A 41 24.53 -32.22 -5.60
N SER A 42 24.15 -32.71 -4.43
CA SER A 42 22.90 -32.29 -3.78
C SER A 42 23.19 -31.34 -2.63
N VAL A 43 23.11 -30.04 -2.91
CA VAL A 43 23.36 -29.03 -1.89
C VAL A 43 22.08 -28.65 -1.16
N ASN A 44 22.12 -28.69 0.17
CA ASN A 44 20.96 -28.35 0.98
C ASN A 44 20.61 -26.87 0.86
N PHE A 45 19.38 -26.52 1.20
CA PHE A 45 18.93 -25.14 1.12
C PHE A 45 19.33 -24.38 2.38
N SER A 46 19.05 -24.96 3.54
CA SER A 46 19.37 -24.33 4.82
C SER A 46 20.87 -24.02 4.90
N GLU A 47 21.69 -24.99 4.55
CA GLU A 47 23.14 -24.83 4.59
C GLU A 47 23.59 -23.72 3.63
N PHE A 48 23.05 -23.76 2.41
CA PHE A 48 23.39 -22.76 1.41
C PHE A 48 23.18 -21.35 1.93
N SER A 49 22.27 -21.21 2.90
CA SER A 49 21.96 -19.92 3.49
C SER A 49 23.11 -19.44 4.37
N LYS A 50 23.56 -20.30 5.28
CA LYS A 50 24.65 -19.97 6.19
C LYS A 50 25.93 -19.68 5.41
N LYS A 51 25.98 -20.13 4.16
CA LYS A 51 27.15 -19.92 3.31
C LYS A 51 27.03 -18.59 2.56
N CYS A 52 25.95 -18.42 1.81
CA CYS A 52 25.73 -17.20 1.05
C CYS A 52 25.97 -15.96 1.92
N SER A 53 25.81 -16.14 3.22
CA SER A 53 26.00 -15.04 4.17
C SER A 53 27.47 -14.62 4.23
N GLU A 54 28.29 -15.47 4.83
CA GLU A 54 29.72 -15.19 4.95
C GLU A 54 30.39 -15.17 3.58
N ARG A 55 29.72 -15.77 2.60
CA ARG A 55 30.25 -15.84 1.24
C ARG A 55 29.94 -14.56 0.47
N TRP A 56 28.91 -13.84 0.92
CA TRP A 56 28.52 -12.59 0.27
C TRP A 56 29.28 -11.40 0.85
N LYS A 57 29.51 -11.45 2.16
CA LYS A 57 30.24 -10.38 2.84
C LYS A 57 31.70 -10.36 2.44
N THR A 58 32.21 -11.53 2.06
CA THR A 58 33.61 -11.65 1.65
C THR A 58 33.78 -11.38 0.16
N MET A 59 32.70 -10.94 -0.47
CA MET A 59 32.72 -10.65 -1.91
C MET A 59 33.00 -9.16 -2.15
N SER A 60 34.17 -8.87 -2.72
CA SER A 60 34.55 -7.50 -3.00
C SER A 60 33.47 -6.78 -3.81
N ALA A 61 33.45 -5.46 -3.71
CA ALA A 61 32.47 -4.66 -4.43
C ALA A 61 32.37 -5.09 -5.89
N LYS A 62 33.51 -5.43 -6.48
CA LYS A 62 33.55 -5.86 -7.87
C LYS A 62 32.63 -7.05 -8.10
N GLU A 63 32.75 -8.06 -7.23
CA GLU A 63 31.93 -9.26 -7.34
C GLU A 63 30.44 -8.92 -7.19
N LYS A 64 30.11 -8.19 -6.13
CA LYS A 64 28.73 -7.80 -5.88
C LYS A 64 28.20 -6.93 -7.01
N GLY A 65 29.07 -6.11 -7.59
CA GLY A 65 28.67 -5.25 -8.69
C GLY A 65 27.61 -5.88 -9.58
N LYS A 66 28.00 -6.94 -10.28
CA LYS A 66 27.08 -7.64 -11.17
C LYS A 66 25.77 -7.93 -10.47
N PHE A 67 25.83 -8.15 -9.16
CA PHE A 67 24.64 -8.44 -8.37
C PHE A 67 23.93 -7.16 -7.96
N GLU A 68 24.67 -6.06 -7.93
CA GLU A 68 24.11 -4.77 -7.56
C GLU A 68 23.39 -4.12 -8.75
N ASP A 69 23.73 -4.56 -9.95
CA ASP A 69 23.12 -4.04 -11.16
C ASP A 69 21.93 -4.89 -11.58
N MET A 70 22.04 -6.20 -11.39
CA MET A 70 20.98 -7.13 -11.75
C MET A 70 19.83 -7.04 -10.75
N ALA A 71 20.14 -6.59 -9.54
CA ALA A 71 19.13 -6.46 -8.50
C ALA A 71 18.27 -5.22 -8.70
N LYS A 72 18.92 -4.10 -9.01
CA LYS A 72 18.22 -2.84 -9.23
C LYS A 72 17.23 -2.97 -10.39
N ALA A 73 17.62 -3.75 -11.41
CA ALA A 73 16.78 -3.95 -12.58
C ALA A 73 15.42 -4.52 -12.19
N ASP A 74 15.40 -5.32 -11.12
CA ASP A 74 14.18 -5.93 -10.64
C ASP A 74 13.11 -4.86 -10.36
N LYS A 75 13.55 -3.74 -9.83
CA LYS A 75 12.64 -2.64 -9.50
C LYS A 75 11.57 -2.49 -10.58
N ALA A 76 11.96 -2.73 -11.83
CA ALA A 76 11.03 -2.63 -12.96
C ALA A 76 10.20 -3.89 -13.10
N ARG A 77 10.88 -5.02 -13.27
CA ARG A 77 10.20 -6.30 -13.43
C ARG A 77 9.32 -6.60 -12.22
N TYR A 78 9.50 -5.84 -11.15
CA TYR A 78 8.74 -6.02 -9.94
C TYR A 78 7.33 -5.46 -10.09
N GLU A 79 7.22 -4.34 -10.79
CA GLU A 79 5.92 -3.70 -11.01
C GLU A 79 4.93 -4.69 -11.62
N ARG A 80 5.34 -5.36 -12.68
CA ARG A 80 4.49 -6.34 -13.35
C ARG A 80 3.89 -7.32 -12.34
N GLU A 81 4.68 -7.69 -11.34
CA GLU A 81 4.23 -8.62 -10.32
C GLU A 81 3.12 -8.01 -9.47
N MET A 82 3.23 -6.70 -9.23
CA MET A 82 2.23 -5.99 -8.44
C MET A 82 0.87 -6.01 -9.13
N LYS A 83 0.87 -6.20 -10.45
CA LYS A 83 -0.36 -6.24 -11.21
C LYS A 83 -1.33 -7.27 -10.64
N THR A 84 -0.88 -8.53 -10.58
CA THR A 84 -1.70 -9.60 -10.05
C THR A 84 -2.18 -9.29 -8.63
N TYR A 85 -1.46 -8.41 -7.96
CA TYR A 85 -1.80 -8.03 -6.60
C TYR A 85 -2.87 -6.94 -6.59
N ILE A 86 -4.12 -7.35 -6.43
CA ILE A 86 -5.24 -6.42 -6.39
C ILE A 86 -5.90 -6.40 -5.01
N PRO A 87 -5.56 -5.37 -4.22
CA PRO A 87 -6.10 -5.21 -2.87
C PRO A 87 -7.58 -4.82 -2.89
N PRO A 88 -8.23 -4.90 -1.71
CA PRO A 88 -9.64 -4.56 -1.57
C PRO A 88 -9.91 -3.06 -1.73
N LYS A 89 -11.15 -2.66 -1.49
CA LYS A 89 -11.52 -1.25 -1.60
C LYS A 89 -10.38 -0.34 -1.17
N GLY A 90 -9.65 0.18 -2.14
CA GLY A 90 -8.52 1.06 -1.84
C GLY A 90 -7.85 1.58 -3.08
N GLU A 91 -7.41 0.67 -3.95
CA GLU A 91 -6.74 1.04 -5.19
C GLU A 91 -7.59 2.02 -6.00
N THR A 92 -6.98 2.66 -6.99
CA THR A 92 -7.69 3.61 -7.84
C THR A 92 -9.06 3.09 -8.22
N LYS A 93 -9.91 3.99 -8.71
CA LYS A 93 -11.27 3.63 -9.11
C LYS A 93 -11.25 2.39 -10.01
N LYS A 94 -11.79 1.29 -9.50
CA LYS A 94 -11.85 0.04 -10.25
C LYS A 94 -13.12 -0.73 -9.92
N LYS A 95 -13.69 -1.37 -10.94
CA LYS A 95 -14.92 -2.16 -10.76
C LYS A 95 -14.91 -2.87 -9.41
N PHE A 96 -15.65 -2.32 -8.45
CA PHE A 96 -15.73 -2.91 -7.12
C PHE A 96 -17.10 -3.52 -6.89
N LYS A 97 -17.12 -4.79 -6.49
CA LYS A 97 -18.37 -5.50 -6.23
C LYS A 97 -18.35 -6.13 -4.84
N ASP A 98 -18.82 -5.38 -3.85
CA ASP A 98 -18.85 -5.87 -2.48
C ASP A 98 -20.22 -5.59 -1.84
N PRO A 99 -21.21 -6.41 -2.20
CA PRO A 99 -22.58 -6.28 -1.68
C PRO A 99 -22.67 -6.65 -0.21
N ASN A 100 -21.60 -7.23 0.32
CA ASN A 100 -21.57 -7.63 1.73
C ASN A 100 -20.87 -6.57 2.57
N ALA A 101 -19.89 -5.89 1.99
CA ALA A 101 -19.14 -4.86 2.69
C ALA A 101 -20.05 -3.71 3.10
N PRO A 102 -19.82 -3.19 4.31
CA PRO A 102 -20.61 -2.07 4.85
C PRO A 102 -20.35 -0.76 4.12
N LYS A 103 -20.78 0.35 4.72
CA LYS A 103 -20.59 1.66 4.12
C LYS A 103 -19.85 2.59 5.07
N ARG A 104 -18.94 3.39 4.52
CA ARG A 104 -18.16 4.32 5.32
C ARG A 104 -18.91 5.64 5.51
N PRO A 105 -19.14 6.00 6.78
CA PRO A 105 -19.85 7.24 7.13
C PRO A 105 -19.03 8.49 6.82
N PRO A 106 -19.68 9.66 6.91
CA PRO A 106 -19.03 10.94 6.64
C PRO A 106 -18.01 11.31 7.72
N SER A 107 -17.23 12.35 7.46
CA SER A 107 -16.22 12.80 8.40
C SER A 107 -16.37 14.29 8.69
N ALA A 108 -15.61 14.78 9.67
CA ALA A 108 -15.66 16.18 10.05
C ALA A 108 -15.85 17.08 8.83
N PHE A 109 -14.84 17.08 7.95
CA PHE A 109 -14.90 17.89 6.74
C PHE A 109 -16.26 17.76 6.05
N PHE A 110 -16.69 16.53 5.83
CA PHE A 110 -17.97 16.28 5.18
C PHE A 110 -19.11 16.93 5.96
N LEU A 111 -19.06 16.81 7.28
CA LEU A 111 -20.09 17.38 8.14
C LEU A 111 -20.12 18.90 8.02
N PHE A 112 -18.98 19.53 8.27
CA PHE A 112 -18.87 20.98 8.19
C PHE A 112 -19.26 21.48 6.80
N CYS A 113 -18.73 20.83 5.78
CA CYS A 113 -19.02 21.20 4.40
C CYS A 113 -20.49 20.95 4.06
N SER A 114 -21.06 19.91 4.67
CA SER A 114 -22.45 19.56 4.44
C SER A 114 -23.39 20.57 5.09
N GLU A 115 -22.85 21.34 6.03
CA GLU A 115 -23.64 22.35 6.73
C GLU A 115 -23.39 23.73 6.14
N TYR A 116 -22.33 23.86 5.37
CA TYR A 116 -21.97 25.13 4.75
C TYR A 116 -22.48 25.19 3.31
N ARG A 117 -22.35 24.08 2.59
CA ARG A 117 -22.79 24.00 1.21
C ARG A 117 -24.16 24.65 1.04
N PRO A 118 -25.14 24.17 1.83
CA PRO A 118 -26.51 24.69 1.78
C PRO A 118 -26.61 26.11 2.34
N LYS A 119 -25.59 26.54 3.07
CA LYS A 119 -25.56 27.87 3.65
C LYS A 119 -24.96 28.88 2.68
N ILE A 120 -24.06 28.41 1.83
CA ILE A 120 -23.41 29.27 0.84
C ILE A 120 -24.14 29.22 -0.49
N LYS A 121 -24.45 28.00 -0.94
CA LYS A 121 -25.14 27.81 -2.21
C LYS A 121 -26.30 28.79 -2.36
N GLY A 122 -27.03 29.00 -1.26
CA GLY A 122 -28.15 29.92 -1.28
C GLY A 122 -27.72 31.36 -1.42
N GLU A 123 -26.60 31.71 -0.78
CA GLU A 123 -26.07 33.07 -0.83
C GLU A 123 -25.50 33.38 -2.22
N HIS A 124 -24.80 32.41 -2.79
CA HIS A 124 -24.20 32.58 -4.11
C HIS A 124 -24.87 31.67 -5.14
N PRO A 125 -25.93 32.20 -5.79
CA PRO A 125 -26.68 31.46 -6.80
C PRO A 125 -25.87 31.24 -8.07
N GLY A 126 -24.72 31.90 -8.17
CA GLY A 126 -23.87 31.75 -9.33
C GLY A 126 -22.96 30.55 -9.24
N LEU A 127 -22.42 30.31 -8.05
CA LEU A 127 -21.52 29.18 -7.83
C LEU A 127 -22.22 27.86 -8.10
N SER A 128 -21.56 26.99 -8.85
CA SER A 128 -22.12 25.69 -9.19
C SER A 128 -21.43 24.57 -8.40
N ILE A 129 -22.05 23.41 -8.35
CA ILE A 129 -21.50 22.27 -7.64
C ILE A 129 -19.97 22.25 -7.75
N GLY A 130 -19.46 22.61 -8.92
CA GLY A 130 -18.02 22.62 -9.12
C GLY A 130 -17.33 23.66 -8.26
N ASP A 131 -17.76 24.91 -8.40
CA ASP A 131 -17.17 26.00 -7.63
C ASP A 131 -17.44 25.83 -6.14
N VAL A 132 -18.73 25.83 -5.79
CA VAL A 132 -19.14 25.68 -4.39
C VAL A 132 -18.18 24.75 -3.65
N ALA A 133 -17.77 23.67 -4.31
CA ALA A 133 -16.86 22.71 -3.71
C ALA A 133 -15.53 23.35 -3.33
N LYS A 134 -14.95 24.10 -4.27
CA LYS A 134 -13.69 24.79 -4.03
C LYS A 134 -13.76 25.64 -2.77
N LYS A 135 -14.91 26.25 -2.55
CA LYS A 135 -15.12 27.11 -1.37
C LYS A 135 -15.03 26.29 -0.09
N LEU A 136 -15.45 25.03 -0.17
CA LEU A 136 -15.42 24.14 0.99
C LEU A 136 -14.04 23.55 1.19
N GLY A 137 -13.35 23.28 0.09
CA GLY A 137 -12.01 22.71 0.16
C GLY A 137 -11.05 23.61 0.92
N GLU A 138 -11.09 24.91 0.63
CA GLU A 138 -10.21 25.86 1.28
C GLU A 138 -10.73 26.20 2.69
N MET A 139 -12.02 26.47 2.78
CA MET A 139 -12.62 26.81 4.06
C MET A 139 -12.15 25.86 5.16
N TRP A 140 -12.38 24.57 4.96
CA TRP A 140 -11.98 23.56 5.93
C TRP A 140 -10.50 23.71 6.29
N ASN A 141 -9.66 23.77 5.26
CA ASN A 141 -8.22 23.92 5.48
C ASN A 141 -7.92 25.09 6.40
N ASN A 142 -8.73 26.14 6.30
CA ASN A 142 -8.55 27.32 7.13
C ASN A 142 -9.55 27.34 8.28
N THR A 143 -9.77 26.18 8.89
CA THR A 143 -10.71 26.06 10.00
C THR A 143 -9.96 25.81 11.31
N ALA A 144 -10.47 26.42 12.38
CA ALA A 144 -9.86 26.27 13.70
C ALA A 144 -10.16 24.89 14.29
N ALA A 145 -9.14 24.28 14.88
CA ALA A 145 -9.30 22.96 15.49
C ALA A 145 -10.48 22.93 16.45
N ASP A 146 -10.61 23.99 17.24
CA ASP A 146 -11.70 24.09 18.20
C ASP A 146 -13.06 24.00 17.51
N ASP A 147 -13.13 24.54 16.30
CA ASP A 147 -14.37 24.52 15.53
C ASP A 147 -14.65 23.11 15.01
N LYS A 148 -13.63 22.26 14.99
CA LYS A 148 -13.77 20.89 14.51
C LYS A 148 -14.12 19.96 15.65
N GLN A 149 -13.76 20.35 16.86
CA GLN A 149 -14.03 19.54 18.05
C GLN A 149 -15.35 18.78 17.89
N PRO A 150 -16.44 19.53 17.68
CA PRO A 150 -17.77 18.94 17.51
C PRO A 150 -17.91 18.18 16.20
N TYR A 151 -17.11 18.57 15.21
CA TYR A 151 -17.15 17.93 13.90
C TYR A 151 -16.38 16.61 13.92
N GLU A 152 -15.47 16.47 14.89
CA GLU A 152 -14.67 15.26 15.02
C GLU A 152 -15.31 14.28 15.99
N LYS A 153 -15.60 14.76 17.20
CA LYS A 153 -16.22 13.92 18.22
C LYS A 153 -17.50 13.27 17.69
N LYS A 154 -18.29 14.05 16.96
CA LYS A 154 -19.54 13.55 16.39
C LYS A 154 -19.26 12.43 15.39
N ALA A 155 -18.45 12.72 14.38
CA ALA A 155 -18.12 11.74 13.35
C ALA A 155 -17.65 10.44 13.99
N ALA A 156 -16.84 10.55 15.04
CA ALA A 156 -16.32 9.37 15.73
C ALA A 156 -17.44 8.41 16.10
N LYS A 157 -18.54 8.96 16.62
CA LYS A 157 -19.68 8.15 17.01
C LYS A 157 -20.21 7.34 15.83
N LEU A 158 -20.36 8.01 14.69
CA LEU A 158 -20.86 7.35 13.49
C LEU A 158 -19.84 6.36 12.94
N LYS A 159 -18.56 6.66 13.15
CA LYS A 159 -17.48 5.79 12.69
C LYS A 159 -17.52 4.45 13.42
N GLU A 160 -17.62 4.51 14.74
CA GLU A 160 -17.66 3.29 15.55
C GLU A 160 -18.61 2.27 14.96
N LYS A 161 -19.87 2.66 14.79
CA LYS A 161 -20.88 1.78 14.23
C LYS A 161 -20.39 1.13 12.95
N TYR A 162 -19.59 1.86 12.19
CA TYR A 162 -19.05 1.36 10.93
C TYR A 162 -17.92 0.36 11.19
N GLU A 163 -16.92 0.79 11.95
CA GLU A 163 -15.78 -0.07 12.27
C GLU A 163 -16.25 -1.39 12.87
N LYS A 164 -17.34 -1.34 13.61
CA LYS A 164 -17.89 -2.53 14.24
C LYS A 164 -18.51 -3.47 13.20
N ASP A 165 -19.20 -2.89 12.22
CA ASP A 165 -19.83 -3.66 11.16
C ASP A 165 -18.77 -4.29 10.25
N ILE A 166 -17.86 -3.47 9.77
CA ILE A 166 -16.79 -3.94 8.88
C ILE A 166 -15.91 -4.96 9.60
N ALA A 167 -15.71 -4.76 10.89
CA ALA A 167 -14.88 -5.65 11.69
C ALA A 167 -15.29 -7.11 11.47
N ALA A 168 -16.53 -7.32 11.05
CA ALA A 168 -17.04 -8.66 10.80
C ALA A 168 -16.93 -9.03 9.33
N TYR A 169 -17.05 -8.03 8.47
CA TYR A 169 -16.97 -8.26 7.02
C TYR A 169 -15.67 -8.96 6.67
N ARG A 170 -14.56 -8.45 7.18
CA ARG A 170 -13.25 -9.04 6.91
C ARG A 170 -12.98 -10.21 7.85
N ALA A 171 -13.33 -10.04 9.11
CA ALA A 171 -13.11 -11.08 10.11
C ALA A 171 -14.30 -12.03 10.17
N LYS A 172 -14.77 -12.46 9.00
CA LYS A 172 -15.90 -13.38 8.92
C LYS A 172 -15.91 -14.36 10.09
N GLY A 173 -17.03 -14.44 10.79
CA GLY A 173 -17.13 -15.34 11.93
C GLY A 173 -18.30 -16.30 11.79
N GLY A 1 0.30 -27.22 -34.94
CA GLY A 1 0.74 -25.95 -34.37
C GLY A 1 -0.37 -25.21 -33.67
N SER A 2 -0.16 -24.90 -32.39
CA SER A 2 -1.16 -24.18 -31.60
C SER A 2 -0.83 -22.69 -31.52
N SER A 3 -1.87 -21.86 -31.45
CA SER A 3 -1.69 -20.42 -31.38
C SER A 3 -2.88 -19.76 -30.71
N GLY A 4 -2.67 -19.27 -29.49
CA GLY A 4 -3.74 -18.62 -28.76
C GLY A 4 -3.54 -17.11 -28.66
N SER A 5 -3.99 -16.53 -27.55
CA SER A 5 -3.87 -15.09 -27.34
C SER A 5 -3.57 -14.78 -25.88
N SER A 6 -3.12 -13.56 -25.61
CA SER A 6 -2.79 -13.14 -24.26
C SER A 6 -3.87 -13.57 -23.28
N GLY A 7 -5.04 -12.96 -23.38
CA GLY A 7 -6.15 -13.30 -22.49
C GLY A 7 -6.72 -12.09 -21.79
N MET A 8 -8.03 -12.10 -21.56
CA MET A 8 -8.69 -10.99 -20.89
C MET A 8 -9.27 -11.43 -19.55
N GLY A 9 -9.15 -10.57 -18.54
CA GLY A 9 -9.66 -10.89 -17.22
C GLY A 9 -10.58 -9.82 -16.68
N LYS A 10 -11.87 -9.94 -16.97
CA LYS A 10 -12.86 -8.98 -16.51
C LYS A 10 -12.75 -8.76 -15.01
N GLY A 11 -12.94 -9.84 -14.25
CA GLY A 11 -12.86 -9.75 -12.80
C GLY A 11 -12.25 -10.99 -12.18
N ASP A 12 -10.92 -11.03 -12.12
CA ASP A 12 -10.22 -12.17 -11.54
C ASP A 12 -9.38 -11.74 -10.33
N PRO A 13 -9.17 -12.67 -9.40
CA PRO A 13 -8.40 -12.41 -8.18
C PRO A 13 -6.91 -12.23 -8.48
N LYS A 14 -6.53 -12.47 -9.73
CA LYS A 14 -5.13 -12.33 -10.14
C LYS A 14 -4.75 -10.86 -10.26
N LYS A 15 -5.62 -10.06 -10.87
CA LYS A 15 -5.37 -8.64 -11.05
C LYS A 15 -4.59 -8.07 -9.87
N PRO A 16 -3.36 -7.61 -10.15
CA PRO A 16 -2.49 -7.03 -9.13
C PRO A 16 -2.99 -5.68 -8.62
N ARG A 17 -3.83 -5.71 -7.59
CA ARG A 17 -4.38 -4.50 -7.02
C ARG A 17 -3.50 -3.98 -5.89
N GLY A 18 -2.19 -4.14 -6.03
CA GLY A 18 -1.27 -3.68 -5.01
C GLY A 18 0.18 -3.73 -5.48
N LYS A 19 1.01 -2.85 -4.92
CA LYS A 19 2.42 -2.80 -5.27
C LYS A 19 3.25 -3.63 -4.31
N MET A 20 4.54 -3.75 -4.61
CA MET A 20 5.47 -4.52 -3.77
C MET A 20 6.18 -3.60 -2.78
N SER A 21 6.75 -4.21 -1.74
CA SER A 21 7.47 -3.44 -0.72
C SER A 21 8.96 -3.43 -1.01
N SER A 22 9.73 -2.84 -0.09
CA SER A 22 11.18 -2.75 -0.24
C SER A 22 11.79 -4.14 -0.48
N TYR A 23 11.47 -5.07 0.41
CA TYR A 23 11.99 -6.43 0.30
C TYR A 23 11.53 -7.08 -0.99
N ALA A 24 10.22 -7.25 -1.13
CA ALA A 24 9.65 -7.86 -2.33
C ALA A 24 10.38 -7.39 -3.58
N PHE A 25 10.78 -6.12 -3.60
CA PHE A 25 11.49 -5.56 -4.73
C PHE A 25 12.98 -5.88 -4.67
N PHE A 26 13.54 -5.80 -3.47
CA PHE A 26 14.96 -6.08 -3.26
C PHE A 26 15.29 -7.51 -3.69
N VAL A 27 14.34 -8.42 -3.50
CA VAL A 27 14.54 -9.81 -3.87
C VAL A 27 14.62 -9.98 -5.38
N GLN A 28 13.97 -9.07 -6.12
CA GLN A 28 13.98 -9.12 -7.57
C GLN A 28 15.13 -8.30 -8.14
N THR A 29 15.69 -7.41 -7.31
CA THR A 29 16.79 -6.56 -7.73
C THR A 29 18.12 -7.29 -7.63
N CYS A 30 18.23 -8.18 -6.66
CA CYS A 30 19.45 -8.96 -6.46
C CYS A 30 19.47 -10.19 -7.35
N ARG A 31 18.30 -10.74 -7.62
CA ARG A 31 18.17 -11.92 -8.46
C ARG A 31 18.47 -11.58 -9.92
N GLU A 32 18.02 -10.41 -10.34
CA GLU A 32 18.23 -9.95 -11.71
C GLU A 32 19.69 -9.54 -11.93
N GLU A 33 20.23 -8.79 -10.98
CA GLU A 33 21.60 -8.32 -11.07
C GLU A 33 22.57 -9.50 -11.18
N HIS A 34 22.23 -10.60 -10.53
CA HIS A 34 23.07 -11.80 -10.56
C HIS A 34 23.27 -12.28 -12.00
N LYS A 35 22.19 -12.74 -12.62
CA LYS A 35 22.24 -13.23 -13.98
C LYS A 35 23.09 -12.32 -14.86
N LYS A 36 23.11 -11.03 -14.52
CA LYS A 36 23.89 -10.05 -15.28
C LYS A 36 25.38 -10.21 -14.98
N LYS A 37 25.72 -10.27 -13.70
CA LYS A 37 27.11 -10.42 -13.29
C LYS A 37 27.69 -11.74 -13.79
N HIS A 38 26.91 -12.80 -13.72
CA HIS A 38 27.34 -14.12 -14.17
C HIS A 38 26.26 -14.79 -15.01
N PRO A 39 26.36 -14.63 -16.33
CA PRO A 39 25.40 -15.22 -17.28
C PRO A 39 25.50 -16.74 -17.35
N ASP A 40 26.73 -17.24 -17.24
CA ASP A 40 26.97 -18.68 -17.30
C ASP A 40 26.47 -19.36 -16.02
N ALA A 41 26.59 -18.66 -14.90
CA ALA A 41 26.15 -19.20 -13.62
C ALA A 41 24.63 -19.22 -13.52
N SER A 42 24.08 -20.43 -13.36
CA SER A 42 22.64 -20.60 -13.27
C SER A 42 22.21 -20.82 -11.82
N VAL A 43 21.79 -19.75 -11.15
CA VAL A 43 21.36 -19.82 -9.76
C VAL A 43 19.89 -20.20 -9.67
N ASN A 44 19.55 -21.02 -8.68
CA ASN A 44 18.17 -21.46 -8.48
C ASN A 44 17.36 -20.39 -7.77
N PHE A 45 16.06 -20.38 -8.01
CA PHE A 45 15.16 -19.40 -7.39
C PHE A 45 15.00 -19.69 -5.90
N SER A 46 14.54 -20.89 -5.58
CA SER A 46 14.33 -21.29 -4.19
C SER A 46 15.58 -21.02 -3.36
N GLU A 47 16.71 -21.53 -3.81
CA GLU A 47 17.97 -21.35 -3.11
C GLU A 47 18.29 -19.86 -2.93
N PHE A 48 18.01 -19.08 -3.97
CA PHE A 48 18.25 -17.65 -3.93
C PHE A 48 17.33 -16.96 -2.92
N SER A 49 16.11 -17.46 -2.81
CA SER A 49 15.12 -16.90 -1.90
C SER A 49 15.69 -16.81 -0.48
N LYS A 50 16.08 -17.97 0.06
CA LYS A 50 16.64 -18.02 1.41
C LYS A 50 17.88 -17.14 1.52
N LYS A 51 18.47 -16.80 0.37
CA LYS A 51 19.65 -15.96 0.35
C LYS A 51 19.27 -14.48 0.46
N CYS A 52 18.07 -14.16 0.01
CA CYS A 52 17.59 -12.78 0.06
C CYS A 52 17.09 -12.42 1.45
N SER A 53 16.65 -13.43 2.19
CA SER A 53 16.14 -13.23 3.54
C SER A 53 17.28 -12.87 4.51
N GLU A 54 18.35 -13.65 4.46
CA GLU A 54 19.50 -13.42 5.32
C GLU A 54 20.34 -12.25 4.81
N ARG A 55 20.09 -11.86 3.57
CA ARG A 55 20.82 -10.76 2.95
C ARG A 55 20.12 -9.43 3.20
N TRP A 56 18.79 -9.49 3.34
CA TRP A 56 18.00 -8.28 3.58
C TRP A 56 18.12 -7.84 5.03
N LYS A 57 18.14 -8.80 5.95
CA LYS A 57 18.26 -8.52 7.37
C LYS A 57 19.65 -7.98 7.71
N THR A 58 20.66 -8.56 7.09
CA THR A 58 22.04 -8.14 7.33
C THR A 58 22.28 -6.72 6.81
N MET A 59 21.71 -6.43 5.65
CA MET A 59 21.87 -5.10 5.05
C MET A 59 21.52 -4.01 6.06
N SER A 60 22.53 -3.26 6.49
CA SER A 60 22.33 -2.18 7.46
C SER A 60 21.16 -1.30 7.05
N ALA A 61 20.83 -0.34 7.90
CA ALA A 61 19.73 0.58 7.62
C ALA A 61 20.03 1.44 6.40
N LYS A 62 21.31 1.67 6.14
CA LYS A 62 21.73 2.48 5.00
C LYS A 62 21.48 1.73 3.69
N GLU A 63 22.04 0.54 3.57
CA GLU A 63 21.88 -0.26 2.37
C GLU A 63 20.41 -0.38 1.99
N LYS A 64 19.54 -0.32 2.99
CA LYS A 64 18.10 -0.42 2.77
C LYS A 64 17.53 0.91 2.30
N GLY A 65 18.17 2.00 2.73
CA GLY A 65 17.71 3.33 2.34
C GLY A 65 17.27 3.39 0.90
N LYS A 66 18.17 2.99 0.00
CA LYS A 66 17.86 3.02 -1.43
C LYS A 66 16.59 2.24 -1.74
N PHE A 67 16.38 1.14 -1.01
CA PHE A 67 15.20 0.31 -1.19
C PHE A 67 13.98 0.94 -0.53
N GLU A 68 14.22 1.72 0.53
CA GLU A 68 13.15 2.38 1.25
C GLU A 68 12.56 3.53 0.44
N ASP A 69 13.39 4.14 -0.39
CA ASP A 69 12.96 5.25 -1.22
C ASP A 69 12.33 4.75 -2.52
N MET A 70 12.96 3.74 -3.12
CA MET A 70 12.45 3.16 -4.37
C MET A 70 11.07 2.53 -4.15
N ALA A 71 10.81 2.10 -2.93
CA ALA A 71 9.54 1.48 -2.59
C ALA A 71 8.40 2.49 -2.66
N LYS A 72 8.63 3.67 -2.07
CA LYS A 72 7.63 4.73 -2.07
C LYS A 72 7.16 5.04 -3.49
N ALA A 73 8.11 5.33 -4.37
CA ALA A 73 7.79 5.64 -5.76
C ALA A 73 7.16 4.46 -6.46
N ASP A 74 7.62 3.26 -6.11
CA ASP A 74 7.09 2.04 -6.71
C ASP A 74 5.58 1.97 -6.57
N LYS A 75 5.03 2.81 -5.70
CA LYS A 75 3.59 2.85 -5.47
C LYS A 75 2.84 3.23 -6.74
N ALA A 76 3.56 3.83 -7.69
CA ALA A 76 2.97 4.24 -8.95
C ALA A 76 3.52 3.41 -10.11
N ARG A 77 4.81 3.10 -10.05
CA ARG A 77 5.45 2.31 -11.09
C ARG A 77 4.85 0.91 -11.17
N TYR A 78 4.36 0.42 -10.04
CA TYR A 78 3.75 -0.90 -9.98
C TYR A 78 2.70 -1.09 -11.07
N GLU A 79 2.03 0.00 -11.41
CA GLU A 79 1.00 -0.03 -12.45
C GLU A 79 1.47 -0.82 -13.67
N ARG A 80 2.75 -0.68 -13.99
CA ARG A 80 3.34 -1.39 -15.13
C ARG A 80 2.95 -2.86 -15.10
N GLU A 81 2.94 -3.44 -13.91
CA GLU A 81 2.60 -4.86 -13.76
C GLU A 81 1.29 -5.18 -14.47
N MET A 82 0.27 -4.37 -14.24
CA MET A 82 -1.03 -4.57 -14.86
C MET A 82 -0.89 -4.68 -16.38
N LYS A 83 0.05 -3.93 -16.93
CA LYS A 83 0.30 -3.96 -18.38
C LYS A 83 0.57 -5.38 -18.86
N THR A 84 1.58 -6.01 -18.26
CA THR A 84 1.95 -7.38 -18.64
C THR A 84 1.05 -8.40 -17.94
N TYR A 85 -0.01 -7.91 -17.32
CA TYR A 85 -0.94 -8.78 -16.61
C TYR A 85 -1.03 -10.15 -17.28
N ILE A 86 -1.01 -11.20 -16.47
CA ILE A 86 -1.09 -12.57 -16.99
C ILE A 86 -2.26 -13.32 -16.38
N PRO A 87 -3.25 -13.66 -17.23
CA PRO A 87 -4.44 -14.40 -16.78
C PRO A 87 -4.14 -15.84 -16.40
N PRO A 88 -5.12 -16.51 -15.79
CA PRO A 88 -4.98 -17.91 -15.36
C PRO A 88 -4.91 -18.87 -16.54
N LYS A 89 -4.74 -20.16 -16.23
CA LYS A 89 -4.66 -21.19 -17.26
C LYS A 89 -3.46 -20.93 -18.18
N GLY A 90 -2.29 -20.76 -17.59
CA GLY A 90 -1.09 -20.51 -18.38
C GLY A 90 0.16 -21.04 -17.70
N GLU A 91 1.01 -20.12 -17.26
CA GLU A 91 2.26 -20.50 -16.59
C GLU A 91 2.38 -19.82 -15.24
N THR A 92 1.32 -19.13 -14.84
CA THR A 92 1.30 -18.42 -13.56
C THR A 92 0.20 -18.94 -12.65
N LYS A 93 0.58 -19.56 -11.55
CA LYS A 93 -0.38 -20.10 -10.59
C LYS A 93 -1.21 -18.98 -9.97
N LYS A 94 -2.26 -19.37 -9.23
CA LYS A 94 -3.13 -18.40 -8.58
C LYS A 94 -3.21 -18.67 -7.09
N LYS A 95 -3.79 -17.72 -6.35
CA LYS A 95 -3.93 -17.85 -4.91
C LYS A 95 -5.40 -17.78 -4.50
N PHE A 96 -5.74 -18.46 -3.41
CA PHE A 96 -7.11 -18.45 -2.91
C PHE A 96 -7.31 -17.39 -1.83
N LYS A 97 -8.17 -16.42 -2.11
CA LYS A 97 -8.45 -15.34 -1.18
C LYS A 97 -9.91 -15.35 -0.76
N ASP A 98 -10.20 -14.78 0.40
CA ASP A 98 -11.56 -14.72 0.92
C ASP A 98 -12.10 -13.29 0.84
N PRO A 99 -12.64 -12.92 -0.33
CA PRO A 99 -13.20 -11.59 -0.55
C PRO A 99 -14.49 -11.36 0.22
N ASN A 100 -15.26 -12.43 0.41
CA ASN A 100 -16.52 -12.35 1.15
C ASN A 100 -16.37 -11.50 2.40
N ALA A 101 -15.17 -11.53 2.98
CA ALA A 101 -14.90 -10.76 4.18
C ALA A 101 -15.02 -9.26 3.92
N PRO A 102 -15.75 -8.56 4.81
CA PRO A 102 -15.96 -7.12 4.70
C PRO A 102 -14.68 -6.31 4.96
N LYS A 103 -14.81 -4.99 4.97
CA LYS A 103 -13.67 -4.12 5.22
C LYS A 103 -14.01 -3.06 6.26
N ARG A 104 -12.98 -2.51 6.89
CA ARG A 104 -13.17 -1.48 7.91
C ARG A 104 -13.54 -0.14 7.27
N PRO A 105 -14.61 0.49 7.79
CA PRO A 105 -15.08 1.78 7.29
C PRO A 105 -14.12 2.93 7.62
N PRO A 106 -14.30 4.06 6.93
CA PRO A 106 -13.45 5.24 7.13
C PRO A 106 -13.70 5.91 8.49
N SER A 107 -12.84 6.86 8.84
CA SER A 107 -12.95 7.56 10.11
C SER A 107 -13.18 9.06 9.88
N ALA A 108 -13.81 9.70 10.85
CA ALA A 108 -14.08 11.14 10.76
C ALA A 108 -12.96 11.86 10.04
N PHE A 109 -11.72 11.52 10.38
CA PHE A 109 -10.56 12.14 9.76
C PHE A 109 -10.58 11.95 8.24
N PHE A 110 -10.55 10.70 7.81
CA PHE A 110 -10.56 10.38 6.39
C PHE A 110 -11.64 11.17 5.66
N LEU A 111 -12.83 11.24 6.27
CA LEU A 111 -13.95 11.97 5.68
C LEU A 111 -13.60 13.44 5.50
N PHE A 112 -13.41 14.15 6.60
CA PHE A 112 -13.08 15.56 6.56
C PHE A 112 -12.07 15.84 5.45
N CYS A 113 -11.04 15.01 5.37
CA CYS A 113 -10.00 15.17 4.35
C CYS A 113 -10.56 14.91 2.96
N SER A 114 -11.50 13.98 2.86
CA SER A 114 -12.12 13.64 1.59
C SER A 114 -12.91 14.81 1.03
N GLU A 115 -13.17 15.80 1.87
CA GLU A 115 -13.92 16.98 1.46
C GLU A 115 -12.98 18.16 1.21
N TYR A 116 -11.87 18.19 1.95
CA TYR A 116 -10.89 19.26 1.79
C TYR A 116 -9.96 19.00 0.62
N ARG A 117 -9.65 17.73 0.39
CA ARG A 117 -8.77 17.35 -0.70
C ARG A 117 -9.17 18.06 -1.99
N PRO A 118 -10.43 17.89 -2.39
CA PRO A 118 -10.97 18.51 -3.61
C PRO A 118 -11.09 20.03 -3.48
N LYS A 119 -11.01 20.52 -2.25
CA LYS A 119 -11.11 21.95 -1.99
C LYS A 119 -9.73 22.58 -1.87
N ILE A 120 -8.72 21.75 -1.61
CA ILE A 120 -7.36 22.23 -1.47
C ILE A 120 -6.55 21.96 -2.74
N LYS A 121 -6.63 20.73 -3.23
CA LYS A 121 -5.91 20.33 -4.43
C LYS A 121 -6.12 21.35 -5.55
N GLY A 122 -7.36 21.79 -5.71
CA GLY A 122 -7.68 22.76 -6.74
C GLY A 122 -7.07 24.12 -6.47
N GLU A 123 -7.04 24.50 -5.20
CA GLU A 123 -6.47 25.79 -4.81
C GLU A 123 -4.96 25.81 -5.00
N HIS A 124 -4.31 24.71 -4.63
CA HIS A 124 -2.86 24.60 -4.77
C HIS A 124 -2.49 23.56 -5.83
N PRO A 125 -2.30 24.03 -7.07
CA PRO A 125 -1.94 23.17 -8.20
C PRO A 125 -0.52 22.63 -8.08
N GLY A 126 0.22 23.12 -7.10
CA GLY A 126 1.58 22.67 -6.89
C GLY A 126 1.67 21.53 -5.90
N LEU A 127 0.77 21.52 -4.92
CA LEU A 127 0.76 20.48 -3.90
C LEU A 127 0.56 19.10 -4.52
N SER A 128 1.35 18.14 -4.08
CA SER A 128 1.26 16.77 -4.60
C SER A 128 0.64 15.83 -3.57
N ILE A 129 0.27 14.65 -4.01
CA ILE A 129 -0.34 13.65 -3.12
C ILE A 129 0.42 13.57 -1.81
N GLY A 130 1.74 13.71 -1.87
CA GLY A 130 2.55 13.66 -0.67
C GLY A 130 2.32 14.84 0.24
N ASP A 131 2.39 16.05 -0.31
CA ASP A 131 2.19 17.26 0.46
C ASP A 131 0.74 17.39 0.91
N VAL A 132 -0.17 17.41 -0.06
CA VAL A 132 -1.60 17.53 0.24
C VAL A 132 -1.96 16.76 1.51
N ALA A 133 -1.46 15.55 1.62
CA ALA A 133 -1.73 14.71 2.79
C ALA A 133 -1.35 15.44 4.08
N LYS A 134 -0.07 15.80 4.19
CA LYS A 134 0.43 16.49 5.37
C LYS A 134 -0.49 17.65 5.74
N LYS A 135 -1.03 18.32 4.73
CA LYS A 135 -1.93 19.45 4.95
C LYS A 135 -3.20 19.00 5.67
N LEU A 136 -3.63 17.78 5.40
CA LEU A 136 -4.83 17.23 6.03
C LEU A 136 -4.51 16.66 7.41
N GLY A 137 -3.25 16.28 7.61
CA GLY A 137 -2.84 15.74 8.89
C GLY A 137 -2.85 16.77 10.00
N GLU A 138 -2.33 17.96 9.70
CA GLU A 138 -2.28 19.04 10.67
C GLU A 138 -3.67 19.61 10.93
N MET A 139 -4.49 19.66 9.88
CA MET A 139 -5.84 20.18 9.99
C MET A 139 -6.61 19.45 11.09
N TRP A 140 -6.83 18.15 10.89
CA TRP A 140 -7.56 17.35 11.87
C TRP A 140 -7.04 17.60 13.28
N ASN A 141 -5.72 17.74 13.40
CA ASN A 141 -5.09 17.99 14.70
C ASN A 141 -5.38 19.40 15.18
N ASN A 142 -5.66 20.30 14.24
CA ASN A 142 -5.95 21.69 14.58
C ASN A 142 -7.42 22.01 14.31
N THR A 143 -8.27 21.00 14.37
CA THR A 143 -9.70 21.18 14.13
C THR A 143 -10.50 20.99 15.41
N ALA A 144 -11.50 21.84 15.62
CA ALA A 144 -12.34 21.77 16.80
C ALA A 144 -13.30 20.58 16.72
N ALA A 145 -13.57 19.96 17.87
CA ALA A 145 -14.47 18.81 17.92
C ALA A 145 -15.81 19.14 17.27
N ASP A 146 -16.28 20.37 17.48
CA ASP A 146 -17.55 20.79 16.92
C ASP A 146 -17.56 20.61 15.40
N ASP A 147 -16.41 20.83 14.78
CA ASP A 147 -16.28 20.68 13.33
C ASP A 147 -16.31 19.21 12.92
N LYS A 148 -16.12 18.33 13.90
CA LYS A 148 -16.11 16.90 13.65
C LYS A 148 -17.47 16.28 13.97
N GLN A 149 -18.42 17.13 14.36
CA GLN A 149 -19.76 16.66 14.70
C GLN A 149 -20.33 15.79 13.59
N PRO A 150 -20.42 16.34 12.38
CA PRO A 150 -20.95 15.62 11.21
C PRO A 150 -20.00 14.53 10.73
N TYR A 151 -18.73 14.65 11.10
CA TYR A 151 -17.73 13.66 10.70
C TYR A 151 -17.70 12.49 11.68
N GLU A 152 -18.18 12.73 12.89
CA GLU A 152 -18.21 11.70 13.92
C GLU A 152 -19.55 10.97 13.91
N LYS A 153 -20.63 11.73 14.00
CA LYS A 153 -21.98 11.15 14.00
C LYS A 153 -22.16 10.20 12.83
N LYS A 154 -21.76 10.65 11.65
CA LYS A 154 -21.88 9.83 10.45
C LYS A 154 -20.98 8.60 10.53
N ALA A 155 -19.72 8.81 10.89
CA ALA A 155 -18.77 7.71 11.01
C ALA A 155 -19.34 6.58 11.85
N ALA A 156 -20.20 6.92 12.80
CA ALA A 156 -20.82 5.93 13.66
C ALA A 156 -21.66 4.95 12.86
N LYS A 157 -22.67 5.48 12.16
CA LYS A 157 -23.56 4.64 11.35
C LYS A 157 -22.75 3.73 10.44
N LEU A 158 -21.53 4.15 10.10
CA LEU A 158 -20.67 3.37 9.22
C LEU A 158 -19.97 2.27 10.00
N LYS A 159 -19.56 2.57 11.23
CA LYS A 159 -18.89 1.60 12.08
C LYS A 159 -19.80 0.41 12.37
N GLU A 160 -21.03 0.69 12.77
CA GLU A 160 -22.00 -0.36 13.07
C GLU A 160 -22.26 -1.23 11.84
N LYS A 161 -22.57 -0.57 10.72
CA LYS A 161 -22.85 -1.28 9.47
C LYS A 161 -21.72 -2.25 9.13
N TYR A 162 -20.55 -2.01 9.71
CA TYR A 162 -19.39 -2.86 9.46
C TYR A 162 -19.38 -4.05 10.41
N GLU A 163 -19.21 -3.77 11.70
CA GLU A 163 -19.18 -4.82 12.71
C GLU A 163 -20.31 -5.83 12.48
N LYS A 164 -21.45 -5.33 12.05
CA LYS A 164 -22.61 -6.20 11.79
C LYS A 164 -22.38 -7.07 10.56
N ASP A 165 -21.81 -6.46 9.51
CA ASP A 165 -21.53 -7.19 8.27
C ASP A 165 -20.54 -8.32 8.53
N ILE A 166 -19.50 -8.03 9.29
CA ILE A 166 -18.48 -9.02 9.61
C ILE A 166 -19.03 -10.10 10.54
N ALA A 167 -20.03 -9.73 11.34
CA ALA A 167 -20.64 -10.66 12.27
C ALA A 167 -21.24 -11.85 11.54
N ALA A 168 -21.67 -11.64 10.31
CA ALA A 168 -22.25 -12.70 9.50
C ALA A 168 -21.18 -13.51 8.78
N TYR A 169 -20.08 -12.84 8.45
CA TYR A 169 -18.98 -13.50 7.74
C TYR A 169 -18.41 -14.64 8.58
N ARG A 170 -18.15 -14.36 9.86
CA ARG A 170 -17.61 -15.36 10.76
C ARG A 170 -18.70 -16.28 11.28
N ALA A 171 -19.78 -15.68 11.79
CA ALA A 171 -20.91 -16.44 12.32
C ALA A 171 -22.05 -15.52 12.73
N LYS A 172 -23.18 -15.67 12.06
CA LYS A 172 -24.36 -14.86 12.35
C LYS A 172 -24.58 -14.75 13.86
N GLY A 173 -24.59 -15.89 14.54
CA GLY A 173 -24.81 -15.91 15.97
C GLY A 173 -25.61 -17.11 16.43
N GLY A 1 -32.16 -2.98 -14.17
CA GLY A 1 -31.67 -1.68 -14.59
C GLY A 1 -30.19 -1.50 -14.31
N SER A 2 -29.88 -0.62 -13.35
CA SER A 2 -28.49 -0.35 -12.99
C SER A 2 -28.15 -0.98 -11.64
N SER A 3 -26.87 -1.24 -11.43
CA SER A 3 -26.41 -1.86 -10.17
C SER A 3 -25.20 -1.10 -9.62
N GLY A 4 -25.46 -0.15 -8.73
CA GLY A 4 -24.40 0.62 -8.14
C GLY A 4 -24.91 1.75 -7.25
N SER A 5 -25.86 2.52 -7.78
CA SER A 5 -26.43 3.63 -7.02
C SER A 5 -25.35 4.39 -6.26
N SER A 6 -24.20 4.57 -6.89
CA SER A 6 -23.08 5.27 -6.27
C SER A 6 -22.98 4.92 -4.79
N GLY A 7 -23.00 3.62 -4.49
CA GLY A 7 -22.91 3.18 -3.10
C GLY A 7 -21.49 3.22 -2.57
N MET A 8 -21.37 3.25 -1.26
CA MET A 8 -20.05 3.29 -0.62
C MET A 8 -19.17 2.15 -1.13
N GLY A 9 -17.87 2.26 -0.88
CA GLY A 9 -16.94 1.23 -1.32
C GLY A 9 -15.63 1.26 -0.55
N LYS A 10 -14.54 1.49 -1.26
CA LYS A 10 -13.22 1.54 -0.65
C LYS A 10 -12.16 1.97 -1.66
N GLY A 11 -11.41 3.03 -1.32
CA GLY A 11 -10.38 3.51 -2.20
C GLY A 11 -9.31 2.47 -2.49
N ASP A 12 -8.08 2.91 -2.67
CA ASP A 12 -6.97 2.01 -2.94
C ASP A 12 -5.79 2.29 -2.02
N PRO A 13 -5.80 1.66 -0.83
CA PRO A 13 -4.74 1.83 0.16
C PRO A 13 -3.43 1.19 -0.28
N LYS A 14 -3.25 -0.08 0.08
CA LYS A 14 -2.04 -0.81 -0.28
C LYS A 14 -2.14 -1.36 -1.70
N LYS A 15 -3.30 -1.19 -2.32
CA LYS A 15 -3.52 -1.67 -3.67
C LYS A 15 -2.24 -1.57 -4.50
N PRO A 16 -1.85 -2.71 -5.12
CA PRO A 16 -0.64 -2.78 -5.94
C PRO A 16 -0.78 -2.00 -7.24
N ARG A 17 -0.07 -0.87 -7.33
CA ARG A 17 -0.11 -0.03 -8.52
C ARG A 17 0.82 -0.57 -9.61
N GLY A 18 0.85 -1.89 -9.75
CA GLY A 18 1.70 -2.50 -10.75
C GLY A 18 2.79 -3.37 -10.13
N LYS A 19 3.18 -4.42 -10.84
CA LYS A 19 4.22 -5.32 -10.36
C LYS A 19 5.44 -4.54 -9.88
N MET A 20 6.45 -5.27 -9.42
CA MET A 20 7.68 -4.65 -8.93
C MET A 20 8.85 -4.93 -9.87
N SER A 21 10.00 -4.34 -9.56
CA SER A 21 11.19 -4.54 -10.38
C SER A 21 12.04 -5.69 -9.84
N SER A 22 12.86 -6.26 -10.72
CA SER A 22 13.71 -7.38 -10.33
C SER A 22 14.25 -7.19 -8.91
N TYR A 23 15.09 -6.18 -8.73
CA TYR A 23 15.68 -5.89 -7.43
C TYR A 23 14.59 -5.78 -6.36
N ALA A 24 13.53 -5.05 -6.68
CA ALA A 24 12.41 -4.87 -5.75
C ALA A 24 11.85 -6.21 -5.30
N PHE A 25 11.86 -7.19 -6.20
CA PHE A 25 11.35 -8.52 -5.90
C PHE A 25 12.39 -9.34 -5.15
N PHE A 26 13.64 -9.27 -5.60
CA PHE A 26 14.72 -10.01 -4.97
C PHE A 26 14.82 -9.67 -3.49
N VAL A 27 14.19 -8.57 -3.09
CA VAL A 27 14.21 -8.13 -1.71
C VAL A 27 13.01 -8.68 -0.94
N GLN A 28 11.92 -8.94 -1.67
CA GLN A 28 10.71 -9.46 -1.06
C GLN A 28 10.70 -10.99 -1.10
N THR A 29 11.45 -11.55 -2.03
CA THR A 29 11.52 -13.01 -2.17
C THR A 29 12.43 -13.62 -1.10
N CYS A 30 13.71 -13.28 -1.16
CA CYS A 30 14.67 -13.80 -0.19
C CYS A 30 14.19 -13.58 1.24
N ARG A 31 13.61 -12.41 1.48
CA ARG A 31 13.10 -12.06 2.81
C ARG A 31 11.95 -12.99 3.20
N GLU A 32 11.11 -13.31 2.22
CA GLU A 32 9.96 -14.18 2.48
C GLU A 32 10.38 -15.64 2.53
N GLU A 33 11.55 -15.94 1.95
CA GLU A 33 12.05 -17.30 1.94
C GLU A 33 12.75 -17.63 3.25
N HIS A 34 13.37 -16.62 3.86
CA HIS A 34 14.07 -16.80 5.13
C HIS A 34 13.11 -17.30 6.21
N LYS A 35 12.06 -16.53 6.45
CA LYS A 35 11.07 -16.89 7.47
C LYS A 35 10.79 -18.39 7.45
N LYS A 36 10.95 -19.00 6.28
CA LYS A 36 10.72 -20.44 6.12
C LYS A 36 11.92 -21.23 6.59
N LYS A 37 13.12 -20.75 6.26
CA LYS A 37 14.35 -21.41 6.66
C LYS A 37 14.58 -21.30 8.16
N HIS A 38 14.33 -20.11 8.70
CA HIS A 38 14.51 -19.86 10.13
C HIS A 38 13.33 -19.08 10.70
N PRO A 39 12.34 -19.82 11.23
CA PRO A 39 11.13 -19.23 11.82
C PRO A 39 11.43 -18.49 13.12
N ASP A 40 12.12 -19.15 14.04
CA ASP A 40 12.47 -18.56 15.32
C ASP A 40 13.80 -17.80 15.23
N ALA A 41 14.05 -17.21 14.07
CA ALA A 41 15.27 -16.45 13.86
C ALA A 41 15.10 -14.99 14.26
N SER A 42 16.17 -14.21 14.12
CA SER A 42 16.13 -12.80 14.48
C SER A 42 16.64 -11.94 13.32
N VAL A 43 15.72 -11.32 12.60
CA VAL A 43 16.08 -10.47 11.47
C VAL A 43 15.44 -9.10 11.60
N ASN A 44 16.16 -8.07 11.16
CA ASN A 44 15.67 -6.70 11.23
C ASN A 44 15.21 -6.21 9.86
N PHE A 45 14.74 -4.98 9.80
CA PHE A 45 14.26 -4.40 8.54
C PHE A 45 15.33 -3.51 7.93
N SER A 46 15.87 -2.60 8.72
CA SER A 46 16.91 -1.69 8.24
C SER A 46 18.17 -2.45 7.84
N GLU A 47 18.30 -3.67 8.36
CA GLU A 47 19.47 -4.50 8.07
C GLU A 47 19.25 -5.29 6.78
N PHE A 48 18.06 -5.85 6.63
CA PHE A 48 17.72 -6.63 5.44
C PHE A 48 17.74 -5.76 4.20
N SER A 49 17.55 -4.46 4.39
CA SER A 49 17.53 -3.51 3.28
C SER A 49 18.95 -3.11 2.89
N LYS A 50 19.79 -2.87 3.89
CA LYS A 50 21.18 -2.48 3.65
C LYS A 50 21.99 -3.66 3.14
N LYS A 51 21.50 -4.86 3.40
CA LYS A 51 22.20 -6.08 2.97
C LYS A 51 21.79 -6.45 1.54
N CYS A 52 20.51 -6.26 1.23
CA CYS A 52 20.00 -6.58 -0.10
C CYS A 52 20.55 -5.61 -1.14
N SER A 53 20.93 -4.42 -0.68
CA SER A 53 21.46 -3.40 -1.58
C SER A 53 22.91 -3.72 -1.97
N GLU A 54 23.68 -4.21 -1.01
CA GLU A 54 25.07 -4.56 -1.26
C GLU A 54 25.19 -5.96 -1.84
N ARG A 55 24.10 -6.72 -1.75
CA ARG A 55 24.08 -8.08 -2.26
C ARG A 55 23.60 -8.11 -3.72
N TRP A 56 22.53 -7.38 -3.99
CA TRP A 56 21.97 -7.33 -5.34
C TRP A 56 23.01 -6.82 -6.33
N LYS A 57 23.88 -5.92 -5.87
CA LYS A 57 24.92 -5.35 -6.71
C LYS A 57 26.07 -6.34 -6.90
N THR A 58 26.42 -7.04 -5.83
CA THR A 58 27.50 -8.01 -5.88
C THR A 58 27.03 -9.33 -6.49
N MET A 59 25.85 -9.31 -7.09
CA MET A 59 25.28 -10.50 -7.71
C MET A 59 25.59 -10.54 -9.19
N SER A 60 26.42 -11.50 -9.59
CA SER A 60 26.81 -11.63 -11.00
C SER A 60 25.58 -11.58 -11.91
N ALA A 61 25.81 -11.31 -13.19
CA ALA A 61 24.73 -11.23 -14.16
C ALA A 61 23.88 -12.50 -14.15
N LYS A 62 24.51 -13.62 -13.82
CA LYS A 62 23.82 -14.90 -13.77
C LYS A 62 22.82 -14.95 -12.62
N GLU A 63 23.30 -14.62 -11.42
CA GLU A 63 22.45 -14.61 -10.23
C GLU A 63 21.20 -13.78 -10.47
N LYS A 64 21.33 -12.71 -11.23
CA LYS A 64 20.21 -11.83 -11.53
C LYS A 64 19.36 -12.40 -12.66
N GLY A 65 20.01 -13.11 -13.59
CA GLY A 65 19.30 -13.70 -14.71
C GLY A 65 17.93 -14.21 -14.32
N LYS A 66 17.89 -15.07 -13.31
CA LYS A 66 16.64 -15.64 -12.84
C LYS A 66 15.64 -14.55 -12.49
N PHE A 67 16.04 -13.65 -11.60
CA PHE A 67 15.17 -12.55 -11.19
C PHE A 67 14.70 -11.74 -12.39
N GLU A 68 15.55 -11.64 -13.41
CA GLU A 68 15.22 -10.91 -14.62
C GLU A 68 14.07 -11.57 -15.36
N ASP A 69 13.99 -12.89 -15.26
CA ASP A 69 12.93 -13.65 -15.92
C ASP A 69 11.64 -13.59 -15.12
N MET A 70 11.76 -13.66 -13.80
CA MET A 70 10.60 -13.60 -12.93
C MET A 70 9.98 -12.20 -12.92
N ALA A 71 10.83 -11.19 -12.86
CA ALA A 71 10.36 -9.80 -12.85
C ALA A 71 9.59 -9.48 -14.12
N LYS A 72 10.16 -9.84 -15.27
CA LYS A 72 9.53 -9.58 -16.56
C LYS A 72 8.23 -10.37 -16.68
N ALA A 73 8.28 -11.64 -16.31
CA ALA A 73 7.10 -12.50 -16.39
C ALA A 73 6.06 -12.10 -15.34
N ASP A 74 6.53 -11.56 -14.22
CA ASP A 74 5.64 -11.13 -13.16
C ASP A 74 4.69 -10.04 -13.63
N LYS A 75 4.94 -9.54 -14.83
CA LYS A 75 4.11 -8.49 -15.42
C LYS A 75 2.67 -8.97 -15.60
N ALA A 76 2.51 -10.29 -15.74
CA ALA A 76 1.19 -10.88 -15.92
C ALA A 76 0.71 -11.57 -14.64
N ARG A 77 1.66 -11.87 -13.76
CA ARG A 77 1.34 -12.54 -12.50
C ARG A 77 0.96 -11.51 -11.44
N TYR A 78 1.28 -10.25 -11.69
CA TYR A 78 0.98 -9.18 -10.74
C TYR A 78 -0.48 -8.74 -10.86
N GLU A 79 -1.05 -8.91 -12.05
CA GLU A 79 -2.43 -8.53 -12.29
C GLU A 79 -3.38 -9.56 -11.71
N ARG A 80 -2.85 -10.73 -11.36
CA ARG A 80 -3.65 -11.80 -10.78
C ARG A 80 -3.71 -11.68 -9.27
N GLU A 81 -2.54 -11.65 -8.63
CA GLU A 81 -2.46 -11.54 -7.18
C GLU A 81 -3.47 -10.52 -6.66
N MET A 82 -3.68 -9.46 -7.43
CA MET A 82 -4.62 -8.41 -7.04
C MET A 82 -5.86 -9.01 -6.35
N LYS A 83 -6.19 -10.25 -6.71
CA LYS A 83 -7.33 -10.93 -6.13
C LYS A 83 -7.15 -11.12 -4.63
N THR A 84 -5.98 -11.63 -4.24
CA THR A 84 -5.68 -11.86 -2.84
C THR A 84 -5.70 -10.56 -2.05
N TYR A 85 -5.64 -9.44 -2.76
CA TYR A 85 -5.66 -8.13 -2.13
C TYR A 85 -7.08 -7.67 -1.83
N ILE A 86 -7.43 -7.67 -0.55
CA ILE A 86 -8.78 -7.26 -0.13
C ILE A 86 -8.71 -6.03 0.77
N PRO A 87 -8.88 -4.84 0.16
CA PRO A 87 -8.85 -3.57 0.89
C PRO A 87 -10.07 -3.39 1.79
N PRO A 88 -9.86 -2.72 2.93
CA PRO A 88 -10.92 -2.46 3.90
C PRO A 88 -11.96 -1.46 3.39
N LYS A 89 -12.88 -1.06 4.25
CA LYS A 89 -13.92 -0.11 3.88
C LYS A 89 -13.42 1.33 4.05
N GLY A 90 -13.49 2.10 2.97
CA GLY A 90 -13.05 3.48 3.02
C GLY A 90 -13.74 4.35 1.99
N GLU A 91 -12.96 4.92 1.08
CA GLU A 91 -13.50 5.79 0.04
C GLU A 91 -14.64 5.09 -0.71
N THR A 92 -15.22 5.78 -1.68
CA THR A 92 -16.32 5.23 -2.46
C THR A 92 -15.82 4.66 -3.78
N LYS A 93 -16.26 3.44 -4.09
CA LYS A 93 -15.86 2.77 -5.33
C LYS A 93 -16.68 1.51 -5.55
N LYS A 94 -16.34 0.76 -6.59
CA LYS A 94 -17.04 -0.48 -6.91
C LYS A 94 -17.53 -1.17 -5.65
N LYS A 95 -18.68 -1.82 -5.73
CA LYS A 95 -19.25 -2.53 -4.60
C LYS A 95 -18.31 -3.61 -4.10
N PHE A 96 -18.02 -3.59 -2.80
CA PHE A 96 -17.12 -4.57 -2.19
C PHE A 96 -17.06 -4.39 -0.68
N LYS A 97 -16.86 -5.50 0.03
CA LYS A 97 -16.78 -5.47 1.48
C LYS A 97 -16.10 -6.73 2.02
N ASP A 98 -15.34 -6.56 3.09
CA ASP A 98 -14.63 -7.69 3.70
C ASP A 98 -14.89 -7.73 5.20
N PRO A 99 -15.78 -8.65 5.62
CA PRO A 99 -16.13 -8.82 7.04
C PRO A 99 -14.99 -9.41 7.85
N ASN A 100 -14.00 -9.96 7.16
CA ASN A 100 -12.85 -10.57 7.82
C ASN A 100 -11.85 -9.49 8.26
N ALA A 101 -11.83 -8.39 7.53
CA ALA A 101 -10.92 -7.29 7.84
C ALA A 101 -11.69 -6.04 8.24
N PRO A 102 -11.20 -5.34 9.28
CA PRO A 102 -11.83 -4.12 9.79
C PRO A 102 -11.69 -2.95 8.82
N LYS A 103 -12.22 -1.81 9.20
CA LYS A 103 -12.16 -0.61 8.37
C LYS A 103 -11.24 0.44 8.99
N ARG A 104 -10.64 1.28 8.14
CA ARG A 104 -9.74 2.32 8.61
C ARG A 104 -10.43 3.68 8.59
N PRO A 105 -10.12 4.51 9.60
CA PRO A 105 -10.70 5.85 9.72
C PRO A 105 -10.18 6.80 8.64
N PRO A 106 -10.85 7.96 8.50
CA PRO A 106 -10.47 8.98 7.52
C PRO A 106 -9.17 9.67 7.87
N SER A 107 -8.59 10.37 6.90
CA SER A 107 -7.34 11.08 7.11
C SER A 107 -7.55 12.60 7.07
N ALA A 108 -6.66 13.33 7.73
CA ALA A 108 -6.75 14.78 7.78
C ALA A 108 -7.23 15.34 6.45
N PHE A 109 -6.86 14.68 5.36
CA PHE A 109 -7.26 15.10 4.03
C PHE A 109 -8.73 14.83 3.77
N PHE A 110 -9.12 13.56 3.93
CA PHE A 110 -10.50 13.16 3.71
C PHE A 110 -11.45 13.96 4.62
N LEU A 111 -11.00 14.23 5.83
CA LEU A 111 -11.80 14.99 6.80
C LEU A 111 -12.08 16.40 6.29
N PHE A 112 -11.01 17.12 5.95
CA PHE A 112 -11.14 18.48 5.45
C PHE A 112 -12.03 18.52 4.22
N CYS A 113 -11.67 17.74 3.20
CA CYS A 113 -12.44 17.68 1.96
C CYS A 113 -13.87 17.25 2.23
N SER A 114 -14.05 16.42 3.25
CA SER A 114 -15.37 15.92 3.60
C SER A 114 -16.27 17.05 4.10
N GLU A 115 -15.64 18.12 4.60
CA GLU A 115 -16.39 19.26 5.10
C GLU A 115 -16.62 20.29 4.00
N TYR A 116 -15.78 20.25 2.97
CA TYR A 116 -15.91 21.16 1.85
C TYR A 116 -16.63 20.51 0.67
N ARG A 117 -16.80 19.19 0.76
CA ARG A 117 -17.48 18.44 -0.30
C ARG A 117 -18.90 18.94 -0.48
N PRO A 118 -19.67 19.00 0.62
CA PRO A 118 -21.06 19.45 0.60
C PRO A 118 -21.18 20.95 0.32
N LYS A 119 -20.05 21.59 0.08
CA LYS A 119 -20.02 23.02 -0.21
C LYS A 119 -19.82 23.28 -1.70
N ILE A 120 -18.82 22.64 -2.28
CA ILE A 120 -18.53 22.80 -3.69
C ILE A 120 -19.46 21.93 -4.55
N LYS A 121 -19.76 20.73 -4.06
CA LYS A 121 -20.64 19.82 -4.76
C LYS A 121 -21.95 20.50 -5.14
N GLY A 122 -22.44 21.38 -4.27
CA GLY A 122 -23.67 22.08 -4.54
C GLY A 122 -23.47 23.28 -5.45
N GLU A 123 -22.22 23.70 -5.59
CA GLU A 123 -21.90 24.85 -6.44
C GLU A 123 -21.67 24.40 -7.88
N HIS A 124 -20.95 23.30 -8.05
CA HIS A 124 -20.67 22.77 -9.38
C HIS A 124 -21.38 21.44 -9.60
N PRO A 125 -22.59 21.50 -10.17
CA PRO A 125 -23.40 20.31 -10.44
C PRO A 125 -22.81 19.46 -11.56
N GLY A 126 -21.67 19.89 -12.09
CA GLY A 126 -21.02 19.15 -13.17
C GLY A 126 -19.90 18.27 -12.67
N LEU A 127 -19.11 18.79 -11.73
CA LEU A 127 -17.99 18.04 -11.17
C LEU A 127 -18.45 16.66 -10.67
N SER A 128 -17.88 15.61 -11.25
CA SER A 128 -18.23 14.25 -10.87
C SER A 128 -17.33 13.75 -9.74
N ILE A 129 -17.79 12.74 -9.02
CA ILE A 129 -17.02 12.17 -7.92
C ILE A 129 -15.53 12.22 -8.20
N GLY A 130 -15.17 12.02 -9.47
CA GLY A 130 -13.76 12.06 -9.85
C GLY A 130 -13.19 13.46 -9.83
N ASP A 131 -13.84 14.37 -10.54
CA ASP A 131 -13.39 15.76 -10.62
C ASP A 131 -13.39 16.39 -9.23
N VAL A 132 -14.54 16.41 -8.58
CA VAL A 132 -14.67 16.99 -7.25
C VAL A 132 -13.43 16.73 -6.41
N ALA A 133 -13.01 15.46 -6.34
CA ALA A 133 -11.83 15.08 -5.58
C ALA A 133 -10.60 15.83 -6.07
N LYS A 134 -10.31 15.70 -7.36
CA LYS A 134 -9.15 16.36 -7.96
C LYS A 134 -9.17 17.85 -7.67
N LYS A 135 -10.34 18.37 -7.34
CA LYS A 135 -10.50 19.79 -7.03
C LYS A 135 -10.03 20.09 -5.62
N LEU A 136 -10.39 19.22 -4.68
CA LEU A 136 -10.01 19.39 -3.29
C LEU A 136 -8.52 19.07 -3.08
N GLY A 137 -7.92 18.45 -4.09
CA GLY A 137 -6.52 18.09 -4.01
C GLY A 137 -5.61 19.30 -3.93
N GLU A 138 -5.95 20.35 -4.68
CA GLU A 138 -5.16 21.57 -4.69
C GLU A 138 -5.22 22.27 -3.34
N MET A 139 -6.41 22.29 -2.74
CA MET A 139 -6.60 22.92 -1.45
C MET A 139 -5.67 22.32 -0.40
N TRP A 140 -5.78 21.01 -0.20
CA TRP A 140 -4.95 20.31 0.77
C TRP A 140 -3.48 20.60 0.54
N ASN A 141 -3.09 20.72 -0.73
CA ASN A 141 -1.70 21.00 -1.08
C ASN A 141 -1.36 22.46 -0.82
N ASN A 142 -2.36 23.32 -0.92
CA ASN A 142 -2.17 24.75 -0.70
C ASN A 142 -2.72 25.16 0.66
N THR A 143 -2.73 24.22 1.60
CA THR A 143 -3.23 24.48 2.94
C THR A 143 -2.15 24.25 3.99
N ALA A 144 -1.67 25.33 4.59
CA ALA A 144 -0.63 25.24 5.61
C ALA A 144 -0.93 24.11 6.60
N ALA A 145 0.10 23.38 6.98
CA ALA A 145 -0.05 22.28 7.93
C ALA A 145 -0.74 22.74 9.20
N ASP A 146 -0.61 24.03 9.51
CA ASP A 146 -1.22 24.59 10.70
C ASP A 146 -2.74 24.41 10.67
N ASP A 147 -3.32 24.52 9.49
CA ASP A 147 -4.77 24.37 9.33
C ASP A 147 -5.18 22.90 9.52
N LYS A 148 -4.22 21.99 9.32
CA LYS A 148 -4.49 20.56 9.47
C LYS A 148 -4.30 20.13 10.92
N GLN A 149 -3.85 21.05 11.76
CA GLN A 149 -3.64 20.76 13.17
C GLN A 149 -4.79 19.95 13.74
N PRO A 150 -6.01 20.51 13.67
CA PRO A 150 -7.21 19.84 14.18
C PRO A 150 -7.61 18.63 13.33
N TYR A 151 -7.24 18.67 12.06
CA TYR A 151 -7.57 17.59 11.14
C TYR A 151 -6.69 16.36 11.41
N GLU A 152 -5.49 16.61 11.94
CA GLU A 152 -4.56 15.53 12.25
C GLU A 152 -4.75 15.05 13.68
N LYS A 153 -4.74 15.98 14.63
CA LYS A 153 -4.91 15.65 16.03
C LYS A 153 -6.14 14.77 16.24
N LYS A 154 -7.22 15.09 15.54
CA LYS A 154 -8.46 14.33 15.65
C LYS A 154 -8.29 12.93 15.06
N ALA A 155 -8.02 12.86 13.76
CA ALA A 155 -7.84 11.59 13.08
C ALA A 155 -7.01 10.63 13.94
N ALA A 156 -6.03 11.17 14.65
CA ALA A 156 -5.16 10.36 15.50
C ALA A 156 -5.98 9.54 16.48
N LYS A 157 -6.73 10.22 17.35
CA LYS A 157 -7.55 9.55 18.34
C LYS A 157 -8.31 8.37 17.72
N LEU A 158 -9.09 8.66 16.69
CA LEU A 158 -9.86 7.62 16.00
C LEU A 158 -9.00 6.39 15.74
N LYS A 159 -7.79 6.61 15.24
CA LYS A 159 -6.87 5.52 14.95
C LYS A 159 -6.86 4.49 16.08
N GLU A 160 -6.57 4.96 17.29
CA GLU A 160 -6.53 4.07 18.46
C GLU A 160 -7.70 3.09 18.42
N LYS A 161 -8.88 3.58 18.07
CA LYS A 161 -10.07 2.74 18.00
C LYS A 161 -9.88 1.62 16.97
N TYR A 162 -9.37 1.99 15.80
CA TYR A 162 -9.15 1.01 14.73
C TYR A 162 -8.06 0.02 15.12
N GLU A 163 -6.96 0.53 15.65
CA GLU A 163 -5.84 -0.31 16.07
C GLU A 163 -6.32 -1.43 16.98
N LYS A 164 -7.45 -1.21 17.64
CA LYS A 164 -8.01 -2.20 18.54
C LYS A 164 -8.73 -3.31 17.77
N ASP A 165 -9.61 -2.90 16.86
CA ASP A 165 -10.35 -3.86 16.04
C ASP A 165 -9.40 -4.73 15.22
N ILE A 166 -8.41 -4.10 14.62
CA ILE A 166 -7.44 -4.81 13.79
C ILE A 166 -6.44 -5.57 14.66
N ALA A 167 -6.24 -5.09 15.89
CA ALA A 167 -5.33 -5.74 16.82
C ALA A 167 -5.71 -7.20 17.06
N ALA A 168 -7.01 -7.46 17.08
CA ALA A 168 -7.50 -8.82 17.30
C ALA A 168 -7.55 -9.59 15.99
N TYR A 169 -7.55 -8.87 14.87
CA TYR A 169 -7.59 -9.50 13.55
C TYR A 169 -6.30 -10.25 13.27
N ARG A 170 -5.17 -9.58 13.48
CA ARG A 170 -3.87 -10.20 13.24
C ARG A 170 -3.52 -11.18 14.36
N ALA A 171 -3.81 -10.80 15.59
CA ALA A 171 -3.53 -11.65 16.74
C ALA A 171 -4.70 -12.60 17.02
N LYS A 172 -4.76 -13.69 16.27
CA LYS A 172 -5.81 -14.68 16.43
C LYS A 172 -5.97 -15.07 17.90
N GLY A 173 -7.13 -14.75 18.48
CA GLY A 173 -7.39 -15.08 19.86
C GLY A 173 -8.87 -15.24 20.16
N GLY A 1 38.68 -35.06 -12.37
CA GLY A 1 37.46 -35.63 -12.92
C GLY A 1 36.22 -34.93 -12.41
N SER A 2 35.29 -34.64 -13.31
CA SER A 2 34.05 -33.97 -12.94
C SER A 2 32.83 -34.78 -13.38
N SER A 3 32.05 -35.23 -12.40
CA SER A 3 30.85 -36.01 -12.69
C SER A 3 29.96 -35.31 -13.70
N GLY A 4 29.05 -36.06 -14.30
CA GLY A 4 28.14 -35.48 -15.28
C GLY A 4 27.29 -34.36 -14.71
N SER A 5 26.14 -34.13 -15.31
CA SER A 5 25.24 -33.07 -14.85
C SER A 5 23.87 -33.20 -15.51
N SER A 6 22.82 -33.00 -14.71
CA SER A 6 21.45 -33.10 -15.21
C SER A 6 21.11 -31.90 -16.09
N GLY A 7 20.93 -32.15 -17.38
CA GLY A 7 20.60 -31.08 -18.31
C GLY A 7 19.27 -30.42 -17.98
N MET A 8 18.20 -31.22 -17.96
CA MET A 8 16.87 -30.72 -17.65
C MET A 8 16.85 -30.02 -16.30
N GLY A 9 15.84 -29.17 -16.09
CA GLY A 9 15.74 -28.46 -14.83
C GLY A 9 14.48 -27.60 -14.76
N LYS A 10 14.44 -26.56 -15.59
CA LYS A 10 13.29 -25.66 -15.63
C LYS A 10 11.98 -26.44 -15.51
N GLY A 11 10.92 -25.73 -15.13
CA GLY A 11 9.62 -26.37 -14.99
C GLY A 11 8.53 -25.66 -15.75
N ASP A 12 7.80 -24.78 -15.08
CA ASP A 12 6.72 -24.02 -15.70
C ASP A 12 6.96 -22.53 -15.58
N PRO A 13 6.35 -21.76 -16.49
CA PRO A 13 6.48 -20.30 -16.51
C PRO A 13 5.79 -19.63 -15.32
N LYS A 14 4.86 -20.35 -14.71
CA LYS A 14 4.12 -19.84 -13.57
C LYS A 14 5.08 -19.43 -12.44
N LYS A 15 5.89 -20.39 -12.00
CA LYS A 15 6.85 -20.13 -10.93
C LYS A 15 7.81 -19.01 -11.32
N PRO A 16 7.72 -17.88 -10.60
CA PRO A 16 8.58 -16.72 -10.84
C PRO A 16 10.03 -16.98 -10.46
N ARG A 17 10.95 -16.27 -11.12
CA ARG A 17 12.37 -16.42 -10.85
C ARG A 17 12.92 -15.17 -10.17
N GLY A 18 13.72 -15.38 -9.12
CA GLY A 18 14.30 -14.26 -8.40
C GLY A 18 15.47 -14.68 -7.53
N LYS A 19 15.20 -15.04 -6.29
CA LYS A 19 16.25 -15.46 -5.37
C LYS A 19 17.15 -16.52 -6.00
N MET A 20 18.14 -16.97 -5.25
CA MET A 20 19.06 -17.99 -5.74
C MET A 20 19.52 -18.91 -4.61
N SER A 21 19.86 -20.14 -4.96
CA SER A 21 20.29 -21.12 -3.97
C SER A 21 21.74 -20.87 -3.57
N SER A 22 22.12 -21.34 -2.39
CA SER A 22 23.47 -21.17 -1.88
C SER A 22 24.49 -21.28 -3.03
N TYR A 23 24.33 -22.33 -3.84
CA TYR A 23 25.24 -22.56 -4.95
C TYR A 23 25.09 -21.47 -6.00
N ALA A 24 23.87 -21.29 -6.49
CA ALA A 24 23.58 -20.28 -7.51
C ALA A 24 24.31 -18.98 -7.19
N PHE A 25 24.30 -18.60 -5.92
CA PHE A 25 24.96 -17.36 -5.49
C PHE A 25 26.46 -17.58 -5.32
N PHE A 26 26.81 -18.63 -4.61
CA PHE A 26 28.22 -18.95 -4.36
C PHE A 26 29.00 -18.97 -5.67
N VAL A 27 28.35 -19.39 -6.75
CA VAL A 27 28.98 -19.46 -8.05
C VAL A 27 29.26 -18.06 -8.60
N GLN A 28 28.38 -17.12 -8.27
CA GLN A 28 28.53 -15.74 -8.72
C GLN A 28 29.33 -14.91 -7.71
N THR A 29 29.40 -15.40 -6.48
CA THR A 29 30.12 -14.71 -5.43
C THR A 29 31.61 -15.03 -5.48
N CYS A 30 31.93 -16.32 -5.57
CA CYS A 30 33.32 -16.75 -5.63
C CYS A 30 33.99 -16.27 -6.92
N ARG A 31 33.21 -16.22 -8.00
CA ARG A 31 33.73 -15.78 -9.30
C ARG A 31 33.97 -14.27 -9.30
N GLU A 32 33.02 -13.51 -8.76
CA GLU A 32 33.13 -12.07 -8.71
C GLU A 32 34.26 -11.65 -7.75
N GLU A 33 34.28 -12.26 -6.57
CA GLU A 33 35.30 -11.94 -5.57
C GLU A 33 36.70 -12.05 -6.18
N HIS A 34 36.89 -13.03 -7.06
CA HIS A 34 38.18 -13.24 -7.70
C HIS A 34 38.59 -12.00 -8.51
N LYS A 35 37.80 -11.68 -9.54
CA LYS A 35 38.08 -10.52 -10.38
C LYS A 35 38.61 -9.36 -9.55
N LYS A 36 38.16 -9.28 -8.30
CA LYS A 36 38.58 -8.21 -7.40
C LYS A 36 39.99 -8.48 -6.86
N LYS A 37 40.20 -9.71 -6.40
CA LYS A 37 41.50 -10.09 -5.85
C LYS A 37 42.59 -10.02 -6.92
N HIS A 38 42.26 -10.51 -8.12
CA HIS A 38 43.21 -10.49 -9.22
C HIS A 38 42.54 -9.98 -10.50
N PRO A 39 42.67 -8.68 -10.77
CA PRO A 39 42.10 -8.04 -11.95
C PRO A 39 42.79 -8.47 -13.23
N ASP A 40 44.12 -8.48 -13.21
CA ASP A 40 44.91 -8.87 -14.38
C ASP A 40 44.50 -10.25 -14.86
N ALA A 41 44.30 -11.17 -13.93
CA ALA A 41 43.91 -12.54 -14.25
C ALA A 41 42.54 -12.56 -14.92
N SER A 42 42.47 -13.20 -16.10
CA SER A 42 41.22 -13.29 -16.83
C SER A 42 40.65 -14.72 -16.76
N VAL A 43 39.61 -14.88 -15.94
CA VAL A 43 38.97 -16.18 -15.79
C VAL A 43 37.71 -16.29 -16.64
N ASN A 44 37.58 -17.40 -17.36
CA ASN A 44 36.42 -17.63 -18.21
C ASN A 44 35.19 -17.96 -17.38
N PHE A 45 34.02 -17.84 -18.00
CA PHE A 45 32.76 -18.14 -17.31
C PHE A 45 32.39 -19.61 -17.47
N SER A 46 32.40 -20.08 -18.71
CA SER A 46 32.05 -21.47 -19.00
C SER A 46 32.90 -22.42 -18.17
N GLU A 47 34.20 -22.14 -18.10
CA GLU A 47 35.12 -22.97 -17.33
C GLU A 47 34.83 -22.88 -15.84
N PHE A 48 34.75 -21.65 -15.34
CA PHE A 48 34.48 -21.42 -13.93
C PHE A 48 33.40 -22.37 -13.41
N SER A 49 32.43 -22.67 -14.26
CA SER A 49 31.34 -23.56 -13.89
C SER A 49 31.88 -24.90 -13.37
N LYS A 50 32.88 -25.44 -14.08
CA LYS A 50 33.48 -26.70 -13.70
C LYS A 50 34.18 -26.58 -12.35
N LYS A 51 34.69 -25.39 -12.06
CA LYS A 51 35.39 -25.14 -10.80
C LYS A 51 34.40 -24.96 -9.65
N CYS A 52 33.54 -23.96 -9.77
CA CYS A 52 32.53 -23.69 -8.74
C CYS A 52 31.80 -24.96 -8.35
N SER A 53 31.65 -25.88 -9.30
CA SER A 53 30.97 -27.14 -9.05
C SER A 53 31.77 -28.01 -8.10
N GLU A 54 32.98 -28.39 -8.52
CA GLU A 54 33.85 -29.23 -7.71
C GLU A 54 34.23 -28.52 -6.41
N ARG A 55 34.18 -27.19 -6.43
CA ARG A 55 34.52 -26.39 -5.26
C ARG A 55 33.33 -26.29 -4.31
N TRP A 56 32.13 -26.28 -4.86
CA TRP A 56 30.91 -26.18 -4.07
C TRP A 56 30.71 -27.45 -3.24
N LYS A 57 31.02 -28.59 -3.82
CA LYS A 57 30.88 -29.87 -3.14
C LYS A 57 31.94 -30.02 -2.05
N THR A 58 33.19 -29.82 -2.42
CA THR A 58 34.31 -29.94 -1.49
C THR A 58 34.10 -29.05 -0.28
N MET A 59 33.77 -27.78 -0.54
CA MET A 59 33.54 -26.81 0.53
C MET A 59 32.88 -27.49 1.74
N SER A 60 33.55 -27.42 2.89
CA SER A 60 33.04 -28.02 4.11
C SER A 60 31.75 -27.33 4.56
N ALA A 61 30.92 -28.05 5.30
CA ALA A 61 29.66 -27.51 5.78
C ALA A 61 29.82 -26.07 6.24
N LYS A 62 30.89 -25.81 6.99
CA LYS A 62 31.17 -24.48 7.50
C LYS A 62 31.08 -23.44 6.37
N GLU A 63 31.86 -23.64 5.32
CA GLU A 63 31.86 -22.72 4.19
C GLU A 63 30.45 -22.50 3.66
N LYS A 64 29.82 -23.59 3.23
CA LYS A 64 28.45 -23.51 2.70
C LYS A 64 27.55 -22.74 3.65
N GLY A 65 27.76 -22.92 4.95
CA GLY A 65 26.96 -22.22 5.94
C GLY A 65 26.70 -20.78 5.56
N LYS A 66 27.73 -19.95 5.67
CA LYS A 66 27.61 -18.53 5.35
C LYS A 66 26.91 -18.34 4.00
N PHE A 67 27.17 -19.24 3.07
CA PHE A 67 26.56 -19.17 1.74
C PHE A 67 25.07 -19.51 1.81
N GLU A 68 24.71 -20.35 2.78
CA GLU A 68 23.32 -20.75 2.95
C GLU A 68 22.51 -19.67 3.68
N ASP A 69 23.12 -19.10 4.71
CA ASP A 69 22.47 -18.04 5.49
C ASP A 69 22.25 -16.79 4.64
N MET A 70 23.22 -16.51 3.76
CA MET A 70 23.13 -15.34 2.89
C MET A 70 22.17 -15.59 1.74
N ALA A 71 22.15 -16.83 1.25
CA ALA A 71 21.28 -17.19 0.15
C ALA A 71 19.82 -17.24 0.59
N LYS A 72 19.57 -17.86 1.74
CA LYS A 72 18.22 -17.97 2.28
C LYS A 72 17.59 -16.59 2.44
N ALA A 73 18.41 -15.60 2.78
CA ALA A 73 17.93 -14.24 2.95
C ALA A 73 17.07 -13.80 1.77
N ASP A 74 17.50 -14.14 0.57
CA ASP A 74 16.77 -13.78 -0.64
C ASP A 74 15.46 -14.56 -0.73
N LYS A 75 15.48 -15.80 -0.27
CA LYS A 75 14.30 -16.64 -0.30
C LYS A 75 13.06 -15.88 0.16
N ALA A 76 13.25 -15.03 1.17
CA ALA A 76 12.15 -14.23 1.69
C ALA A 76 11.78 -13.10 0.74
N ARG A 77 12.69 -12.14 0.58
CA ARG A 77 12.46 -11.00 -0.30
C ARG A 77 11.93 -11.47 -1.65
N TYR A 78 12.24 -12.71 -2.01
CA TYR A 78 11.79 -13.28 -3.28
C TYR A 78 10.35 -13.74 -3.20
N GLU A 79 9.96 -14.28 -2.04
CA GLU A 79 8.60 -14.76 -1.83
C GLU A 79 7.58 -13.68 -2.19
N ARG A 80 7.92 -12.43 -1.87
CA ARG A 80 7.04 -11.31 -2.15
C ARG A 80 6.34 -11.49 -3.50
N GLU A 81 7.11 -11.85 -4.51
CA GLU A 81 6.58 -12.06 -5.85
C GLU A 81 5.48 -13.12 -5.84
N MET A 82 5.80 -14.28 -5.27
CA MET A 82 4.83 -15.37 -5.19
C MET A 82 3.46 -14.86 -4.80
N LYS A 83 3.43 -13.86 -3.93
CA LYS A 83 2.17 -13.28 -3.47
C LYS A 83 1.18 -13.12 -4.63
N THR A 84 1.67 -12.59 -5.74
CA THR A 84 0.84 -12.38 -6.92
C THR A 84 0.49 -13.71 -7.58
N TYR A 85 1.37 -14.69 -7.42
CA TYR A 85 1.17 -16.01 -8.00
C TYR A 85 -0.26 -16.49 -7.77
N ILE A 86 -0.84 -17.11 -8.80
CA ILE A 86 -2.21 -17.62 -8.70
C ILE A 86 -2.31 -19.03 -9.27
N PRO A 87 -2.35 -20.03 -8.38
CA PRO A 87 -2.45 -21.44 -8.77
C PRO A 87 -3.81 -21.78 -9.38
N PRO A 88 -3.92 -22.98 -9.96
CA PRO A 88 -5.16 -23.46 -10.58
C PRO A 88 -6.25 -23.74 -9.54
N LYS A 89 -7.48 -23.93 -10.02
CA LYS A 89 -8.60 -24.22 -9.14
C LYS A 89 -8.58 -23.31 -7.92
N GLY A 90 -8.37 -22.02 -8.15
CA GLY A 90 -8.32 -21.06 -7.05
C GLY A 90 -9.71 -20.65 -6.60
N GLU A 91 -9.77 -19.73 -5.64
CA GLU A 91 -11.05 -19.25 -5.11
C GLU A 91 -11.74 -18.35 -6.13
N THR A 92 -13.07 -18.39 -6.13
CA THR A 92 -13.86 -17.58 -7.05
C THR A 92 -14.03 -16.17 -6.52
N LYS A 93 -14.38 -15.24 -7.42
CA LYS A 93 -14.58 -13.85 -7.04
C LYS A 93 -15.17 -13.74 -5.63
N LYS A 94 -14.60 -12.86 -4.82
CA LYS A 94 -15.07 -12.66 -3.45
C LYS A 94 -16.37 -11.87 -3.44
N LYS A 95 -16.95 -11.72 -2.25
CA LYS A 95 -18.20 -10.98 -2.10
C LYS A 95 -18.10 -9.59 -2.74
N PHE A 96 -19.19 -8.84 -2.70
CA PHE A 96 -19.23 -7.51 -3.27
C PHE A 96 -19.68 -6.48 -2.24
N LYS A 97 -19.10 -5.29 -2.30
CA LYS A 97 -19.44 -4.22 -1.38
C LYS A 97 -20.95 -4.06 -1.26
N ASP A 98 -21.38 -3.12 -0.41
CA ASP A 98 -22.80 -2.88 -0.21
C ASP A 98 -23.20 -1.52 -0.80
N PRO A 99 -23.68 -1.53 -2.05
CA PRO A 99 -24.11 -0.31 -2.75
C PRO A 99 -25.38 0.28 -2.16
N ASN A 100 -26.18 -0.56 -1.53
CA ASN A 100 -27.44 -0.12 -0.92
C ASN A 100 -27.18 0.45 0.47
N ALA A 101 -25.95 0.86 0.73
CA ALA A 101 -25.59 1.44 2.01
C ALA A 101 -26.46 2.64 2.36
N PRO A 102 -26.52 2.98 3.66
CA PRO A 102 -27.32 4.11 4.14
C PRO A 102 -26.75 5.45 3.71
N LYS A 103 -27.61 6.44 3.55
CA LYS A 103 -27.18 7.78 3.15
C LYS A 103 -26.23 8.38 4.17
N ARG A 104 -25.24 9.14 3.70
CA ARG A 104 -24.27 9.76 4.58
C ARG A 104 -24.75 11.14 5.03
N PRO A 105 -24.38 11.53 6.26
CA PRO A 105 -24.75 12.82 6.82
C PRO A 105 -24.05 13.99 6.14
N PRO A 106 -24.53 15.21 6.41
CA PRO A 106 -23.96 16.44 5.83
C PRO A 106 -22.57 16.74 6.38
N SER A 107 -21.97 17.82 5.90
CA SER A 107 -20.64 18.23 6.34
C SER A 107 -20.66 19.65 6.88
N ALA A 108 -19.51 20.10 7.40
CA ALA A 108 -19.40 21.44 7.95
C ALA A 108 -20.14 22.46 7.09
N PHE A 109 -19.84 22.46 5.79
CA PHE A 109 -20.48 23.39 4.86
C PHE A 109 -21.99 23.43 5.10
N PHE A 110 -22.66 22.34 4.74
CA PHE A 110 -24.11 22.25 4.91
C PHE A 110 -24.55 22.94 6.19
N LEU A 111 -23.79 22.71 7.26
CA LEU A 111 -24.11 23.30 8.56
C LEU A 111 -23.91 24.82 8.54
N PHE A 112 -22.81 25.25 7.94
CA PHE A 112 -22.50 26.68 7.85
C PHE A 112 -23.52 27.39 6.96
N CYS A 113 -23.67 26.90 5.73
CA CYS A 113 -24.60 27.49 4.78
C CYS A 113 -26.03 27.43 5.30
N SER A 114 -26.34 26.36 6.05
CA SER A 114 -27.68 26.18 6.61
C SER A 114 -27.92 27.16 7.75
N GLU A 115 -26.86 27.49 8.48
CA GLU A 115 -26.95 28.42 9.61
C GLU A 115 -26.90 29.86 9.12
N TYR A 116 -26.35 30.06 7.92
CA TYR A 116 -26.23 31.39 7.35
C TYR A 116 -27.42 31.70 6.45
N ARG A 117 -27.97 30.66 5.82
CA ARG A 117 -29.10 30.81 4.92
C ARG A 117 -30.15 31.76 5.52
N PRO A 118 -30.55 31.48 6.78
CA PRO A 118 -31.53 32.29 7.49
C PRO A 118 -30.99 33.66 7.87
N LYS A 119 -29.67 33.79 7.88
CA LYS A 119 -29.03 35.06 8.23
C LYS A 119 -28.92 35.96 7.00
N ILE A 120 -28.07 35.55 6.05
CA ILE A 120 -27.87 36.32 4.83
C ILE A 120 -29.21 36.66 4.17
N LYS A 121 -30.15 35.72 4.25
CA LYS A 121 -31.46 35.91 3.65
C LYS A 121 -32.14 37.15 4.23
N GLY A 122 -32.11 37.28 5.54
CA GLY A 122 -32.72 38.42 6.20
C GLY A 122 -32.03 39.73 5.86
N GLU A 123 -30.70 39.68 5.78
CA GLU A 123 -29.91 40.87 5.47
C GLU A 123 -30.19 41.35 4.05
N HIS A 124 -30.27 40.40 3.11
CA HIS A 124 -30.54 40.74 1.72
C HIS A 124 -31.94 40.27 1.30
N PRO A 125 -32.92 41.18 1.40
CA PRO A 125 -34.31 40.88 1.04
C PRO A 125 -34.49 40.69 -0.47
N GLY A 126 -33.38 40.74 -1.20
CA GLY A 126 -33.44 40.56 -2.64
C GLY A 126 -32.94 39.21 -3.08
N LEU A 127 -31.84 38.75 -2.48
CA LEU A 127 -31.26 37.46 -2.81
C LEU A 127 -32.33 36.37 -2.84
N SER A 128 -32.42 35.67 -3.96
CA SER A 128 -33.39 34.60 -4.13
C SER A 128 -32.77 33.24 -3.85
N ILE A 129 -33.61 32.26 -3.53
CA ILE A 129 -33.14 30.91 -3.24
C ILE A 129 -31.92 30.56 -4.09
N GLY A 130 -31.95 30.99 -5.36
CA GLY A 130 -30.84 30.71 -6.26
C GLY A 130 -29.60 31.50 -5.90
N ASP A 131 -29.75 32.82 -5.80
CA ASP A 131 -28.62 33.69 -5.46
C ASP A 131 -28.13 33.42 -4.04
N VAL A 132 -29.04 33.51 -3.09
CA VAL A 132 -28.71 33.28 -1.69
C VAL A 132 -27.67 32.18 -1.54
N ALA A 133 -27.85 31.10 -2.28
CA ALA A 133 -26.93 29.97 -2.23
C ALA A 133 -25.53 30.40 -2.67
N LYS A 134 -25.44 31.05 -3.83
CA LYS A 134 -24.16 31.51 -4.35
C LYS A 134 -23.35 32.20 -3.26
N LYS A 135 -24.03 32.98 -2.43
CA LYS A 135 -23.38 33.70 -1.34
C LYS A 135 -22.71 32.74 -0.37
N LEU A 136 -23.32 31.57 -0.19
CA LEU A 136 -22.78 30.56 0.71
C LEU A 136 -21.77 29.67 -0.01
N GLY A 137 -21.91 29.58 -1.33
CA GLY A 137 -21.00 28.77 -2.12
C GLY A 137 -19.59 29.31 -2.14
N GLU A 138 -19.48 30.64 -2.27
CA GLU A 138 -18.17 31.29 -2.30
C GLU A 138 -17.61 31.47 -0.88
N MET A 139 -18.48 31.88 0.04
CA MET A 139 -18.07 32.09 1.42
C MET A 139 -17.25 30.92 1.93
N TRP A 140 -17.80 29.72 1.81
CA TRP A 140 -17.11 28.50 2.26
C TRP A 140 -15.72 28.40 1.62
N ASN A 141 -15.67 28.55 0.30
CA ASN A 141 -14.40 28.47 -0.42
C ASN A 141 -13.36 29.38 0.21
N ASN A 142 -13.78 30.56 0.65
CA ASN A 142 -12.88 31.52 1.27
C ASN A 142 -13.02 31.48 2.79
N THR A 143 -13.20 30.28 3.33
CA THR A 143 -13.34 30.10 4.78
C THR A 143 -12.13 29.40 5.37
N ALA A 144 -11.63 29.92 6.49
CA ALA A 144 -10.47 29.34 7.15
C ALA A 144 -10.88 28.12 7.99
N ALA A 145 -9.89 27.29 8.33
CA ALA A 145 -10.15 26.10 9.13
C ALA A 145 -10.79 26.46 10.46
N ASP A 146 -10.30 27.51 11.09
CA ASP A 146 -10.83 27.95 12.37
C ASP A 146 -12.34 28.10 12.32
N ASP A 147 -12.83 28.79 11.29
CA ASP A 147 -14.27 29.00 11.11
C ASP A 147 -14.99 27.67 10.97
N LYS A 148 -14.25 26.61 10.65
CA LYS A 148 -14.83 25.29 10.49
C LYS A 148 -14.56 24.42 11.71
N GLN A 149 -14.24 25.07 12.83
CA GLN A 149 -13.95 24.35 14.07
C GLN A 149 -15.22 23.70 14.62
N PRO A 150 -16.26 24.52 14.86
CA PRO A 150 -17.53 24.05 15.39
C PRO A 150 -18.31 23.21 14.37
N TYR A 151 -18.19 23.57 13.10
CA TYR A 151 -18.87 22.86 12.03
C TYR A 151 -18.31 21.46 11.86
N GLU A 152 -16.99 21.33 12.05
CA GLU A 152 -16.33 20.04 11.91
C GLU A 152 -16.58 19.17 13.14
N LYS A 153 -16.30 19.72 14.32
CA LYS A 153 -16.49 18.99 15.57
C LYS A 153 -17.92 18.46 15.68
N LYS A 154 -18.90 19.34 15.47
CA LYS A 154 -20.29 18.95 15.53
C LYS A 154 -20.59 17.80 14.58
N ALA A 155 -20.36 18.03 13.30
CA ALA A 155 -20.59 17.00 12.28
C ALA A 155 -20.22 15.62 12.80
N ALA A 156 -19.16 15.56 13.60
CA ALA A 156 -18.70 14.29 14.16
C ALA A 156 -19.84 13.57 14.88
N LYS A 157 -20.53 14.29 15.76
CA LYS A 157 -21.64 13.73 16.52
C LYS A 157 -22.68 13.10 15.58
N LEU A 158 -23.10 13.87 14.59
CA LEU A 158 -24.09 13.40 13.62
C LEU A 158 -23.69 12.03 13.06
N LYS A 159 -22.47 11.96 12.52
CA LYS A 159 -21.97 10.71 11.96
C LYS A 159 -22.43 9.51 12.77
N GLU A 160 -22.37 9.64 14.10
CA GLU A 160 -22.79 8.58 14.98
C GLU A 160 -24.05 7.89 14.47
N LYS A 161 -25.06 8.67 14.15
CA LYS A 161 -26.32 8.14 13.64
C LYS A 161 -26.08 7.23 12.44
N TYR A 162 -25.34 7.74 11.45
CA TYR A 162 -25.03 6.96 10.26
C TYR A 162 -24.25 5.70 10.60
N GLU A 163 -23.21 5.87 11.42
CA GLU A 163 -22.37 4.76 11.83
C GLU A 163 -23.20 3.68 12.54
N LYS A 164 -24.16 4.13 13.34
CA LYS A 164 -25.03 3.22 14.08
C LYS A 164 -26.06 2.57 13.16
N ASP A 165 -26.56 3.36 12.21
CA ASP A 165 -27.55 2.86 11.26
C ASP A 165 -26.95 1.83 10.32
N ILE A 166 -25.81 2.17 9.73
CA ILE A 166 -25.13 1.28 8.81
C ILE A 166 -24.75 -0.03 9.50
N ALA A 167 -24.15 0.07 10.67
CA ALA A 167 -23.75 -1.11 11.43
C ALA A 167 -24.78 -2.23 11.29
N ALA A 168 -26.05 -1.88 11.41
CA ALA A 168 -27.13 -2.86 11.29
C ALA A 168 -27.41 -3.18 9.83
N TYR A 169 -27.28 -2.18 8.96
CA TYR A 169 -27.53 -2.36 7.54
C TYR A 169 -26.74 -3.55 7.00
N ARG A 170 -25.50 -3.68 7.46
CA ARG A 170 -24.63 -4.77 7.03
C ARG A 170 -24.31 -5.71 8.19
N ALA A 171 -24.40 -5.19 9.41
CA ALA A 171 -24.12 -5.98 10.60
C ALA A 171 -25.23 -5.84 11.62
N LYS A 172 -26.38 -6.43 11.32
CA LYS A 172 -27.53 -6.37 12.22
C LYS A 172 -27.11 -6.61 13.67
N GLY A 173 -26.29 -7.64 13.88
CA GLY A 173 -25.82 -7.95 15.22
C GLY A 173 -26.94 -8.42 16.14
N GLY A 1 -18.82 4.09 -34.20
CA GLY A 1 -17.80 3.41 -33.42
C GLY A 1 -18.24 3.16 -31.99
N SER A 2 -17.35 2.55 -31.20
CA SER A 2 -17.66 2.24 -29.81
C SER A 2 -17.22 3.38 -28.90
N SER A 3 -17.95 3.57 -27.81
CA SER A 3 -17.64 4.63 -26.85
C SER A 3 -16.19 4.54 -26.39
N GLY A 4 -15.82 3.38 -25.85
CA GLY A 4 -14.46 3.18 -25.38
C GLY A 4 -14.40 2.32 -24.13
N SER A 5 -13.96 2.91 -23.03
CA SER A 5 -13.85 2.19 -21.77
C SER A 5 -13.45 3.14 -20.64
N SER A 6 -13.68 2.70 -19.40
CA SER A 6 -13.34 3.50 -18.23
C SER A 6 -12.99 2.61 -17.04
N GLY A 7 -12.01 3.04 -16.25
CA GLY A 7 -11.60 2.27 -15.09
C GLY A 7 -10.83 3.11 -14.09
N MET A 8 -10.79 2.65 -12.85
CA MET A 8 -10.10 3.36 -11.79
C MET A 8 -8.88 2.56 -11.31
N GLY A 9 -9.13 1.40 -10.74
CA GLY A 9 -8.06 0.56 -10.24
C GLY A 9 -8.46 -0.25 -9.02
N LYS A 10 -7.72 -1.32 -8.75
CA LYS A 10 -8.01 -2.19 -7.61
C LYS A 10 -6.74 -2.92 -7.16
N GLY A 11 -6.86 -3.67 -6.07
CA GLY A 11 -5.73 -4.41 -5.55
C GLY A 11 -4.83 -4.96 -6.65
N ASP A 12 -3.78 -4.22 -6.96
CA ASP A 12 -2.84 -4.64 -8.01
C ASP A 12 -1.52 -3.91 -7.87
N PRO A 13 -0.44 -4.54 -8.37
CA PRO A 13 0.91 -3.98 -8.32
C PRO A 13 1.07 -2.76 -9.22
N LYS A 14 0.08 -2.54 -10.08
CA LYS A 14 0.11 -1.42 -11.02
C LYS A 14 0.04 -0.09 -10.26
N LYS A 15 -0.68 -0.09 -9.15
CA LYS A 15 -0.83 1.12 -8.34
C LYS A 15 0.31 1.23 -7.32
N PRO A 16 1.22 2.19 -7.56
CA PRO A 16 2.37 2.42 -6.67
C PRO A 16 1.95 3.00 -5.32
N ARG A 17 0.67 2.90 -5.01
CA ARG A 17 0.14 3.41 -3.76
C ARG A 17 0.37 2.41 -2.62
N GLY A 18 1.53 1.75 -2.65
CA GLY A 18 1.84 0.77 -1.62
C GLY A 18 3.33 0.60 -1.45
N LYS A 19 3.88 1.20 -0.39
CA LYS A 19 5.31 1.11 -0.11
C LYS A 19 5.75 -0.35 -0.09
N MET A 20 7.02 -0.57 0.28
CA MET A 20 7.57 -1.92 0.34
C MET A 20 8.34 -2.13 1.65
N SER A 21 8.25 -3.34 2.19
CA SER A 21 8.93 -3.66 3.43
C SER A 21 10.26 -4.36 3.16
N SER A 22 11.16 -4.30 4.13
CA SER A 22 12.48 -4.90 4.00
C SER A 22 12.37 -6.25 3.27
N TYR A 23 11.41 -7.05 3.68
CA TYR A 23 11.19 -8.37 3.07
C TYR A 23 10.89 -8.24 1.58
N ALA A 24 9.84 -7.49 1.26
CA ALA A 24 9.44 -7.28 -0.12
C ALA A 24 10.65 -7.01 -1.01
N PHE A 25 11.59 -6.23 -0.48
CA PHE A 25 12.79 -5.89 -1.23
C PHE A 25 13.80 -7.05 -1.22
N PHE A 26 14.19 -7.46 -0.02
CA PHE A 26 15.13 -8.57 0.14
C PHE A 26 14.78 -9.73 -0.78
N VAL A 27 13.49 -10.04 -0.85
CA VAL A 27 13.00 -11.13 -1.70
C VAL A 27 13.25 -10.82 -3.18
N GLN A 28 13.22 -9.54 -3.53
CA GLN A 28 13.44 -9.13 -4.91
C GLN A 28 14.91 -8.81 -5.16
N THR A 29 15.68 -8.69 -4.08
CA THR A 29 17.10 -8.40 -4.18
C THR A 29 17.91 -9.67 -4.42
N CYS A 30 17.47 -10.76 -3.82
CA CYS A 30 18.15 -12.04 -3.98
C CYS A 30 17.80 -12.70 -5.31
N ARG A 31 16.57 -12.49 -5.76
CA ARG A 31 16.11 -13.05 -7.02
C ARG A 31 16.82 -12.39 -8.20
N GLU A 32 17.05 -11.08 -8.08
CA GLU A 32 17.72 -10.33 -9.15
C GLU A 32 19.20 -10.69 -9.21
N GLU A 33 19.87 -10.65 -8.07
CA GLU A 33 21.29 -10.96 -8.00
C GLU A 33 21.57 -12.33 -8.60
N HIS A 34 20.68 -13.29 -8.34
CA HIS A 34 20.84 -14.65 -8.85
C HIS A 34 20.76 -14.65 -10.37
N LYS A 35 19.57 -14.35 -10.90
CA LYS A 35 19.37 -14.32 -12.35
C LYS A 35 20.54 -13.67 -13.06
N LYS A 36 21.27 -12.83 -12.34
CA LYS A 36 22.43 -12.14 -12.90
C LYS A 36 23.66 -13.05 -12.89
N LYS A 37 23.89 -13.71 -11.76
CA LYS A 37 25.02 -14.62 -11.62
C LYS A 37 24.86 -15.84 -12.52
N HIS A 38 23.65 -16.38 -12.56
CA HIS A 38 23.36 -17.55 -13.39
C HIS A 38 22.09 -17.35 -14.19
N PRO A 39 22.23 -16.88 -15.44
CA PRO A 39 21.10 -16.64 -16.33
C PRO A 39 20.44 -17.93 -16.79
N ASP A 40 21.25 -18.90 -17.19
CA ASP A 40 20.74 -20.18 -17.66
C ASP A 40 19.91 -20.87 -16.57
N ALA A 41 20.39 -20.77 -15.33
CA ALA A 41 19.70 -21.38 -14.20
C ALA A 41 18.23 -20.95 -14.16
N SER A 42 17.34 -21.87 -14.51
CA SER A 42 15.92 -21.59 -14.52
C SER A 42 15.27 -21.98 -13.19
N VAL A 43 15.25 -21.03 -12.26
CA VAL A 43 14.66 -21.27 -10.94
C VAL A 43 13.18 -20.91 -10.93
N ASN A 44 12.39 -21.72 -10.22
CA ASN A 44 10.96 -21.48 -10.12
C ASN A 44 10.65 -20.34 -9.15
N PHE A 45 9.38 -19.99 -9.05
CA PHE A 45 8.95 -18.92 -8.16
C PHE A 45 8.65 -19.45 -6.76
N SER A 46 7.89 -20.53 -6.70
CA SER A 46 7.53 -21.15 -5.42
C SER A 46 8.77 -21.62 -4.67
N GLU A 47 9.72 -22.17 -5.42
CA GLU A 47 10.95 -22.67 -4.83
C GLU A 47 11.74 -21.54 -4.18
N PHE A 48 11.79 -20.40 -4.86
CA PHE A 48 12.51 -19.24 -4.35
C PHE A 48 11.74 -18.56 -3.22
N SER A 49 10.41 -18.58 -3.33
CA SER A 49 9.55 -17.96 -2.32
C SER A 49 9.76 -18.61 -0.96
N LYS A 50 9.54 -19.93 -0.90
CA LYS A 50 9.71 -20.67 0.34
C LYS A 50 11.12 -20.52 0.88
N LYS A 51 12.06 -20.24 -0.01
CA LYS A 51 13.46 -20.07 0.38
C LYS A 51 13.69 -18.68 0.98
N CYS A 52 13.10 -17.66 0.36
CA CYS A 52 13.24 -16.30 0.84
C CYS A 52 12.53 -16.12 2.18
N SER A 53 11.47 -16.88 2.39
CA SER A 53 10.70 -16.80 3.63
C SER A 53 11.54 -17.27 4.81
N GLU A 54 12.16 -18.44 4.68
CA GLU A 54 12.99 -18.99 5.74
C GLU A 54 14.35 -18.30 5.79
N ARG A 55 14.73 -17.67 4.68
CA ARG A 55 16.01 -16.97 4.61
C ARG A 55 15.90 -15.57 5.19
N TRP A 56 14.68 -15.04 5.20
CA TRP A 56 14.44 -13.70 5.74
C TRP A 56 14.35 -13.74 7.26
N LYS A 57 13.78 -14.82 7.80
CA LYS A 57 13.63 -14.97 9.24
C LYS A 57 14.94 -15.44 9.87
N THR A 58 15.72 -16.19 9.10
CA THR A 58 17.00 -16.71 9.59
C THR A 58 18.06 -15.62 9.62
N MET A 59 17.90 -14.63 8.75
CA MET A 59 18.85 -13.51 8.69
C MET A 59 18.81 -12.70 9.97
N SER A 60 19.99 -12.48 10.56
CA SER A 60 20.09 -11.72 11.80
C SER A 60 19.76 -10.25 11.56
N ALA A 61 19.58 -9.51 12.65
CA ALA A 61 19.25 -8.09 12.57
C ALA A 61 20.25 -7.35 11.68
N LYS A 62 21.54 -7.57 11.94
CA LYS A 62 22.60 -6.92 11.16
C LYS A 62 22.34 -7.06 9.67
N GLU A 63 21.83 -8.23 9.26
CA GLU A 63 21.54 -8.49 7.86
C GLU A 63 20.34 -7.67 7.40
N LYS A 64 19.30 -7.65 8.22
CA LYS A 64 18.08 -6.91 7.89
C LYS A 64 18.33 -5.41 7.93
N GLY A 65 19.33 -5.00 8.71
CA GLY A 65 19.65 -3.59 8.81
C GLY A 65 19.54 -2.87 7.48
N LYS A 66 20.42 -3.20 6.55
CA LYS A 66 20.41 -2.57 5.23
C LYS A 66 19.06 -2.76 4.55
N PHE A 67 18.45 -3.93 4.76
CA PHE A 67 17.15 -4.22 4.16
C PHE A 67 16.06 -3.34 4.76
N GLU A 68 16.32 -2.85 5.97
CA GLU A 68 15.36 -1.98 6.66
C GLU A 68 15.40 -0.57 6.11
N ASP A 69 16.60 -0.03 5.97
CA ASP A 69 16.79 1.33 5.45
C ASP A 69 16.47 1.38 3.96
N MET A 70 17.13 0.54 3.17
CA MET A 70 16.90 0.50 1.74
C MET A 70 15.42 0.43 1.42
N ALA A 71 14.66 -0.20 2.30
CA ALA A 71 13.21 -0.35 2.12
C ALA A 71 12.51 1.00 2.26
N LYS A 72 12.91 1.77 3.26
CA LYS A 72 12.32 3.08 3.50
C LYS A 72 12.44 3.96 2.27
N ALA A 73 13.57 3.85 1.57
CA ALA A 73 13.80 4.64 0.36
C ALA A 73 12.60 4.56 -0.59
N ASP A 74 12.00 3.37 -0.67
CA ASP A 74 10.85 3.16 -1.54
C ASP A 74 9.88 4.34 -1.45
N LYS A 75 9.58 4.77 -0.23
CA LYS A 75 8.66 5.88 -0.02
C LYS A 75 8.87 6.96 -1.08
N ALA A 76 10.12 7.26 -1.39
CA ALA A 76 10.45 8.27 -2.38
C ALA A 76 10.07 7.80 -3.78
N ARG A 77 10.72 6.74 -4.25
CA ARG A 77 10.44 6.20 -5.58
C ARG A 77 8.98 5.78 -5.70
N TYR A 78 8.29 5.72 -4.56
CA TYR A 78 6.88 5.32 -4.54
C TYR A 78 6.00 6.40 -5.18
N GLU A 79 6.44 7.65 -5.06
CA GLU A 79 5.69 8.77 -5.62
C GLU A 79 6.01 8.95 -7.10
N ARG A 80 7.27 8.71 -7.46
CA ARG A 80 7.70 8.85 -8.85
C ARG A 80 7.07 7.78 -9.73
N GLU A 81 6.85 6.60 -9.15
CA GLU A 81 6.24 5.49 -9.87
C GLU A 81 4.93 5.90 -10.50
N MET A 82 4.08 6.56 -9.72
CA MET A 82 2.78 7.01 -10.20
C MET A 82 2.87 7.51 -11.63
N LYS A 83 3.97 8.18 -11.95
CA LYS A 83 4.19 8.70 -13.29
C LYS A 83 3.99 7.63 -14.35
N THR A 84 4.63 6.47 -14.14
CA THR A 84 4.52 5.36 -15.07
C THR A 84 3.32 4.48 -14.74
N TYR A 85 2.43 5.00 -13.90
CA TYR A 85 1.23 4.27 -13.50
C TYR A 85 0.63 3.53 -14.70
N ILE A 86 -0.12 2.48 -14.40
CA ILE A 86 -0.77 1.68 -15.44
C ILE A 86 -2.17 1.26 -15.03
N PRO A 87 -3.18 1.82 -15.72
CA PRO A 87 -4.59 1.52 -15.45
C PRO A 87 -4.97 0.10 -15.86
N PRO A 88 -6.07 -0.40 -15.30
CA PRO A 88 -6.57 -1.75 -15.59
C PRO A 88 -7.12 -1.87 -17.02
N LYS A 89 -7.76 -3.00 -17.30
CA LYS A 89 -8.33 -3.23 -18.62
C LYS A 89 -9.12 -2.02 -19.10
N GLY A 90 -8.48 -1.19 -19.92
CA GLY A 90 -9.13 0.00 -20.45
C GLY A 90 -8.90 0.18 -21.93
N GLU A 91 -7.77 -0.32 -22.43
CA GLU A 91 -7.45 -0.20 -23.84
C GLU A 91 -6.80 -1.50 -24.35
N THR A 92 -6.47 -1.51 -25.64
CA THR A 92 -5.85 -2.67 -26.26
C THR A 92 -4.51 -2.99 -25.60
N LYS A 93 -4.39 -4.21 -25.06
CA LYS A 93 -3.17 -4.64 -24.40
C LYS A 93 -2.89 -6.11 -24.68
N LYS A 94 -1.83 -6.64 -24.08
CA LYS A 94 -1.46 -8.03 -24.26
C LYS A 94 -1.49 -8.79 -22.93
N LYS A 95 -1.29 -8.05 -21.84
CA LYS A 95 -1.30 -8.64 -20.51
C LYS A 95 -2.65 -8.42 -19.82
N PHE A 96 -3.00 -9.34 -18.93
CA PHE A 96 -4.27 -9.25 -18.20
C PHE A 96 -4.03 -8.91 -16.74
N LYS A 97 -5.00 -8.24 -16.13
CA LYS A 97 -4.90 -7.85 -14.73
C LYS A 97 -5.81 -8.71 -13.86
N ASP A 98 -5.80 -8.44 -12.56
CA ASP A 98 -6.63 -9.18 -11.61
C ASP A 98 -7.64 -8.27 -10.92
N PRO A 99 -8.74 -7.98 -11.61
CA PRO A 99 -9.80 -7.12 -11.09
C PRO A 99 -10.57 -7.77 -9.94
N ASN A 100 -10.32 -9.06 -9.73
CA ASN A 100 -10.99 -9.80 -8.66
C ASN A 100 -10.48 -9.36 -7.29
N ALA A 101 -9.18 -9.13 -7.20
CA ALA A 101 -8.55 -8.70 -5.95
C ALA A 101 -9.38 -7.60 -5.28
N PRO A 102 -9.48 -7.66 -3.95
CA PRO A 102 -10.24 -6.69 -3.17
C PRO A 102 -9.56 -5.32 -3.14
N LYS A 103 -10.36 -4.26 -3.26
CA LYS A 103 -9.84 -2.90 -3.25
C LYS A 103 -9.57 -2.43 -1.83
N ARG A 104 -8.78 -1.38 -1.70
CA ARG A 104 -8.43 -0.84 -0.39
C ARG A 104 -9.47 0.21 0.04
N PRO A 105 -9.81 0.21 1.34
CA PRO A 105 -10.78 1.14 1.91
C PRO A 105 -10.25 2.58 1.95
N PRO A 106 -11.15 3.53 2.25
CA PRO A 106 -10.79 4.95 2.33
C PRO A 106 -9.90 5.26 3.53
N SER A 107 -9.39 6.49 3.57
CA SER A 107 -8.52 6.92 4.67
C SER A 107 -9.18 8.03 5.48
N ALA A 108 -8.48 8.48 6.52
CA ALA A 108 -8.99 9.53 7.37
C ALA A 108 -9.38 10.76 6.55
N PHE A 109 -8.60 11.05 5.52
CA PHE A 109 -8.86 12.20 4.66
C PHE A 109 -10.19 12.05 3.94
N PHE A 110 -10.42 10.87 3.35
CA PHE A 110 -11.66 10.60 2.64
C PHE A 110 -12.87 10.77 3.56
N LEU A 111 -12.77 10.20 4.75
CA LEU A 111 -13.85 10.28 5.74
C LEU A 111 -14.16 11.73 6.09
N PHE A 112 -13.10 12.50 6.34
CA PHE A 112 -13.26 13.92 6.70
C PHE A 112 -13.87 14.71 5.54
N CYS A 113 -13.29 14.53 4.35
CA CYS A 113 -13.77 15.23 3.17
C CYS A 113 -15.20 14.83 2.85
N SER A 114 -15.57 13.61 3.21
CA SER A 114 -16.92 13.11 2.96
C SER A 114 -17.91 13.71 3.95
N GLU A 115 -17.39 14.27 5.04
CA GLU A 115 -18.24 14.87 6.07
C GLU A 115 -18.25 16.39 5.93
N TYR A 116 -17.30 16.93 5.17
CA TYR A 116 -17.20 18.36 4.96
C TYR A 116 -17.72 18.75 3.57
N ARG A 117 -17.31 17.98 2.57
CA ARG A 117 -17.73 18.24 1.20
C ARG A 117 -19.18 18.70 1.14
N PRO A 118 -20.08 17.89 1.73
CA PRO A 118 -21.51 18.19 1.75
C PRO A 118 -21.83 19.37 2.68
N LYS A 119 -21.00 19.56 3.69
CA LYS A 119 -21.20 20.64 4.64
C LYS A 119 -20.91 22.00 4.00
N ILE A 120 -19.70 22.13 3.44
CA ILE A 120 -19.30 23.37 2.78
C ILE A 120 -20.12 23.61 1.51
N LYS A 121 -20.49 22.53 0.85
CA LYS A 121 -21.28 22.61 -0.38
C LYS A 121 -22.56 23.38 -0.15
N GLY A 122 -23.27 23.04 0.93
CA GLY A 122 -24.52 23.71 1.25
C GLY A 122 -24.31 25.16 1.62
N GLU A 123 -23.20 25.45 2.29
CA GLU A 123 -22.90 26.81 2.71
C GLU A 123 -22.57 27.70 1.51
N HIS A 124 -21.76 27.17 0.61
CA HIS A 124 -21.37 27.92 -0.59
C HIS A 124 -22.02 27.32 -1.83
N PRO A 125 -23.19 27.88 -2.20
CA PRO A 125 -23.95 27.42 -3.37
C PRO A 125 -23.25 27.76 -4.69
N GLY A 126 -22.09 28.41 -4.58
CA GLY A 126 -21.34 28.78 -5.77
C GLY A 126 -20.20 27.83 -6.05
N LEU A 127 -19.56 27.34 -5.00
CA LEU A 127 -18.44 26.42 -5.13
C LEU A 127 -18.80 25.27 -6.07
N SER A 128 -17.94 25.05 -7.07
CA SER A 128 -18.17 23.98 -8.04
C SER A 128 -17.39 22.72 -7.65
N ILE A 129 -17.86 21.57 -8.12
CA ILE A 129 -17.21 20.30 -7.82
C ILE A 129 -15.69 20.44 -7.88
N GLY A 130 -15.21 21.27 -8.80
CA GLY A 130 -13.78 21.47 -8.94
C GLY A 130 -13.17 22.16 -7.73
N ASP A 131 -13.89 23.14 -7.19
CA ASP A 131 -13.42 23.88 -6.02
C ASP A 131 -13.65 23.08 -4.74
N VAL A 132 -14.91 22.80 -4.45
CA VAL A 132 -15.27 22.04 -3.25
C VAL A 132 -14.19 21.03 -2.90
N ALA A 133 -13.57 20.46 -3.94
CA ALA A 133 -12.52 19.46 -3.74
C ALA A 133 -11.20 20.13 -3.35
N LYS A 134 -10.85 21.19 -4.07
CA LYS A 134 -9.61 21.91 -3.81
C LYS A 134 -9.56 22.39 -2.37
N LYS A 135 -10.72 22.77 -1.83
CA LYS A 135 -10.80 23.24 -0.46
C LYS A 135 -10.54 22.12 0.53
N LEU A 136 -10.83 20.89 0.11
CA LEU A 136 -10.62 19.73 0.96
C LEU A 136 -9.17 19.25 0.89
N GLY A 137 -8.57 19.37 -0.28
CA GLY A 137 -7.19 18.96 -0.46
C GLY A 137 -6.25 19.65 0.51
N GLU A 138 -6.49 20.93 0.75
CA GLU A 138 -5.65 21.70 1.67
C GLU A 138 -6.18 21.61 3.09
N MET A 139 -7.50 21.69 3.23
CA MET A 139 -8.14 21.63 4.54
C MET A 139 -7.52 20.51 5.39
N TRP A 140 -7.42 19.32 4.80
CA TRP A 140 -6.84 18.18 5.51
C TRP A 140 -5.41 18.46 5.92
N ASN A 141 -4.59 18.88 4.96
CA ASN A 141 -3.19 19.17 5.23
C ASN A 141 -3.05 20.07 6.47
N ASN A 142 -3.91 21.08 6.55
CA ASN A 142 -3.88 22.01 7.68
C ASN A 142 -4.42 21.34 8.94
N THR A 143 -5.43 20.49 8.77
CA THR A 143 -6.03 19.78 9.90
C THR A 143 -4.97 19.07 10.74
N ALA A 144 -4.97 19.36 12.04
CA ALA A 144 -4.01 18.75 12.95
C ALA A 144 -4.22 17.24 13.04
N ALA A 145 -3.24 16.54 13.60
CA ALA A 145 -3.32 15.09 13.75
C ALA A 145 -4.38 14.70 14.76
N ASP A 146 -4.57 15.55 15.77
CA ASP A 146 -5.57 15.29 16.81
C ASP A 146 -6.98 15.23 16.21
N ASP A 147 -7.31 16.23 15.41
CA ASP A 147 -8.63 16.29 14.77
C ASP A 147 -8.87 15.04 13.91
N LYS A 148 -7.81 14.29 13.67
CA LYS A 148 -7.90 13.08 12.86
C LYS A 148 -7.97 11.84 13.74
N GLN A 149 -8.36 12.02 15.00
CA GLN A 149 -8.48 10.92 15.94
C GLN A 149 -9.61 9.98 15.55
N PRO A 150 -10.83 10.52 15.45
CA PRO A 150 -12.02 9.75 15.09
C PRO A 150 -11.99 9.31 13.62
N TYR A 151 -11.11 9.92 12.84
CA TYR A 151 -10.99 9.60 11.42
C TYR A 151 -9.93 8.53 11.20
N GLU A 152 -8.73 8.78 11.73
CA GLU A 152 -7.62 7.84 11.58
C GLU A 152 -7.96 6.50 12.24
N LYS A 153 -8.33 6.55 13.52
CA LYS A 153 -8.68 5.35 14.26
C LYS A 153 -9.84 4.62 13.60
N LYS A 154 -10.84 5.37 13.14
CA LYS A 154 -12.00 4.80 12.48
C LYS A 154 -11.59 3.95 11.27
N ALA A 155 -10.90 4.58 10.33
CA ALA A 155 -10.44 3.88 9.13
C ALA A 155 -9.75 2.58 9.48
N ALA A 156 -8.96 2.61 10.55
CA ALA A 156 -8.24 1.41 11.00
C ALA A 156 -9.16 0.21 11.07
N LYS A 157 -10.32 0.40 11.69
CA LYS A 157 -11.30 -0.68 11.82
C LYS A 157 -11.72 -1.21 10.45
N LEU A 158 -11.98 -0.30 9.53
CA LEU A 158 -12.40 -0.69 8.18
C LEU A 158 -11.31 -1.52 7.50
N LYS A 159 -10.07 -1.08 7.63
CA LYS A 159 -8.94 -1.79 7.03
C LYS A 159 -9.02 -3.28 7.33
N GLU A 160 -9.52 -3.62 8.51
CA GLU A 160 -9.65 -5.01 8.92
C GLU A 160 -10.51 -5.79 7.93
N LYS A 161 -11.60 -5.18 7.48
CA LYS A 161 -12.51 -5.82 6.53
C LYS A 161 -11.80 -6.07 5.20
N TYR A 162 -10.71 -5.35 4.97
CA TYR A 162 -9.95 -5.50 3.74
C TYR A 162 -8.84 -6.54 3.90
N GLU A 163 -8.04 -6.38 4.94
CA GLU A 163 -6.94 -7.30 5.20
C GLU A 163 -7.45 -8.72 5.34
N LYS A 164 -8.67 -8.86 5.86
CA LYS A 164 -9.28 -10.18 6.04
C LYS A 164 -9.76 -10.75 4.72
N ASP A 165 -10.35 -9.89 3.88
CA ASP A 165 -10.84 -10.32 2.58
C ASP A 165 -9.69 -10.73 1.67
N ILE A 166 -8.70 -9.85 1.54
CA ILE A 166 -7.54 -10.13 0.70
C ILE A 166 -6.78 -11.35 1.20
N ALA A 167 -6.95 -11.67 2.48
CA ALA A 167 -6.28 -12.81 3.08
C ALA A 167 -6.67 -14.11 2.38
N ALA A 168 -7.93 -14.19 1.96
CA ALA A 168 -8.44 -15.37 1.28
C ALA A 168 -8.12 -15.33 -0.22
N TYR A 169 -8.15 -14.12 -0.78
CA TYR A 169 -7.87 -13.93 -2.20
C TYR A 169 -6.61 -14.70 -2.61
N ARG A 170 -5.48 -14.37 -1.98
CA ARG A 170 -4.22 -15.03 -2.28
C ARG A 170 -4.27 -16.51 -1.92
N ALA A 171 -4.90 -16.81 -0.79
CA ALA A 171 -5.03 -18.19 -0.31
C ALA A 171 -6.06 -18.29 0.81
N LYS A 172 -7.16 -18.98 0.54
CA LYS A 172 -8.22 -19.15 1.52
C LYS A 172 -7.67 -19.82 2.78
N GLY A 173 -7.87 -19.16 3.92
CA GLY A 173 -7.40 -19.70 5.18
C GLY A 173 -8.15 -19.15 6.38
N GLY A 1 23.76 4.68 -8.26
CA GLY A 1 24.86 3.76 -8.10
C GLY A 1 24.45 2.32 -8.39
N SER A 2 25.41 1.39 -8.25
CA SER A 2 25.14 -0.01 -8.50
C SER A 2 26.28 -0.88 -7.98
N SER A 3 26.01 -2.17 -7.82
CA SER A 3 27.02 -3.11 -7.32
C SER A 3 28.38 -2.82 -7.94
N GLY A 4 28.41 -2.66 -9.25
CA GLY A 4 29.66 -2.38 -9.95
C GLY A 4 30.70 -3.46 -9.70
N SER A 5 31.74 -3.10 -8.96
CA SER A 5 32.82 -4.05 -8.66
C SER A 5 32.30 -5.22 -7.83
N SER A 6 32.83 -6.41 -8.11
CA SER A 6 32.42 -7.61 -7.40
C SER A 6 32.36 -7.36 -5.90
N GLY A 7 33.41 -6.73 -5.37
CA GLY A 7 33.46 -6.45 -3.95
C GLY A 7 34.84 -6.68 -3.36
N MET A 8 35.75 -5.74 -3.59
CA MET A 8 37.11 -5.85 -3.08
C MET A 8 37.13 -5.71 -1.55
N GLY A 9 37.44 -6.80 -0.87
CA GLY A 9 37.48 -6.77 0.59
C GLY A 9 38.81 -7.27 1.14
N LYS A 10 39.59 -6.37 1.73
CA LYS A 10 40.89 -6.73 2.29
C LYS A 10 40.88 -6.56 3.81
N GLY A 11 40.23 -5.50 4.27
CA GLY A 11 40.16 -5.24 5.71
C GLY A 11 38.82 -4.68 6.13
N ASP A 12 38.84 -3.60 6.90
CA ASP A 12 37.61 -2.98 7.37
C ASP A 12 36.53 -4.02 7.61
N PRO A 13 36.85 -5.03 8.43
CA PRO A 13 35.91 -6.11 8.76
C PRO A 13 34.76 -5.64 9.64
N LYS A 14 34.81 -4.37 10.04
CA LYS A 14 33.77 -3.79 10.88
C LYS A 14 32.57 -3.37 10.04
N LYS A 15 32.84 -2.67 8.94
CA LYS A 15 31.79 -2.21 8.05
C LYS A 15 30.76 -3.30 7.81
N PRO A 16 29.50 -3.04 8.20
CA PRO A 16 28.40 -3.99 8.03
C PRO A 16 28.01 -4.17 6.57
N ARG A 17 27.53 -5.36 6.23
CA ARG A 17 27.12 -5.66 4.86
C ARG A 17 25.92 -6.61 4.84
N GLY A 18 25.21 -6.64 3.72
CA GLY A 18 24.05 -7.50 3.59
C GLY A 18 22.95 -6.86 2.78
N LYS A 19 22.65 -5.60 3.07
CA LYS A 19 21.61 -4.88 2.36
C LYS A 19 21.64 -5.20 0.87
N MET A 20 20.64 -5.95 0.42
CA MET A 20 20.55 -6.32 -0.99
C MET A 20 19.35 -5.67 -1.66
N SER A 21 19.51 -5.29 -2.92
CA SER A 21 18.44 -4.65 -3.67
C SER A 21 17.53 -5.69 -4.33
N SER A 22 16.35 -5.25 -4.75
CA SER A 22 15.39 -6.15 -5.38
C SER A 22 16.09 -7.18 -6.25
N TYR A 23 16.79 -6.69 -7.28
CA TYR A 23 17.51 -7.57 -8.19
C TYR A 23 18.47 -8.47 -7.43
N ALA A 24 19.39 -7.86 -6.69
CA ALA A 24 20.37 -8.62 -5.92
C ALA A 24 19.74 -9.84 -5.27
N PHE A 25 18.52 -9.68 -4.78
CA PHE A 25 17.80 -10.77 -4.14
C PHE A 25 17.15 -11.68 -5.17
N PHE A 26 16.27 -11.12 -5.99
CA PHE A 26 15.59 -11.88 -7.02
C PHE A 26 16.55 -12.84 -7.73
N VAL A 27 17.74 -12.32 -8.06
CA VAL A 27 18.75 -13.12 -8.73
C VAL A 27 19.09 -14.37 -7.93
N GLN A 28 19.08 -14.24 -6.61
CA GLN A 28 19.38 -15.37 -5.74
C GLN A 28 18.13 -16.16 -5.39
N THR A 29 16.97 -15.55 -5.65
CA THR A 29 15.69 -16.20 -5.37
C THR A 29 15.35 -17.23 -6.45
N CYS A 30 15.84 -17.01 -7.66
CA CYS A 30 15.59 -17.92 -8.77
C CYS A 30 16.56 -19.10 -8.73
N ARG A 31 17.85 -18.78 -8.56
CA ARG A 31 18.88 -19.81 -8.52
C ARG A 31 18.47 -20.95 -7.58
N GLU A 32 17.96 -20.59 -6.42
CA GLU A 32 17.53 -21.58 -5.44
C GLU A 32 16.42 -22.46 -6.00
N GLU A 33 15.46 -21.83 -6.68
CA GLU A 33 14.34 -22.56 -7.27
C GLU A 33 14.83 -23.63 -8.24
N HIS A 34 15.94 -23.35 -8.91
CA HIS A 34 16.53 -24.29 -9.87
C HIS A 34 17.07 -25.53 -9.15
N LYS A 35 18.01 -25.29 -8.24
CA LYS A 35 18.62 -26.39 -7.48
C LYS A 35 17.56 -27.40 -7.04
N LYS A 36 16.32 -26.94 -6.92
CA LYS A 36 15.23 -27.81 -6.51
C LYS A 36 14.72 -28.63 -7.70
N LYS A 37 14.60 -28.00 -8.85
CA LYS A 37 14.13 -28.67 -10.05
C LYS A 37 15.18 -29.64 -10.58
N HIS A 38 16.43 -29.19 -10.63
CA HIS A 38 17.53 -30.01 -11.10
C HIS A 38 18.74 -29.91 -10.18
N PRO A 39 18.82 -30.84 -9.21
CA PRO A 39 19.92 -30.88 -8.24
C PRO A 39 21.25 -31.28 -8.88
N ASP A 40 21.23 -32.36 -9.64
CA ASP A 40 22.43 -32.84 -10.31
C ASP A 40 22.98 -31.79 -11.27
N ALA A 41 22.09 -31.03 -11.87
CA ALA A 41 22.48 -29.98 -12.81
C ALA A 41 23.12 -28.80 -12.08
N SER A 42 24.35 -28.48 -12.45
CA SER A 42 25.07 -27.36 -11.83
C SER A 42 24.99 -26.12 -12.69
N VAL A 43 23.81 -25.52 -12.75
CA VAL A 43 23.60 -24.31 -13.55
C VAL A 43 24.76 -23.33 -13.38
N ASN A 44 25.36 -22.94 -14.50
CA ASN A 44 26.49 -22.00 -14.47
C ASN A 44 26.05 -20.64 -13.94
N PHE A 45 26.86 -20.06 -13.07
CA PHE A 45 26.56 -18.75 -12.49
C PHE A 45 26.65 -17.65 -13.56
N SER A 46 27.82 -17.52 -14.16
CA SER A 46 28.05 -16.51 -15.18
C SER A 46 26.88 -16.47 -16.17
N GLU A 47 26.47 -17.64 -16.66
CA GLU A 47 25.37 -17.74 -17.60
C GLU A 47 24.05 -17.35 -16.94
N PHE A 48 23.77 -17.94 -15.79
CA PHE A 48 22.54 -17.66 -15.06
C PHE A 48 22.24 -16.16 -15.07
N SER A 49 23.29 -15.35 -14.91
CA SER A 49 23.13 -13.90 -14.90
C SER A 49 22.24 -13.44 -16.04
N LYS A 50 22.57 -13.86 -17.26
CA LYS A 50 21.80 -13.48 -18.44
C LYS A 50 20.33 -13.81 -18.24
N LYS A 51 20.04 -14.82 -17.43
CA LYS A 51 18.67 -15.23 -17.16
C LYS A 51 17.98 -14.22 -16.24
N CYS A 52 18.59 -13.96 -15.08
CA CYS A 52 18.02 -13.02 -14.12
C CYS A 52 17.78 -11.66 -14.77
N SER A 53 18.67 -11.27 -15.67
CA SER A 53 18.55 -9.99 -16.36
C SER A 53 17.33 -9.99 -17.28
N GLU A 54 17.29 -10.93 -18.22
CA GLU A 54 16.19 -11.04 -19.16
C GLU A 54 14.86 -11.23 -18.42
N ARG A 55 14.95 -11.73 -17.20
CA ARG A 55 13.75 -11.96 -16.39
C ARG A 55 13.35 -10.69 -15.62
N TRP A 56 14.36 -10.00 -15.09
CA TRP A 56 14.12 -8.78 -14.32
C TRP A 56 13.61 -7.67 -15.24
N LYS A 57 14.12 -7.63 -16.46
CA LYS A 57 13.72 -6.62 -17.43
C LYS A 57 12.31 -6.88 -17.94
N THR A 58 12.01 -8.15 -18.22
CA THR A 58 10.70 -8.53 -18.71
C THR A 58 9.66 -8.51 -17.60
N MET A 59 10.05 -8.97 -16.42
CA MET A 59 9.15 -9.00 -15.27
C MET A 59 8.50 -7.65 -15.06
N SER A 60 7.17 -7.62 -15.07
CA SER A 60 6.42 -6.39 -14.89
C SER A 60 6.41 -5.96 -13.42
N ALA A 61 5.84 -4.80 -13.15
CA ALA A 61 5.77 -4.29 -11.79
C ALA A 61 5.12 -5.30 -10.85
N LYS A 62 4.11 -5.99 -11.34
CA LYS A 62 3.40 -6.99 -10.56
C LYS A 62 4.38 -7.99 -9.95
N GLU A 63 5.33 -8.45 -10.76
CA GLU A 63 6.33 -9.41 -10.29
C GLU A 63 7.33 -8.74 -9.35
N LYS A 64 8.00 -7.71 -9.85
CA LYS A 64 8.98 -6.99 -9.05
C LYS A 64 8.39 -6.53 -7.72
N GLY A 65 7.08 -6.27 -7.73
CA GLY A 65 6.41 -5.83 -6.52
C GLY A 65 6.89 -6.57 -5.29
N LYS A 66 6.41 -7.80 -5.11
CA LYS A 66 6.80 -8.61 -3.96
C LYS A 66 8.29 -8.47 -3.68
N PHE A 67 9.10 -8.64 -4.72
CA PHE A 67 10.55 -8.53 -4.58
C PHE A 67 10.94 -7.20 -3.95
N GLU A 68 10.24 -6.14 -4.33
CA GLU A 68 10.52 -4.81 -3.80
C GLU A 68 10.28 -4.76 -2.30
N ASP A 69 9.27 -5.51 -1.84
CA ASP A 69 8.92 -5.56 -0.43
C ASP A 69 9.95 -6.36 0.36
N MET A 70 10.44 -7.45 -0.25
CA MET A 70 11.43 -8.30 0.39
C MET A 70 12.77 -7.59 0.51
N ALA A 71 13.22 -7.00 -0.58
CA ALA A 71 14.49 -6.27 -0.60
C ALA A 71 14.50 -5.16 0.44
N LYS A 72 13.40 -4.41 0.50
CA LYS A 72 13.28 -3.32 1.46
C LYS A 72 13.17 -3.84 2.88
N ALA A 73 12.49 -4.97 3.05
CA ALA A 73 12.32 -5.58 4.36
C ALA A 73 13.67 -5.85 5.02
N ASP A 74 14.65 -6.26 4.21
CA ASP A 74 15.98 -6.54 4.72
C ASP A 74 16.71 -5.27 5.11
N LYS A 75 16.44 -4.19 4.38
CA LYS A 75 17.07 -2.90 4.66
C LYS A 75 16.89 -2.51 6.12
N ALA A 76 15.82 -3.01 6.74
CA ALA A 76 15.54 -2.71 8.14
C ALA A 76 16.28 -3.68 9.06
N ARG A 77 15.96 -4.96 8.94
CA ARG A 77 16.59 -5.98 9.76
C ARG A 77 18.11 -5.84 9.73
N TYR A 78 18.63 -5.30 8.63
CA TYR A 78 20.07 -5.12 8.48
C TYR A 78 20.59 -4.08 9.47
N GLU A 79 19.82 -3.02 9.68
CA GLU A 79 20.20 -1.96 10.60
C GLU A 79 20.78 -2.54 11.88
N ARG A 80 20.19 -3.64 12.36
CA ARG A 80 20.64 -4.28 13.57
C ARG A 80 22.16 -4.18 13.71
N GLU A 81 22.88 -4.50 12.64
CA GLU A 81 24.33 -4.43 12.64
C GLU A 81 24.82 -2.99 12.63
N MET A 82 24.37 -2.23 11.63
CA MET A 82 24.76 -0.83 11.50
C MET A 82 24.67 -0.12 12.85
N LYS A 83 23.82 -0.63 13.73
CA LYS A 83 23.65 -0.04 15.05
C LYS A 83 24.88 -0.29 15.92
N THR A 84 25.36 -1.54 15.92
CA THR A 84 26.52 -1.91 16.70
C THR A 84 27.79 -1.26 16.15
N TYR A 85 27.80 -1.02 14.85
CA TYR A 85 28.96 -0.41 14.20
C TYR A 85 28.91 1.11 14.33
N ILE A 86 30.09 1.73 14.34
CA ILE A 86 30.18 3.18 14.45
C ILE A 86 31.18 3.75 13.45
N PRO A 87 30.67 4.27 12.33
CA PRO A 87 31.49 4.85 11.27
C PRO A 87 32.13 6.17 11.70
N PRO A 88 33.09 6.65 10.89
CA PRO A 88 33.80 7.90 11.16
C PRO A 88 32.92 9.13 11.00
N LYS A 89 33.40 10.28 11.43
CA LYS A 89 32.65 11.52 11.34
C LYS A 89 32.16 11.75 9.90
N GLY A 90 30.86 11.62 9.70
CA GLY A 90 30.29 11.81 8.39
C GLY A 90 29.01 12.62 8.42
N GLU A 91 28.42 12.85 7.25
CA GLU A 91 27.18 13.62 7.15
C GLU A 91 25.97 12.74 7.40
N THR A 92 24.82 13.37 7.66
CA THR A 92 23.59 12.64 7.91
C THR A 92 22.38 13.55 7.76
N LYS A 93 21.21 12.93 7.58
CA LYS A 93 19.97 13.69 7.41
C LYS A 93 19.12 13.60 8.67
N LYS A 94 18.22 14.57 8.84
CA LYS A 94 17.35 14.61 10.00
C LYS A 94 16.00 15.24 9.65
N LYS A 95 14.91 14.61 10.08
CA LYS A 95 13.58 15.12 9.81
C LYS A 95 12.69 14.99 11.04
N PHE A 96 11.97 16.06 11.37
CA PHE A 96 11.08 16.08 12.53
C PHE A 96 9.62 16.08 12.09
N LYS A 97 8.92 15.00 12.39
CA LYS A 97 7.51 14.87 12.03
C LYS A 97 6.72 14.19 13.14
N ASP A 98 5.43 14.51 13.23
CA ASP A 98 4.58 13.91 14.24
C ASP A 98 3.58 12.94 13.62
N PRO A 99 4.09 11.77 13.18
CA PRO A 99 3.27 10.73 12.55
C PRO A 99 2.32 10.07 13.55
N ASN A 100 2.62 10.23 14.83
CA ASN A 100 1.78 9.64 15.89
C ASN A 100 0.43 10.34 15.97
N ALA A 101 0.45 11.67 15.85
CA ALA A 101 -0.76 12.46 15.91
C ALA A 101 -1.91 11.77 15.18
N PRO A 102 -3.05 11.59 15.87
CA PRO A 102 -4.22 10.94 15.30
C PRO A 102 -4.90 11.79 14.24
N LYS A 103 -5.69 11.15 13.39
CA LYS A 103 -6.40 11.85 12.32
C LYS A 103 -7.85 12.09 12.69
N ARG A 104 -8.39 13.23 12.26
CA ARG A 104 -9.78 13.58 12.56
C ARG A 104 -10.73 12.76 11.71
N PRO A 105 -11.83 12.28 12.32
CA PRO A 105 -12.84 11.48 11.64
C PRO A 105 -13.65 12.30 10.64
N PRO A 106 -14.38 11.60 9.76
CA PRO A 106 -15.20 12.24 8.73
C PRO A 106 -16.42 12.94 9.32
N SER A 107 -17.03 13.83 8.53
CA SER A 107 -18.21 14.57 8.99
C SER A 107 -19.42 14.26 8.11
N ALA A 108 -20.61 14.47 8.66
CA ALA A 108 -21.84 14.22 7.93
C ALA A 108 -21.68 14.56 6.45
N PHE A 109 -21.27 15.78 6.17
CA PHE A 109 -21.09 16.23 4.79
C PHE A 109 -20.17 15.28 4.03
N PHE A 110 -19.15 14.78 4.71
CA PHE A 110 -18.20 13.85 4.11
C PHE A 110 -18.86 12.50 3.83
N LEU A 111 -19.45 11.91 4.86
CA LEU A 111 -20.11 10.61 4.72
C LEU A 111 -21.08 10.63 3.54
N PHE A 112 -21.92 11.65 3.48
CA PHE A 112 -22.89 11.77 2.40
C PHE A 112 -22.20 11.86 1.05
N CYS A 113 -21.30 12.82 0.91
CA CYS A 113 -20.57 13.01 -0.34
C CYS A 113 -19.81 11.75 -0.72
N SER A 114 -19.41 10.98 0.29
CA SER A 114 -18.65 9.75 0.07
C SER A 114 -19.57 8.66 -0.48
N GLU A 115 -20.86 8.80 -0.24
CA GLU A 115 -21.83 7.82 -0.71
C GLU A 115 -22.44 8.25 -2.05
N TYR A 116 -22.36 9.54 -2.35
CA TYR A 116 -22.89 10.09 -3.59
C TYR A 116 -21.79 10.17 -4.66
N ARG A 117 -20.55 10.20 -4.22
CA ARG A 117 -19.41 10.27 -5.13
C ARG A 117 -19.49 9.18 -6.19
N PRO A 118 -19.67 7.93 -5.73
CA PRO A 118 -19.76 6.77 -6.63
C PRO A 118 -21.06 6.76 -7.42
N LYS A 119 -21.93 7.71 -7.13
CA LYS A 119 -23.21 7.82 -7.82
C LYS A 119 -23.16 8.86 -8.93
N ILE A 120 -22.45 9.95 -8.68
CA ILE A 120 -22.30 11.02 -9.66
C ILE A 120 -21.09 10.78 -10.56
N LYS A 121 -20.02 10.25 -9.98
CA LYS A 121 -18.80 9.98 -10.73
C LYS A 121 -19.08 9.05 -11.91
N GLY A 122 -19.90 8.03 -11.68
CA GLY A 122 -20.24 7.10 -12.74
C GLY A 122 -21.16 7.72 -13.78
N GLU A 123 -22.06 8.58 -13.34
CA GLU A 123 -23.00 9.23 -14.25
C GLU A 123 -22.29 10.26 -15.12
N HIS A 124 -21.40 11.04 -14.52
CA HIS A 124 -20.64 12.05 -15.24
C HIS A 124 -19.17 11.70 -15.30
N PRO A 125 -18.77 10.98 -16.36
CA PRO A 125 -17.39 10.56 -16.57
C PRO A 125 -16.47 11.73 -16.89
N GLY A 126 -17.05 12.85 -17.31
CA GLY A 126 -16.27 14.03 -17.63
C GLY A 126 -15.87 14.81 -16.41
N LEU A 127 -16.80 14.95 -15.47
CA LEU A 127 -16.53 15.69 -14.24
C LEU A 127 -15.22 15.27 -13.62
N SER A 128 -14.36 16.25 -13.34
CA SER A 128 -13.06 15.97 -12.74
C SER A 128 -13.11 16.15 -11.22
N ILE A 129 -12.15 15.53 -10.53
CA ILE A 129 -12.09 15.62 -9.07
C ILE A 129 -12.51 17.01 -8.59
N GLY A 130 -12.02 18.05 -9.26
CA GLY A 130 -12.36 19.41 -8.90
C GLY A 130 -13.83 19.69 -9.04
N ASP A 131 -14.37 19.44 -10.23
CA ASP A 131 -15.78 19.68 -10.49
C ASP A 131 -16.66 18.78 -9.62
N VAL A 132 -16.48 17.47 -9.78
CA VAL A 132 -17.24 16.50 -9.01
C VAL A 132 -17.52 17.00 -7.60
N ALA A 133 -16.53 17.65 -7.01
CA ALA A 133 -16.66 18.18 -5.65
C ALA A 133 -17.79 19.20 -5.58
N LYS A 134 -17.76 20.18 -6.48
CA LYS A 134 -18.78 21.23 -6.53
C LYS A 134 -20.17 20.62 -6.51
N LYS A 135 -20.34 19.50 -7.20
CA LYS A 135 -21.63 18.82 -7.26
C LYS A 135 -22.07 18.37 -5.87
N LEU A 136 -21.10 18.13 -4.99
CA LEU A 136 -21.40 17.70 -3.63
C LEU A 136 -21.52 18.89 -2.70
N GLY A 137 -20.76 19.95 -2.97
CA GLY A 137 -20.81 21.13 -2.15
C GLY A 137 -22.20 21.71 -2.03
N GLU A 138 -22.96 21.67 -3.13
CA GLU A 138 -24.32 22.18 -3.15
C GLU A 138 -25.30 21.17 -2.56
N MET A 139 -25.18 19.92 -3.01
CA MET A 139 -26.05 18.85 -2.53
C MET A 139 -26.30 18.98 -1.04
N TRP A 140 -25.22 18.98 -0.26
CA TRP A 140 -25.33 19.11 1.19
C TRP A 140 -26.11 20.36 1.58
N ASN A 141 -25.84 21.46 0.88
CA ASN A 141 -26.51 22.72 1.15
C ASN A 141 -27.99 22.63 0.83
N ASN A 142 -28.34 21.70 -0.07
CA ASN A 142 -29.73 21.52 -0.46
C ASN A 142 -30.35 20.33 0.27
N THR A 143 -29.84 20.05 1.46
CA THR A 143 -30.34 18.94 2.26
C THR A 143 -31.02 19.43 3.53
N ALA A 144 -32.00 18.67 4.02
CA ALA A 144 -32.73 19.03 5.23
C ALA A 144 -32.08 18.41 6.46
N ALA A 145 -32.27 19.05 7.61
CA ALA A 145 -31.70 18.55 8.86
C ALA A 145 -32.06 17.09 9.08
N ASP A 146 -33.32 16.74 8.79
CA ASP A 146 -33.79 15.38 8.95
C ASP A 146 -32.98 14.42 8.08
N ASP A 147 -32.50 14.90 6.95
CA ASP A 147 -31.71 14.08 6.04
C ASP A 147 -30.25 14.08 6.44
N LYS A 148 -29.97 14.56 7.65
CA LYS A 148 -28.60 14.62 8.16
C LYS A 148 -28.50 13.91 9.50
N GLN A 149 -29.65 13.69 10.14
CA GLN A 149 -29.68 13.02 11.44
C GLN A 149 -28.79 11.79 11.44
N PRO A 150 -28.98 10.91 10.44
CA PRO A 150 -28.20 9.68 10.30
C PRO A 150 -26.75 9.96 9.92
N TYR A 151 -26.54 10.94 9.05
CA TYR A 151 -25.20 11.30 8.60
C TYR A 151 -24.38 11.88 9.76
N GLU A 152 -25.07 12.44 10.75
CA GLU A 152 -24.40 13.03 11.90
C GLU A 152 -24.30 12.02 13.05
N LYS A 153 -25.45 11.56 13.53
CA LYS A 153 -25.48 10.59 14.62
C LYS A 153 -24.39 9.53 14.44
N LYS A 154 -24.17 9.12 13.20
CA LYS A 154 -23.16 8.12 12.89
C LYS A 154 -21.75 8.69 13.05
N ALA A 155 -21.54 9.88 12.48
CA ALA A 155 -20.24 10.54 12.57
C ALA A 155 -19.86 10.80 14.02
N ALA A 156 -20.77 11.38 14.78
CA ALA A 156 -20.52 11.68 16.19
C ALA A 156 -19.93 10.47 16.91
N LYS A 157 -20.57 9.31 16.73
CA LYS A 157 -20.11 8.09 17.37
C LYS A 157 -18.62 7.89 17.16
N LEU A 158 -18.15 8.15 15.94
CA LEU A 158 -16.75 8.00 15.61
C LEU A 158 -15.92 9.12 16.25
N LYS A 159 -16.51 10.29 16.39
CA LYS A 159 -15.84 11.43 16.99
C LYS A 159 -15.40 11.12 18.42
N GLU A 160 -16.29 10.49 19.18
CA GLU A 160 -16.00 10.13 20.55
C GLU A 160 -14.65 9.41 20.66
N LYS A 161 -14.43 8.45 19.77
CA LYS A 161 -13.19 7.68 19.76
C LYS A 161 -12.00 8.59 19.50
N TYR A 162 -12.12 9.46 18.50
CA TYR A 162 -11.05 10.39 18.15
C TYR A 162 -10.68 11.26 19.35
N GLU A 163 -11.67 11.99 19.87
CA GLU A 163 -11.45 12.87 21.01
C GLU A 163 -10.67 12.14 22.11
N LYS A 164 -10.97 10.87 22.30
CA LYS A 164 -10.31 10.06 23.31
C LYS A 164 -8.87 9.77 22.91
N ASP A 165 -8.67 9.35 21.67
CA ASP A 165 -7.34 9.04 21.17
C ASP A 165 -6.42 10.26 21.26
N ILE A 166 -6.88 11.38 20.69
CA ILE A 166 -6.10 12.61 20.71
C ILE A 166 -5.92 13.13 22.14
N ALA A 167 -6.99 13.07 22.92
CA ALA A 167 -6.95 13.53 24.30
C ALA A 167 -5.63 13.15 24.97
N ALA A 168 -5.11 11.98 24.62
CA ALA A 168 -3.85 11.51 25.18
C ALA A 168 -2.66 12.19 24.50
N TYR A 169 -2.72 12.28 23.19
CA TYR A 169 -1.65 12.92 22.41
C TYR A 169 -1.28 14.27 23.00
N ARG A 170 -2.28 15.12 23.19
CA ARG A 170 -2.07 16.45 23.74
C ARG A 170 -1.57 16.37 25.17
N ALA A 171 -2.14 15.45 25.95
CA ALA A 171 -1.76 15.28 27.34
C ALA A 171 -2.31 13.97 27.90
N LYS A 172 -1.42 13.02 28.15
CA LYS A 172 -1.81 11.72 28.69
C LYS A 172 -2.39 11.87 30.10
N GLY A 173 -3.70 12.08 30.17
CA GLY A 173 -4.36 12.24 31.46
C GLY A 173 -5.67 13.00 31.35
N GLY A 1 -18.94 -19.55 8.50
CA GLY A 1 -17.90 -18.59 8.80
C GLY A 1 -17.01 -18.30 7.61
N SER A 2 -16.14 -19.24 7.27
CA SER A 2 -15.23 -19.07 6.14
C SER A 2 -16.00 -18.94 4.84
N SER A 3 -15.28 -18.67 3.75
CA SER A 3 -15.91 -18.52 2.44
C SER A 3 -16.35 -19.87 1.89
N GLY A 4 -17.22 -19.84 0.88
CA GLY A 4 -17.70 -21.06 0.28
C GLY A 4 -17.48 -21.11 -1.22
N SER A 5 -16.30 -20.70 -1.66
CA SER A 5 -15.96 -20.69 -3.07
C SER A 5 -14.53 -21.17 -3.31
N SER A 6 -14.32 -21.88 -4.41
CA SER A 6 -13.00 -22.39 -4.75
C SER A 6 -12.18 -21.35 -5.51
N GLY A 7 -12.68 -20.12 -5.54
CA GLY A 7 -11.99 -19.06 -6.24
C GLY A 7 -11.85 -19.35 -7.73
N MET A 8 -12.94 -19.21 -8.46
CA MET A 8 -12.93 -19.46 -9.90
C MET A 8 -11.87 -18.61 -10.59
N GLY A 9 -11.86 -17.32 -10.26
CA GLY A 9 -10.89 -16.41 -10.86
C GLY A 9 -9.56 -16.41 -10.12
N LYS A 10 -8.59 -17.13 -10.66
CA LYS A 10 -7.27 -17.22 -10.06
C LYS A 10 -6.31 -16.24 -10.71
N GLY A 11 -6.31 -16.22 -12.05
CA GLY A 11 -5.43 -15.32 -12.78
C GLY A 11 -6.14 -14.63 -13.93
N ASP A 12 -6.85 -13.55 -13.61
CA ASP A 12 -7.57 -12.80 -14.64
C ASP A 12 -6.68 -11.73 -15.26
N PRO A 13 -6.79 -11.56 -16.58
CA PRO A 13 -5.99 -10.57 -17.32
C PRO A 13 -6.41 -9.14 -17.01
N LYS A 14 -7.51 -8.99 -16.27
CA LYS A 14 -8.01 -7.68 -15.90
C LYS A 14 -7.39 -7.21 -14.59
N LYS A 15 -7.34 -8.11 -13.61
CA LYS A 15 -6.77 -7.78 -12.31
C LYS A 15 -5.38 -7.19 -12.45
N PRO A 16 -5.21 -5.96 -11.95
CA PRO A 16 -3.92 -5.25 -12.01
C PRO A 16 -2.87 -5.86 -11.10
N ARG A 17 -2.04 -6.73 -11.67
CA ARG A 17 -0.98 -7.40 -10.91
C ARG A 17 0.08 -6.40 -10.47
N GLY A 18 0.75 -6.70 -9.36
CA GLY A 18 1.78 -5.83 -8.85
C GLY A 18 2.34 -6.30 -7.52
N LYS A 19 1.46 -6.80 -6.66
CA LYS A 19 1.87 -7.28 -5.34
C LYS A 19 3.03 -8.27 -5.46
N MET A 20 4.02 -8.11 -4.60
CA MET A 20 5.19 -8.99 -4.62
C MET A 20 5.41 -9.63 -3.25
N SER A 21 6.36 -10.54 -3.17
CA SER A 21 6.67 -11.24 -1.92
C SER A 21 7.95 -10.70 -1.30
N SER A 22 8.29 -11.21 -0.11
CA SER A 22 9.50 -10.79 0.58
C SER A 22 10.70 -10.81 -0.35
N TYR A 23 10.97 -11.97 -0.93
CA TYR A 23 12.10 -12.12 -1.84
C TYR A 23 11.93 -11.23 -3.07
N ALA A 24 10.80 -11.39 -3.76
CA ALA A 24 10.52 -10.61 -4.95
C ALA A 24 10.81 -9.13 -4.71
N PHE A 25 10.52 -8.66 -3.51
CA PHE A 25 10.75 -7.26 -3.15
C PHE A 25 12.22 -7.03 -2.81
N PHE A 26 12.77 -7.87 -1.95
CA PHE A 26 14.16 -7.76 -1.53
C PHE A 26 15.09 -7.66 -2.75
N VAL A 27 14.66 -8.27 -3.85
CA VAL A 27 15.45 -8.25 -5.08
C VAL A 27 15.41 -6.87 -5.73
N GLN A 28 14.32 -6.16 -5.53
CA GLN A 28 14.16 -4.82 -6.11
C GLN A 28 14.64 -3.75 -5.13
N THR A 29 14.63 -4.09 -3.84
CA THR A 29 15.07 -3.16 -2.80
C THR A 29 16.58 -2.95 -2.85
N CYS A 30 17.29 -3.93 -3.41
CA CYS A 30 18.74 -3.84 -3.50
C CYS A 30 19.16 -3.22 -4.84
N ARG A 31 18.42 -3.55 -5.89
CA ARG A 31 18.71 -3.03 -7.22
C ARG A 31 18.51 -1.51 -7.26
N GLU A 32 17.42 -1.05 -6.67
CA GLU A 32 17.12 0.38 -6.64
C GLU A 32 18.15 1.13 -5.80
N GLU A 33 18.45 0.61 -4.63
CA GLU A 33 19.42 1.23 -3.73
C GLU A 33 20.80 1.26 -4.36
N HIS A 34 21.10 0.25 -5.19
CA HIS A 34 22.39 0.15 -5.85
C HIS A 34 22.61 1.33 -6.80
N LYS A 35 21.86 1.34 -7.89
CA LYS A 35 21.97 2.40 -8.88
C LYS A 35 22.15 3.76 -8.21
N LYS A 36 21.66 3.87 -6.97
CA LYS A 36 21.78 5.11 -6.21
C LYS A 36 23.18 5.28 -5.67
N LYS A 37 23.76 4.20 -5.15
CA LYS A 37 25.11 4.23 -4.60
C LYS A 37 26.15 4.11 -5.72
N HIS A 38 25.96 3.15 -6.60
CA HIS A 38 26.89 2.94 -7.71
C HIS A 38 26.13 2.74 -9.02
N PRO A 39 25.92 3.84 -9.76
CA PRO A 39 25.21 3.81 -11.05
C PRO A 39 26.01 3.11 -12.13
N ASP A 40 27.29 3.46 -12.24
CA ASP A 40 28.17 2.86 -13.24
C ASP A 40 29.05 1.79 -12.62
N ALA A 41 28.49 1.05 -11.67
CA ALA A 41 29.23 -0.02 -11.00
C ALA A 41 29.20 -1.31 -11.81
N SER A 42 29.14 -1.17 -13.13
CA SER A 42 29.10 -2.33 -14.02
C SER A 42 28.19 -3.42 -13.46
N VAL A 43 26.99 -3.02 -13.03
CA VAL A 43 26.03 -3.96 -12.47
C VAL A 43 25.31 -4.72 -13.57
N ASN A 44 25.30 -6.05 -13.46
CA ASN A 44 24.65 -6.89 -14.45
C ASN A 44 23.32 -7.42 -13.92
N PHE A 45 22.29 -7.39 -14.77
CA PHE A 45 20.97 -7.86 -14.39
C PHE A 45 20.97 -9.37 -14.15
N SER A 46 21.62 -10.10 -15.06
CA SER A 46 21.70 -11.55 -14.96
C SER A 46 22.39 -11.97 -13.66
N GLU A 47 23.49 -11.28 -13.33
CA GLU A 47 24.24 -11.59 -12.13
C GLU A 47 23.43 -11.23 -10.88
N PHE A 48 22.94 -10.00 -10.83
CA PHE A 48 22.15 -9.52 -9.70
C PHE A 48 21.05 -10.53 -9.35
N SER A 49 20.48 -11.15 -10.38
CA SER A 49 19.42 -12.13 -10.19
C SER A 49 19.91 -13.32 -9.39
N LYS A 50 21.01 -13.91 -9.85
CA LYS A 50 21.59 -15.07 -9.17
C LYS A 50 22.16 -14.69 -7.81
N LYS A 51 22.65 -13.45 -7.71
CA LYS A 51 23.24 -12.96 -6.47
C LYS A 51 22.16 -12.80 -5.41
N CYS A 52 21.02 -12.24 -5.80
CA CYS A 52 19.91 -12.03 -4.87
C CYS A 52 19.46 -13.35 -4.25
N SER A 53 19.52 -14.42 -5.04
CA SER A 53 19.12 -15.74 -4.57
C SER A 53 20.06 -16.24 -3.48
N GLU A 54 21.34 -16.34 -3.82
CA GLU A 54 22.34 -16.81 -2.87
C GLU A 54 22.46 -15.85 -1.69
N ARG A 55 21.95 -14.64 -1.87
CA ARG A 55 22.01 -13.62 -0.81
C ARG A 55 20.74 -13.66 0.04
N TRP A 56 19.66 -14.17 -0.54
CA TRP A 56 18.39 -14.26 0.18
C TRP A 56 18.34 -15.52 1.05
N LYS A 57 18.97 -16.59 0.58
CA LYS A 57 19.01 -17.85 1.32
C LYS A 57 19.97 -17.76 2.50
N THR A 58 20.93 -16.85 2.40
CA THR A 58 21.92 -16.66 3.46
C THR A 58 21.45 -15.61 4.47
N MET A 59 20.64 -14.67 4.00
CA MET A 59 20.13 -13.61 4.86
C MET A 59 19.37 -14.19 6.05
N SER A 60 19.94 -14.03 7.24
CA SER A 60 19.32 -14.55 8.46
C SER A 60 17.88 -14.07 8.58
N ALA A 61 17.10 -14.76 9.41
CA ALA A 61 15.70 -14.42 9.61
C ALA A 61 15.55 -12.93 9.95
N LYS A 62 16.48 -12.42 10.75
CA LYS A 62 16.46 -11.02 11.14
C LYS A 62 16.46 -10.10 9.92
N GLU A 63 17.24 -10.48 8.91
CA GLU A 63 17.33 -9.69 7.69
C GLU A 63 16.04 -9.78 6.89
N LYS A 64 15.48 -10.98 6.82
CA LYS A 64 14.24 -11.20 6.08
C LYS A 64 13.06 -10.57 6.81
N GLY A 65 13.17 -10.45 8.13
CA GLY A 65 12.10 -9.85 8.92
C GLY A 65 11.57 -8.58 8.30
N LYS A 66 12.40 -7.54 8.29
CA LYS A 66 12.00 -6.25 7.74
C LYS A 66 11.41 -6.42 6.34
N PHE A 67 11.98 -7.34 5.57
CA PHE A 67 11.52 -7.60 4.21
C PHE A 67 10.15 -8.29 4.23
N GLU A 68 9.87 -9.01 5.32
CA GLU A 68 8.60 -9.72 5.45
C GLU A 68 7.47 -8.74 5.78
N ASP A 69 7.78 -7.74 6.59
CA ASP A 69 6.80 -6.74 6.98
C ASP A 69 6.54 -5.75 5.85
N MET A 70 7.60 -5.12 5.37
CA MET A 70 7.49 -4.15 4.28
C MET A 70 6.78 -4.75 3.09
N ALA A 71 7.05 -6.03 2.82
CA ALA A 71 6.43 -6.72 1.71
C ALA A 71 4.92 -6.81 1.88
N LYS A 72 4.48 -7.04 3.12
CA LYS A 72 3.05 -7.14 3.43
C LYS A 72 2.36 -5.80 3.23
N ALA A 73 3.10 -4.71 3.46
CA ALA A 73 2.56 -3.37 3.31
C ALA A 73 2.15 -3.10 1.86
N ASP A 74 2.74 -3.85 0.94
CA ASP A 74 2.43 -3.69 -0.48
C ASP A 74 0.96 -4.00 -0.75
N LYS A 75 0.35 -4.79 0.12
CA LYS A 75 -1.04 -5.15 -0.02
C LYS A 75 -1.92 -3.91 -0.13
N ALA A 76 -1.42 -2.79 0.35
CA ALA A 76 -2.14 -1.52 0.29
C ALA A 76 -1.75 -0.70 -0.93
N ARG A 77 -0.48 -0.28 -0.96
CA ARG A 77 0.02 0.52 -2.07
C ARG A 77 -0.37 -0.11 -3.41
N TYR A 78 -0.65 -1.40 -3.39
CA TYR A 78 -1.04 -2.11 -4.61
C TYR A 78 -2.49 -1.84 -4.96
N GLU A 79 -3.33 -1.69 -3.94
CA GLU A 79 -4.74 -1.42 -4.14
C GLU A 79 -4.95 -0.15 -4.97
N ARG A 80 -3.92 0.70 -5.00
CA ARG A 80 -3.99 1.94 -5.75
C ARG A 80 -4.36 1.68 -7.20
N GLU A 81 -3.83 0.60 -7.76
CA GLU A 81 -4.11 0.23 -9.15
C GLU A 81 -5.52 -0.32 -9.29
N MET A 82 -6.05 -0.86 -8.21
CA MET A 82 -7.40 -1.42 -8.21
C MET A 82 -8.45 -0.32 -8.31
N LYS A 83 -8.00 0.92 -8.21
CA LYS A 83 -8.90 2.07 -8.29
C LYS A 83 -9.35 2.30 -9.73
N THR A 84 -8.40 2.29 -10.66
CA THR A 84 -8.71 2.50 -12.07
C THR A 84 -9.40 1.28 -12.67
N TYR A 85 -9.48 0.21 -11.88
CA TYR A 85 -10.12 -1.03 -12.34
C TYR A 85 -11.50 -0.73 -12.93
N ILE A 86 -11.67 -1.09 -14.20
CA ILE A 86 -12.94 -0.87 -14.89
C ILE A 86 -13.50 -2.18 -15.43
N PRO A 87 -14.53 -2.71 -14.76
CA PRO A 87 -15.19 -3.96 -15.16
C PRO A 87 -15.97 -3.82 -16.45
N PRO A 88 -16.42 -4.95 -17.00
CA PRO A 88 -17.19 -4.98 -18.25
C PRO A 88 -18.59 -4.40 -18.08
N LYS A 89 -19.27 -4.16 -19.20
CA LYS A 89 -20.62 -3.60 -19.17
C LYS A 89 -21.58 -4.55 -18.46
N GLY A 90 -22.14 -4.08 -17.34
CA GLY A 90 -23.07 -4.89 -16.58
C GLY A 90 -23.50 -4.23 -15.29
N GLU A 91 -23.78 -2.92 -15.36
CA GLU A 91 -24.21 -2.16 -14.19
C GLU A 91 -25.46 -2.77 -13.58
N THR A 92 -25.36 -3.18 -12.31
CA THR A 92 -26.50 -3.78 -11.62
C THR A 92 -27.64 -2.79 -11.47
N LYS A 93 -28.83 -3.20 -11.89
CA LYS A 93 -30.01 -2.35 -11.81
C LYS A 93 -31.02 -2.91 -10.80
N LYS A 94 -30.52 -3.40 -9.67
CA LYS A 94 -31.37 -3.97 -8.64
C LYS A 94 -32.53 -3.02 -8.31
N LYS A 95 -33.56 -3.56 -7.66
CA LYS A 95 -34.72 -2.77 -7.29
C LYS A 95 -34.94 -2.80 -5.78
N PHE A 96 -33.85 -2.90 -5.03
CA PHE A 96 -33.92 -2.94 -3.57
C PHE A 96 -32.55 -2.68 -2.96
N LYS A 97 -32.55 -1.95 -1.84
CA LYS A 97 -31.30 -1.63 -1.15
C LYS A 97 -31.23 -2.35 0.20
N ASP A 98 -30.01 -2.46 0.73
CA ASP A 98 -29.81 -3.12 2.02
C ASP A 98 -29.30 -2.13 3.07
N PRO A 99 -30.23 -1.34 3.62
CA PRO A 99 -29.90 -0.33 4.63
C PRO A 99 -29.50 -0.96 5.96
N ASN A 100 -29.83 -2.23 6.13
CA ASN A 100 -29.51 -2.95 7.35
C ASN A 100 -28.00 -3.19 7.46
N ALA A 101 -27.39 -3.56 6.35
CA ALA A 101 -25.95 -3.82 6.32
C ALA A 101 -25.16 -2.58 6.76
N PRO A 102 -24.20 -2.79 7.67
CA PRO A 102 -23.36 -1.71 8.19
C PRO A 102 -22.39 -1.18 7.15
N LYS A 103 -21.72 -0.08 7.47
CA LYS A 103 -20.75 0.54 6.57
C LYS A 103 -19.36 0.54 7.18
N ARG A 104 -18.37 0.93 6.38
CA ARG A 104 -16.99 0.98 6.84
C ARG A 104 -16.51 2.42 6.96
N PRO A 105 -15.83 2.74 8.07
CA PRO A 105 -15.31 4.08 8.33
C PRO A 105 -14.15 4.43 7.41
N PRO A 106 -13.82 5.74 7.35
CA PRO A 106 -12.72 6.23 6.51
C PRO A 106 -11.36 5.81 7.03
N SER A 107 -10.33 6.04 6.22
CA SER A 107 -8.97 5.68 6.60
C SER A 107 -8.12 6.92 6.81
N ALA A 108 -7.07 6.79 7.62
CA ALA A 108 -6.18 7.91 7.90
C ALA A 108 -5.99 8.79 6.67
N PHE A 109 -5.75 8.16 5.52
CA PHE A 109 -5.55 8.88 4.28
C PHE A 109 -6.82 9.62 3.87
N PHE A 110 -7.96 8.93 3.98
CA PHE A 110 -9.24 9.52 3.63
C PHE A 110 -9.57 10.71 4.52
N LEU A 111 -9.35 10.53 5.83
CA LEU A 111 -9.62 11.59 6.79
C LEU A 111 -8.87 12.86 6.43
N PHE A 112 -7.54 12.78 6.42
CA PHE A 112 -6.71 13.94 6.09
C PHE A 112 -7.18 14.59 4.79
N CYS A 113 -7.44 13.76 3.78
CA CYS A 113 -7.89 14.26 2.48
C CYS A 113 -9.23 14.99 2.62
N SER A 114 -10.14 14.41 3.40
CA SER A 114 -11.45 14.99 3.61
C SER A 114 -11.35 16.31 4.39
N GLU A 115 -10.15 16.59 4.88
CA GLU A 115 -9.92 17.82 5.65
C GLU A 115 -9.29 18.89 4.78
N TYR A 116 -8.43 18.46 3.85
CA TYR A 116 -7.75 19.39 2.95
C TYR A 116 -8.60 19.68 1.72
N ARG A 117 -9.33 18.66 1.27
CA ARG A 117 -10.19 18.81 0.10
C ARG A 117 -10.81 20.21 0.04
N PRO A 118 -11.46 20.61 1.14
CA PRO A 118 -12.09 21.92 1.24
C PRO A 118 -11.08 23.06 1.30
N LYS A 119 -9.93 22.79 1.90
CA LYS A 119 -8.87 23.79 2.01
C LYS A 119 -8.17 24.01 0.68
N ILE A 120 -8.22 23.00 -0.19
CA ILE A 120 -7.60 23.08 -1.50
C ILE A 120 -8.62 23.45 -2.57
N LYS A 121 -9.85 23.00 -2.39
CA LYS A 121 -10.92 23.28 -3.34
C LYS A 121 -11.17 24.78 -3.45
N GLY A 122 -11.41 25.42 -2.31
CA GLY A 122 -11.65 26.84 -2.29
C GLY A 122 -10.52 27.63 -2.93
N GLU A 123 -9.33 27.06 -2.94
CA GLU A 123 -8.17 27.71 -3.53
C GLU A 123 -8.10 27.46 -5.03
N HIS A 124 -8.19 26.19 -5.42
CA HIS A 124 -8.13 25.81 -6.81
C HIS A 124 -9.48 25.28 -7.29
N PRO A 125 -10.35 26.19 -7.76
CA PRO A 125 -11.68 25.84 -8.25
C PRO A 125 -11.63 25.07 -9.56
N GLY A 126 -10.46 25.04 -10.18
CA GLY A 126 -10.30 24.33 -11.45
C GLY A 126 -10.13 22.84 -11.24
N LEU A 127 -9.32 22.45 -10.27
CA LEU A 127 -9.07 21.05 -9.98
C LEU A 127 -10.38 20.31 -9.70
N SER A 128 -10.53 19.12 -10.28
CA SER A 128 -11.72 18.33 -10.08
C SER A 128 -11.43 17.10 -9.22
N ILE A 129 -12.47 16.32 -8.93
CA ILE A 129 -12.32 15.12 -8.12
C ILE A 129 -11.11 14.31 -8.56
N GLY A 130 -10.92 14.21 -9.87
CA GLY A 130 -9.79 13.46 -10.39
C GLY A 130 -8.45 14.08 -10.04
N ASP A 131 -8.26 15.33 -10.44
CA ASP A 131 -7.02 16.04 -10.16
C ASP A 131 -6.85 16.27 -8.66
N VAL A 132 -7.79 17.00 -8.07
CA VAL A 132 -7.75 17.29 -6.65
C VAL A 132 -7.15 16.13 -5.87
N ALA A 133 -7.67 14.92 -6.12
CA ALA A 133 -7.18 13.73 -5.44
C ALA A 133 -5.67 13.61 -5.54
N LYS A 134 -5.15 13.76 -6.76
CA LYS A 134 -3.72 13.66 -6.99
C LYS A 134 -2.95 14.63 -6.09
N LYS A 135 -3.55 15.78 -5.82
CA LYS A 135 -2.93 16.79 -4.96
C LYS A 135 -2.88 16.31 -3.51
N LEU A 136 -3.78 15.39 -3.18
CA LEU A 136 -3.85 14.85 -1.82
C LEU A 136 -3.01 13.58 -1.71
N GLY A 137 -2.80 12.90 -2.83
CA GLY A 137 -2.02 11.68 -2.83
C GLY A 137 -0.57 11.93 -2.44
N GLU A 138 0.02 12.98 -2.98
CA GLU A 138 1.41 13.31 -2.69
C GLU A 138 1.56 13.81 -1.25
N MET A 139 0.66 14.69 -0.84
CA MET A 139 0.69 15.25 0.51
C MET A 139 0.82 14.13 1.55
N TRP A 140 0.01 13.09 1.38
CA TRP A 140 0.03 11.95 2.30
C TRP A 140 1.39 11.27 2.30
N ASN A 141 1.99 11.15 1.12
CA ASN A 141 3.30 10.52 0.98
C ASN A 141 4.36 11.31 1.72
N ASN A 142 4.30 12.64 1.61
CA ASN A 142 5.26 13.51 2.27
C ASN A 142 4.96 13.62 3.77
N THR A 143 3.68 13.58 4.12
CA THR A 143 3.26 13.68 5.51
C THR A 143 3.98 12.65 6.37
N ALA A 144 4.55 13.10 7.48
CA ALA A 144 5.27 12.22 8.39
C ALA A 144 4.31 11.28 9.11
N ALA A 145 4.76 10.06 9.36
CA ALA A 145 3.94 9.06 10.05
C ALA A 145 3.39 9.62 11.36
N ASP A 146 4.26 10.25 12.15
CA ASP A 146 3.86 10.82 13.42
C ASP A 146 2.65 11.74 13.25
N ASP A 147 2.66 12.52 12.18
CA ASP A 147 1.57 13.45 11.89
C ASP A 147 0.27 12.69 11.64
N LYS A 148 0.39 11.43 11.27
CA LYS A 148 -0.78 10.59 11.00
C LYS A 148 -1.29 9.93 12.28
N GLN A 149 -0.64 10.25 13.40
CA GLN A 149 -1.02 9.69 14.68
C GLN A 149 -2.52 9.80 14.90
N PRO A 150 -3.04 11.03 14.87
CA PRO A 150 -4.47 11.29 15.07
C PRO A 150 -5.31 10.82 13.88
N TYR A 151 -4.65 10.60 12.75
CA TYR A 151 -5.35 10.16 11.55
C TYR A 151 -5.51 8.63 11.55
N GLU A 152 -4.58 7.95 12.20
CA GLU A 152 -4.62 6.50 12.28
C GLU A 152 -5.35 6.04 13.55
N LYS A 153 -4.89 6.51 14.70
CA LYS A 153 -5.51 6.15 15.97
C LYS A 153 -7.03 6.26 15.88
N LYS A 154 -7.52 7.29 15.22
CA LYS A 154 -8.95 7.50 15.06
C LYS A 154 -9.56 6.44 14.14
N ALA A 155 -8.91 6.23 13.00
CA ALA A 155 -9.38 5.24 12.03
C ALA A 155 -9.46 3.85 12.66
N ALA A 156 -8.90 3.71 13.84
CA ALA A 156 -8.90 2.43 14.55
C ALA A 156 -10.22 2.21 15.28
N LYS A 157 -10.45 3.01 16.33
CA LYS A 157 -11.68 2.89 17.12
C LYS A 157 -12.90 2.83 16.20
N LEU A 158 -12.90 3.65 15.16
CA LEU A 158 -14.01 3.68 14.21
C LEU A 158 -14.15 2.34 13.48
N LYS A 159 -13.01 1.71 13.19
CA LYS A 159 -13.00 0.43 12.50
C LYS A 159 -13.51 -0.68 13.42
N GLU A 160 -13.34 -0.49 14.73
CA GLU A 160 -13.77 -1.48 15.71
C GLU A 160 -15.30 -1.59 15.71
N LYS A 161 -15.97 -0.44 15.77
CA LYS A 161 -17.42 -0.41 15.78
C LYS A 161 -18.00 -0.95 14.48
N TYR A 162 -17.13 -1.11 13.48
CA TYR A 162 -17.55 -1.63 12.18
C TYR A 162 -17.46 -3.16 12.14
N GLU A 163 -16.23 -3.66 12.19
CA GLU A 163 -16.00 -5.10 12.16
C GLU A 163 -16.89 -5.82 13.18
N LYS A 164 -17.10 -5.18 14.33
CA LYS A 164 -17.93 -5.75 15.38
C LYS A 164 -19.40 -5.76 14.97
N ASP A 165 -19.83 -4.68 14.33
CA ASP A 165 -21.22 -4.57 13.90
C ASP A 165 -21.51 -5.57 12.77
N ILE A 166 -20.71 -5.51 11.71
CA ILE A 166 -20.89 -6.42 10.59
C ILE A 166 -20.66 -7.86 10.99
N ALA A 167 -19.91 -8.06 12.07
CA ALA A 167 -19.62 -9.40 12.57
C ALA A 167 -20.91 -10.13 12.96
N ALA A 168 -21.97 -9.36 13.20
CA ALA A 168 -23.26 -9.92 13.58
C ALA A 168 -24.21 -9.97 12.40
N TYR A 169 -24.03 -9.04 11.46
CA TYR A 169 -24.88 -8.97 10.28
C TYR A 169 -24.81 -10.26 9.49
N ARG A 170 -23.60 -10.75 9.27
CA ARG A 170 -23.39 -11.99 8.52
C ARG A 170 -23.65 -13.20 9.40
N ALA A 171 -23.21 -13.13 10.65
CA ALA A 171 -23.40 -14.22 11.59
C ALA A 171 -24.34 -13.83 12.72
N LYS A 172 -25.64 -13.91 12.45
CA LYS A 172 -26.66 -13.55 13.43
C LYS A 172 -26.62 -14.52 14.61
N GLY A 173 -26.83 -13.99 15.82
CA GLY A 173 -26.82 -14.82 17.00
C GLY A 173 -25.42 -15.05 17.53
N GLY A 1 19.37 -10.89 -32.92
CA GLY A 1 18.84 -11.11 -31.59
C GLY A 1 18.95 -9.87 -30.72
N SER A 2 19.21 -10.09 -29.43
CA SER A 2 19.33 -8.98 -28.48
C SER A 2 18.02 -8.21 -28.38
N SER A 3 16.92 -8.94 -28.31
CA SER A 3 15.60 -8.34 -28.22
C SER A 3 14.81 -8.93 -27.05
N GLY A 4 13.62 -8.39 -26.82
CA GLY A 4 12.78 -8.88 -25.73
C GLY A 4 11.32 -8.53 -25.93
N SER A 5 10.79 -7.70 -25.03
CA SER A 5 9.39 -7.29 -25.10
C SER A 5 9.27 -5.84 -25.53
N SER A 6 8.34 -5.56 -26.45
CA SER A 6 8.14 -4.21 -26.95
C SER A 6 6.72 -3.74 -26.64
N GLY A 7 6.55 -3.12 -25.46
CA GLY A 7 5.24 -2.62 -25.07
C GLY A 7 4.27 -3.74 -24.78
N MET A 8 3.94 -3.93 -23.51
CA MET A 8 3.01 -4.97 -23.10
C MET A 8 1.75 -4.37 -22.48
N GLY A 9 0.60 -4.98 -22.75
CA GLY A 9 -0.65 -4.49 -22.22
C GLY A 9 -1.47 -5.59 -21.58
N LYS A 10 -1.80 -5.43 -20.30
CA LYS A 10 -2.59 -6.42 -19.58
C LYS A 10 -4.03 -5.94 -19.41
N GLY A 11 -4.22 -4.62 -19.37
CA GLY A 11 -5.54 -4.06 -19.22
C GLY A 11 -5.66 -3.16 -18.00
N ASP A 12 -6.83 -3.15 -17.38
CA ASP A 12 -7.07 -2.34 -16.20
C ASP A 12 -6.08 -2.69 -15.09
N PRO A 13 -5.65 -1.66 -14.34
CA PRO A 13 -4.70 -1.83 -13.24
C PRO A 13 -5.31 -2.57 -12.05
N LYS A 14 -6.59 -2.90 -12.17
CA LYS A 14 -7.29 -3.60 -11.10
C LYS A 14 -6.87 -5.07 -11.05
N LYS A 15 -6.89 -5.73 -12.20
CA LYS A 15 -6.50 -7.13 -12.29
C LYS A 15 -5.18 -7.38 -11.56
N PRO A 16 -5.24 -8.16 -10.48
CA PRO A 16 -4.05 -8.49 -9.68
C PRO A 16 -3.10 -9.42 -10.42
N ARG A 17 -1.80 -9.23 -10.18
CA ARG A 17 -0.78 -10.06 -10.82
C ARG A 17 -0.41 -11.24 -9.94
N GLY A 18 -1.31 -11.62 -9.06
CA GLY A 18 -1.06 -12.75 -8.16
C GLY A 18 -0.49 -12.30 -6.83
N LYS A 19 0.21 -13.20 -6.15
CA LYS A 19 0.80 -12.90 -4.85
C LYS A 19 2.24 -12.41 -5.01
N MET A 20 2.91 -12.19 -3.88
CA MET A 20 4.29 -11.72 -3.89
C MET A 20 5.17 -12.61 -3.02
N SER A 21 6.43 -12.75 -3.42
CA SER A 21 7.37 -13.58 -2.68
C SER A 21 8.23 -12.72 -1.75
N SER A 22 8.89 -13.37 -0.80
CA SER A 22 9.74 -12.67 0.16
C SER A 22 10.58 -11.59 -0.54
N TYR A 23 11.13 -11.94 -1.70
CA TYR A 23 11.95 -11.01 -2.46
C TYR A 23 11.11 -9.86 -3.01
N ALA A 24 10.09 -10.21 -3.79
CA ALA A 24 9.21 -9.21 -4.38
C ALA A 24 8.84 -8.14 -3.37
N PHE A 25 8.66 -8.56 -2.11
CA PHE A 25 8.29 -7.63 -1.05
C PHE A 25 9.54 -7.00 -0.43
N PHE A 26 10.58 -7.81 -0.25
CA PHE A 26 11.83 -7.34 0.34
C PHE A 26 12.44 -6.24 -0.52
N VAL A 27 12.17 -6.28 -1.82
CA VAL A 27 12.69 -5.28 -2.75
C VAL A 27 11.89 -3.99 -2.68
N GLN A 28 10.61 -4.10 -2.32
CA GLN A 28 9.73 -2.95 -2.21
C GLN A 28 9.74 -2.39 -0.79
N THR A 29 10.14 -3.22 0.16
CA THR A 29 10.20 -2.82 1.56
C THR A 29 11.50 -2.10 1.88
N CYS A 30 12.61 -2.74 1.58
CA CYS A 30 13.93 -2.16 1.83
C CYS A 30 14.12 -0.87 1.03
N ARG A 31 13.32 -0.72 -0.02
CA ARG A 31 13.41 0.47 -0.86
C ARG A 31 12.54 1.59 -0.30
N GLU A 32 11.32 1.26 0.08
CA GLU A 32 10.39 2.24 0.64
C GLU A 32 10.89 2.76 1.98
N GLU A 33 11.43 1.86 2.80
CA GLU A 33 11.94 2.24 4.11
C GLU A 33 13.03 3.29 3.99
N HIS A 34 13.90 3.12 3.00
CA HIS A 34 15.00 4.06 2.78
C HIS A 34 14.47 5.48 2.60
N LYS A 35 13.64 5.67 1.57
CA LYS A 35 13.07 6.97 1.29
C LYS A 35 12.63 7.67 2.59
N LYS A 36 12.28 6.87 3.59
CA LYS A 36 11.84 7.41 4.86
C LYS A 36 13.03 7.65 5.79
N LYS A 37 14.06 6.81 5.66
CA LYS A 37 15.25 6.94 6.48
C LYS A 37 16.08 8.14 6.05
N HIS A 38 16.08 8.42 4.74
CA HIS A 38 16.83 9.55 4.20
C HIS A 38 16.23 10.02 2.89
N PRO A 39 15.53 11.15 2.92
CA PRO A 39 14.89 11.73 1.73
C PRO A 39 15.90 12.28 0.75
N ASP A 40 16.89 13.00 1.26
CA ASP A 40 17.93 13.58 0.42
C ASP A 40 18.57 12.52 -0.46
N ALA A 41 18.80 11.33 0.10
CA ALA A 41 19.41 10.24 -0.63
C ALA A 41 18.62 9.93 -1.90
N SER A 42 19.26 10.14 -3.06
CA SER A 42 18.62 9.89 -4.34
C SER A 42 19.00 8.51 -4.87
N VAL A 43 18.86 7.50 -4.02
CA VAL A 43 19.19 6.13 -4.40
C VAL A 43 18.78 5.85 -5.85
N ASN A 44 19.65 5.16 -6.57
CA ASN A 44 19.38 4.82 -7.97
C ASN A 44 18.49 3.59 -8.07
N PHE A 45 17.23 3.79 -8.46
CA PHE A 45 16.29 2.70 -8.60
C PHE A 45 16.92 1.52 -9.36
N SER A 46 17.96 1.82 -10.12
CA SER A 46 18.65 0.80 -10.91
C SER A 46 19.72 0.11 -10.07
N GLU A 47 20.43 0.89 -9.27
CA GLU A 47 21.49 0.35 -8.41
C GLU A 47 20.90 -0.45 -7.24
N PHE A 48 19.91 0.15 -6.58
CA PHE A 48 19.26 -0.49 -5.44
C PHE A 48 18.78 -1.90 -5.82
N SER A 49 18.21 -2.03 -7.01
CA SER A 49 17.72 -3.31 -7.48
C SER A 49 18.85 -4.32 -7.63
N LYS A 50 19.72 -4.09 -8.60
CA LYS A 50 20.84 -4.98 -8.85
C LYS A 50 21.47 -5.43 -7.54
N LYS A 51 21.32 -4.60 -6.51
CA LYS A 51 21.87 -4.92 -5.19
C LYS A 51 20.96 -5.86 -4.42
N CYS A 52 19.66 -5.62 -4.50
CA CYS A 52 18.68 -6.45 -3.81
C CYS A 52 18.93 -7.93 -4.08
N SER A 53 19.50 -8.22 -5.25
CA SER A 53 19.79 -9.59 -5.63
C SER A 53 20.79 -10.22 -4.67
N GLU A 54 22.04 -9.79 -4.74
CA GLU A 54 23.08 -10.32 -3.87
C GLU A 54 22.90 -9.83 -2.44
N ARG A 55 22.02 -8.85 -2.27
CA ARG A 55 21.76 -8.29 -0.95
C ARG A 55 20.69 -9.11 -0.23
N TRP A 56 19.86 -9.79 -1.00
CA TRP A 56 18.79 -10.61 -0.44
C TRP A 56 19.32 -11.97 0.01
N LYS A 57 20.10 -12.61 -0.86
CA LYS A 57 20.67 -13.92 -0.55
C LYS A 57 21.65 -13.82 0.61
N THR A 58 22.52 -12.81 0.56
CA THR A 58 23.51 -12.61 1.62
C THR A 58 22.87 -12.64 2.99
N MET A 59 21.66 -12.10 3.10
CA MET A 59 20.94 -12.07 4.36
C MET A 59 20.85 -13.47 4.97
N SER A 60 20.56 -13.53 6.26
CA SER A 60 20.46 -14.80 6.96
C SER A 60 18.99 -15.17 7.20
N ALA A 61 18.73 -16.47 7.37
CA ALA A 61 17.38 -16.95 7.60
C ALA A 61 16.63 -16.04 8.57
N LYS A 62 17.37 -15.50 9.54
CA LYS A 62 16.78 -14.61 10.53
C LYS A 62 16.21 -13.36 9.88
N GLU A 63 17.01 -12.73 9.02
CA GLU A 63 16.58 -11.53 8.32
C GLU A 63 15.44 -11.83 7.36
N LYS A 64 15.45 -13.03 6.80
CA LYS A 64 14.42 -13.44 5.86
C LYS A 64 13.17 -13.92 6.59
N GLY A 65 13.35 -14.38 7.82
CA GLY A 65 12.22 -14.84 8.61
C GLY A 65 11.01 -13.94 8.50
N LYS A 66 11.14 -12.72 9.00
CA LYS A 66 10.05 -11.75 8.97
C LYS A 66 9.51 -11.61 7.55
N PHE A 67 10.41 -11.56 6.57
CA PHE A 67 10.02 -11.43 5.17
C PHE A 67 9.23 -12.64 4.71
N GLU A 68 9.53 -13.80 5.30
CA GLU A 68 8.85 -15.04 4.95
C GLU A 68 7.49 -15.12 5.63
N ASP A 69 7.41 -14.62 6.86
CA ASP A 69 6.17 -14.65 7.62
C ASP A 69 5.18 -13.62 7.07
N MET A 70 5.70 -12.57 6.46
CA MET A 70 4.86 -11.52 5.88
C MET A 70 4.36 -11.93 4.51
N ALA A 71 5.12 -12.77 3.82
CA ALA A 71 4.75 -13.23 2.49
C ALA A 71 3.77 -14.40 2.57
N LYS A 72 4.02 -15.32 3.51
CA LYS A 72 3.16 -16.48 3.69
C LYS A 72 1.72 -16.06 3.97
N ALA A 73 1.57 -14.98 4.74
CA ALA A 73 0.25 -14.46 5.08
C ALA A 73 -0.36 -13.70 3.91
N ASP A 74 0.48 -13.23 3.00
CA ASP A 74 0.03 -12.50 1.84
C ASP A 74 -0.40 -13.44 0.72
N LYS A 75 -0.17 -14.73 0.93
CA LYS A 75 -0.53 -15.74 -0.05
C LYS A 75 -2.02 -16.06 0.01
N ALA A 76 -2.67 -15.63 1.09
CA ALA A 76 -4.09 -15.86 1.27
C ALA A 76 -4.87 -14.55 1.29
N ARG A 77 -4.24 -13.50 1.79
CA ARG A 77 -4.87 -12.18 1.86
C ARG A 77 -5.01 -11.58 0.47
N TYR A 78 -4.23 -12.08 -0.48
CA TYR A 78 -4.26 -11.58 -1.84
C TYR A 78 -5.59 -11.93 -2.51
N GLU A 79 -6.19 -13.03 -2.10
CA GLU A 79 -7.46 -13.47 -2.66
C GLU A 79 -8.55 -12.42 -2.42
N ARG A 80 -8.48 -11.76 -1.26
CA ARG A 80 -9.46 -10.74 -0.92
C ARG A 80 -9.45 -9.60 -1.94
N GLU A 81 -8.26 -9.12 -2.26
CA GLU A 81 -8.11 -8.03 -3.22
C GLU A 81 -8.84 -8.35 -4.53
N MET A 82 -8.92 -9.65 -4.85
CA MET A 82 -9.59 -10.09 -6.06
C MET A 82 -11.04 -9.62 -6.09
N LYS A 83 -11.52 -9.13 -4.95
CA LYS A 83 -12.89 -8.65 -4.84
C LYS A 83 -13.03 -7.26 -5.45
N THR A 84 -12.00 -6.43 -5.27
CA THR A 84 -12.01 -5.08 -5.81
C THR A 84 -11.58 -5.07 -7.28
N TYR A 85 -11.26 -6.24 -7.81
CA TYR A 85 -10.82 -6.36 -9.19
C TYR A 85 -12.02 -6.66 -10.11
N ILE A 86 -12.47 -5.63 -10.82
CA ILE A 86 -13.59 -5.79 -11.73
C ILE A 86 -13.15 -5.63 -13.20
N PRO A 87 -12.93 -6.77 -13.87
CA PRO A 87 -12.51 -6.79 -15.28
C PRO A 87 -13.61 -6.32 -16.21
N PRO A 88 -13.24 -6.09 -17.49
CA PRO A 88 -14.17 -5.63 -18.51
C PRO A 88 -15.19 -6.71 -18.89
N LYS A 89 -16.08 -6.38 -19.82
CA LYS A 89 -17.11 -7.32 -20.27
C LYS A 89 -16.57 -8.75 -20.26
N GLY A 90 -16.92 -9.49 -19.21
CA GLY A 90 -16.47 -10.86 -19.10
C GLY A 90 -17.45 -11.74 -18.34
N GLU A 91 -17.35 -11.71 -17.01
CA GLU A 91 -18.23 -12.50 -16.16
C GLU A 91 -19.03 -11.61 -15.22
N THR A 92 -19.93 -12.21 -14.46
CA THR A 92 -20.76 -11.47 -13.51
C THR A 92 -20.94 -12.25 -12.22
N LYS A 93 -20.56 -11.64 -11.10
CA LYS A 93 -20.68 -12.28 -9.79
C LYS A 93 -21.47 -11.40 -8.84
N LYS A 94 -21.97 -11.99 -7.76
CA LYS A 94 -22.74 -11.27 -6.76
C LYS A 94 -22.10 -11.38 -5.39
N LYS A 95 -22.01 -10.25 -4.69
CA LYS A 95 -21.42 -10.22 -3.36
C LYS A 95 -22.46 -9.87 -2.31
N PHE A 96 -22.19 -10.23 -1.07
CA PHE A 96 -23.11 -9.95 0.04
C PHE A 96 -22.70 -8.68 0.77
N LYS A 97 -23.51 -8.29 1.75
CA LYS A 97 -23.24 -7.09 2.54
C LYS A 97 -23.15 -7.42 4.03
N ASP A 98 -22.34 -6.66 4.75
CA ASP A 98 -22.18 -6.87 6.19
C ASP A 98 -22.34 -5.56 6.95
N PRO A 99 -23.53 -5.36 7.54
CA PRO A 99 -23.83 -4.14 8.30
C PRO A 99 -23.06 -4.07 9.61
N ASN A 100 -22.91 -5.22 10.27
CA ASN A 100 -22.19 -5.29 11.53
C ASN A 100 -20.69 -5.50 11.30
N ALA A 101 -20.22 -5.10 10.13
CA ALA A 101 -18.82 -5.24 9.78
C ALA A 101 -18.04 -3.96 10.12
N PRO A 102 -16.71 -4.08 10.17
CA PRO A 102 -15.82 -2.96 10.49
C PRO A 102 -15.79 -1.92 9.39
N LYS A 103 -15.34 -0.71 9.72
CA LYS A 103 -15.24 0.37 8.75
C LYS A 103 -14.15 0.11 7.73
N ARG A 104 -14.18 0.84 6.62
CA ARG A 104 -13.19 0.68 5.57
C ARG A 104 -12.08 1.71 5.71
N PRO A 105 -10.85 1.33 5.33
CA PRO A 105 -9.68 2.21 5.41
C PRO A 105 -9.74 3.34 4.38
N PRO A 106 -8.87 4.35 4.57
CA PRO A 106 -8.81 5.50 3.67
C PRO A 106 -8.26 5.14 2.30
N SER A 107 -8.62 5.95 1.30
CA SER A 107 -8.17 5.71 -0.07
C SER A 107 -7.20 6.79 -0.52
N ALA A 108 -6.42 6.50 -1.56
CA ALA A 108 -5.45 7.44 -2.09
C ALA A 108 -5.98 8.87 -1.99
N PHE A 109 -7.25 9.05 -2.33
CA PHE A 109 -7.86 10.37 -2.28
C PHE A 109 -7.85 10.93 -0.87
N PHE A 110 -8.24 10.11 0.09
CA PHE A 110 -8.27 10.52 1.50
C PHE A 110 -6.88 10.90 1.98
N LEU A 111 -5.90 10.05 1.69
CA LEU A 111 -4.53 10.31 2.08
C LEU A 111 -4.05 11.68 1.60
N PHE A 112 -4.32 11.98 0.33
CA PHE A 112 -3.93 13.25 -0.26
C PHE A 112 -4.72 14.40 0.37
N CYS A 113 -6.03 14.35 0.22
CA CYS A 113 -6.90 15.38 0.77
C CYS A 113 -6.59 15.65 2.24
N SER A 114 -6.14 14.61 2.93
CA SER A 114 -5.81 14.72 4.35
C SER A 114 -4.40 15.27 4.53
N GLU A 115 -3.53 15.03 3.54
CA GLU A 115 -2.15 15.50 3.60
C GLU A 115 -2.07 16.97 3.17
N TYR A 116 -3.01 17.40 2.34
CA TYR A 116 -3.04 18.77 1.86
C TYR A 116 -3.93 19.64 2.74
N ARG A 117 -4.96 19.03 3.31
CA ARG A 117 -5.89 19.75 4.18
C ARG A 117 -5.16 20.79 5.02
N PRO A 118 -4.10 20.36 5.72
CA PRO A 118 -3.30 21.24 6.57
C PRO A 118 -2.47 22.23 5.75
N LYS A 119 -2.03 21.79 4.57
CA LYS A 119 -1.23 22.63 3.70
C LYS A 119 -2.08 23.69 3.03
N ILE A 120 -3.38 23.42 2.93
CA ILE A 120 -4.31 24.36 2.31
C ILE A 120 -4.99 25.24 3.36
N LYS A 121 -5.25 24.66 4.52
CA LYS A 121 -5.90 25.38 5.61
C LYS A 121 -5.10 26.62 5.99
N GLY A 122 -3.82 26.43 6.29
CA GLY A 122 -2.96 27.54 6.65
C GLY A 122 -2.94 28.63 5.61
N GLU A 123 -2.98 28.23 4.33
CA GLU A 123 -2.97 29.18 3.23
C GLU A 123 -4.29 29.93 3.14
N HIS A 124 -5.39 29.19 3.27
CA HIS A 124 -6.72 29.80 3.19
C HIS A 124 -7.45 29.66 4.53
N PRO A 125 -7.27 30.66 5.41
CA PRO A 125 -7.90 30.68 6.73
C PRO A 125 -9.41 30.89 6.66
N GLY A 126 -9.88 31.39 5.51
CA GLY A 126 -11.29 31.62 5.33
C GLY A 126 -12.06 30.34 5.04
N LEU A 127 -11.52 29.53 4.14
CA LEU A 127 -12.16 28.26 3.78
C LEU A 127 -12.39 27.39 5.00
N SER A 128 -13.62 26.90 5.14
CA SER A 128 -13.98 26.05 6.27
C SER A 128 -14.12 24.60 5.84
N ILE A 129 -14.25 23.70 6.82
CA ILE A 129 -14.38 22.29 6.54
C ILE A 129 -15.20 22.05 5.27
N GLY A 130 -16.31 22.77 5.15
CA GLY A 130 -17.16 22.63 3.98
C GLY A 130 -16.42 22.94 2.69
N ASP A 131 -15.94 24.16 2.56
CA ASP A 131 -15.22 24.58 1.36
C ASP A 131 -13.90 23.82 1.24
N VAL A 132 -13.05 23.94 2.25
CA VAL A 132 -11.76 23.26 2.25
C VAL A 132 -11.85 21.90 1.57
N ALA A 133 -12.96 21.20 1.82
CA ALA A 133 -13.17 19.88 1.23
C ALA A 133 -13.48 19.99 -0.27
N LYS A 134 -14.33 20.94 -0.62
CA LYS A 134 -14.70 21.15 -2.01
C LYS A 134 -13.49 21.52 -2.85
N LYS A 135 -12.43 21.96 -2.19
CA LYS A 135 -11.20 22.34 -2.88
C LYS A 135 -10.31 21.13 -3.11
N LEU A 136 -10.47 20.11 -2.28
CA LEU A 136 -9.68 18.89 -2.40
C LEU A 136 -10.40 17.85 -3.25
N GLY A 137 -11.72 18.01 -3.37
CA GLY A 137 -12.51 17.08 -4.16
C GLY A 137 -12.16 17.12 -5.63
N GLU A 138 -11.92 18.34 -6.14
CA GLU A 138 -11.57 18.51 -7.55
C GLU A 138 -10.10 18.18 -7.80
N MET A 139 -9.23 18.68 -6.91
CA MET A 139 -7.81 18.43 -7.02
C MET A 139 -7.52 17.00 -7.42
N TRP A 140 -8.17 16.05 -6.73
CA TRP A 140 -7.99 14.64 -7.03
C TRP A 140 -8.47 14.30 -8.43
N ASN A 141 -9.65 14.78 -8.78
CA ASN A 141 -10.23 14.53 -10.10
C ASN A 141 -9.25 14.92 -11.20
N ASN A 142 -8.47 15.96 -10.95
CA ASN A 142 -7.49 16.44 -11.92
C ASN A 142 -6.09 15.99 -11.54
N THR A 143 -5.99 14.83 -10.89
CA THR A 143 -4.71 14.29 -10.47
C THR A 143 -4.30 13.10 -11.33
N ALA A 144 -3.04 13.08 -11.75
CA ALA A 144 -2.53 11.99 -12.58
C ALA A 144 -2.33 10.73 -11.76
N ALA A 145 -2.66 9.58 -12.35
CA ALA A 145 -2.51 8.30 -11.67
C ALA A 145 -1.11 8.14 -11.09
N ASP A 146 -0.11 8.60 -11.84
CA ASP A 146 1.27 8.51 -11.40
C ASP A 146 1.47 9.22 -10.06
N ASP A 147 0.78 10.33 -9.89
CA ASP A 147 0.87 11.11 -8.65
C ASP A 147 0.22 10.36 -7.49
N LYS A 148 -0.64 9.40 -7.82
CA LYS A 148 -1.33 8.61 -6.81
C LYS A 148 -0.53 7.36 -6.45
N GLN A 149 0.65 7.23 -7.07
CA GLN A 149 1.51 6.08 -6.81
C GLN A 149 1.67 5.83 -5.32
N PRO A 150 2.20 6.84 -4.61
CA PRO A 150 2.42 6.76 -3.16
C PRO A 150 1.11 6.76 -2.38
N TYR A 151 0.08 7.37 -2.95
CA TYR A 151 -1.22 7.44 -2.30
C TYR A 151 -2.00 6.15 -2.50
N GLU A 152 -1.61 5.38 -3.52
CA GLU A 152 -2.28 4.11 -3.82
C GLU A 152 -1.55 2.95 -3.12
N LYS A 153 -0.26 2.83 -3.37
CA LYS A 153 0.54 1.77 -2.77
C LYS A 153 0.39 1.76 -1.26
N LYS A 154 0.55 2.93 -0.65
CA LYS A 154 0.44 3.06 0.80
C LYS A 154 -0.91 2.53 1.29
N ALA A 155 -1.99 3.08 0.75
CA ALA A 155 -3.34 2.67 1.13
C ALA A 155 -3.41 1.16 1.33
N ALA A 156 -2.70 0.42 0.47
CA ALA A 156 -2.68 -1.03 0.55
C ALA A 156 -2.33 -1.50 1.96
N LYS A 157 -1.12 -1.19 2.40
CA LYS A 157 -0.66 -1.57 3.73
C LYS A 157 -1.77 -1.38 4.76
N LEU A 158 -2.22 -0.14 4.92
CA LEU A 158 -3.28 0.18 5.86
C LEU A 158 -4.41 -0.83 5.78
N LYS A 159 -4.76 -1.22 4.56
CA LYS A 159 -5.82 -2.19 4.33
C LYS A 159 -5.71 -3.36 5.31
N GLU A 160 -4.48 -3.81 5.54
CA GLU A 160 -4.23 -4.93 6.45
C GLU A 160 -4.94 -4.70 7.79
N LYS A 161 -4.76 -3.51 8.35
CA LYS A 161 -5.38 -3.18 9.62
C LYS A 161 -6.88 -3.45 9.60
N TYR A 162 -7.47 -3.35 8.41
CA TYR A 162 -8.91 -3.60 8.25
C TYR A 162 -9.18 -5.08 8.02
N GLU A 163 -8.51 -5.65 7.03
CA GLU A 163 -8.68 -7.06 6.70
C GLU A 163 -8.52 -7.94 7.94
N LYS A 164 -7.63 -7.51 8.85
CA LYS A 164 -7.38 -8.25 10.07
C LYS A 164 -8.50 -8.01 11.09
N ASP A 165 -8.94 -6.76 11.19
CA ASP A 165 -10.01 -6.41 12.13
C ASP A 165 -11.32 -7.06 11.71
N ILE A 166 -11.50 -7.27 10.41
CA ILE A 166 -12.72 -7.88 9.90
C ILE A 166 -12.63 -9.41 9.95
N ALA A 167 -11.45 -9.94 9.67
CA ALA A 167 -11.23 -11.38 9.69
C ALA A 167 -11.78 -12.00 10.97
N ALA A 168 -11.93 -11.18 12.00
CA ALA A 168 -12.46 -11.64 13.28
C ALA A 168 -13.95 -11.36 13.40
N TYR A 169 -14.42 -10.35 12.67
CA TYR A 169 -15.83 -9.98 12.68
C TYR A 169 -16.71 -11.13 12.20
N ARG A 170 -16.34 -11.72 11.07
CA ARG A 170 -17.09 -12.83 10.51
C ARG A 170 -16.54 -14.17 11.00
N ALA A 171 -15.25 -14.20 11.31
CA ALA A 171 -14.61 -15.41 11.81
C ALA A 171 -13.74 -15.11 13.02
N LYS A 172 -14.37 -14.74 14.13
CA LYS A 172 -13.65 -14.43 15.35
C LYS A 172 -12.51 -15.42 15.58
N GLY A 173 -12.71 -16.66 15.13
CA GLY A 173 -11.69 -17.68 15.30
C GLY A 173 -12.25 -19.08 15.19
N GLY A 1 -11.65 5.63 6.93
CA GLY A 1 -12.46 5.31 5.76
C GLY A 1 -13.78 4.68 6.12
N SER A 2 -14.56 4.31 5.12
CA SER A 2 -15.87 3.69 5.34
C SER A 2 -15.88 2.25 4.83
N SER A 3 -16.95 1.53 5.13
CA SER A 3 -17.09 0.15 4.70
C SER A 3 -17.16 0.05 3.18
N GLY A 4 -18.02 0.86 2.59
CA GLY A 4 -18.17 0.86 1.14
C GLY A 4 -18.31 -0.54 0.58
N SER A 5 -18.34 -0.65 -0.74
CA SER A 5 -18.46 -1.94 -1.41
C SER A 5 -17.78 -1.92 -2.77
N SER A 6 -17.24 -3.07 -3.17
CA SER A 6 -16.56 -3.18 -4.46
C SER A 6 -17.30 -2.41 -5.54
N GLY A 7 -16.60 -2.06 -6.60
CA GLY A 7 -17.20 -1.33 -7.70
C GLY A 7 -16.18 -0.63 -8.58
N MET A 8 -16.09 -1.06 -9.83
CA MET A 8 -15.15 -0.48 -10.77
C MET A 8 -15.86 0.47 -11.74
N GLY A 9 -15.08 1.25 -12.47
CA GLY A 9 -15.65 2.20 -13.42
C GLY A 9 -14.72 2.47 -14.58
N LYS A 10 -14.99 1.83 -15.71
CA LYS A 10 -14.17 2.01 -16.90
C LYS A 10 -12.69 2.04 -16.55
N GLY A 11 -12.33 1.42 -15.43
CA GLY A 11 -10.95 1.39 -15.00
C GLY A 11 -10.53 2.67 -14.29
N ASP A 12 -10.77 2.71 -12.98
CA ASP A 12 -10.42 3.88 -12.19
C ASP A 12 -9.23 3.59 -11.29
N PRO A 13 -8.45 4.64 -10.99
CA PRO A 13 -7.26 4.52 -10.14
C PRO A 13 -7.62 4.24 -8.68
N LYS A 14 -8.91 4.10 -8.41
CA LYS A 14 -9.38 3.84 -7.05
C LYS A 14 -8.89 2.49 -6.55
N LYS A 15 -9.04 1.46 -7.39
CA LYS A 15 -8.60 0.12 -7.04
C LYS A 15 -7.35 0.16 -6.19
N PRO A 16 -7.35 -0.60 -5.08
CA PRO A 16 -6.22 -0.67 -4.15
C PRO A 16 -5.02 -1.39 -4.76
N ARG A 17 -3.82 -0.97 -4.36
CA ARG A 17 -2.60 -1.58 -4.87
C ARG A 17 -1.94 -2.44 -3.80
N GLY A 18 -2.76 -3.18 -3.05
CA GLY A 18 -2.24 -4.03 -2.00
C GLY A 18 -1.22 -5.03 -2.52
N LYS A 19 -1.70 -6.08 -3.18
CA LYS A 19 -0.82 -7.10 -3.72
C LYS A 19 0.45 -6.49 -4.30
N MET A 20 1.55 -7.24 -4.24
CA MET A 20 2.82 -6.77 -4.75
C MET A 20 3.56 -7.87 -5.50
N SER A 21 4.30 -7.50 -6.54
CA SER A 21 5.05 -8.47 -7.34
C SER A 21 6.24 -9.00 -6.55
N SER A 22 6.83 -10.08 -7.06
CA SER A 22 7.98 -10.70 -6.41
C SER A 22 8.97 -9.62 -5.93
N TYR A 23 9.36 -8.74 -6.85
CA TYR A 23 10.30 -7.68 -6.52
C TYR A 23 9.69 -6.69 -5.53
N ALA A 24 8.55 -6.11 -5.91
CA ALA A 24 7.87 -5.15 -5.05
C ALA A 24 7.88 -5.61 -3.59
N PHE A 25 7.63 -6.90 -3.38
CA PHE A 25 7.61 -7.46 -2.04
C PHE A 25 9.03 -7.67 -1.51
N PHE A 26 9.79 -8.52 -2.20
CA PHE A 26 11.16 -8.81 -1.81
C PHE A 26 11.88 -7.55 -1.36
N VAL A 27 11.78 -6.49 -2.16
CA VAL A 27 12.41 -5.22 -1.85
C VAL A 27 12.15 -4.82 -0.40
N GLN A 28 10.94 -5.08 0.07
CA GLN A 28 10.56 -4.75 1.44
C GLN A 28 10.90 -5.89 2.39
N THR A 29 10.64 -7.12 1.95
CA THR A 29 10.92 -8.29 2.77
C THR A 29 12.33 -8.23 3.37
N CYS A 30 13.27 -7.72 2.59
CA CYS A 30 14.65 -7.60 3.05
C CYS A 30 14.81 -6.42 4.00
N ARG A 31 14.29 -5.27 3.59
CA ARG A 31 14.38 -4.07 4.41
C ARG A 31 13.81 -4.31 5.81
N GLU A 32 12.79 -5.16 5.89
CA GLU A 32 12.15 -5.48 7.16
C GLU A 32 13.03 -6.42 7.98
N GLU A 33 13.45 -7.52 7.36
CA GLU A 33 14.29 -8.50 8.05
C GLU A 33 15.50 -7.82 8.69
N HIS A 34 16.07 -6.86 7.98
CA HIS A 34 17.23 -6.14 8.48
C HIS A 34 16.90 -5.41 9.78
N LYS A 35 16.09 -4.37 9.67
CA LYS A 35 15.69 -3.58 10.84
C LYS A 35 15.51 -4.48 12.06
N LYS A 36 15.09 -5.71 11.84
CA LYS A 36 14.89 -6.67 12.92
C LYS A 36 16.22 -7.16 13.46
N LYS A 37 17.10 -7.59 12.56
CA LYS A 37 18.42 -8.10 12.94
C LYS A 37 19.27 -6.97 13.53
N HIS A 38 19.25 -5.81 12.89
CA HIS A 38 20.01 -4.66 13.35
C HIS A 38 19.16 -3.40 13.34
N PRO A 39 18.55 -3.08 14.49
CA PRO A 39 17.70 -1.89 14.64
C PRO A 39 18.50 -0.60 14.60
N ASP A 40 19.59 -0.55 15.36
CA ASP A 40 20.44 0.63 15.40
C ASP A 40 20.98 0.96 14.02
N ALA A 41 21.33 -0.08 13.26
CA ALA A 41 21.88 0.10 11.91
C ALA A 41 21.00 1.05 11.09
N SER A 42 21.63 2.01 10.44
CA SER A 42 20.92 2.98 9.62
C SER A 42 21.00 2.61 8.14
N VAL A 43 19.94 1.99 7.63
CA VAL A 43 19.90 1.60 6.23
C VAL A 43 19.20 2.66 5.38
N ASN A 44 19.94 3.22 4.43
CA ASN A 44 19.39 4.25 3.55
C ASN A 44 18.27 3.68 2.69
N PHE A 45 17.34 4.54 2.30
CA PHE A 45 16.21 4.13 1.47
C PHE A 45 16.64 3.95 0.01
N SER A 46 17.51 4.85 -0.45
CA SER A 46 18.00 4.79 -1.83
C SER A 46 18.97 3.64 -2.01
N GLU A 47 19.83 3.44 -1.01
CA GLU A 47 20.83 2.38 -1.07
C GLU A 47 20.15 1.01 -1.15
N PHE A 48 19.15 0.80 -0.29
CA PHE A 48 18.42 -0.46 -0.27
C PHE A 48 17.64 -0.67 -1.56
N SER A 49 17.17 0.42 -2.14
CA SER A 49 16.41 0.35 -3.39
C SER A 49 17.32 0.01 -4.56
N LYS A 50 18.27 0.88 -4.85
CA LYS A 50 19.20 0.68 -5.94
C LYS A 50 19.83 -0.71 -5.87
N LYS A 51 20.11 -1.17 -4.65
CA LYS A 51 20.70 -2.48 -4.44
C LYS A 51 19.69 -3.59 -4.74
N CYS A 52 18.56 -3.55 -4.05
CA CYS A 52 17.52 -4.54 -4.25
C CYS A 52 17.43 -4.97 -5.70
N SER A 53 17.76 -4.05 -6.60
CA SER A 53 17.71 -4.33 -8.03
C SER A 53 18.75 -5.39 -8.42
N GLU A 54 20.01 -5.01 -8.39
CA GLU A 54 21.10 -5.92 -8.73
C GLU A 54 21.13 -7.11 -7.78
N ARG A 55 20.55 -6.92 -6.59
CA ARG A 55 20.51 -7.98 -5.59
C ARG A 55 19.39 -8.97 -5.88
N TRP A 56 18.33 -8.48 -6.51
CA TRP A 56 17.18 -9.32 -6.85
C TRP A 56 17.49 -10.20 -8.05
N LYS A 57 18.19 -9.64 -9.03
CA LYS A 57 18.55 -10.38 -10.23
C LYS A 57 19.55 -11.49 -9.91
N THR A 58 20.56 -11.16 -9.11
CA THR A 58 21.57 -12.12 -8.73
C THR A 58 20.95 -13.33 -8.02
N MET A 59 19.90 -13.07 -7.25
CA MET A 59 19.22 -14.14 -6.52
C MET A 59 18.87 -15.30 -7.46
N SER A 60 19.26 -16.51 -7.07
CA SER A 60 18.99 -17.70 -7.87
C SER A 60 17.50 -17.97 -7.95
N ALA A 61 17.11 -18.83 -8.89
CA ALA A 61 15.71 -19.18 -9.07
C ALA A 61 15.10 -19.70 -7.77
N LYS A 62 15.89 -20.49 -7.04
CA LYS A 62 15.43 -21.06 -5.77
C LYS A 62 15.06 -19.96 -4.78
N GLU A 63 15.84 -18.88 -4.78
CA GLU A 63 15.61 -17.76 -3.88
C GLU A 63 14.34 -17.02 -4.27
N LYS A 64 14.15 -16.80 -5.56
CA LYS A 64 12.98 -16.10 -6.07
C LYS A 64 11.74 -16.97 -5.95
N GLY A 65 11.91 -18.28 -6.12
CA GLY A 65 10.78 -19.20 -6.02
C GLY A 65 9.84 -18.83 -4.91
N LYS A 66 10.27 -19.04 -3.67
CA LYS A 66 9.44 -18.73 -2.51
C LYS A 66 8.75 -17.37 -2.67
N PHE A 67 9.55 -16.35 -2.97
CA PHE A 67 9.02 -15.01 -3.15
C PHE A 67 7.87 -15.00 -4.16
N GLU A 68 8.04 -15.75 -5.25
CA GLU A 68 7.02 -15.83 -6.29
C GLU A 68 5.71 -16.37 -5.72
N ASP A 69 5.79 -17.45 -4.95
CA ASP A 69 4.62 -18.06 -4.34
C ASP A 69 3.89 -17.06 -3.45
N MET A 70 4.66 -16.26 -2.72
CA MET A 70 4.09 -15.25 -1.84
C MET A 70 3.37 -14.17 -2.63
N ALA A 71 4.08 -13.54 -3.56
CA ALA A 71 3.52 -12.49 -4.38
C ALA A 71 2.27 -12.97 -5.12
N LYS A 72 2.40 -14.10 -5.80
CA LYS A 72 1.29 -14.68 -6.55
C LYS A 72 0.12 -14.98 -5.62
N ALA A 73 0.42 -15.56 -4.46
CA ALA A 73 -0.61 -15.91 -3.49
C ALA A 73 -1.35 -14.66 -3.00
N ASP A 74 -0.60 -13.57 -2.81
CA ASP A 74 -1.18 -12.32 -2.34
C ASP A 74 -2.28 -11.85 -3.29
N LYS A 75 -2.10 -12.11 -4.57
CA LYS A 75 -3.09 -11.71 -5.57
C LYS A 75 -4.49 -12.06 -5.12
N ALA A 76 -4.61 -13.09 -4.28
CA ALA A 76 -5.90 -13.52 -3.78
C ALA A 76 -6.29 -12.73 -2.53
N ARG A 77 -5.57 -12.95 -1.44
CA ARG A 77 -5.84 -12.25 -0.18
C ARG A 77 -6.10 -10.77 -0.44
N TYR A 78 -5.38 -10.19 -1.39
CA TYR A 78 -5.54 -8.78 -1.73
C TYR A 78 -7.01 -8.43 -1.92
N GLU A 79 -7.73 -9.28 -2.66
CA GLU A 79 -9.15 -9.05 -2.92
C GLU A 79 -9.86 -8.56 -1.67
N ARG A 80 -9.38 -9.00 -0.51
CA ARG A 80 -9.97 -8.60 0.77
C ARG A 80 -10.05 -7.08 0.87
N GLU A 81 -8.96 -6.41 0.53
CA GLU A 81 -8.90 -4.95 0.60
C GLU A 81 -10.10 -4.34 -0.11
N MET A 82 -10.52 -4.94 -1.21
CA MET A 82 -11.66 -4.45 -1.97
C MET A 82 -12.75 -3.91 -1.04
N LYS A 83 -13.02 -4.65 0.02
CA LYS A 83 -14.04 -4.26 0.99
C LYS A 83 -13.95 -2.75 1.27
N THR A 84 -12.76 -2.28 1.60
CA THR A 84 -12.56 -0.86 1.88
C THR A 84 -12.87 0.00 0.68
N TYR A 85 -12.70 -0.57 -0.52
CA TYR A 85 -12.97 0.15 -1.75
C TYR A 85 -14.24 0.98 -1.64
N ILE A 86 -14.20 2.20 -2.15
CA ILE A 86 -15.35 3.09 -2.10
C ILE A 86 -15.61 3.73 -3.47
N PRO A 87 -16.61 3.19 -4.18
CA PRO A 87 -16.99 3.69 -5.52
C PRO A 87 -17.64 5.07 -5.46
N PRO A 88 -17.80 5.69 -6.63
CA PRO A 88 -18.42 7.02 -6.74
C PRO A 88 -19.90 7.00 -6.41
N LYS A 89 -20.49 8.19 -6.29
CA LYS A 89 -21.92 8.32 -5.99
C LYS A 89 -22.76 7.55 -7.01
N GLY A 90 -23.24 6.38 -6.60
CA GLY A 90 -24.06 5.57 -7.49
C GLY A 90 -24.45 4.25 -6.86
N GLU A 91 -25.51 3.63 -7.40
CA GLU A 91 -26.00 2.36 -6.88
C GLU A 91 -24.88 1.32 -6.89
N THR A 92 -24.82 0.51 -5.83
CA THR A 92 -23.80 -0.53 -5.72
C THR A 92 -24.35 -1.74 -4.98
N LYS A 93 -23.74 -2.90 -5.23
CA LYS A 93 -24.17 -4.14 -4.60
C LYS A 93 -23.40 -4.37 -3.30
N LYS A 94 -24.00 -5.13 -2.39
CA LYS A 94 -23.38 -5.43 -1.10
C LYS A 94 -22.88 -6.87 -1.06
N LYS A 95 -21.74 -7.08 -0.41
CA LYS A 95 -21.15 -8.41 -0.30
C LYS A 95 -21.24 -8.92 1.13
N PHE A 96 -20.78 -10.15 1.34
CA PHE A 96 -20.80 -10.75 2.67
C PHE A 96 -19.38 -11.08 3.15
N LYS A 97 -18.91 -10.32 4.13
CA LYS A 97 -17.57 -10.53 4.67
C LYS A 97 -17.55 -10.28 6.17
N ASP A 98 -16.52 -10.78 6.84
CA ASP A 98 -16.37 -10.60 8.28
C ASP A 98 -16.23 -9.12 8.64
N PRO A 99 -17.26 -8.56 9.28
CA PRO A 99 -17.27 -7.15 9.69
C PRO A 99 -16.29 -6.86 10.82
N ASN A 100 -16.33 -7.67 11.87
CA ASN A 100 -15.45 -7.50 13.01
C ASN A 100 -14.05 -7.10 12.55
N ALA A 101 -13.50 -7.85 11.61
CA ALA A 101 -12.17 -7.57 11.09
C ALA A 101 -11.89 -6.07 11.05
N PRO A 102 -10.75 -5.67 11.64
CA PRO A 102 -10.36 -4.26 11.68
C PRO A 102 -9.97 -3.72 10.31
N LYS A 103 -10.53 -2.57 9.94
CA LYS A 103 -10.24 -1.95 8.66
C LYS A 103 -8.87 -1.29 8.67
N ARG A 104 -8.54 -0.60 7.58
CA ARG A 104 -7.25 0.07 7.47
C ARG A 104 -7.43 1.60 7.55
N PRO A 105 -6.41 2.27 8.09
CA PRO A 105 -6.43 3.73 8.25
C PRO A 105 -6.33 4.45 6.91
N PRO A 106 -6.60 5.78 6.93
CA PRO A 106 -6.54 6.61 5.72
C PRO A 106 -5.12 6.80 5.22
N SER A 107 -4.96 6.82 3.90
CA SER A 107 -3.65 7.01 3.29
C SER A 107 -3.39 8.47 2.95
N ALA A 108 -2.15 8.81 2.66
CA ALA A 108 -1.77 10.17 2.32
C ALA A 108 -2.81 10.81 1.40
N PHE A 109 -3.23 10.06 0.38
CA PHE A 109 -4.21 10.56 -0.57
C PHE A 109 -5.51 10.93 0.13
N PHE A 110 -5.94 10.09 1.07
CA PHE A 110 -7.16 10.34 1.82
C PHE A 110 -7.01 11.54 2.74
N LEU A 111 -5.88 11.57 3.47
CA LEU A 111 -5.61 12.67 4.39
C LEU A 111 -5.58 14.01 3.66
N PHE A 112 -5.03 14.00 2.44
CA PHE A 112 -4.94 15.21 1.64
C PHE A 112 -6.31 15.60 1.09
N CYS A 113 -6.93 14.68 0.35
CA CYS A 113 -8.24 14.94 -0.23
C CYS A 113 -9.28 15.20 0.85
N SER A 114 -9.09 14.58 2.01
CA SER A 114 -10.02 14.75 3.13
C SER A 114 -9.93 16.17 3.69
N GLU A 115 -8.79 16.81 3.49
CA GLU A 115 -8.57 18.17 3.98
C GLU A 115 -8.89 19.19 2.90
N TYR A 116 -8.84 18.75 1.64
CA TYR A 116 -9.12 19.64 0.51
C TYR A 116 -10.60 19.64 0.17
N ARG A 117 -11.23 18.48 0.30
CA ARG A 117 -12.66 18.34 0.00
C ARG A 117 -13.43 19.54 0.53
N PRO A 118 -13.24 19.86 1.82
CA PRO A 118 -13.92 20.97 2.47
C PRO A 118 -13.42 22.33 1.97
N LYS A 119 -12.23 22.33 1.37
CA LYS A 119 -11.64 23.55 0.85
C LYS A 119 -12.21 23.88 -0.52
N ILE A 120 -12.28 22.88 -1.40
CA ILE A 120 -12.81 23.06 -2.74
C ILE A 120 -14.33 23.16 -2.72
N LYS A 121 -14.96 22.27 -1.96
CA LYS A 121 -16.41 22.27 -1.85
C LYS A 121 -16.98 23.68 -1.79
N GLY A 122 -16.25 24.57 -1.10
CA GLY A 122 -16.69 25.94 -0.98
C GLY A 122 -16.40 26.76 -2.22
N GLU A 123 -15.15 26.68 -2.69
CA GLU A 123 -14.74 27.43 -3.88
C GLU A 123 -15.64 27.10 -5.07
N HIS A 124 -15.95 25.82 -5.23
CA HIS A 124 -16.80 25.37 -6.32
C HIS A 124 -18.14 24.83 -5.79
N PRO A 125 -19.16 25.69 -5.80
CA PRO A 125 -20.51 25.32 -5.32
C PRO A 125 -21.20 24.32 -6.24
N GLY A 126 -20.71 24.23 -7.48
CA GLY A 126 -21.29 23.31 -8.44
C GLY A 126 -20.86 21.88 -8.21
N LEU A 127 -19.57 21.67 -8.03
CA LEU A 127 -19.02 20.34 -7.80
C LEU A 127 -19.81 19.61 -6.72
N SER A 128 -20.46 18.51 -7.10
CA SER A 128 -21.25 17.73 -6.17
C SER A 128 -20.39 16.66 -5.48
N ILE A 129 -20.93 16.07 -4.42
CA ILE A 129 -20.21 15.03 -3.69
C ILE A 129 -19.41 14.14 -4.64
N GLY A 130 -20.07 13.69 -5.70
CA GLY A 130 -19.40 12.83 -6.67
C GLY A 130 -18.27 13.53 -7.37
N ASP A 131 -18.61 14.55 -8.18
CA ASP A 131 -17.60 15.31 -8.92
C ASP A 131 -16.45 15.72 -8.01
N VAL A 132 -16.78 16.48 -6.96
CA VAL A 132 -15.77 16.96 -6.02
C VAL A 132 -14.67 15.91 -5.82
N ALA A 133 -15.08 14.71 -5.41
CA ALA A 133 -14.13 13.62 -5.18
C ALA A 133 -13.30 13.36 -6.43
N LYS A 134 -13.98 13.13 -7.55
CA LYS A 134 -13.30 12.86 -8.82
C LYS A 134 -12.23 13.91 -9.10
N LYS A 135 -12.46 15.13 -8.62
CA LYS A 135 -11.52 16.23 -8.81
C LYS A 135 -10.25 15.98 -8.03
N LEU A 136 -10.37 15.34 -6.87
CA LEU A 136 -9.22 15.06 -6.02
C LEU A 136 -8.42 13.89 -6.58
N GLY A 137 -9.02 13.15 -7.50
CA GLY A 137 -8.34 12.01 -8.10
C GLY A 137 -7.06 12.41 -8.82
N GLU A 138 -7.15 13.45 -9.64
CA GLU A 138 -5.99 13.93 -10.38
C GLU A 138 -5.09 14.78 -9.50
N MET A 139 -5.69 15.52 -8.58
CA MET A 139 -4.93 16.38 -7.68
C MET A 139 -3.75 15.62 -7.07
N TRP A 140 -4.01 14.40 -6.63
CA TRP A 140 -2.96 13.56 -6.04
C TRP A 140 -1.94 13.13 -7.08
N ASN A 141 -2.43 12.71 -8.23
CA ASN A 141 -1.56 12.27 -9.33
C ASN A 141 -0.53 13.35 -9.66
N ASN A 142 -1.01 14.59 -9.78
CA ASN A 142 -0.12 15.71 -10.10
C ASN A 142 0.80 16.03 -8.93
N THR A 143 0.25 15.96 -7.71
CA THR A 143 1.02 16.25 -6.52
C THR A 143 2.33 15.46 -6.50
N ALA A 144 3.40 16.11 -6.05
CA ALA A 144 4.70 15.46 -5.98
C ALA A 144 4.86 14.67 -4.68
N ALA A 145 5.66 13.61 -4.74
CA ALA A 145 5.88 12.77 -3.56
C ALA A 145 6.26 13.63 -2.35
N ASP A 146 7.17 14.57 -2.56
CA ASP A 146 7.62 15.44 -1.48
C ASP A 146 6.43 16.00 -0.70
N ASP A 147 5.48 16.59 -1.42
CA ASP A 147 4.29 17.16 -0.80
C ASP A 147 3.55 16.12 0.03
N LYS A 148 3.76 14.85 -0.32
CA LYS A 148 3.11 13.74 0.39
C LYS A 148 3.98 13.26 1.54
N GLN A 149 4.94 14.07 1.95
CA GLN A 149 5.85 13.72 3.03
C GLN A 149 5.10 13.64 4.36
N PRO A 150 4.45 14.75 4.75
CA PRO A 150 3.70 14.83 5.99
C PRO A 150 2.42 13.99 5.96
N TYR A 151 1.83 13.88 4.77
CA TYR A 151 0.60 13.10 4.60
C TYR A 151 0.88 11.61 4.78
N GLU A 152 2.03 11.17 4.27
CA GLU A 152 2.42 9.76 4.38
C GLU A 152 2.94 9.45 5.78
N LYS A 153 4.06 10.07 6.13
CA LYS A 153 4.68 9.86 7.44
C LYS A 153 3.61 9.71 8.52
N LYS A 154 2.77 10.73 8.66
CA LYS A 154 1.70 10.71 9.66
C LYS A 154 0.89 9.42 9.56
N ALA A 155 0.35 9.15 8.38
CA ALA A 155 -0.45 7.95 8.15
C ALA A 155 0.29 6.71 8.64
N ALA A 156 1.58 6.61 8.29
CA ALA A 156 2.39 5.47 8.69
C ALA A 156 2.18 5.14 10.16
N LYS A 157 2.33 6.13 11.02
CA LYS A 157 2.16 5.95 12.46
C LYS A 157 0.86 5.20 12.76
N LEU A 158 -0.25 5.78 12.30
CA LEU A 158 -1.57 5.17 12.52
C LEU A 158 -1.55 3.69 12.18
N LYS A 159 -1.07 3.37 10.97
CA LYS A 159 -1.00 1.99 10.53
C LYS A 159 -0.61 1.06 11.67
N GLU A 160 0.51 1.38 12.32
CA GLU A 160 1.00 0.57 13.44
C GLU A 160 -0.16 0.09 14.30
N LYS A 161 -0.93 1.03 14.83
CA LYS A 161 -2.08 0.70 15.67
C LYS A 161 -2.94 -0.37 15.02
N TYR A 162 -3.23 -0.19 13.73
CA TYR A 162 -4.05 -1.14 13.00
C TYR A 162 -3.36 -2.50 12.89
N GLU A 163 -2.14 -2.50 12.35
CA GLU A 163 -1.37 -3.72 12.20
C GLU A 163 -1.42 -4.56 13.47
N LYS A 164 -1.31 -3.90 14.62
CA LYS A 164 -1.34 -4.58 15.91
C LYS A 164 -2.73 -5.18 16.16
N ASP A 165 -3.75 -4.33 16.12
CA ASP A 165 -5.12 -4.77 16.35
C ASP A 165 -5.44 -6.00 15.52
N ILE A 166 -5.25 -5.88 14.21
CA ILE A 166 -5.52 -6.99 13.29
C ILE A 166 -4.65 -8.21 13.62
N ALA A 167 -3.39 -7.94 13.96
CA ALA A 167 -2.46 -9.01 14.30
C ALA A 167 -3.13 -10.07 15.17
N ALA A 168 -3.89 -9.62 16.15
CA ALA A 168 -4.60 -10.54 17.04
C ALA A 168 -5.86 -11.09 16.39
N TYR A 169 -6.61 -10.21 15.73
CA TYR A 169 -7.85 -10.60 15.07
C TYR A 169 -7.69 -11.96 14.39
N ARG A 170 -6.74 -12.06 13.48
CA ARG A 170 -6.48 -13.30 12.77
C ARG A 170 -5.79 -14.32 13.67
N ALA A 171 -4.77 -13.87 14.39
CA ALA A 171 -4.03 -14.74 15.30
C ALA A 171 -4.46 -14.52 16.75
N LYS A 172 -5.58 -15.13 17.12
CA LYS A 172 -6.10 -15.01 18.48
C LYS A 172 -5.26 -15.82 19.46
N GLY A 173 -4.41 -15.13 20.22
CA GLY A 173 -3.56 -15.80 21.18
C GLY A 173 -4.34 -16.35 22.35
N GLY A 1 -5.40 -16.90 -35.08
CA GLY A 1 -6.53 -17.52 -34.44
C GLY A 1 -6.95 -16.82 -33.16
N SER A 2 -8.21 -16.99 -32.78
CA SER A 2 -8.73 -16.36 -31.57
C SER A 2 -7.93 -16.80 -30.35
N SER A 3 -6.92 -16.02 -29.99
CA SER A 3 -6.07 -16.33 -28.84
C SER A 3 -6.47 -15.48 -27.63
N GLY A 4 -6.54 -14.18 -27.83
CA GLY A 4 -6.91 -13.28 -26.75
C GLY A 4 -5.88 -13.26 -25.64
N SER A 5 -5.23 -12.11 -25.47
CA SER A 5 -4.21 -11.96 -24.44
C SER A 5 -4.30 -10.59 -23.77
N SER A 6 -4.50 -10.59 -22.45
CA SER A 6 -4.61 -9.34 -21.71
C SER A 6 -4.13 -9.52 -20.27
N GLY A 7 -3.91 -8.42 -19.58
CA GLY A 7 -3.44 -8.48 -18.21
C GLY A 7 -4.21 -7.54 -17.29
N MET A 8 -5.37 -7.98 -16.82
CA MET A 8 -6.20 -7.17 -15.94
C MET A 8 -5.81 -7.40 -14.47
N GLY A 9 -6.43 -6.63 -13.58
CA GLY A 9 -6.14 -6.76 -12.16
C GLY A 9 -4.73 -6.35 -11.81
N LYS A 10 -4.57 -5.65 -10.70
CA LYS A 10 -3.25 -5.20 -10.26
C LYS A 10 -2.84 -5.91 -8.98
N GLY A 11 -3.77 -6.02 -8.04
CA GLY A 11 -3.48 -6.68 -6.79
C GLY A 11 -2.31 -6.05 -6.06
N ASP A 12 -2.60 -5.10 -5.17
CA ASP A 12 -1.57 -4.41 -4.41
C ASP A 12 -0.47 -5.38 -3.98
N PRO A 13 0.75 -4.86 -3.81
CA PRO A 13 1.90 -5.67 -3.40
C PRO A 13 1.79 -6.15 -1.95
N LYS A 14 1.00 -5.44 -1.16
CA LYS A 14 0.80 -5.79 0.24
C LYS A 14 0.82 -7.31 0.42
N LYS A 15 -0.17 -7.98 -0.16
CA LYS A 15 -0.26 -9.43 -0.07
C LYS A 15 1.09 -10.09 -0.32
N PRO A 16 1.72 -10.62 0.75
CA PRO A 16 3.01 -11.28 0.65
C PRO A 16 2.95 -12.61 -0.09
N ARG A 17 3.41 -12.62 -1.32
CA ARG A 17 3.40 -13.83 -2.14
C ARG A 17 3.79 -15.05 -1.32
N GLY A 18 5.09 -15.18 -1.03
CA GLY A 18 5.56 -16.31 -0.25
C GLY A 18 7.03 -16.19 0.11
N LYS A 19 7.63 -17.30 0.54
CA LYS A 19 9.03 -17.30 0.90
C LYS A 19 9.91 -17.50 -0.32
N MET A 20 11.23 -17.39 -0.13
CA MET A 20 12.18 -17.55 -1.22
C MET A 20 13.32 -18.49 -0.82
N SER A 21 13.76 -19.32 -1.76
CA SER A 21 14.84 -20.26 -1.51
C SER A 21 16.20 -19.63 -1.80
N SER A 22 17.26 -20.39 -1.56
CA SER A 22 18.61 -19.91 -1.79
C SER A 22 18.73 -19.28 -3.18
N TYR A 23 18.35 -20.04 -4.21
CA TYR A 23 18.42 -19.56 -5.58
C TYR A 23 17.53 -18.34 -5.77
N ALA A 24 16.23 -18.52 -5.56
CA ALA A 24 15.27 -17.43 -5.71
C ALA A 24 15.86 -16.11 -5.24
N PHE A 25 16.56 -16.15 -4.11
CA PHE A 25 17.19 -14.96 -3.56
C PHE A 25 18.47 -14.60 -4.31
N PHE A 26 19.43 -15.52 -4.29
CA PHE A 26 20.70 -15.32 -4.96
C PHE A 26 20.49 -14.66 -6.32
N VAL A 27 19.59 -15.24 -7.11
CA VAL A 27 19.28 -14.72 -8.44
C VAL A 27 19.09 -13.21 -8.40
N GLN A 28 18.49 -12.72 -7.33
CA GLN A 28 18.23 -11.29 -7.18
C GLN A 28 19.40 -10.61 -6.46
N THR A 29 20.04 -11.34 -5.56
CA THR A 29 21.17 -10.82 -4.80
C THR A 29 22.29 -10.36 -5.73
N CYS A 30 22.30 -10.90 -6.95
CA CYS A 30 23.33 -10.54 -7.92
C CYS A 30 22.84 -9.40 -8.82
N ARG A 31 21.55 -9.39 -9.11
CA ARG A 31 20.96 -8.36 -9.96
C ARG A 31 21.01 -7.00 -9.27
N GLU A 32 20.77 -7.00 -7.96
CA GLU A 32 20.79 -5.76 -7.18
C GLU A 32 22.20 -5.21 -7.07
N GLU A 33 23.16 -6.09 -6.77
CA GLU A 33 24.55 -5.69 -6.64
C GLU A 33 25.06 -5.03 -7.91
N HIS A 34 24.68 -5.59 -9.06
CA HIS A 34 25.10 -5.05 -10.35
C HIS A 34 24.56 -3.63 -10.54
N LYS A 35 23.24 -3.50 -10.53
CA LYS A 35 22.61 -2.19 -10.70
C LYS A 35 23.34 -1.12 -9.91
N LYS A 36 23.98 -1.53 -8.82
CA LYS A 36 24.72 -0.59 -7.97
C LYS A 36 26.10 -0.33 -8.55
N LYS A 37 26.75 -1.38 -9.05
CA LYS A 37 28.08 -1.26 -9.62
C LYS A 37 28.05 -0.43 -10.90
N HIS A 38 27.00 -0.63 -11.71
CA HIS A 38 26.84 0.11 -12.96
C HIS A 38 25.37 0.20 -13.34
N PRO A 39 24.80 1.41 -13.18
CA PRO A 39 23.39 1.67 -13.50
C PRO A 39 23.13 1.64 -15.01
N ASP A 40 23.94 2.38 -15.76
CA ASP A 40 23.80 2.44 -17.21
C ASP A 40 23.82 1.05 -17.81
N ALA A 41 24.72 0.20 -17.32
CA ALA A 41 24.83 -1.17 -17.81
C ALA A 41 23.45 -1.76 -18.12
N SER A 42 23.11 -1.81 -19.41
CA SER A 42 21.84 -2.35 -19.84
C SER A 42 21.86 -3.88 -19.89
N VAL A 43 22.35 -4.49 -18.81
CA VAL A 43 22.44 -5.93 -18.73
C VAL A 43 21.17 -6.60 -19.28
N ASN A 44 21.34 -7.74 -19.92
CA ASN A 44 20.21 -8.48 -20.48
C ASN A 44 19.52 -9.32 -19.43
N PHE A 45 18.38 -8.85 -18.95
CA PHE A 45 17.61 -9.56 -17.94
C PHE A 45 17.45 -11.04 -18.31
N SER A 46 17.12 -11.29 -19.57
CA SER A 46 16.93 -12.65 -20.05
C SER A 46 18.19 -13.49 -19.84
N GLU A 47 19.34 -12.86 -20.08
CA GLU A 47 20.62 -13.54 -19.92
C GLU A 47 20.96 -13.72 -18.44
N PHE A 48 20.67 -12.71 -17.65
CA PHE A 48 20.94 -12.75 -16.21
C PHE A 48 20.22 -13.92 -15.56
N SER A 49 19.23 -14.47 -16.26
CA SER A 49 18.45 -15.58 -15.74
C SER A 49 19.16 -16.91 -16.03
N LYS A 50 19.31 -17.23 -17.31
CA LYS A 50 19.95 -18.47 -17.73
C LYS A 50 21.35 -18.58 -17.10
N LYS A 51 21.95 -17.44 -16.81
CA LYS A 51 23.28 -17.41 -16.21
C LYS A 51 23.22 -17.82 -14.74
N CYS A 52 22.39 -17.12 -13.97
CA CYS A 52 22.25 -17.42 -12.56
C CYS A 52 22.21 -18.92 -12.31
N SER A 53 21.67 -19.66 -13.27
CA SER A 53 21.58 -21.10 -13.16
C SER A 53 22.96 -21.73 -13.02
N GLU A 54 23.73 -21.71 -14.10
CA GLU A 54 25.07 -22.28 -14.11
C GLU A 54 25.99 -21.49 -13.18
N ARG A 55 25.58 -20.27 -12.85
CA ARG A 55 26.37 -19.41 -11.97
C ARG A 55 26.13 -19.75 -10.51
N TRP A 56 24.94 -20.27 -10.21
CA TRP A 56 24.57 -20.64 -8.85
C TRP A 56 25.19 -21.97 -8.47
N LYS A 57 25.09 -22.95 -9.36
CA LYS A 57 25.65 -24.28 -9.12
C LYS A 57 27.17 -24.22 -9.01
N THR A 58 27.80 -23.51 -9.94
CA THR A 58 29.25 -23.37 -9.94
C THR A 58 29.75 -22.84 -8.61
N MET A 59 29.06 -21.83 -8.07
CA MET A 59 29.44 -21.23 -6.80
C MET A 59 29.86 -22.31 -5.80
N SER A 60 31.01 -22.11 -5.16
CA SER A 60 31.52 -23.06 -4.19
C SER A 60 30.55 -23.22 -3.03
N ALA A 61 30.82 -24.19 -2.16
CA ALA A 61 29.97 -24.44 -1.01
C ALA A 61 29.90 -23.22 -0.10
N LYS A 62 31.07 -22.72 0.30
CA LYS A 62 31.14 -21.55 1.17
C LYS A 62 30.33 -20.39 0.59
N GLU A 63 30.28 -20.31 -0.73
CA GLU A 63 29.53 -19.25 -1.40
C GLU A 63 28.02 -19.46 -1.24
N LYS A 64 27.61 -20.73 -1.19
CA LYS A 64 26.21 -21.07 -1.05
C LYS A 64 25.78 -20.98 0.42
N GLY A 65 26.65 -21.42 1.31
CA GLY A 65 26.34 -21.39 2.73
C GLY A 65 25.57 -20.14 3.12
N LYS A 66 26.25 -19.00 3.08
CA LYS A 66 25.61 -17.72 3.44
C LYS A 66 24.21 -17.63 2.84
N PHE A 67 24.12 -17.87 1.54
CA PHE A 67 22.83 -17.81 0.84
C PHE A 67 21.82 -18.72 1.50
N GLU A 68 22.26 -19.91 1.90
CA GLU A 68 21.38 -20.89 2.53
C GLU A 68 20.79 -20.32 3.82
N ASP A 69 21.57 -19.50 4.51
CA ASP A 69 21.11 -18.89 5.75
C ASP A 69 20.13 -17.76 5.48
N MET A 70 20.41 -16.97 4.44
CA MET A 70 19.54 -15.86 4.07
C MET A 70 18.17 -16.36 3.63
N ALA A 71 18.17 -17.33 2.72
CA ALA A 71 16.92 -17.89 2.22
C ALA A 71 16.10 -18.51 3.35
N LYS A 72 16.74 -19.40 4.12
CA LYS A 72 16.07 -20.06 5.23
C LYS A 72 15.58 -19.05 6.26
N ALA A 73 16.34 -17.97 6.42
CA ALA A 73 15.98 -16.92 7.37
C ALA A 73 14.69 -16.23 6.97
N ASP A 74 14.49 -16.07 5.66
CA ASP A 74 13.29 -15.43 5.14
C ASP A 74 12.03 -16.12 5.64
N LYS A 75 12.11 -17.45 5.76
CA LYS A 75 10.97 -18.24 6.24
C LYS A 75 10.31 -17.57 7.44
N ALA A 76 11.08 -16.76 8.15
CA ALA A 76 10.58 -16.07 9.33
C ALA A 76 9.96 -14.72 8.95
N ARG A 77 10.81 -13.79 8.51
CA ARG A 77 10.36 -12.47 8.10
C ARG A 77 9.07 -12.56 7.26
N TYR A 78 8.92 -13.68 6.57
CA TYR A 78 7.75 -13.89 5.72
C TYR A 78 6.48 -14.02 6.56
N GLU A 79 6.47 -15.00 7.47
CA GLU A 79 5.32 -15.22 8.33
C GLU A 79 4.82 -13.91 8.93
N ARG A 80 5.75 -13.06 9.35
CA ARG A 80 5.41 -11.78 9.94
C ARG A 80 4.50 -10.98 9.01
N GLU A 81 5.03 -10.64 7.83
CA GLU A 81 4.26 -9.87 6.84
C GLU A 81 2.81 -10.36 6.79
N MET A 82 2.63 -11.67 6.69
CA MET A 82 1.31 -12.26 6.63
C MET A 82 0.57 -12.10 7.96
N LYS A 83 1.30 -12.27 9.06
CA LYS A 83 0.71 -12.13 10.38
C LYS A 83 -0.18 -10.90 10.47
N THR A 84 0.38 -9.74 10.12
CA THR A 84 -0.36 -8.49 10.15
C THR A 84 -1.34 -8.41 9.00
N TYR A 85 -0.92 -8.87 7.83
CA TYR A 85 -1.76 -8.84 6.64
C TYR A 85 -3.03 -9.66 6.86
N ILE A 86 -4.12 -9.22 6.23
CA ILE A 86 -5.40 -9.92 6.36
C ILE A 86 -6.15 -9.93 5.03
N PRO A 87 -6.16 -11.09 4.37
CA PRO A 87 -6.84 -11.25 3.08
C PRO A 87 -8.36 -11.20 3.22
N PRO A 88 -9.05 -11.10 2.07
CA PRO A 88 -10.52 -11.04 2.04
C PRO A 88 -11.16 -12.37 2.43
N LYS A 89 -12.49 -12.40 2.42
CA LYS A 89 -13.23 -13.60 2.78
C LYS A 89 -12.48 -14.85 2.31
N GLY A 90 -11.79 -15.51 3.24
CA GLY A 90 -11.04 -16.70 2.91
C GLY A 90 -11.33 -17.84 3.86
N GLU A 91 -10.38 -18.14 4.74
CA GLU A 91 -10.53 -19.22 5.71
C GLU A 91 -10.81 -18.66 7.10
N THR A 92 -11.16 -19.55 8.02
CA THR A 92 -11.46 -19.15 9.40
C THR A 92 -10.19 -19.06 10.22
N LYS A 93 -10.01 -17.95 10.93
CA LYS A 93 -8.84 -17.75 11.77
C LYS A 93 -9.12 -16.74 12.87
N LYS A 94 -8.34 -16.78 13.94
CA LYS A 94 -8.50 -15.87 15.06
C LYS A 94 -8.44 -14.42 14.58
N LYS A 95 -8.92 -13.50 15.42
CA LYS A 95 -8.91 -12.09 15.09
C LYS A 95 -7.51 -11.51 15.14
N PHE A 96 -7.09 -10.88 14.06
CA PHE A 96 -5.76 -10.28 13.98
C PHE A 96 -5.84 -8.75 14.00
N LYS A 97 -4.69 -8.10 13.91
CA LYS A 97 -4.62 -6.66 13.92
C LYS A 97 -5.73 -6.05 13.06
N ASP A 98 -6.07 -4.80 13.33
CA ASP A 98 -7.12 -4.11 12.58
C ASP A 98 -6.52 -3.06 11.66
N PRO A 99 -6.01 -3.51 10.50
CA PRO A 99 -5.40 -2.62 9.50
C PRO A 99 -6.42 -1.73 8.82
N ASN A 100 -7.70 -2.09 8.95
CA ASN A 100 -8.77 -1.32 8.34
C ASN A 100 -9.92 -1.12 9.32
N ALA A 101 -9.70 -0.24 10.30
CA ALA A 101 -10.72 0.04 11.31
C ALA A 101 -11.38 1.39 11.04
N PRO A 102 -12.64 1.53 11.49
CA PRO A 102 -13.40 2.77 11.31
C PRO A 102 -12.88 3.90 12.18
N LYS A 103 -12.54 5.02 11.54
CA LYS A 103 -12.02 6.18 12.26
C LYS A 103 -13.09 7.27 12.37
N ARG A 104 -12.89 8.18 13.32
CA ARG A 104 -13.84 9.27 13.53
C ARG A 104 -14.45 9.72 12.22
N PRO A 105 -15.73 10.13 12.26
CA PRO A 105 -16.46 10.59 11.08
C PRO A 105 -15.95 11.93 10.57
N PRO A 106 -16.41 12.34 9.38
CA PRO A 106 -16.01 13.59 8.75
C PRO A 106 -16.58 14.81 9.49
N SER A 107 -15.97 15.97 9.27
CA SER A 107 -16.42 17.20 9.91
C SER A 107 -17.22 18.06 8.94
N ALA A 108 -17.92 19.06 9.47
CA ALA A 108 -18.72 19.96 8.66
C ALA A 108 -17.93 20.48 7.46
N PHE A 109 -16.67 20.81 7.70
CA PHE A 109 -15.80 21.33 6.64
C PHE A 109 -15.67 20.32 5.51
N PHE A 110 -15.44 19.05 5.88
CA PHE A 110 -15.30 17.99 4.88
C PHE A 110 -16.57 17.84 4.05
N LEU A 111 -17.71 17.82 4.72
CA LEU A 111 -18.99 17.67 4.04
C LEU A 111 -19.23 18.84 3.08
N PHE A 112 -18.87 20.05 3.53
CA PHE A 112 -19.04 21.24 2.72
C PHE A 112 -18.10 21.22 1.51
N CYS A 113 -16.81 21.09 1.78
CA CYS A 113 -15.81 21.06 0.73
C CYS A 113 -16.02 19.85 -0.19
N SER A 114 -16.53 18.76 0.39
CA SER A 114 -16.78 17.55 -0.37
C SER A 114 -17.92 17.73 -1.37
N GLU A 115 -18.78 18.72 -1.09
CA GLU A 115 -19.91 19.00 -1.96
C GLU A 115 -19.59 20.19 -2.88
N TYR A 116 -18.56 20.93 -2.54
CA TYR A 116 -18.16 22.09 -3.33
C TYR A 116 -17.07 21.72 -4.33
N ARG A 117 -16.17 20.83 -3.91
CA ARG A 117 -15.08 20.39 -4.78
C ARG A 117 -15.59 20.05 -6.18
N PRO A 118 -16.57 19.14 -6.24
CA PRO A 118 -17.16 18.72 -7.52
C PRO A 118 -18.00 19.81 -8.17
N LYS A 119 -18.15 20.93 -7.46
CA LYS A 119 -18.92 22.06 -7.96
C LYS A 119 -18.01 23.11 -8.59
N ILE A 120 -17.08 23.63 -7.79
CA ILE A 120 -16.14 24.64 -8.25
C ILE A 120 -15.26 24.10 -9.38
N LYS A 121 -14.91 22.82 -9.29
CA LYS A 121 -14.07 22.18 -10.29
C LYS A 121 -14.71 22.28 -11.67
N GLY A 122 -15.97 21.85 -11.78
CA GLY A 122 -16.67 21.91 -13.04
C GLY A 122 -16.79 23.32 -13.57
N GLU A 123 -17.23 24.24 -12.72
CA GLU A 123 -17.40 25.63 -13.11
C GLU A 123 -16.06 26.24 -13.55
N HIS A 124 -15.01 25.91 -12.81
CA HIS A 124 -13.68 26.43 -13.11
C HIS A 124 -12.73 25.29 -13.48
N PRO A 125 -12.60 25.04 -14.79
CA PRO A 125 -11.73 23.98 -15.31
C PRO A 125 -10.25 24.30 -15.12
N GLY A 126 -9.92 25.59 -15.14
CA GLY A 126 -8.55 26.01 -14.97
C GLY A 126 -7.93 25.47 -13.70
N LEU A 127 -8.62 25.67 -12.58
CA LEU A 127 -8.13 25.21 -11.28
C LEU A 127 -7.76 23.73 -11.34
N SER A 128 -7.39 23.18 -10.19
CA SER A 128 -7.01 21.77 -10.11
C SER A 128 -6.99 21.30 -8.66
N ILE A 129 -6.87 19.99 -8.48
CA ILE A 129 -6.84 19.40 -7.14
C ILE A 129 -6.14 20.33 -6.16
N GLY A 130 -5.05 20.94 -6.59
CA GLY A 130 -4.31 21.85 -5.73
C GLY A 130 -5.06 23.14 -5.47
N ASP A 131 -5.31 23.90 -6.53
CA ASP A 131 -6.03 25.16 -6.41
C ASP A 131 -7.43 24.95 -5.82
N VAL A 132 -8.23 24.15 -6.50
CA VAL A 132 -9.58 23.85 -6.05
C VAL A 132 -9.66 23.80 -4.53
N ALA A 133 -8.82 22.96 -3.94
CA ALA A 133 -8.78 22.81 -2.48
C ALA A 133 -8.65 24.17 -1.80
N LYS A 134 -7.57 24.88 -2.10
CA LYS A 134 -7.33 26.19 -1.52
C LYS A 134 -8.59 27.04 -1.53
N LYS A 135 -9.40 26.88 -2.58
CA LYS A 135 -10.66 27.62 -2.70
C LYS A 135 -11.60 27.30 -1.55
N LEU A 136 -11.63 26.04 -1.16
CA LEU A 136 -12.50 25.60 -0.06
C LEU A 136 -11.84 25.87 1.28
N GLY A 137 -10.52 25.94 1.29
CA GLY A 137 -9.79 26.19 2.52
C GLY A 137 -10.12 27.54 3.12
N GLU A 138 -10.24 28.56 2.28
CA GLU A 138 -10.55 29.91 2.74
C GLU A 138 -12.06 30.09 2.86
N MET A 139 -12.81 29.48 1.96
CA MET A 139 -14.26 29.58 1.97
C MET A 139 -14.82 29.23 3.35
N TRP A 140 -14.53 28.02 3.82
CA TRP A 140 -15.00 27.56 5.12
C TRP A 140 -14.63 28.56 6.21
N ASN A 141 -13.38 29.02 6.19
CA ASN A 141 -12.90 29.97 7.17
C ASN A 141 -13.81 31.19 7.25
N ASN A 142 -14.25 31.66 6.08
CA ASN A 142 -15.12 32.82 6.01
C ASN A 142 -16.58 32.39 5.88
N THR A 143 -16.96 31.35 6.61
CA THR A 143 -18.32 30.84 6.57
C THR A 143 -19.02 31.03 7.92
N ALA A 144 -20.29 31.42 7.86
CA ALA A 144 -21.07 31.64 9.08
C ALA A 144 -21.57 30.32 9.65
N ALA A 145 -21.96 30.34 10.92
CA ALA A 145 -22.46 29.14 11.58
C ALA A 145 -23.71 28.60 10.88
N ASP A 146 -24.56 29.52 10.43
CA ASP A 146 -25.79 29.13 9.74
C ASP A 146 -25.49 28.18 8.58
N ASP A 147 -24.56 28.58 7.73
CA ASP A 147 -24.18 27.76 6.58
C ASP A 147 -23.69 26.39 7.03
N LYS A 148 -23.32 26.28 8.30
CA LYS A 148 -22.84 25.03 8.86
C LYS A 148 -23.95 24.30 9.62
N GLN A 149 -25.19 24.73 9.39
CA GLN A 149 -26.34 24.12 10.05
C GLN A 149 -26.49 22.65 9.64
N PRO A 150 -26.64 22.42 8.33
CA PRO A 150 -26.80 21.07 7.78
C PRO A 150 -25.52 20.25 7.89
N TYR A 151 -24.38 20.91 7.68
CA TYR A 151 -23.09 20.23 7.75
C TYR A 151 -22.81 19.74 9.17
N GLU A 152 -23.19 20.54 10.15
CA GLU A 152 -22.98 20.19 11.56
C GLU A 152 -24.01 19.17 12.02
N LYS A 153 -25.27 19.59 12.05
CA LYS A 153 -26.36 18.72 12.47
C LYS A 153 -26.15 17.30 11.96
N LYS A 154 -26.02 17.15 10.65
CA LYS A 154 -25.82 15.84 10.04
C LYS A 154 -24.64 15.12 10.70
N ALA A 155 -23.50 15.79 10.74
CA ALA A 155 -22.30 15.22 11.34
C ALA A 155 -22.62 14.54 12.66
N ALA A 156 -23.36 15.23 13.51
CA ALA A 156 -23.74 14.70 14.82
C ALA A 156 -24.28 13.27 14.69
N LYS A 157 -25.16 13.07 13.71
CA LYS A 157 -25.75 11.75 13.48
C LYS A 157 -24.67 10.73 13.15
N LEU A 158 -23.78 11.08 12.23
CA LEU A 158 -22.70 10.20 11.82
C LEU A 158 -21.96 9.64 13.03
N LYS A 159 -21.67 10.51 14.00
CA LYS A 159 -20.98 10.10 15.21
C LYS A 159 -21.52 8.77 15.74
N GLU A 160 -22.83 8.74 15.98
CA GLU A 160 -23.48 7.53 16.48
C GLU A 160 -23.20 6.34 15.56
N LYS A 161 -23.37 6.55 14.26
CA LYS A 161 -23.13 5.50 13.28
C LYS A 161 -21.71 4.97 13.37
N TYR A 162 -20.77 5.86 13.73
CA TYR A 162 -19.37 5.48 13.86
C TYR A 162 -19.15 4.60 15.09
N GLU A 163 -19.59 5.09 16.24
CA GLU A 163 -19.45 4.37 17.50
C GLU A 163 -20.09 2.98 17.40
N LYS A 164 -21.17 2.90 16.62
CA LYS A 164 -21.89 1.64 16.44
C LYS A 164 -21.10 0.70 15.52
N ASP A 165 -20.70 1.22 14.37
CA ASP A 165 -19.94 0.42 13.40
C ASP A 165 -18.71 -0.20 14.04
N ILE A 166 -17.93 0.64 14.74
CA ILE A 166 -16.73 0.17 15.41
C ILE A 166 -17.05 -0.81 16.52
N ALA A 167 -18.16 -0.56 17.22
CA ALA A 167 -18.59 -1.43 18.31
C ALA A 167 -18.55 -2.90 17.89
N ALA A 168 -19.07 -3.19 16.70
CA ALA A 168 -19.09 -4.55 16.19
C ALA A 168 -17.80 -4.88 15.44
N TYR A 169 -17.26 -3.89 14.74
CA TYR A 169 -16.04 -4.07 13.97
C TYR A 169 -15.06 -4.97 14.73
N ARG A 170 -14.73 -4.59 15.95
CA ARG A 170 -13.80 -5.36 16.77
C ARG A 170 -14.50 -6.58 17.37
N ALA A 171 -15.72 -6.37 17.85
CA ALA A 171 -16.51 -7.46 18.46
C ALA A 171 -17.16 -8.32 17.38
N LYS A 172 -16.36 -8.76 16.41
CA LYS A 172 -16.86 -9.59 15.32
C LYS A 172 -17.61 -10.81 15.87
N GLY A 173 -16.97 -11.51 16.81
CA GLY A 173 -17.58 -12.69 17.39
C GLY A 173 -18.07 -12.45 18.81
#